data_7XYA
#
_entry.id   7XYA
#
_cell.length_a   1.00
_cell.length_b   1.00
_cell.length_c   1.00
_cell.angle_alpha   90.00
_cell.angle_beta   90.00
_cell.angle_gamma   90.00
#
_symmetry.space_group_name_H-M   'P 1'
#
loop_
_entity.id
_entity.type
_entity.pdbx_description
1 polymer 'DNA-directed RNA polymerase subunit alpha'
2 polymer 'DNA-directed RNA polymerase subunit beta'
3 polymer "DNA-directed RNA polymerase subunit beta'"
4 polymer 'DNA-directed RNA polymerase subunit omega'
5 polymer 'RNA polymerase sigma factor RpoD'
6 polymer 'nontemplate strand DNA'
7 polymer RNA
8 polymer 'template strand DNA'
9 polymer AlpA
10 non-polymer 'MAGNESIUM ION'
#
loop_
_entity_poly.entity_id
_entity_poly.type
_entity_poly.pdbx_seq_one_letter_code
_entity_poly.pdbx_strand_id
1 'polypeptide(L)'
;MQSSVNEFLTPRHIDVQVVSQTRAKITLEPLERGFGHTLGNALRRILLSSMPGCAVVEAEIDGVLHEYSAIEGVQEDVIE
ILLNLKGLAIKLHGRDEVTLTLAKKGSGVVTAADIQLDHDVEIINGDHVIANLADNGALNMKLKVARGRGYEPADARQSD
EDESRSIGRLQLDASFSPVRRVSYVVENARVEQRTNLDKLVLDLETNGTLDPEEAIRRAATILQQQLAAFVDLKGDSEPV
VEEQEDEIDPILLRPVDDLELTVRSANCLKAENIYYIGDLIQRTEVELLKTPNLGKKSLTEIKDVLASRGLSLGMRLDNW
PPASLKKDDKATA
;
A,B
2 'polypeptide(L)'
;MAYSYTEKKRIRKDFSKLPDVMDVPYLLAIQLDSYREFLQAGATKEQFRDVGLHAAFKSVFPIISYSGNAALEYVGYRLG
EPAFDVKECVLRGVTFAVPLRVKVRLIIFDRESSNKAIKDIKEQEVYMGEIPLMTENGTFIINGTERVIVSQLHRSPGVF
FDHDRGKTHSSGKLLYSARIIPYRGSWLDFEFDPKDCVFVRIDRRRKLPASVLLRALGYSTEEILNAFYATNVFHIKGET
LNLELVPQRLRGEVASIDIKDGSGKVIVEQGRRITARHINQLEKAGVSQLEVPFDYLIGRTIAKAIVHPATGEIIAECNT
ELTLDLLAKVAKAQVVRIETLYTNDIDCGPFISDTLKIDNTSNQLEALVEIYRMMRPGEPPTKEAAETLFGNLFFSAERY
DLSAVGRMKFNRRIGRTEIEGPGVLSKEDIIDVLKTLVDIRNGKGIVDDIDHLGNRRVRCVGEMAENQFRVGLVRVERAV
KERLSMAESEGLMPQDLINAKPVAAAIKEFFGSSQLSQFMDQNNPLSEITHKRRVSALGPGGLTRERAGFEVRDVHPTHY
GRVCPIETPEGPNIGLINSLATYARTNKYGFLESPYRVVKDSLVTDEIVFLSAIEEADHVIAQASATLNEKGQLVDELVA
VRHLNEFTVKAPEDVTLMDVSPKQVVSVAASLIPFLEHDDANRALMGSNMQRQAVPTLRADKPLVGTGMERNVARDSGVC
VVARRGGVIDSVDASRVVVRVADDEVETGEAGVDIYNLTKYTRSNQNTCINQRPLVSKGDVVARGDILADGPSTDMGELA
LGQNMRVAFMPWNGFNFEDSICLSERVVQEDRFTTIHIQELTCVARDTKLGPEEITADIPNVGEAALNKLDEAGIVYVGA
EVQAGDILVGKVTPKGETQLTPEEKLLRAIFGEKASDVKDTSLRVPTGTKGTVIDVQVFTRDGVERDSRALSIEKMQLDQ
IRKDLNEEFRIVEGATFERLRAALVGAKAEGGPALKKGTEITDDYLDGLERGQWFKLRMADDALNEQLEKAQAYISDRRQ
LLDDKFEDKKRKLQQGDDLAPGVLKIVKVYLAIKRRIQPGDKMAGRHGNKGVVSVIMPVEDMPHDANGTPVDIVLNPLGV
PSRMNVGQILETHLGLAAKGLGEKINRMLEEQRKVAELRKFLHEIYNEIGGREENLDELGDNEILALAKNLRGGVPMATP
VFDGAKEREIKAMLKLADLPESGQMRLFDGRTGNQFERPTTVGYMYMLKLNHLVDDKMHARSTGSYSLVTQQPLGGKAQF
GGQRFGEMEVWALEAYGAAYTLQEMLTVKSDDVNGRTKMYKNIVDGDHRMEAGMPESFNVLIKEIRSLGIDIELETE
;
C
3 'polypeptide(L)'
;MKDLLNLLKNQGQIEEFDAIRIGLASPEMIRSWSFGEVKKPETINYRTFKPERDGLFCAKIFGPVKDYECLCGKYKRLKH
RGVICEKCGVEVALAKVRRERMGHIELASPVAHIWFLKSLPSRIGLLLDMTLRDIERVLYFESYVVIDPGMTTLEKGQLL
NDEQYFEALEEFGDDFDARMGAEAVHELLNAIDLEHEIGRLREEIPQTNSETKIKKLSKRLKLMEAFQGSGNKPEWMVLT
VLPVLPPDLRPLVPLDGGRFATSDLNDLYRRVINRNNRLKRLLDLAAPDIIVRNEKRMLQEAVDALLDNGRRGRAITGSN
KRPLKSLADMIKGKQGRFRQNLLGKRVDYSGRSVITVGPTLRLHQCGLPKKMALELFKPFIFGKLEGRGMATTIKAAKKM
VERELPEVWDVLAEVIREHPVLLNRAPTLHRLGIQAFEPVLIEGKAIQLHPLVCAAYNADFDGDQMAVHVPLTLEAQLEA
RALMMSTNNILSPANGEPIIVPSQDVVMGLYYMTREAINAKGEGMAFADLQEVDRAYRSGQASLHARVKVRINEKIKGED
GQLTANTRIVDTTVGRALLFQVVPAGLPFDVVNQSMKKKAISKLINHCYRVVGLKDTVIFADQLMYTGFAYSTISGVSIG
VNDFVIPDEKARIINAATDEVKEIESQYASGLVTQGEKYNKVIDLWSKANDEVSKAMMANLSKEKVVDREGKEVDQESFN
SMYMMADSGARGSAAQIRQLAGMRGLMAKPDGSIIETPITANFREGLNVLQYFISTHGARKGLADTALKTANSGYLTRRL
VDVAQDLVVTEIDCGTEHGLLMSPHIEGGDVVEPLGERVLGRVIARDVFKPGSDEVIVPAGTLIDEKWVDFLEVMSVDEV
VVRSPITCETRHGICAMCYGRDLARGHRVNIGEAVGVIAAQSIGEPGTQLTMRTFHIGGAASRTSAADNVQVKNGGTIRL
HNLKHVVRADGALVAVSRSGELAVADDFGRERERYKLPYGAVISVKEGDKVDPGAIVAKWDPHTHPIVTEVDGTVAFVGM
EEGITVKRQTDELTGLTNIEVMDPKDRPAAGKDIRPAVKLIDAAGKDLLLPGTDVPAQYFLPANALVNLTDGAKVSIGDV
VARIPQETSKTRDITGGLPRVADLFEARRPKEPSILAEISGTISFGKETKGKRRLVITPNDGSDPYEELIPKWRHLNVFE
GEQVNRGEVISDGPSNPHDILRLLGVSSLAKYIVNEIQDVYRLQGVKINDKHIETILRQMLRKVEVSESGDSSFIKGDQV
ELTQVLEENEQLGTEDKFPAKYERVLLGITKASLSTESFISAASFQETTRVLTEAAVTGKRDFLRGLKENVVVGRLIPAG
TGLAYHSERKRQRDLGKPQRVSASEAEAALTEALNSSGN
;
D
4 'polypeptide(L)'
;MARVTVEDCLDNVDNRFELVMLATKRARQLATGGKEPKVAWENDKPTVVALREIASGLVDENVVQQEDIVEDEPLFAAFD
DEANTEAL
;
E
5 'polypeptide(L)'
;MSGKAQQQSRLKELIARGREQGYLTYAEVNDHLPEDISDPEQVEDIIRMINDMGINVFETAPDADALLLAEADTDEAAAE
EAAAALAAVESDIGRTTDPVRMYMREMGTVELLTREGEIEIAKRIEEGIREVMSAIAQFPGTVDSILADYNRIVAEGGRL
SDVLSGYIDPDDGSLPAEEVEPVNLKDDSADSKEKDDEEEESDDSSDSDDEGDGGPDPEEARLRFTAVSEQLDKAKKALK
KHGRGSKQATAELTGLAELFMPIKLVPKQFDALVARVRSALEGVRAQERAIMQLCVRDARMPRADFLRLFPNHETDEKWV
DSVLKSKPKYAEAIERLRDDILRNQQKLAALESEVELTVAEIKEINRAMSIGEAKARRAKKEMVEANLRLVISIAKKYTN
RGLQFLDLIQEGNIGLMKAVDKFEYRRGYKFSTYATWWIRQAITRSIADQARTIRIPVHMIETINKLNRISRQMLQEMGR
EPTPEELGERMDMPEDKIRKVLKIAKEPISMETPIGDDEDSHLGDFIEDSTMQSPIEMATSESLKESTREVLAGLTAREA
KVLRMRFGIDMNTDHTLEEVGKQFDVTRERIRQIEAKALRKLRHPSRSEHLRSFLDE
;
F
6 'polydeoxyribonucleotide'
;(DC)(DG)(DC)(DT)(DA)(DT)(DG)(DG)(DG)(DA)(DC)(DG)(DA)(DT)(DA)(DA)(DA)(DG)(DG)(DT)
(DA)(DT)(DA)(DA)(DA)(DT)(DT)(DC)(DT)(DC)(DT)(DA)(DT)(DA)(DA)(DT)(DG)(DG)(DG)(DA)
(DG)(DC)(DT)(DG)(DC)(DT)(DC)(DT)(DG)(DG)(DC)(DC)(DG)(DA)(DA)(DG)(DC)(DC)(DC)(DG)
(DC)(DC)
;
N
7 'polyribonucleotide' AUAUACCCUCGA R
8 'polydeoxyribonucleotide'
;(DG)(DG)(DC)(DG)(DG)(DG)(DC)(DT)(DT)(DC)(DG)(DG)(DC)(DC)(DA)(DG)(DA)(DG)(DG)(DT)
(DC)(DG)(DA)(DG)(DG)(DG)(DT)(DA)(DA)(DT)(DA)(DA)(DG)(DA)(DG)(DA)(DA)(DT)(DT)(DT)
(DA)(DT)(DA)(DC)(DC)(DT)(DT)(DT)(DA)(DT)(DC)(DG)(DT)(DC)(DC)(DC)(DA)(DT)(DA)(DG)
(DC)(DG)
;
T
9 'polypeptide(L)'
;MFQSTEQALAVAYWMFEQQPGPRSSTAMVIDSLRERFDRRFIERLPSGLSPHEWQAQAVMTVRFAQRQLAAHPLELAVVR
AEFARGRDFVLGLAALRDWLKPAAGPIEQRAALALLMRMFRRPPSSIREIERLSGLSKSTLHRWDKEWRERVAALLRQAL
LRLEEPMAQVGIVCEH
;
G
#
# COMPACT_ATOMS: atom_id res chain seq x y z
N PHE A 8 25.36 63.29 -15.97
CA PHE A 8 24.61 62.64 -14.90
C PHE A 8 23.25 63.31 -14.72
N LEU A 9 22.47 63.35 -15.78
CA LEU A 9 21.17 64.02 -15.76
C LEU A 9 20.19 63.26 -14.87
N THR A 10 19.30 64.01 -14.24
CA THR A 10 18.31 63.46 -13.32
C THR A 10 16.95 64.03 -13.68
N PRO A 11 15.87 63.31 -13.43
CA PRO A 11 14.54 63.80 -13.81
C PRO A 11 14.01 64.83 -12.83
N ARG A 12 13.34 65.84 -13.41
CA ARG A 12 12.65 66.88 -12.66
C ARG A 12 11.23 66.98 -13.18
N HIS A 13 10.33 67.48 -12.33
CA HIS A 13 8.95 67.76 -12.72
C HIS A 13 8.28 66.49 -13.25
N ILE A 14 8.03 65.58 -12.31
CA ILE A 14 7.39 64.30 -12.62
C ILE A 14 6.08 64.57 -13.37
N ASP A 15 5.99 64.07 -14.59
CA ASP A 15 4.84 64.31 -15.45
C ASP A 15 3.85 63.17 -15.28
N VAL A 16 2.61 63.51 -14.96
CA VAL A 16 1.55 62.53 -14.75
C VAL A 16 0.39 62.85 -15.70
N GLN A 17 -0.08 61.82 -16.40
CA GLN A 17 -1.23 61.95 -17.29
C GLN A 17 -2.35 61.07 -16.77
N VAL A 18 -3.54 61.64 -16.62
CA VAL A 18 -4.70 60.93 -16.11
C VAL A 18 -5.54 60.47 -17.28
N VAL A 19 -5.74 59.15 -17.39
CA VAL A 19 -6.54 58.58 -18.47
C VAL A 19 -7.96 58.35 -17.96
N SER A 20 -8.07 57.97 -16.69
CA SER A 20 -9.35 57.74 -16.05
C SER A 20 -9.16 57.89 -14.55
N GLN A 21 -10.23 57.63 -13.78
CA GLN A 21 -10.13 57.72 -12.33
C GLN A 21 -9.13 56.72 -11.78
N THR A 22 -9.00 55.56 -12.42
CA THR A 22 -8.09 54.51 -11.96
C THR A 22 -6.79 54.50 -12.73
N ARG A 23 -6.85 54.35 -14.05
CA ARG A 23 -5.65 54.26 -14.87
C ARG A 23 -4.97 55.63 -14.99
N ALA A 24 -3.64 55.62 -14.97
CA ALA A 24 -2.86 56.84 -15.11
C ALA A 24 -1.55 56.52 -15.80
N LYS A 25 -0.91 57.56 -16.34
CA LYS A 25 0.39 57.42 -16.97
C LYS A 25 1.34 58.43 -16.35
N ILE A 26 2.54 57.97 -16.01
CA ILE A 26 3.59 58.81 -15.45
C ILE A 26 4.81 58.73 -16.36
N THR A 27 5.32 59.89 -16.75
CA THR A 27 6.47 59.96 -17.64
C THR A 27 7.58 60.74 -16.97
N LEU A 28 8.81 60.21 -17.05
CA LEU A 28 9.99 60.87 -16.52
C LEU A 28 10.95 61.11 -17.67
N GLU A 29 11.01 62.35 -18.16
CA GLU A 29 11.69 62.65 -19.41
C GLU A 29 13.20 62.53 -19.30
N PRO A 30 13.90 63.30 -18.44
CA PRO A 30 15.37 63.23 -18.46
C PRO A 30 15.91 62.08 -17.63
N LEU A 31 16.52 61.11 -18.32
CA LEU A 31 17.09 59.93 -17.68
C LEU A 31 18.29 59.47 -18.49
N GLU A 32 19.39 59.17 -17.80
CA GLU A 32 20.59 58.75 -18.48
C GLU A 32 20.38 57.40 -19.16
N ARG A 33 21.22 57.13 -20.17
CA ARG A 33 21.05 55.94 -20.99
C ARG A 33 21.15 54.67 -20.15
N GLY A 34 20.22 53.75 -20.37
CA GLY A 34 20.17 52.50 -19.65
C GLY A 34 19.51 52.57 -18.30
N PHE A 35 19.18 53.78 -17.82
CA PHE A 35 18.54 53.93 -16.52
C PHE A 35 17.05 53.68 -16.58
N GLY A 36 16.47 53.68 -17.77
CA GLY A 36 15.04 53.51 -17.92
C GLY A 36 14.55 52.17 -17.39
N HIS A 37 15.16 51.07 -17.84
CA HIS A 37 14.73 49.75 -17.38
C HIS A 37 14.97 49.58 -15.89
N THR A 38 16.12 50.03 -15.39
CA THR A 38 16.41 49.90 -13.96
C THR A 38 15.39 50.63 -13.13
N LEU A 39 15.17 51.91 -13.42
CA LEU A 39 14.22 52.71 -12.65
C LEU A 39 12.80 52.17 -12.79
N GLY A 40 12.42 51.76 -14.00
CA GLY A 40 11.10 51.24 -14.23
C GLY A 40 10.82 49.97 -13.46
N ASN A 41 11.74 49.01 -13.50
CA ASN A 41 11.54 47.78 -12.75
C ASN A 41 11.55 48.03 -11.26
N ALA A 42 12.45 48.90 -10.78
CA ALA A 42 12.46 49.21 -9.36
C ALA A 42 11.12 49.81 -8.93
N LEU A 43 10.62 50.77 -9.71
CA LEU A 43 9.35 51.40 -9.37
C LEU A 43 8.20 50.40 -9.46
N ARG A 44 8.22 49.53 -10.47
CA ARG A 44 7.15 48.54 -10.60
C ARG A 44 7.11 47.62 -9.40
N ARG A 45 8.27 47.11 -8.99
CA ARG A 45 8.31 46.23 -7.82
C ARG A 45 7.89 46.97 -6.56
N ILE A 46 8.33 48.22 -6.40
CA ILE A 46 8.02 48.97 -5.20
C ILE A 46 6.52 49.24 -5.12
N LEU A 47 5.92 49.65 -6.25
CA LEU A 47 4.49 49.93 -6.27
C LEU A 47 3.68 48.66 -6.03
N LEU A 48 3.97 47.60 -6.79
CA LEU A 48 3.20 46.38 -6.67
C LEU A 48 3.38 45.71 -5.32
N SER A 49 4.47 45.99 -4.61
CA SER A 49 4.73 45.34 -3.32
C SER A 49 4.21 46.16 -2.15
N SER A 50 4.69 47.40 -2.01
CA SER A 50 4.49 48.18 -0.80
C SER A 50 3.88 49.53 -1.16
N MET A 51 2.56 49.63 -1.00
CA MET A 51 1.82 50.88 -1.15
C MET A 51 0.75 50.91 -0.07
N PRO A 52 0.75 51.92 0.79
CA PRO A 52 -0.24 51.94 1.88
C PRO A 52 -1.63 52.23 1.34
N GLY A 53 -2.58 51.39 1.75
CA GLY A 53 -3.97 51.57 1.38
C GLY A 53 -4.85 51.11 2.53
N CYS A 54 -6.13 51.40 2.39
CA CYS A 54 -7.12 51.08 3.42
C CYS A 54 -8.20 50.19 2.84
N ALA A 55 -8.59 49.17 3.60
CA ALA A 55 -9.63 48.25 3.18
C ALA A 55 -10.36 47.75 4.42
N VAL A 56 -11.58 47.23 4.20
CA VAL A 56 -12.40 46.76 5.31
C VAL A 56 -11.73 45.58 5.97
N VAL A 57 -11.64 45.61 7.30
CA VAL A 57 -10.97 44.55 8.05
C VAL A 57 -11.89 43.87 9.06
N GLU A 58 -12.99 44.49 9.47
CA GLU A 58 -13.97 43.84 10.32
C GLU A 58 -15.36 44.32 9.94
N ALA A 59 -16.30 43.38 9.86
CA ALA A 59 -17.70 43.70 9.62
C ALA A 59 -18.56 42.77 10.46
N GLU A 60 -19.54 43.35 11.16
CA GLU A 60 -20.49 42.56 11.92
C GLU A 60 -21.89 43.09 11.67
N ILE A 61 -22.85 42.18 11.49
CA ILE A 61 -24.22 42.54 11.19
C ILE A 61 -25.10 42.15 12.38
N ASP A 62 -26.24 42.82 12.51
CA ASP A 62 -27.11 42.60 13.66
C ASP A 62 -27.65 41.18 13.69
N GLY A 63 -28.13 40.69 12.56
CA GLY A 63 -28.79 39.40 12.50
C GLY A 63 -27.90 38.21 12.19
N VAL A 64 -26.58 38.39 12.19
CA VAL A 64 -25.68 37.31 11.80
C VAL A 64 -24.82 36.93 13.00
N LEU A 65 -24.45 35.65 13.05
CA LEU A 65 -23.54 35.12 14.07
C LEU A 65 -22.19 34.74 13.46
N HIS A 66 -22.21 34.06 12.32
CA HIS A 66 -21.00 33.66 11.62
C HIS A 66 -21.23 33.84 10.13
N GLU A 67 -20.12 33.91 9.39
CA GLU A 67 -20.17 34.23 7.97
C GLU A 67 -20.79 33.12 7.13
N TYR A 68 -21.07 31.96 7.70
CA TYR A 68 -21.60 30.82 6.96
C TYR A 68 -23.12 30.71 7.10
N SER A 69 -23.81 31.84 7.17
CA SER A 69 -25.26 31.85 7.31
C SER A 69 -25.86 32.78 6.25
N ALA A 70 -27.19 32.89 6.28
CA ALA A 70 -27.91 33.76 5.38
C ALA A 70 -28.80 34.69 6.20
N ILE A 71 -29.28 35.74 5.55
CA ILE A 71 -30.13 36.74 6.19
C ILE A 71 -31.47 36.76 5.46
N GLU A 72 -32.56 36.76 6.23
CA GLU A 72 -33.88 36.73 5.65
C GLU A 72 -34.12 37.96 4.78
N GLY A 73 -34.56 37.72 3.55
CA GLY A 73 -34.83 38.79 2.61
C GLY A 73 -33.63 39.31 1.86
N VAL A 74 -32.43 38.84 2.16
CA VAL A 74 -31.22 39.23 1.45
C VAL A 74 -30.92 38.16 0.42
N GLN A 75 -30.71 38.58 -0.83
CA GLN A 75 -30.54 37.65 -1.94
C GLN A 75 -29.20 36.92 -1.89
N GLU A 76 -28.18 37.51 -1.27
CA GLU A 76 -26.88 36.87 -1.17
C GLU A 76 -26.58 36.51 0.27
N ASP A 77 -25.86 35.41 0.46
CA ASP A 77 -25.48 34.98 1.79
C ASP A 77 -24.29 35.80 2.29
N VAL A 78 -23.90 35.57 3.54
CA VAL A 78 -22.95 36.45 4.21
C VAL A 78 -21.56 36.34 3.57
N ILE A 79 -21.20 35.14 3.09
CA ILE A 79 -19.91 34.98 2.42
C ILE A 79 -19.83 35.88 1.20
N GLU A 80 -20.89 35.90 0.38
CA GLU A 80 -20.90 36.75 -0.79
C GLU A 80 -20.91 38.23 -0.41
N ILE A 81 -21.59 38.57 0.69
CA ILE A 81 -21.60 39.95 1.15
C ILE A 81 -20.19 40.40 1.53
N LEU A 82 -19.47 39.55 2.26
CA LEU A 82 -18.11 39.90 2.66
C LEU A 82 -17.18 39.97 1.46
N LEU A 83 -17.35 39.06 0.50
CA LEU A 83 -16.53 39.11 -0.71
C LEU A 83 -16.79 40.39 -1.50
N ASN A 84 -18.06 40.80 -1.58
CA ASN A 84 -18.38 42.07 -2.23
C ASN A 84 -17.78 43.24 -1.46
N LEU A 85 -17.79 43.18 -0.13
CA LEU A 85 -17.20 44.23 0.67
C LEU A 85 -15.70 44.32 0.47
N LYS A 86 -15.05 43.17 0.22
CA LYS A 86 -13.62 43.14 0.01
C LYS A 86 -13.16 43.96 -1.19
N GLY A 87 -14.06 44.23 -2.13
CA GLY A 87 -13.71 44.99 -3.31
C GLY A 87 -13.94 46.48 -3.17
N LEU A 88 -14.28 46.92 -1.97
CA LEU A 88 -14.52 48.34 -1.72
C LEU A 88 -13.23 49.14 -1.85
N ALA A 89 -13.32 50.26 -2.55
CA ALA A 89 -12.19 51.16 -2.76
C ALA A 89 -12.45 52.42 -1.94
N ILE A 90 -11.90 52.46 -0.73
CA ILE A 90 -12.12 53.55 0.20
C ILE A 90 -10.84 54.37 0.32
N LYS A 91 -11.00 55.61 0.78
CA LYS A 91 -9.87 56.50 0.99
C LYS A 91 -9.99 57.14 2.37
N LEU A 92 -8.90 57.13 3.12
CA LEU A 92 -8.85 57.68 4.47
C LEU A 92 -7.96 58.90 4.48
N HIS A 93 -8.47 60.02 5.02
CA HIS A 93 -7.69 61.25 5.08
C HIS A 93 -7.19 61.54 6.49
N GLY A 94 -8.00 61.24 7.50
CA GLY A 94 -7.62 61.56 8.87
C GLY A 94 -6.96 60.40 9.59
N ARG A 95 -7.65 59.82 10.57
CA ARG A 95 -7.11 58.71 11.33
C ARG A 95 -7.06 57.46 10.46
N ASP A 96 -6.52 56.38 11.01
CA ASP A 96 -6.30 55.17 10.24
C ASP A 96 -7.38 54.12 10.44
N GLU A 97 -7.88 53.94 11.66
CA GLU A 97 -9.02 53.06 11.93
C GLU A 97 -10.26 53.91 12.13
N VAL A 98 -11.28 53.70 11.29
CA VAL A 98 -12.59 54.29 11.46
C VAL A 98 -13.63 53.18 11.34
N THR A 99 -14.85 53.51 11.73
CA THR A 99 -15.95 52.56 11.66
C THR A 99 -17.09 53.19 10.87
N LEU A 100 -17.64 52.44 9.91
CA LEU A 100 -18.73 52.90 9.06
C LEU A 100 -19.96 52.06 9.30
N THR A 101 -21.12 52.65 9.03
CA THR A 101 -22.39 51.97 9.26
C THR A 101 -23.14 51.85 7.94
N LEU A 102 -24.04 50.87 7.88
CA LEU A 102 -24.85 50.64 6.68
C LEU A 102 -26.15 50.00 7.13
N ALA A 103 -27.24 50.76 7.10
CA ALA A 103 -28.54 50.27 7.51
C ALA A 103 -29.58 50.58 6.45
N LYS A 104 -30.18 49.53 5.88
CA LYS A 104 -31.22 49.68 4.89
C LYS A 104 -32.26 48.58 5.07
N LYS A 105 -33.52 48.92 4.84
CA LYS A 105 -34.64 47.99 4.92
C LYS A 105 -35.46 48.09 3.63
N GLY A 106 -36.27 47.06 3.40
CA GLY A 106 -37.13 47.05 2.23
C GLY A 106 -36.40 46.63 0.97
N SER A 107 -37.17 46.51 -0.10
CA SER A 107 -36.62 46.08 -1.38
C SER A 107 -35.70 47.16 -1.95
N GLY A 108 -34.66 46.71 -2.64
CA GLY A 108 -33.70 47.61 -3.23
C GLY A 108 -32.35 46.93 -3.34
N VAL A 109 -31.36 47.72 -3.74
CA VAL A 109 -29.99 47.26 -3.94
C VAL A 109 -29.08 48.14 -3.08
N VAL A 110 -28.35 47.51 -2.16
CA VAL A 110 -27.38 48.24 -1.35
C VAL A 110 -26.07 48.36 -2.13
N THR A 111 -25.56 49.57 -2.26
CA THR A 111 -24.30 49.84 -2.93
C THR A 111 -23.38 50.57 -1.97
N ALA A 112 -22.20 50.97 -2.47
CA ALA A 112 -21.29 51.76 -1.65
C ALA A 112 -21.80 53.18 -1.42
N ALA A 113 -22.77 53.64 -2.21
CA ALA A 113 -23.35 54.95 -1.98
C ALA A 113 -24.15 54.98 -0.68
N ASP A 114 -24.71 53.83 -0.29
CA ASP A 114 -25.55 53.77 0.91
C ASP A 114 -24.75 53.60 2.18
N ILE A 115 -23.42 53.49 2.09
CA ILE A 115 -22.60 53.51 3.29
C ILE A 115 -22.68 54.89 3.94
N GLN A 116 -22.63 54.91 5.27
CA GLN A 116 -22.68 56.16 6.00
C GLN A 116 -21.48 57.02 5.63
N LEU A 117 -21.74 58.27 5.28
CA LEU A 117 -20.66 59.18 4.91
C LEU A 117 -19.92 59.65 6.16
N ASP A 118 -18.74 60.23 5.94
CA ASP A 118 -17.92 60.74 7.03
C ASP A 118 -17.09 61.90 6.49
N HIS A 119 -16.42 62.60 7.41
CA HIS A 119 -15.62 63.76 7.02
C HIS A 119 -14.38 63.33 6.25
N ASP A 120 -13.56 62.46 6.85
CA ASP A 120 -12.30 62.05 6.26
C ASP A 120 -12.39 60.75 5.48
N VAL A 121 -13.56 60.15 5.37
CA VAL A 121 -13.74 58.88 4.67
C VAL A 121 -14.43 59.14 3.34
N GLU A 122 -13.82 58.67 2.26
CA GLU A 122 -14.34 58.87 0.92
C GLU A 122 -14.51 57.53 0.23
N ILE A 123 -15.53 57.45 -0.63
CA ILE A 123 -15.82 56.25 -1.41
C ILE A 123 -15.55 56.57 -2.87
N ILE A 124 -14.71 55.75 -3.50
CA ILE A 124 -14.37 55.94 -4.91
C ILE A 124 -15.40 55.25 -5.77
N ASN A 125 -15.52 53.93 -5.62
CA ASN A 125 -16.48 53.15 -6.41
C ASN A 125 -17.81 53.10 -5.65
N GLY A 126 -18.64 54.11 -5.92
CA GLY A 126 -19.94 54.19 -5.30
C GLY A 126 -20.98 53.32 -5.98
N ASP A 127 -20.58 52.66 -7.07
CA ASP A 127 -21.46 51.79 -7.84
C ASP A 127 -21.27 50.32 -7.49
N HIS A 128 -20.47 50.02 -6.48
CA HIS A 128 -20.18 48.64 -6.11
C HIS A 128 -21.39 48.04 -5.40
N VAL A 129 -22.08 47.13 -6.07
CA VAL A 129 -23.21 46.46 -5.45
C VAL A 129 -22.73 45.50 -4.38
N ILE A 130 -23.32 45.57 -3.20
CA ILE A 130 -22.96 44.74 -2.06
C ILE A 130 -23.94 43.59 -1.89
N ALA A 131 -25.24 43.88 -1.98
CA ALA A 131 -26.26 42.86 -1.83
C ALA A 131 -27.56 43.36 -2.45
N ASN A 132 -28.49 42.45 -2.65
CA ASN A 132 -29.83 42.79 -3.10
C ASN A 132 -30.85 42.41 -2.02
N LEU A 133 -31.87 43.25 -1.86
CA LEU A 133 -32.82 43.13 -0.77
C LEU A 133 -34.22 42.85 -1.31
N ALA A 134 -34.98 42.08 -0.55
CA ALA A 134 -36.39 41.84 -0.87
C ALA A 134 -37.26 42.77 -0.04
N ASP A 135 -38.58 42.61 -0.15
CA ASP A 135 -39.49 43.47 0.61
C ASP A 135 -39.29 43.30 2.11
N ASN A 136 -39.14 42.06 2.57
CA ASN A 136 -38.86 41.80 3.97
C ASN A 136 -37.38 41.89 4.30
N GLY A 137 -36.52 42.11 3.31
CA GLY A 137 -35.09 42.18 3.56
C GLY A 137 -34.73 43.42 4.37
N ALA A 138 -33.78 43.26 5.28
CA ALA A 138 -33.32 44.36 6.12
C ALA A 138 -31.99 43.98 6.74
N LEU A 139 -30.96 44.79 6.49
CA LEU A 139 -29.66 44.56 7.11
C LEU A 139 -29.13 45.86 7.67
N ASN A 140 -28.53 45.78 8.85
CA ASN A 140 -27.89 46.93 9.49
C ASN A 140 -26.54 46.48 10.01
N MET A 141 -25.48 46.89 9.35
CA MET A 141 -24.15 46.35 9.61
C MET A 141 -23.14 47.48 9.77
N LYS A 142 -22.08 47.18 10.51
CA LYS A 142 -21.03 48.12 10.83
C LYS A 142 -19.72 47.64 10.22
N LEU A 143 -18.99 48.57 9.60
CA LEU A 143 -17.74 48.26 8.92
C LEU A 143 -16.60 48.96 9.63
N LYS A 144 -15.67 48.20 10.19
CA LYS A 144 -14.41 48.78 10.66
C LYS A 144 -13.38 48.59 9.56
N VAL A 145 -12.77 49.70 9.14
CA VAL A 145 -11.73 49.65 8.12
C VAL A 145 -10.42 50.04 8.76
N ALA A 146 -9.32 49.64 8.13
CA ALA A 146 -7.99 49.95 8.63
C ALA A 146 -7.06 50.14 7.45
N ARG A 147 -5.98 50.88 7.68
CA ARG A 147 -5.00 51.17 6.64
C ARG A 147 -3.77 50.32 6.87
N GLY A 148 -3.38 49.57 5.83
CA GLY A 148 -2.23 48.68 5.93
C GLY A 148 -1.37 48.73 4.69
N ARG A 149 -0.45 47.77 4.54
CA ARG A 149 0.49 47.76 3.44
C ARG A 149 0.31 46.56 2.53
N GLY A 150 0.35 45.34 3.08
CA GLY A 150 0.26 44.13 2.30
C GLY A 150 -0.91 43.25 2.71
N TYR A 151 -1.00 42.12 2.01
CA TYR A 151 -2.07 41.16 2.28
C TYR A 151 -1.96 40.62 3.70
N GLU A 152 -2.95 40.96 4.53
CA GLU A 152 -3.00 40.49 5.91
C GLU A 152 -4.18 39.55 6.08
N PRO A 153 -3.96 38.23 6.14
CA PRO A 153 -5.08 37.31 6.34
C PRO A 153 -5.68 37.44 7.72
N ALA A 154 -6.80 36.74 7.96
CA ALA A 154 -7.47 36.82 9.25
C ALA A 154 -6.60 36.23 10.36
N ASP A 155 -5.89 35.14 10.07
CA ASP A 155 -5.04 34.51 11.07
C ASP A 155 -3.93 35.45 11.54
N ALA A 156 -3.32 36.19 10.61
CA ALA A 156 -2.26 37.11 10.98
C ALA A 156 -2.77 38.27 11.83
N ARG A 157 -3.99 38.72 11.61
CA ARG A 157 -4.56 39.82 12.38
C ARG A 157 -5.17 39.31 13.68
N SER A 166 -15.22 38.25 21.17
CA SER A 166 -16.68 38.32 21.22
C SER A 166 -17.29 37.52 20.07
N ILE A 167 -18.56 37.15 20.22
CA ILE A 167 -19.26 36.37 19.22
C ILE A 167 -20.14 37.30 18.40
N GLY A 168 -20.08 37.15 17.07
CA GLY A 168 -20.83 37.97 16.15
C GLY A 168 -19.96 38.87 15.30
N ARG A 169 -18.68 38.98 15.63
CA ARG A 169 -17.75 39.80 14.86
C ARG A 169 -17.04 38.93 13.82
N LEU A 170 -17.09 39.36 12.56
CA LEU A 170 -16.52 38.61 11.46
C LEU A 170 -15.22 39.27 10.99
N GLN A 171 -14.18 38.46 10.89
CA GLN A 171 -12.87 38.93 10.45
C GLN A 171 -12.72 38.71 8.96
N LEU A 172 -12.15 39.69 8.27
CA LEU A 172 -11.99 39.64 6.82
C LEU A 172 -10.52 39.65 6.45
N ASP A 173 -10.18 38.86 5.44
CA ASP A 173 -8.86 38.97 4.83
C ASP A 173 -8.76 40.27 4.05
N ALA A 174 -7.69 41.01 4.30
CA ALA A 174 -7.54 42.34 3.74
C ALA A 174 -6.30 42.40 2.87
N SER A 175 -6.45 43.00 1.68
CA SER A 175 -5.35 43.26 0.77
C SER A 175 -5.31 44.76 0.54
N PHE A 176 -4.51 45.47 1.32
CA PHE A 176 -4.49 46.92 1.32
C PHE A 176 -3.84 47.52 0.08
N SER A 177 -3.22 46.71 -0.77
CA SER A 177 -2.53 47.25 -1.93
C SER A 177 -3.54 47.91 -2.86
N PRO A 178 -3.41 49.22 -3.14
CA PRO A 178 -4.37 49.87 -4.03
C PRO A 178 -3.96 49.83 -5.50
N VAL A 179 -2.80 49.30 -5.82
CA VAL A 179 -2.32 49.22 -7.19
C VAL A 179 -2.69 47.87 -7.77
N ARG A 180 -3.15 47.86 -9.02
CA ARG A 180 -3.57 46.65 -9.71
C ARG A 180 -2.63 46.22 -10.82
N ARG A 181 -2.21 47.15 -11.67
CA ARG A 181 -1.36 46.83 -12.81
C ARG A 181 -0.33 47.93 -12.99
N VAL A 182 0.92 47.54 -13.22
CA VAL A 182 1.99 48.48 -13.48
C VAL A 182 2.72 48.03 -14.74
N SER A 183 2.90 48.95 -15.69
CA SER A 183 3.60 48.68 -16.92
C SER A 183 4.59 49.81 -17.15
N TYR A 184 5.65 49.53 -17.91
CA TYR A 184 6.59 50.59 -18.25
C TYR A 184 7.18 50.31 -19.62
N VAL A 185 7.44 51.39 -20.35
CA VAL A 185 8.14 51.35 -21.63
C VAL A 185 9.15 52.48 -21.64
N VAL A 186 10.33 52.21 -22.19
CA VAL A 186 11.41 53.18 -22.25
C VAL A 186 11.55 53.63 -23.69
N GLU A 187 11.38 54.93 -23.93
CA GLU A 187 11.53 55.53 -25.25
C GLU A 187 12.54 56.67 -25.18
N ASN A 188 13.05 57.06 -26.34
CA ASN A 188 14.07 58.09 -26.41
C ASN A 188 13.50 59.44 -26.01
N ALA A 189 14.38 60.30 -25.48
CA ALA A 189 14.01 61.64 -25.08
C ALA A 189 14.94 62.62 -25.77
N ARG A 190 14.36 63.59 -26.47
CA ARG A 190 15.12 64.58 -27.23
C ARG A 190 15.08 65.90 -26.46
N VAL A 191 16.20 66.24 -25.82
CA VAL A 191 16.32 67.48 -25.06
C VAL A 191 17.26 68.45 -25.78
N GLU A 192 17.51 68.23 -27.07
CA GLU A 192 18.36 69.05 -27.91
C GLU A 192 19.83 69.00 -27.47
N GLN A 193 20.13 68.14 -26.49
CA GLN A 193 21.51 67.93 -26.10
C GLN A 193 22.13 66.76 -26.86
N ARG A 194 21.50 65.59 -26.78
CA ARG A 194 21.99 64.42 -27.50
C ARG A 194 20.83 63.45 -27.68
N THR A 195 21.01 62.50 -28.60
CA THR A 195 20.04 61.45 -28.84
C THR A 195 20.27 60.22 -27.98
N ASN A 196 21.27 60.25 -27.09
CA ASN A 196 21.58 59.13 -26.22
C ASN A 196 20.72 59.09 -24.97
N LEU A 197 19.84 60.07 -24.79
CA LEU A 197 18.99 60.16 -23.61
C LEU A 197 17.75 59.28 -23.81
N ASP A 198 17.00 59.06 -22.73
CA ASP A 198 15.79 58.27 -22.82
C ASP A 198 14.86 58.62 -21.68
N LYS A 199 13.59 58.25 -21.82
CA LYS A 199 12.56 58.55 -20.85
C LYS A 199 11.76 57.30 -20.49
N LEU A 200 11.18 57.32 -19.29
CA LEU A 200 10.44 56.20 -18.74
C LEU A 200 8.97 56.56 -18.62
N VAL A 201 8.11 55.70 -19.14
CA VAL A 201 6.66 55.91 -19.13
C VAL A 201 6.02 54.81 -18.29
N LEU A 202 5.55 55.17 -17.11
CA LEU A 202 4.90 54.23 -16.20
C LEU A 202 3.40 54.23 -16.45
N ASP A 203 2.88 53.09 -16.92
CA ASP A 203 1.45 52.92 -17.14
C ASP A 203 0.86 52.30 -15.89
N LEU A 204 0.36 53.15 -15.00
CA LEU A 204 -0.07 52.74 -13.66
C LEU A 204 -1.59 52.71 -13.59
N GLU A 205 -2.13 51.58 -13.14
CA GLU A 205 -3.56 51.42 -12.99
C GLU A 205 -3.85 50.94 -11.58
N THR A 206 -4.61 51.73 -10.83
CA THR A 206 -4.91 51.48 -9.43
C THR A 206 -6.42 51.32 -9.27
N ASN A 207 -6.86 51.29 -8.02
CA ASN A 207 -8.29 51.33 -7.71
C ASN A 207 -8.79 52.74 -7.46
N GLY A 208 -7.91 53.74 -7.56
CA GLY A 208 -8.30 55.14 -7.45
C GLY A 208 -8.14 55.76 -6.08
N THR A 209 -7.80 54.99 -5.05
CA THR A 209 -7.71 55.56 -3.71
C THR A 209 -6.43 56.36 -3.49
N LEU A 210 -5.41 56.18 -4.33
CA LEU A 210 -4.16 56.90 -4.17
C LEU A 210 -3.80 57.61 -5.46
N ASP A 211 -3.29 58.83 -5.32
CA ASP A 211 -2.90 59.63 -6.48
C ASP A 211 -1.61 59.09 -7.09
N PRO A 212 -1.54 59.03 -8.42
CA PRO A 212 -0.31 58.49 -9.05
C PRO A 212 0.95 59.25 -8.67
N GLU A 213 0.87 60.58 -8.56
CA GLU A 213 2.03 61.35 -8.14
C GLU A 213 2.44 60.98 -6.72
N GLU A 214 1.45 60.83 -5.83
CA GLU A 214 1.75 60.41 -4.47
C GLU A 214 2.36 59.01 -4.44
N ALA A 215 1.87 58.10 -5.28
CA ALA A 215 2.46 56.77 -5.34
C ALA A 215 3.91 56.83 -5.80
N ILE A 216 4.18 57.63 -6.82
CA ILE A 216 5.56 57.76 -7.31
C ILE A 216 6.46 58.35 -6.23
N ARG A 217 6.00 59.40 -5.55
CA ARG A 217 6.82 59.98 -4.49
C ARG A 217 7.06 59.00 -3.35
N ARG A 218 6.03 58.23 -2.96
CA ARG A 218 6.22 57.26 -1.89
C ARG A 218 7.20 56.18 -2.29
N ALA A 219 7.12 55.71 -3.54
CA ALA A 219 8.09 54.76 -4.05
C ALA A 219 9.49 55.35 -4.02
N ALA A 220 9.61 56.63 -4.39
CA ALA A 220 10.91 57.29 -4.38
C ALA A 220 11.50 57.33 -2.97
N THR A 221 10.68 57.70 -1.98
CA THR A 221 11.18 57.72 -0.61
C THR A 221 11.54 56.33 -0.10
N ILE A 222 10.74 55.32 -0.46
CA ILE A 222 11.05 53.96 -0.02
C ILE A 222 12.38 53.49 -0.61
N LEU A 223 12.59 53.74 -1.90
CA LEU A 223 13.87 53.37 -2.52
C LEU A 223 15.00 54.18 -1.91
N GLN A 224 14.78 55.45 -1.62
CA GLN A 224 15.80 56.26 -0.98
C GLN A 224 16.20 55.68 0.36
N GLN A 225 15.24 55.26 1.16
CA GLN A 225 15.54 54.68 2.46
C GLN A 225 16.31 53.37 2.32
N GLN A 226 15.82 52.48 1.45
CA GLN A 226 16.47 51.18 1.29
C GLN A 226 17.87 51.31 0.72
N LEU A 227 18.15 52.36 -0.06
CA LEU A 227 19.53 52.64 -0.47
C LEU A 227 20.32 53.28 0.66
N ALA A 228 19.66 54.13 1.46
CA ALA A 228 20.29 54.75 2.61
C ALA A 228 20.70 53.73 3.65
N ALA A 229 20.20 52.50 3.56
CA ALA A 229 20.73 51.41 4.36
C ALA A 229 22.22 51.19 4.09
N PHE A 230 22.73 51.65 2.95
CA PHE A 230 24.15 51.57 2.64
C PHE A 230 24.92 52.73 3.26
N ASN B 6 4.16 53.24 5.85
CA ASN B 6 4.44 52.86 7.23
C ASN B 6 5.94 52.69 7.45
N GLU B 7 6.29 51.87 8.44
CA GLU B 7 7.68 51.59 8.78
C GLU B 7 8.14 50.30 8.13
N PHE B 8 9.30 50.34 7.50
CA PHE B 8 9.88 49.19 6.83
C PHE B 8 11.08 48.67 7.61
N LEU B 9 11.51 47.47 7.27
CA LEU B 9 12.73 46.94 7.83
C LEU B 9 13.92 47.53 7.09
N THR B 10 14.65 48.42 7.75
CA THR B 10 15.79 49.11 7.15
C THR B 10 17.04 48.61 7.85
N PRO B 11 17.71 47.61 7.28
CA PRO B 11 18.90 47.04 7.92
C PRO B 11 20.03 48.04 7.98
N ARG B 12 20.75 48.00 9.09
CA ARG B 12 21.95 48.81 9.26
C ARG B 12 23.17 48.00 9.67
N HIS B 13 23.08 46.67 9.70
CA HIS B 13 24.19 45.79 10.09
C HIS B 13 24.91 45.25 8.86
N ILE B 14 25.01 46.06 7.80
CA ILE B 14 25.68 45.64 6.59
C ILE B 14 27.12 45.27 6.88
N ASP B 15 27.58 44.18 6.27
CA ASP B 15 28.96 43.74 6.39
C ASP B 15 29.50 43.41 5.01
N VAL B 16 30.81 43.59 4.83
CA VAL B 16 31.46 43.32 3.56
C VAL B 16 32.56 42.30 3.77
N GLN B 17 32.25 41.03 3.58
CA GLN B 17 33.25 39.98 3.72
C GLN B 17 34.30 40.10 2.61
N VAL B 18 35.51 40.47 2.99
CA VAL B 18 36.59 40.69 2.03
C VAL B 18 37.26 39.35 1.79
N VAL B 19 36.95 38.73 0.65
CA VAL B 19 37.55 37.43 0.30
C VAL B 19 38.80 37.59 -0.54
N SER B 20 39.05 38.77 -1.09
CA SER B 20 40.26 39.06 -1.87
C SER B 20 40.44 40.56 -1.86
N GLN B 21 41.57 41.01 -2.42
CA GLN B 21 41.83 42.44 -2.47
C GLN B 21 40.80 43.15 -3.35
N THR B 22 40.39 42.53 -4.46
CA THR B 22 39.42 43.12 -5.35
C THR B 22 38.05 42.45 -5.27
N ARG B 23 37.92 41.34 -4.56
CA ARG B 23 36.66 40.62 -4.44
C ARG B 23 36.09 40.81 -3.04
N ALA B 24 34.78 41.02 -2.97
CA ALA B 24 34.09 41.15 -1.69
C ALA B 24 32.68 40.61 -1.83
N LYS B 25 32.12 40.22 -0.68
CA LYS B 25 30.74 39.72 -0.62
C LYS B 25 29.99 40.58 0.38
N ILE B 26 29.03 41.35 -0.10
CA ILE B 26 28.22 42.22 0.75
C ILE B 26 26.92 41.51 1.07
N THR B 27 26.57 41.47 2.36
CA THR B 27 25.38 40.79 2.82
C THR B 27 24.45 41.81 3.48
N LEU B 28 23.16 41.51 3.43
CA LEU B 28 22.13 42.38 4.00
C LEU B 28 21.00 41.48 4.48
N GLU B 29 20.99 41.17 5.78
CA GLU B 29 20.15 40.08 6.27
C GLU B 29 18.67 40.46 6.31
N PRO B 30 18.25 41.46 7.10
CA PRO B 30 16.81 41.71 7.19
C PRO B 30 16.30 42.63 6.10
N LEU B 31 15.43 42.11 5.24
CA LEU B 31 14.80 42.90 4.19
C LEU B 31 13.40 42.33 3.96
N GLU B 32 12.51 43.17 3.45
CA GLU B 32 11.16 42.70 3.18
C GLU B 32 11.16 41.69 2.05
N ARG B 33 9.97 41.16 1.74
CA ARG B 33 9.85 39.99 0.89
C ARG B 33 10.41 40.25 -0.51
N GLY B 34 10.03 41.36 -1.12
CA GLY B 34 10.43 41.63 -2.49
C GLY B 34 11.59 42.57 -2.69
N PHE B 35 12.08 43.18 -1.61
CA PHE B 35 13.11 44.21 -1.71
C PHE B 35 14.48 43.67 -2.06
N GLY B 36 14.78 42.42 -1.70
CA GLY B 36 16.08 41.87 -2.00
C GLY B 36 16.35 41.83 -3.49
N HIS B 37 15.39 41.31 -4.26
CA HIS B 37 15.57 41.25 -5.70
C HIS B 37 15.61 42.64 -6.32
N THR B 38 14.76 43.55 -5.86
CA THR B 38 14.75 44.91 -6.39
C THR B 38 16.11 45.57 -6.20
N LEU B 39 16.61 45.56 -4.97
CA LEU B 39 17.90 46.19 -4.69
C LEU B 39 19.03 45.50 -5.43
N GLY B 40 19.04 44.16 -5.43
CA GLY B 40 20.12 43.44 -6.09
C GLY B 40 20.17 43.70 -7.58
N ASN B 41 19.01 43.60 -8.24
CA ASN B 41 18.97 43.85 -9.68
C ASN B 41 19.33 45.28 -10.01
N ALA B 42 18.81 46.24 -9.23
CA ALA B 42 19.14 47.64 -9.48
C ALA B 42 20.64 47.90 -9.34
N LEU B 43 21.24 47.38 -8.27
CA LEU B 43 22.66 47.57 -8.06
C LEU B 43 23.48 46.89 -9.15
N ARG B 44 23.08 45.68 -9.55
CA ARG B 44 23.81 44.98 -10.59
C ARG B 44 23.75 45.74 -11.91
N ARG B 45 22.57 46.24 -12.26
CA ARG B 45 22.43 47.00 -13.50
C ARG B 45 23.21 48.30 -13.44
N ILE B 46 23.23 48.95 -12.27
CA ILE B 46 23.99 50.19 -12.12
C ILE B 46 25.48 49.93 -12.27
N LEU B 47 25.99 48.93 -11.55
CA LEU B 47 27.42 48.65 -11.55
C LEU B 47 27.90 48.21 -12.93
N LEU B 48 27.16 47.31 -13.56
CA LEU B 48 27.64 46.72 -14.80
C LEU B 48 27.46 47.67 -15.98
N SER B 49 26.41 48.49 -15.96
CA SER B 49 26.08 49.29 -17.13
C SER B 49 26.47 50.76 -16.94
N SER B 50 26.09 51.35 -15.82
CA SER B 50 26.25 52.80 -15.62
C SER B 50 27.18 53.05 -14.43
N MET B 51 28.49 53.05 -14.69
CA MET B 51 29.47 53.38 -13.67
C MET B 51 30.68 54.01 -14.35
N PRO B 52 30.89 55.32 -14.19
CA PRO B 52 31.93 56.00 -14.97
C PRO B 52 33.31 55.41 -14.71
N GLY B 53 34.11 55.35 -15.76
CA GLY B 53 35.46 54.81 -15.66
C GLY B 53 36.19 55.05 -16.96
N CYS B 54 37.42 54.56 -17.03
CA CYS B 54 38.28 54.78 -18.18
C CYS B 54 38.87 53.46 -18.66
N ALA B 55 39.02 53.34 -19.97
CA ALA B 55 39.62 52.15 -20.58
C ALA B 55 40.09 52.54 -21.98
N VAL B 56 40.97 51.73 -22.53
CA VAL B 56 41.48 51.95 -23.88
C VAL B 56 40.39 51.55 -24.86
N VAL B 57 40.31 52.27 -25.98
CA VAL B 57 39.25 52.04 -26.96
C VAL B 57 39.85 51.78 -28.32
N GLU B 58 41.08 52.24 -28.55
CA GLU B 58 41.73 52.10 -29.84
C GLU B 58 43.21 51.84 -29.64
N ALA B 59 43.82 51.16 -30.61
CA ALA B 59 45.24 50.90 -30.59
C ALA B 59 45.75 50.91 -32.02
N GLU B 60 47.00 51.31 -32.19
CA GLU B 60 47.65 51.39 -33.51
C GLU B 60 49.03 50.77 -33.39
N ILE B 61 49.12 49.46 -33.62
CA ILE B 61 50.39 48.77 -33.59
C ILE B 61 51.06 48.93 -34.95
N ASP B 62 52.25 49.53 -34.97
CA ASP B 62 52.96 49.75 -36.22
C ASP B 62 53.29 48.40 -36.87
N GLY B 63 53.05 48.31 -38.18
CA GLY B 63 53.26 47.09 -38.92
C GLY B 63 52.07 46.16 -38.97
N VAL B 64 50.95 46.51 -38.34
CA VAL B 64 49.73 45.70 -38.37
C VAL B 64 48.68 46.54 -39.09
N LEU B 65 48.57 46.36 -40.40
CA LEU B 65 47.58 47.11 -41.18
C LEU B 65 46.17 46.64 -40.86
N HIS B 66 45.99 45.34 -40.72
CA HIS B 66 44.67 44.75 -40.45
C HIS B 66 44.71 43.97 -39.14
N GLU B 67 43.51 43.67 -38.62
CA GLU B 67 43.40 42.94 -37.37
C GLU B 67 44.00 41.53 -37.48
N TYR B 68 43.77 40.86 -38.61
CA TYR B 68 44.23 39.49 -38.82
C TYR B 68 45.61 39.43 -39.47
N SER B 69 46.43 40.47 -39.27
CA SER B 69 47.75 40.49 -39.85
C SER B 69 48.70 39.60 -39.04
N ALA B 70 49.83 39.27 -39.65
CA ALA B 70 50.87 38.46 -39.01
C ALA B 70 52.07 39.34 -38.73
N ILE B 71 52.51 39.35 -37.47
CA ILE B 71 53.62 40.21 -37.06
C ILE B 71 54.74 39.35 -36.48
N GLU B 72 55.94 39.92 -36.39
CA GLU B 72 57.13 39.17 -36.01
C GLU B 72 57.83 39.94 -34.90
N GLY B 73 58.51 39.22 -34.02
CA GLY B 73 59.20 39.81 -32.89
C GLY B 73 58.54 39.59 -31.55
N VAL B 74 57.29 39.13 -31.50
CA VAL B 74 56.61 38.81 -30.26
C VAL B 74 56.14 37.37 -30.31
N GLN B 75 56.13 36.73 -29.14
CA GLN B 75 55.74 35.33 -29.06
C GLN B 75 54.28 35.14 -29.46
N GLU B 76 53.42 36.08 -29.09
CA GLU B 76 52.00 35.97 -29.38
C GLU B 76 51.65 36.71 -30.66
N ASP B 77 50.35 36.84 -30.92
CA ASP B 77 49.84 37.52 -32.10
C ASP B 77 49.01 38.73 -31.69
N VAL B 78 48.31 39.30 -32.68
CA VAL B 78 47.66 40.60 -32.49
C VAL B 78 46.50 40.50 -31.52
N ILE B 79 45.64 39.47 -31.67
CA ILE B 79 44.43 39.40 -30.86
C ILE B 79 44.78 39.18 -29.39
N GLU B 80 45.85 38.42 -29.13
CA GLU B 80 46.32 38.27 -27.76
C GLU B 80 46.79 39.62 -27.20
N ILE B 81 47.45 40.42 -28.03
CA ILE B 81 47.87 41.76 -27.60
C ILE B 81 46.66 42.60 -27.25
N LEU B 82 45.62 42.54 -28.08
CA LEU B 82 44.41 43.31 -27.82
C LEU B 82 43.73 42.86 -26.53
N LEU B 83 43.66 41.55 -26.30
CA LEU B 83 43.06 41.04 -25.07
C LEU B 83 43.87 41.47 -23.86
N ASN B 84 45.20 41.44 -23.96
CA ASN B 84 46.03 41.91 -22.85
C ASN B 84 45.81 43.39 -22.59
N LEU B 85 45.66 44.19 -23.65
CA LEU B 85 45.41 45.61 -23.48
C LEU B 85 44.03 45.87 -22.89
N LYS B 86 43.07 44.99 -23.15
CA LYS B 86 41.72 45.18 -22.64
C LYS B 86 41.69 45.19 -21.11
N GLY B 87 42.57 44.41 -20.47
CA GLY B 87 42.53 44.28 -19.03
C GLY B 87 43.19 45.41 -18.25
N LEU B 88 43.80 46.36 -18.95
CA LEU B 88 44.49 47.45 -18.27
C LEU B 88 43.50 48.30 -17.48
N ALA B 89 43.87 48.62 -16.24
CA ALA B 89 43.08 49.48 -15.36
C ALA B 89 43.77 50.83 -15.28
N ILE B 90 43.16 51.85 -15.89
CA ILE B 90 43.75 53.18 -15.98
C ILE B 90 42.73 54.20 -15.49
N LYS B 91 43.19 55.10 -14.62
CA LYS B 91 42.37 56.20 -14.13
C LYS B 91 42.84 57.51 -14.76
N LEU B 92 41.89 58.29 -15.26
CA LEU B 92 42.17 59.57 -15.89
C LEU B 92 41.74 60.68 -14.92
N HIS B 93 42.72 61.37 -14.34
CA HIS B 93 42.41 62.48 -13.45
C HIS B 93 42.49 63.83 -14.16
N GLY B 94 43.29 63.94 -15.22
CA GLY B 94 43.42 65.19 -15.94
C GLY B 94 42.29 65.49 -16.91
N ARG B 95 42.15 64.65 -17.92
CA ARG B 95 41.19 64.89 -19.00
C ARG B 95 40.44 63.60 -19.27
N ASP B 96 39.46 63.67 -20.18
CA ASP B 96 38.69 62.52 -20.63
C ASP B 96 39.21 62.01 -21.96
N GLU B 97 40.41 62.45 -22.35
CA GLU B 97 41.00 62.04 -23.62
C GLU B 97 42.51 62.13 -23.56
N VAL B 98 43.18 61.01 -23.83
CA VAL B 98 44.64 60.95 -23.82
C VAL B 98 45.07 59.78 -24.69
N THR B 99 46.21 59.94 -25.36
CA THR B 99 46.79 58.89 -26.18
C THR B 99 48.19 58.59 -25.67
N LEU B 100 48.44 57.33 -25.32
CA LEU B 100 49.74 56.89 -24.82
C LEU B 100 50.43 56.05 -25.88
N THR B 101 51.75 56.02 -25.81
CA THR B 101 52.57 55.28 -26.76
C THR B 101 53.42 54.26 -26.01
N LEU B 102 53.65 53.12 -26.66
CA LEU B 102 54.52 52.08 -26.14
C LEU B 102 55.59 51.75 -27.18
N ALA B 103 56.85 51.82 -26.76
CA ALA B 103 57.97 51.55 -27.65
C ALA B 103 58.95 50.61 -26.95
N LYS B 104 59.20 49.46 -27.57
CA LYS B 104 60.15 48.50 -27.03
C LYS B 104 60.51 47.51 -28.12
N LYS B 105 61.78 47.11 -28.17
CA LYS B 105 62.25 46.16 -29.17
C LYS B 105 63.27 45.20 -28.57
N VAL B 109 60.47 41.27 -23.17
CA VAL B 109 59.29 41.23 -22.30
C VAL B 109 58.72 42.63 -22.15
N VAL B 110 57.46 42.80 -22.55
CA VAL B 110 56.76 44.08 -22.46
C VAL B 110 55.71 43.99 -21.37
N THR B 111 55.69 44.99 -20.49
CA THR B 111 54.76 45.04 -19.37
C THR B 111 54.04 46.38 -19.37
N ALA B 112 53.02 46.49 -18.52
CA ALA B 112 52.22 47.71 -18.46
C ALA B 112 53.06 48.90 -18.00
N ALA B 113 53.99 48.70 -17.09
CA ALA B 113 54.83 49.79 -16.60
C ALA B 113 55.75 50.34 -17.68
N ASP B 114 55.97 49.60 -18.77
CA ASP B 114 56.81 50.09 -19.85
C ASP B 114 56.19 51.26 -20.59
N ILE B 115 54.89 51.52 -20.41
CA ILE B 115 54.24 52.65 -21.04
C ILE B 115 54.69 53.93 -20.38
N GLN B 116 55.14 54.89 -21.18
CA GLN B 116 55.46 56.21 -20.66
C GLN B 116 54.16 56.90 -20.23
N LEU B 117 54.28 57.74 -19.21
CA LEU B 117 53.10 58.31 -18.56
C LEU B 117 53.34 59.78 -18.26
N ASP B 118 52.24 60.51 -18.12
CA ASP B 118 52.24 61.90 -17.68
C ASP B 118 51.61 61.99 -16.31
N HIS B 119 51.46 63.21 -15.80
CA HIS B 119 50.88 63.41 -14.48
C HIS B 119 49.41 63.00 -14.43
N ASP B 120 48.71 63.08 -15.56
CA ASP B 120 47.29 62.77 -15.58
C ASP B 120 47.04 61.27 -15.54
N VAL B 121 47.70 60.52 -16.44
CA VAL B 121 47.44 59.09 -16.53
C VAL B 121 48.06 58.36 -15.35
N GLU B 122 47.28 57.45 -14.78
CA GLU B 122 47.76 56.60 -13.69
C GLU B 122 47.36 55.16 -13.98
N ILE B 123 48.35 54.29 -14.12
CA ILE B 123 48.10 52.86 -14.35
C ILE B 123 48.08 52.16 -13.00
N ILE B 124 46.96 51.51 -12.69
CA ILE B 124 46.82 50.86 -11.39
C ILE B 124 47.75 49.66 -11.28
N ASN B 125 47.76 48.82 -12.30
CA ASN B 125 48.58 47.60 -12.31
C ASN B 125 49.64 47.74 -13.40
N GLY B 126 50.83 48.16 -13.00
CA GLY B 126 51.93 48.29 -13.93
C GLY B 126 52.59 46.99 -14.32
N ASP B 127 52.27 45.89 -13.62
CA ASP B 127 52.87 44.60 -13.93
C ASP B 127 52.05 43.76 -14.90
N HIS B 128 50.90 44.28 -15.35
CA HIS B 128 50.08 43.55 -16.32
C HIS B 128 50.85 43.37 -17.62
N VAL B 129 51.25 42.13 -17.90
CA VAL B 129 52.08 41.85 -19.06
C VAL B 129 51.29 42.12 -20.33
N ILE B 130 51.98 42.58 -21.37
CA ILE B 130 51.34 42.87 -22.65
C ILE B 130 51.88 41.97 -23.75
N ALA B 131 53.20 41.88 -23.88
CA ALA B 131 53.81 41.07 -24.92
C ALA B 131 55.11 40.48 -24.40
N ASN B 132 55.66 39.54 -25.15
CA ASN B 132 56.95 38.95 -24.86
C ASN B 132 57.79 39.01 -26.13
N LEU B 133 58.91 39.73 -26.07
CA LEU B 133 59.71 40.01 -27.24
C LEU B 133 60.66 38.83 -27.53
N ALA B 134 61.56 39.02 -28.48
CA ALA B 134 62.53 37.99 -28.83
C ALA B 134 63.93 38.59 -28.96
N LEU B 139 58.09 46.67 -30.63
CA LEU B 139 56.70 47.05 -30.42
C LEU B 139 56.53 48.56 -30.30
N ASN B 140 56.23 49.22 -31.43
CA ASN B 140 55.96 50.65 -31.45
C ASN B 140 54.47 50.84 -31.71
N MET B 141 53.70 51.06 -30.65
CA MET B 141 52.27 51.27 -30.81
C MET B 141 51.80 52.42 -29.92
N LYS B 142 50.74 53.08 -30.37
CA LYS B 142 50.10 54.16 -29.63
C LYS B 142 48.64 53.81 -29.44
N LEU B 143 48.16 53.92 -28.20
CA LEU B 143 46.81 53.54 -27.85
C LEU B 143 46.04 54.73 -27.30
N LYS B 144 44.73 54.70 -27.45
CA LYS B 144 43.86 55.81 -27.11
C LYS B 144 43.01 55.44 -25.92
N VAL B 145 43.04 56.26 -24.88
CA VAL B 145 42.30 56.04 -23.65
C VAL B 145 41.18 57.08 -23.57
N ALA B 146 39.97 56.62 -23.23
CA ALA B 146 38.82 57.50 -23.16
C ALA B 146 37.99 57.14 -21.94
N ARG B 147 37.12 58.06 -21.55
CA ARG B 147 36.21 57.86 -20.43
C ARG B 147 34.82 57.50 -20.94
N GLY B 148 34.21 56.52 -20.28
CA GLY B 148 32.92 56.04 -20.73
C GLY B 148 32.03 55.66 -19.56
N ARG B 149 30.94 54.98 -19.89
CA ARG B 149 29.90 54.65 -18.92
C ARG B 149 29.93 53.18 -18.50
N GLY B 150 29.89 52.27 -19.47
CA GLY B 150 29.90 50.85 -19.15
C GLY B 150 30.66 50.01 -20.15
N TYR B 151 30.10 48.86 -20.51
CA TYR B 151 30.71 47.97 -21.51
C TYR B 151 30.27 48.45 -22.88
N GLU B 152 31.20 49.04 -23.62
CA GLU B 152 30.91 49.53 -24.97
C GLU B 152 31.66 48.66 -25.97
N PRO B 153 30.98 47.77 -26.68
CA PRO B 153 31.68 46.95 -27.68
C PRO B 153 32.15 47.80 -28.86
N ALA B 154 33.18 47.29 -29.55
CA ALA B 154 33.71 48.02 -30.70
C ALA B 154 32.69 48.09 -31.83
N ASP B 155 31.84 47.08 -31.96
CA ASP B 155 30.84 47.08 -33.02
C ASP B 155 29.86 48.23 -32.87
N ALA B 156 29.42 48.52 -31.64
CA ALA B 156 28.48 49.60 -31.38
C ALA B 156 29.22 50.89 -31.10
N ARG B 157 29.98 51.35 -32.11
CA ARG B 157 30.77 52.58 -32.02
C ARG B 157 31.71 52.58 -30.82
N ARG B 169 42.62 46.34 -35.33
CA ARG B 169 43.42 46.86 -34.21
C ARG B 169 42.97 48.27 -33.84
N LEU B 170 42.51 49.02 -34.83
CA LEU B 170 42.10 50.40 -34.59
C LEU B 170 40.88 50.50 -33.70
N GLN B 171 40.17 49.40 -33.47
CA GLN B 171 39.02 49.38 -32.58
C GLN B 171 39.14 48.19 -31.64
N LEU B 172 38.62 48.34 -30.42
CA LEU B 172 38.65 47.27 -29.44
C LEU B 172 37.52 47.49 -28.44
N ASP B 173 36.99 46.39 -27.92
CA ASP B 173 35.88 46.48 -26.98
C ASP B 173 36.33 47.14 -25.68
N ALA B 174 35.56 48.13 -25.25
CA ALA B 174 35.92 48.94 -24.10
C ALA B 174 35.06 48.55 -22.91
N SER B 175 35.73 48.38 -21.76
CA SER B 175 35.08 48.03 -20.50
C SER B 175 35.32 49.19 -19.55
N PHE B 176 34.43 50.18 -19.60
CA PHE B 176 34.63 51.41 -18.84
C PHE B 176 34.29 51.21 -17.36
N SER B 177 33.29 50.40 -17.07
CA SER B 177 32.83 50.26 -15.69
C SER B 177 33.94 49.66 -14.84
N PRO B 178 34.14 50.17 -13.62
CA PRO B 178 35.24 49.68 -12.78
C PRO B 178 35.06 48.28 -12.25
N VAL B 179 33.87 47.71 -12.33
CA VAL B 179 33.61 46.37 -11.81
C VAL B 179 33.79 45.36 -12.93
N ARG B 180 34.39 44.21 -12.60
CA ARG B 180 34.59 43.12 -13.56
C ARG B 180 33.41 42.15 -13.57
N ARG B 181 32.89 41.78 -12.41
CA ARG B 181 31.81 40.80 -12.33
C ARG B 181 30.90 41.16 -11.17
N VAL B 182 29.60 41.18 -11.44
CA VAL B 182 28.58 41.39 -10.42
C VAL B 182 27.63 40.21 -10.42
N SER B 183 27.41 39.62 -9.24
CA SER B 183 26.39 38.61 -9.08
C SER B 183 25.72 38.83 -7.73
N TYR B 184 24.44 38.47 -7.66
CA TYR B 184 23.72 38.61 -6.41
C TYR B 184 22.76 37.44 -6.27
N VAL B 185 22.57 36.99 -5.03
CA VAL B 185 21.61 35.96 -4.71
C VAL B 185 20.83 36.40 -3.49
N VAL B 186 19.60 35.92 -3.37
CA VAL B 186 18.74 36.23 -2.23
C VAL B 186 18.39 34.93 -1.54
N GLU B 187 18.56 34.89 -0.22
CA GLU B 187 18.25 33.73 0.58
C GLU B 187 17.31 34.14 1.72
N ASN B 188 16.56 33.17 2.21
CA ASN B 188 15.60 33.43 3.27
C ASN B 188 16.31 33.82 4.55
N ALA B 189 15.79 34.85 5.22
CA ALA B 189 16.31 35.33 6.49
C ALA B 189 15.28 35.07 7.56
N ARG B 190 15.73 34.61 8.73
CA ARG B 190 14.85 34.22 9.82
C ARG B 190 14.79 35.34 10.85
N VAL B 191 13.62 35.94 11.00
CA VAL B 191 13.34 36.90 12.07
C VAL B 191 12.48 36.18 13.10
N GLU B 192 12.55 36.62 14.37
CA GLU B 192 11.92 35.93 15.48
C GLU B 192 10.48 35.48 15.17
N GLN B 193 9.60 36.42 14.87
CA GLN B 193 8.20 36.11 14.64
C GLN B 193 7.73 36.27 13.20
N ARG B 194 8.48 36.99 12.36
CA ARG B 194 8.18 37.07 10.94
C ARG B 194 8.64 35.82 10.20
N THR B 195 9.93 35.48 10.32
CA THR B 195 10.51 34.20 9.92
C THR B 195 10.54 34.01 8.40
N ASN B 196 9.91 34.91 7.64
CA ASN B 196 9.83 34.73 6.19
C ASN B 196 10.22 36.06 5.55
N LEU B 197 11.51 36.23 5.33
CA LEU B 197 12.08 37.40 4.67
C LEU B 197 13.19 36.94 3.75
N ASP B 198 13.93 37.89 3.19
CA ASP B 198 14.97 37.59 2.23
C ASP B 198 16.26 38.32 2.60
N LYS B 199 17.39 37.73 2.23
CA LYS B 199 18.70 38.24 2.57
C LYS B 199 19.56 38.35 1.32
N LEU B 200 20.01 39.57 1.02
CA LEU B 200 20.76 39.85 -0.19
C LEU B 200 22.24 39.57 0.03
N VAL B 201 22.80 38.68 -0.78
CA VAL B 201 24.23 38.42 -0.81
C VAL B 201 24.73 38.89 -2.16
N LEU B 202 25.48 40.00 -2.17
CA LEU B 202 25.98 40.59 -3.40
C LEU B 202 27.49 40.49 -3.39
N ASP B 203 28.05 39.91 -4.44
CA ASP B 203 29.50 39.76 -4.57
C ASP B 203 30.00 40.64 -5.69
N LEU B 204 31.17 41.24 -5.47
CA LEU B 204 31.76 42.19 -6.41
C LEU B 204 33.18 41.76 -6.76
N GLU B 205 33.70 42.32 -7.84
CA GLU B 205 35.13 42.22 -8.14
C GLU B 205 35.48 43.31 -9.13
N THR B 206 36.29 44.27 -8.70
CA THR B 206 36.70 45.39 -9.53
C THR B 206 38.09 45.16 -10.12
N ASN B 207 38.52 46.10 -10.97
CA ASN B 207 39.87 46.03 -11.50
C ASN B 207 40.90 46.34 -10.42
N GLY B 208 40.45 46.87 -9.29
CA GLY B 208 41.33 47.39 -8.27
C GLY B 208 41.39 48.90 -8.24
N THR B 209 40.86 49.58 -9.26
CA THR B 209 40.80 51.04 -9.24
C THR B 209 39.89 51.57 -8.15
N LEU B 210 38.87 50.81 -7.76
CA LEU B 210 38.03 51.19 -6.62
C LEU B 210 37.80 49.98 -5.73
N ASP B 211 37.84 50.22 -4.42
CA ASP B 211 37.44 49.21 -3.46
C ASP B 211 35.97 48.84 -3.68
N PRO B 212 35.64 47.54 -3.65
CA PRO B 212 34.24 47.15 -3.87
C PRO B 212 33.27 47.83 -2.93
N GLU B 213 33.67 48.12 -1.70
CA GLU B 213 32.84 48.92 -0.80
C GLU B 213 32.59 50.30 -1.40
N GLU B 214 33.63 50.93 -1.95
CA GLU B 214 33.47 52.21 -2.60
C GLU B 214 32.60 52.10 -3.85
N ALA B 215 32.72 51.00 -4.60
CA ALA B 215 31.90 50.81 -5.78
C ALA B 215 30.43 50.68 -5.41
N ILE B 216 30.14 49.95 -4.33
CA ILE B 216 28.77 49.83 -3.86
C ILE B 216 28.24 51.18 -3.42
N ARG B 217 29.06 51.96 -2.70
CA ARG B 217 28.61 53.28 -2.28
C ARG B 217 28.34 54.18 -3.49
N ARG B 218 29.20 54.12 -4.51
CA ARG B 218 28.98 54.94 -5.70
C ARG B 218 27.70 54.53 -6.41
N ALA B 219 27.45 53.23 -6.54
CA ALA B 219 26.24 52.77 -7.21
C ALA B 219 24.99 53.21 -6.45
N ALA B 220 25.02 53.05 -5.13
CA ALA B 220 23.89 53.48 -4.30
C ALA B 220 23.67 54.98 -4.42
N THR B 221 24.75 55.76 -4.43
CA THR B 221 24.63 57.20 -4.56
C THR B 221 24.01 57.59 -5.89
N ILE B 222 24.45 56.93 -6.97
CA ILE B 222 23.92 57.24 -8.29
C ILE B 222 22.42 56.92 -8.36
N LEU B 223 22.05 55.73 -7.86
CA LEU B 223 20.64 55.35 -7.90
C LEU B 223 19.81 56.28 -7.03
N GLN B 224 20.35 56.71 -5.88
CA GLN B 224 19.65 57.68 -5.05
C GLN B 224 19.46 59.01 -5.77
N GLN B 225 20.51 59.47 -6.48
CA GLN B 225 20.39 60.71 -7.24
C GLN B 225 19.37 60.59 -8.35
N GLN B 226 19.11 59.38 -8.83
CA GLN B 226 18.14 59.21 -9.91
C GLN B 226 16.74 59.61 -9.51
N LEU B 227 16.38 59.55 -8.23
CA LEU B 227 15.06 59.94 -7.80
C LEU B 227 15.08 60.78 -6.53
N ALA B 228 16.15 61.54 -6.33
CA ALA B 228 16.25 62.42 -5.16
C ALA B 228 15.33 63.63 -5.26
N ALA B 229 14.83 63.94 -6.45
CA ALA B 229 14.01 65.14 -6.63
C ALA B 229 12.66 65.01 -5.91
N PHE B 230 12.07 63.82 -5.95
CA PHE B 230 10.72 63.64 -5.45
C PHE B 230 10.63 63.01 -4.05
N VAL B 231 11.74 62.51 -3.51
CA VAL B 231 11.72 61.96 -2.16
C VAL B 231 11.62 63.11 -1.16
N ASP B 232 10.88 62.89 -0.09
CA ASP B 232 10.76 63.91 0.96
C ASP B 232 10.53 63.28 2.33
N TYR C 3 -36.32 28.14 -27.06
CA TYR C 3 -35.14 28.73 -26.43
C TYR C 3 -35.43 28.99 -24.96
N SER C 4 -34.77 28.27 -24.07
CA SER C 4 -35.14 28.29 -22.66
C SER C 4 -34.54 29.49 -21.96
N TYR C 5 -35.00 29.71 -20.72
CA TYR C 5 -34.61 30.91 -19.97
C TYR C 5 -33.20 30.80 -19.42
N THR C 6 -32.81 29.62 -18.96
CA THR C 6 -31.52 29.46 -18.30
C THR C 6 -30.36 29.73 -19.27
N GLU C 7 -30.46 29.19 -20.48
CA GLU C 7 -29.39 29.41 -21.46
C GLU C 7 -29.30 30.87 -21.89
N LYS C 8 -30.40 31.61 -21.83
CA LYS C 8 -30.40 33.03 -22.22
C LYS C 8 -29.43 33.87 -21.42
N LYS C 9 -28.84 33.31 -20.36
CA LYS C 9 -27.87 34.02 -19.53
C LYS C 9 -26.46 33.95 -20.11
N ARG C 10 -26.09 32.84 -20.72
CA ARG C 10 -24.76 32.67 -21.28
C ARG C 10 -24.79 31.56 -22.32
N ILE C 11 -24.28 31.86 -23.51
CA ILE C 11 -24.23 30.91 -24.61
C ILE C 11 -22.81 30.39 -24.74
N ARG C 12 -22.67 29.06 -24.79
CA ARG C 12 -21.38 28.44 -25.09
C ARG C 12 -21.21 28.32 -26.59
N LYS C 13 -20.11 28.85 -27.10
CA LYS C 13 -19.78 28.65 -28.52
C LYS C 13 -19.36 27.21 -28.72
N ASP C 14 -20.19 26.44 -29.38
CA ASP C 14 -19.95 25.02 -29.61
C ASP C 14 -19.31 24.81 -30.96
N PHE C 15 -18.26 23.98 -31.01
CA PHE C 15 -17.57 23.63 -32.23
C PHE C 15 -18.05 22.30 -32.80
N SER C 16 -19.29 21.94 -32.54
CA SER C 16 -19.83 20.68 -33.04
C SER C 16 -20.01 20.76 -34.55
N LYS C 17 -19.28 19.89 -35.22
CA LYS C 17 -19.42 19.81 -36.68
C LYS C 17 -20.28 18.58 -36.99
N LEU C 18 -20.91 17.96 -35.98
CA LEU C 18 -21.81 16.82 -36.27
C LEU C 18 -23.16 16.96 -35.60
N PRO C 19 -24.26 16.42 -36.16
CA PRO C 19 -25.60 16.62 -35.62
C PRO C 19 -25.98 15.84 -34.36
N ASP C 20 -26.99 16.33 -33.61
CA ASP C 20 -27.41 15.69 -32.34
C ASP C 20 -28.59 14.76 -32.59
N VAL C 21 -28.40 13.72 -33.38
CA VAL C 21 -29.44 12.76 -33.71
C VAL C 21 -30.26 12.38 -32.49
N MET C 22 -29.60 12.13 -31.35
CA MET C 22 -30.28 11.78 -30.11
C MET C 22 -29.71 12.61 -28.98
N ASP C 23 -30.60 13.22 -28.21
CA ASP C 23 -30.18 13.98 -27.04
C ASP C 23 -29.63 13.04 -25.96
N VAL C 24 -28.70 13.55 -25.17
CA VAL C 24 -28.08 12.70 -24.15
C VAL C 24 -29.15 12.23 -23.18
N PRO C 25 -29.27 10.93 -22.92
CA PRO C 25 -30.31 10.43 -22.03
C PRO C 25 -30.02 10.81 -20.59
N TYR C 26 -31.02 10.57 -19.74
CA TYR C 26 -30.87 10.87 -18.32
C TYR C 26 -29.71 10.06 -17.74
N LEU C 27 -28.90 10.70 -16.90
CA LEU C 27 -27.61 10.13 -16.56
C LEU C 27 -27.74 9.05 -15.50
N LEU C 28 -28.63 9.25 -14.53
CA LEU C 28 -28.81 8.32 -13.42
C LEU C 28 -29.95 7.34 -13.62
N ALA C 29 -30.44 7.18 -14.85
CA ALA C 29 -31.58 6.30 -15.08
C ALA C 29 -31.26 4.85 -14.76
N ILE C 30 -29.98 4.46 -14.88
CA ILE C 30 -29.62 3.05 -14.69
C ILE C 30 -29.87 2.61 -13.25
N GLN C 31 -29.88 3.56 -12.32
CA GLN C 31 -30.13 3.21 -10.93
C GLN C 31 -31.60 3.40 -10.57
N LEU C 32 -32.19 4.52 -11.00
CA LEU C 32 -33.58 4.81 -10.66
C LEU C 32 -34.54 3.82 -11.31
N ASP C 33 -34.28 3.40 -12.55
CA ASP C 33 -35.14 2.42 -13.20
C ASP C 33 -35.14 1.11 -12.42
N SER C 34 -33.96 0.65 -12.01
CA SER C 34 -33.83 -0.65 -11.36
C SER C 34 -34.62 -0.71 -10.06
N TYR C 35 -34.46 0.31 -9.22
CA TYR C 35 -35.13 0.28 -7.92
C TYR C 35 -36.63 0.42 -8.06
N ARG C 36 -37.09 1.31 -8.94
CA ARG C 36 -38.53 1.46 -9.10
C ARG C 36 -39.17 0.24 -9.75
N GLU C 37 -38.41 -0.52 -10.55
CA GLU C 37 -38.92 -1.79 -11.05
C GLU C 37 -38.90 -2.85 -9.95
N PHE C 38 -37.91 -2.78 -9.07
CA PHE C 38 -37.82 -3.73 -7.97
C PHE C 38 -38.93 -3.51 -6.94
N LEU C 39 -39.39 -2.27 -6.79
CA LEU C 39 -40.41 -1.98 -5.78
C LEU C 39 -41.82 -2.20 -6.29
N GLN C 40 -42.08 -1.92 -7.57
CA GLN C 40 -43.41 -2.04 -8.17
C GLN C 40 -44.43 -1.19 -7.40
N ALA C 41 -44.13 0.11 -7.32
CA ALA C 41 -45.02 1.03 -6.61
C ALA C 41 -46.38 1.10 -7.29
N GLY C 42 -46.40 1.14 -8.61
CA GLY C 42 -47.65 1.18 -9.35
C GLY C 42 -48.22 -0.20 -9.63
N ALA C 43 -49.24 -0.58 -8.88
CA ALA C 43 -49.84 -1.90 -8.99
C ALA C 43 -51.24 -1.81 -9.59
N THR C 44 -51.47 -2.54 -10.67
CA THR C 44 -52.79 -2.64 -11.27
C THR C 44 -53.57 -3.75 -10.58
N LYS C 45 -54.69 -4.16 -11.19
CA LYS C 45 -55.43 -5.30 -10.68
C LYS C 45 -54.54 -6.55 -10.65
N GLU C 46 -53.67 -6.69 -11.64
CA GLU C 46 -52.62 -7.69 -11.65
C GLU C 46 -51.29 -6.98 -11.78
N GLN C 47 -50.50 -6.97 -10.70
CA GLN C 47 -49.20 -6.31 -10.74
C GLN C 47 -48.27 -7.02 -11.72
N PHE C 48 -47.33 -6.28 -12.27
CA PHE C 48 -46.43 -6.82 -13.28
C PHE C 48 -45.67 -8.02 -12.74
N ARG C 49 -45.67 -9.11 -13.51
CA ARG C 49 -45.00 -10.35 -13.10
C ARG C 49 -43.49 -10.27 -13.20
N ASP C 50 -42.93 -9.09 -13.44
CA ASP C 50 -41.50 -8.95 -13.62
C ASP C 50 -40.78 -9.10 -12.28
N VAL C 51 -39.46 -8.87 -12.32
CA VAL C 51 -38.64 -9.04 -11.13
C VAL C 51 -39.03 -8.01 -10.07
N GLY C 52 -38.68 -8.32 -8.83
CA GLY C 52 -38.94 -7.42 -7.73
C GLY C 52 -39.24 -8.19 -6.47
N LEU C 53 -39.73 -7.46 -5.47
CA LEU C 53 -40.21 -8.09 -4.25
C LEU C 53 -41.38 -9.01 -4.55
N HIS C 54 -42.27 -8.58 -5.45
CA HIS C 54 -43.39 -9.41 -5.87
C HIS C 54 -42.90 -10.71 -6.50
N ALA C 55 -41.84 -10.62 -7.31
CA ALA C 55 -41.29 -11.83 -7.93
C ALA C 55 -40.78 -12.80 -6.88
N ALA C 56 -40.08 -12.30 -5.86
CA ALA C 56 -39.58 -13.17 -4.81
C ALA C 56 -40.72 -13.79 -4.00
N PHE C 57 -41.76 -13.00 -3.71
CA PHE C 57 -42.89 -13.51 -2.95
C PHE C 57 -43.60 -14.62 -3.71
N LYS C 58 -43.84 -14.41 -5.02
CA LYS C 58 -44.36 -15.50 -5.85
C LYS C 58 -43.38 -16.66 -5.97
N SER C 59 -42.08 -16.40 -5.85
CA SER C 59 -41.10 -17.47 -5.91
C SER C 59 -41.20 -18.37 -4.69
N VAL C 60 -41.56 -17.80 -3.54
CA VAL C 60 -41.76 -18.57 -2.33
C VAL C 60 -43.25 -18.70 -1.98
N PHE C 61 -44.13 -18.62 -2.98
CA PHE C 61 -45.57 -18.58 -2.71
C PHE C 61 -46.11 -19.88 -2.12
N PRO C 62 -46.05 -21.02 -2.80
CA PRO C 62 -46.67 -22.22 -2.23
C PRO C 62 -45.79 -22.85 -1.16
N ILE C 63 -46.38 -23.02 0.02
CA ILE C 63 -45.73 -23.67 1.14
C ILE C 63 -46.60 -24.86 1.55
N ILE C 64 -45.99 -26.04 1.59
CA ILE C 64 -46.68 -27.27 1.94
C ILE C 64 -46.13 -27.75 3.27
N SER C 65 -47.03 -27.91 4.25
CA SER C 65 -46.62 -28.42 5.55
C SER C 65 -46.16 -29.87 5.45
N TYR C 66 -45.10 -30.19 6.18
CA TYR C 66 -44.54 -31.54 6.18
C TYR C 66 -45.56 -32.50 6.74
N SER C 67 -46.08 -33.39 5.88
CA SER C 67 -47.11 -34.36 6.24
C SER C 67 -48.33 -33.68 6.85
N GLY C 68 -48.70 -32.54 6.26
CA GLY C 68 -49.86 -31.79 6.72
C GLY C 68 -50.58 -31.15 5.56
N ASN C 69 -51.85 -30.83 5.79
CA ASN C 69 -52.70 -30.17 4.80
C ASN C 69 -52.91 -28.73 5.25
N ALA C 70 -51.96 -27.87 4.89
CA ALA C 70 -51.99 -26.47 5.26
C ALA C 70 -51.01 -25.69 4.39
N ALA C 71 -51.47 -24.61 3.75
CA ALA C 71 -50.64 -23.83 2.85
C ALA C 71 -50.78 -22.35 3.15
N LEU C 72 -49.74 -21.60 2.81
CA LEU C 72 -49.73 -20.14 2.93
C LEU C 72 -49.71 -19.53 1.53
N GLU C 73 -50.88 -19.17 1.03
CA GLU C 73 -50.97 -18.45 -0.23
C GLU C 73 -50.71 -16.97 0.01
N TYR C 74 -50.01 -16.34 -0.92
CA TYR C 74 -49.68 -14.92 -0.83
C TYR C 74 -50.59 -14.11 -1.73
N VAL C 75 -51.09 -13.00 -1.20
CA VAL C 75 -51.76 -11.99 -2.00
C VAL C 75 -50.79 -10.83 -2.18
N GLY C 76 -51.18 -9.87 -3.01
CA GLY C 76 -50.34 -8.73 -3.29
C GLY C 76 -49.95 -7.94 -2.06
N TYR C 77 -48.66 -7.62 -1.94
CA TYR C 77 -48.18 -6.87 -0.78
C TYR C 77 -48.56 -5.40 -0.91
N ARG C 78 -48.46 -4.69 0.22
CA ARG C 78 -48.77 -3.27 0.26
C ARG C 78 -47.60 -2.53 0.90
N LEU C 79 -46.93 -1.69 0.11
CA LEU C 79 -45.87 -0.85 0.63
C LEU C 79 -46.44 0.21 1.56
N GLY C 80 -45.71 0.51 2.62
CA GLY C 80 -46.12 1.53 3.55
C GLY C 80 -45.82 2.94 3.04
N GLU C 81 -46.13 3.91 3.88
CA GLU C 81 -45.83 5.30 3.57
C GLU C 81 -44.56 5.72 4.29
N PRO C 82 -43.74 6.58 3.70
CA PRO C 82 -42.49 6.98 4.36
C PRO C 82 -42.78 7.70 5.67
N ALA C 83 -42.11 7.23 6.73
CA ALA C 83 -42.34 7.84 8.05
C ALA C 83 -41.72 9.23 8.13
N PHE C 84 -40.58 9.44 7.49
CA PHE C 84 -39.87 10.71 7.55
C PHE C 84 -39.52 11.17 6.14
N ASP C 85 -39.34 12.48 6.01
CA ASP C 85 -38.82 13.06 4.77
C ASP C 85 -37.31 12.89 4.74
N VAL C 86 -36.76 12.79 3.52
CA VAL C 86 -35.35 12.43 3.36
C VAL C 86 -34.46 13.43 4.09
N LYS C 87 -34.79 14.72 4.02
CA LYS C 87 -34.04 15.73 4.76
C LYS C 87 -34.12 15.47 6.26
N GLU C 88 -35.31 15.10 6.74
CA GLU C 88 -35.47 14.77 8.15
C GLU C 88 -34.63 13.54 8.52
N CYS C 89 -34.58 12.55 7.64
CA CYS C 89 -33.76 11.37 7.91
C CYS C 89 -32.28 11.73 7.99
N VAL C 90 -31.81 12.58 7.08
CA VAL C 90 -30.42 13.03 7.13
C VAL C 90 -30.16 13.78 8.43
N LEU C 91 -31.12 14.59 8.87
CA LEU C 91 -30.96 15.32 10.13
C LEU C 91 -30.93 14.38 11.33
N ARG C 92 -31.71 13.30 11.30
CA ARG C 92 -31.89 12.44 12.46
C ARG C 92 -31.24 11.07 12.32
N GLY C 93 -31.24 10.48 11.13
CA GLY C 93 -30.70 9.14 10.96
C GLY C 93 -31.75 8.06 11.01
N VAL C 94 -32.83 8.24 10.25
CA VAL C 94 -33.97 7.32 10.28
C VAL C 94 -33.97 6.32 9.14
N THR C 95 -32.92 6.29 8.33
CA THR C 95 -32.70 5.36 7.22
C THR C 95 -33.71 5.53 6.09
N PHE C 96 -34.62 6.50 6.17
CA PHE C 96 -35.55 6.84 5.08
C PHE C 96 -36.30 5.61 4.58
N ALA C 97 -36.66 4.75 5.53
CA ALA C 97 -37.26 3.47 5.21
C ALA C 97 -38.78 3.60 5.04
N VAL C 98 -39.38 2.60 4.41
CA VAL C 98 -40.82 2.55 4.24
C VAL C 98 -41.30 1.16 4.67
N PRO C 99 -42.38 1.05 5.43
CA PRO C 99 -42.81 -0.27 5.92
C PRO C 99 -43.30 -1.16 4.79
N LEU C 100 -43.15 -2.46 5.01
CA LEU C 100 -43.57 -3.48 4.06
C LEU C 100 -44.54 -4.42 4.72
N ARG C 101 -45.69 -4.66 4.07
CA ARG C 101 -46.68 -5.59 4.56
C ARG C 101 -47.30 -6.34 3.39
N VAL C 102 -47.63 -7.60 3.63
CA VAL C 102 -48.16 -8.49 2.61
C VAL C 102 -49.37 -9.22 3.17
N LYS C 103 -50.28 -9.60 2.27
CA LYS C 103 -51.48 -10.34 2.65
C LYS C 103 -51.25 -11.82 2.33
N VAL C 104 -51.41 -12.66 3.34
CA VAL C 104 -51.23 -14.11 3.18
C VAL C 104 -52.48 -14.81 3.72
N ARG C 105 -52.76 -15.97 3.13
CA ARG C 105 -53.91 -16.78 3.51
C ARG C 105 -53.43 -18.13 4.00
N LEU C 106 -53.77 -18.48 5.23
CA LEU C 106 -53.47 -19.80 5.80
C LEU C 106 -54.69 -20.69 5.58
N ILE C 107 -54.57 -21.64 4.67
CA ILE C 107 -55.68 -22.51 4.30
C ILE C 107 -55.34 -23.91 4.77
N ILE C 108 -56.14 -24.43 5.71
CA ILE C 108 -55.96 -25.80 6.17
C ILE C 108 -57.00 -26.70 5.53
N PHE C 109 -56.70 -28.00 5.51
CA PHE C 109 -57.59 -28.98 4.90
C PHE C 109 -57.68 -30.20 5.81
N ASP C 110 -58.52 -31.16 5.41
CA ASP C 110 -58.73 -32.39 6.14
C ASP C 110 -57.86 -33.54 5.60
N ARG C 111 -56.98 -33.24 4.64
CA ARG C 111 -56.11 -34.24 4.02
C ARG C 111 -56.92 -35.38 3.41
N GLU C 112 -58.03 -35.02 2.75
CA GLU C 112 -58.91 -35.98 2.10
C GLU C 112 -58.76 -35.93 0.57
N SER C 113 -57.66 -35.36 0.08
CA SER C 113 -57.38 -35.23 -1.35
C SER C 113 -58.44 -34.42 -2.09
N SER C 114 -59.08 -33.48 -1.40
CA SER C 114 -60.11 -32.65 -2.00
C SER C 114 -60.25 -31.37 -1.20
N ASN C 115 -61.32 -30.62 -1.47
CA ASN C 115 -61.63 -29.39 -0.74
C ASN C 115 -62.44 -29.75 0.50
N LYS C 116 -61.73 -30.19 1.53
CA LYS C 116 -62.33 -30.55 2.81
C LYS C 116 -61.74 -29.71 3.92
N ALA C 117 -62.51 -29.57 5.00
CA ALA C 117 -62.14 -28.74 6.15
C ALA C 117 -61.80 -27.32 5.71
N ILE C 118 -62.82 -26.66 5.17
CA ILE C 118 -62.65 -25.34 4.57
C ILE C 118 -62.48 -24.31 5.66
N LYS C 119 -61.24 -23.92 5.92
CA LYS C 119 -60.92 -22.87 6.89
C LYS C 119 -59.77 -22.05 6.31
N ASP C 120 -60.11 -20.97 5.61
CA ASP C 120 -59.13 -20.11 4.95
C ASP C 120 -59.04 -18.82 5.74
N ILE C 121 -57.93 -18.62 6.44
CA ILE C 121 -57.67 -17.42 7.22
C ILE C 121 -56.73 -16.54 6.42
N LYS C 122 -57.28 -15.48 5.81
CA LYS C 122 -56.50 -14.54 5.02
C LYS C 122 -56.46 -13.20 5.74
N GLU C 123 -55.25 -12.71 6.00
CA GLU C 123 -55.07 -11.44 6.69
C GLU C 123 -53.72 -10.86 6.31
N GLN C 124 -53.60 -9.54 6.49
CA GLN C 124 -52.34 -8.86 6.19
C GLN C 124 -51.28 -9.29 7.21
N GLU C 125 -50.14 -9.76 6.70
CA GLU C 125 -49.10 -10.28 7.59
C GLU C 125 -48.46 -9.15 8.39
N VAL C 126 -47.53 -9.55 9.25
CA VAL C 126 -46.81 -8.61 10.10
C VAL C 126 -45.93 -7.70 9.25
N TYR C 127 -45.44 -6.62 9.84
CA TYR C 127 -44.58 -5.67 9.14
C TYR C 127 -43.24 -6.36 8.87
N MET C 128 -43.06 -6.85 7.65
CA MET C 128 -41.87 -7.61 7.28
C MET C 128 -40.75 -6.63 6.94
N GLY C 129 -40.24 -5.98 7.98
CA GLY C 129 -39.12 -5.08 7.80
C GLY C 129 -39.53 -3.77 7.14
N GLU C 130 -38.51 -3.04 6.69
CA GLU C 130 -38.71 -1.75 6.04
C GLU C 130 -37.67 -1.59 4.94
N ILE C 131 -38.12 -1.18 3.75
CA ILE C 131 -37.25 -1.02 2.59
C ILE C 131 -36.72 0.41 2.56
N PRO C 132 -35.44 0.61 2.20
CA PRO C 132 -34.85 1.95 2.34
C PRO C 132 -35.33 2.97 1.32
N LEU C 133 -35.99 2.57 0.24
CA LEU C 133 -36.74 3.49 -0.62
C LEU C 133 -35.84 4.60 -1.17
N MET C 134 -34.96 4.19 -2.09
CA MET C 134 -34.00 5.06 -2.75
C MET C 134 -34.55 6.44 -3.09
N THR C 135 -33.76 7.48 -2.82
CA THR C 135 -34.18 8.86 -3.02
C THR C 135 -34.20 9.18 -4.52
N GLU C 136 -34.80 10.32 -4.87
CA GLU C 136 -34.94 10.74 -6.25
C GLU C 136 -33.63 11.02 -6.95
N ASN C 137 -32.53 11.16 -6.20
CA ASN C 137 -31.23 11.45 -6.79
C ASN C 137 -30.38 10.21 -7.01
N GLY C 138 -30.96 9.01 -6.84
CA GLY C 138 -30.25 7.77 -7.09
C GLY C 138 -29.56 7.18 -5.88
N THR C 139 -29.59 7.85 -4.74
CA THR C 139 -29.00 7.36 -3.51
C THR C 139 -30.10 7.16 -2.48
N PHE C 140 -29.71 6.60 -1.34
CA PHE C 140 -30.62 6.49 -0.20
C PHE C 140 -29.83 6.62 1.09
N ILE C 141 -30.54 7.06 2.12
CA ILE C 141 -29.94 7.37 3.42
C ILE C 141 -30.01 6.14 4.31
N ILE C 142 -28.86 5.72 4.83
CA ILE C 142 -28.78 4.63 5.79
C ILE C 142 -28.08 5.15 7.03
N ASN C 143 -28.80 5.19 8.15
CA ASN C 143 -28.30 5.75 9.41
C ASN C 143 -27.79 7.18 9.27
N GLY C 144 -28.45 7.98 8.45
CA GLY C 144 -28.12 9.38 8.30
C GLY C 144 -27.05 9.69 7.27
N THR C 145 -26.42 8.67 6.69
CA THR C 145 -25.36 8.87 5.72
C THR C 145 -25.84 8.45 4.33
N GLU C 146 -25.53 9.28 3.34
CA GLU C 146 -25.90 8.99 1.96
C GLU C 146 -24.99 7.91 1.40
N ARG C 147 -25.60 6.81 0.97
CA ARG C 147 -24.86 5.68 0.42
C ARG C 147 -25.44 5.30 -0.94
N VAL C 148 -24.58 4.77 -1.81
CA VAL C 148 -24.97 4.37 -3.15
C VAL C 148 -24.57 2.92 -3.36
N ILE C 149 -25.45 2.18 -4.03
CA ILE C 149 -25.20 0.81 -4.42
C ILE C 149 -24.58 0.83 -5.80
N VAL C 150 -23.31 0.46 -5.89
CA VAL C 150 -22.65 0.37 -7.18
C VAL C 150 -23.09 -0.89 -7.89
N SER C 151 -23.49 -0.74 -9.15
CA SER C 151 -23.93 -1.86 -9.95
C SER C 151 -22.78 -2.82 -10.19
N GLN C 152 -23.07 -4.12 -10.12
CA GLN C 152 -22.05 -5.14 -10.29
C GLN C 152 -22.21 -5.80 -11.66
N LEU C 153 -21.08 -6.07 -12.29
CA LEU C 153 -21.04 -6.85 -13.52
C LEU C 153 -20.36 -8.18 -13.22
N HIS C 154 -21.01 -9.26 -13.60
CA HIS C 154 -20.57 -10.61 -13.25
C HIS C 154 -20.82 -11.55 -14.42
N ARG C 155 -20.28 -12.76 -14.32
CA ARG C 155 -20.51 -13.76 -15.34
C ARG C 155 -21.99 -14.07 -15.45
N SER C 156 -22.49 -14.06 -16.67
CA SER C 156 -23.91 -14.28 -16.89
C SER C 156 -24.26 -15.74 -16.62
N PRO C 157 -25.42 -16.01 -16.04
CA PRO C 157 -25.85 -17.40 -15.89
C PRO C 157 -26.08 -18.06 -17.24
N GLY C 158 -25.77 -19.32 -17.32
CA GLY C 158 -25.92 -20.07 -18.55
C GLY C 158 -24.84 -21.15 -18.65
N VAL C 159 -24.36 -21.37 -19.87
CA VAL C 159 -23.32 -22.35 -20.14
C VAL C 159 -22.15 -21.66 -20.83
N PHE C 160 -20.94 -22.08 -20.49
CA PHE C 160 -19.73 -21.51 -21.08
C PHE C 160 -18.78 -22.62 -21.47
N PHE C 161 -18.13 -22.45 -22.62
CA PHE C 161 -17.17 -23.39 -23.13
C PHE C 161 -15.79 -22.74 -23.20
N ASP C 162 -14.80 -23.41 -22.62
CA ASP C 162 -13.44 -22.90 -22.60
C ASP C 162 -12.52 -23.89 -23.28
N HIS C 163 -11.59 -23.37 -24.09
CA HIS C 163 -10.59 -24.19 -24.75
C HIS C 163 -9.23 -23.48 -24.77
N ASP C 164 -8.95 -22.66 -23.76
CA ASP C 164 -7.71 -21.89 -23.74
C ASP C 164 -6.52 -22.82 -23.58
N ARG C 165 -5.45 -22.54 -24.31
CA ARG C 165 -4.24 -23.34 -24.23
C ARG C 165 -3.66 -23.26 -22.82
N GLY C 166 -3.42 -24.42 -22.22
CA GLY C 166 -2.95 -24.49 -20.87
C GLY C 166 -1.76 -25.43 -20.74
N LYS C 167 -0.97 -25.21 -19.70
CA LYS C 167 0.20 -26.04 -19.44
C LYS C 167 -0.10 -27.21 -18.52
N THR C 168 -1.37 -27.41 -18.13
CA THR C 168 -1.72 -28.51 -17.24
C THR C 168 -1.41 -29.86 -17.88
N HIS C 169 -1.74 -30.03 -19.16
CA HIS C 169 -1.50 -31.28 -19.86
C HIS C 169 -0.07 -31.44 -20.34
N SER C 170 0.71 -30.35 -20.35
CA SER C 170 2.09 -30.35 -20.85
C SER C 170 2.17 -30.88 -22.29
N SER C 171 1.08 -30.76 -23.04
CA SER C 171 1.03 -31.25 -24.40
C SER C 171 0.57 -30.14 -25.34
N GLY C 172 0.22 -30.50 -26.58
CA GLY C 172 -0.20 -29.54 -27.56
C GLY C 172 -1.40 -28.71 -27.17
N LYS C 173 -2.57 -29.34 -27.05
CA LYS C 173 -3.79 -28.63 -26.73
C LYS C 173 -4.77 -29.59 -26.09
N LEU C 174 -5.75 -29.02 -25.39
CA LEU C 174 -6.83 -29.78 -24.78
C LEU C 174 -8.09 -28.93 -24.74
N LEU C 175 -9.12 -29.38 -25.47
CA LEU C 175 -10.40 -28.69 -25.47
C LEU C 175 -10.99 -28.80 -24.07
N TYR C 176 -10.96 -27.69 -23.34
CA TYR C 176 -11.19 -27.71 -21.91
C TYR C 176 -12.68 -27.84 -21.61
N SER C 177 -13.04 -27.60 -20.36
CA SER C 177 -14.32 -28.00 -19.82
C SER C 177 -15.47 -27.19 -20.41
N ALA C 178 -16.68 -27.72 -20.22
CA ALA C 178 -17.93 -27.02 -20.46
C ALA C 178 -18.58 -26.77 -19.11
N ARG C 179 -18.89 -25.51 -18.82
CA ARG C 179 -19.28 -25.10 -17.48
C ARG C 179 -20.69 -24.55 -17.50
N ILE C 180 -21.48 -24.89 -16.48
CA ILE C 180 -22.83 -24.39 -16.30
C ILE C 180 -22.85 -23.56 -15.03
N ILE C 181 -23.35 -22.33 -15.12
CA ILE C 181 -23.43 -21.42 -13.99
C ILE C 181 -24.89 -20.99 -13.82
N PRO C 182 -25.51 -21.24 -12.67
CA PRO C 182 -26.88 -20.78 -12.44
C PRO C 182 -26.91 -19.43 -11.76
N TYR C 183 -28.11 -18.85 -11.69
CA TYR C 183 -28.31 -17.67 -10.87
C TYR C 183 -28.17 -17.99 -9.39
N ARG C 184 -28.70 -19.13 -8.97
CA ARG C 184 -28.56 -19.58 -7.59
C ARG C 184 -28.67 -21.10 -7.58
N GLY C 185 -27.64 -21.77 -7.06
CA GLY C 185 -27.59 -23.21 -7.00
C GLY C 185 -26.18 -23.70 -7.25
N SER C 186 -26.05 -25.02 -7.41
CA SER C 186 -24.76 -25.65 -7.60
C SER C 186 -24.30 -25.50 -9.05
N TRP C 187 -22.98 -25.46 -9.24
CA TRP C 187 -22.39 -25.29 -10.56
C TRP C 187 -21.83 -26.61 -11.06
N LEU C 188 -22.23 -27.00 -12.27
CA LEU C 188 -21.78 -28.24 -12.88
C LEU C 188 -20.74 -27.96 -13.94
N ASP C 189 -19.65 -28.73 -13.91
CA ASP C 189 -18.56 -28.61 -14.87
C ASP C 189 -18.42 -29.91 -15.62
N PHE C 190 -18.13 -29.81 -16.93
CA PHE C 190 -17.92 -30.98 -17.78
C PHE C 190 -16.49 -30.92 -18.28
N GLU C 191 -15.56 -31.45 -17.47
CA GLU C 191 -14.15 -31.39 -17.83
C GLU C 191 -13.83 -32.37 -18.95
N PHE C 192 -12.61 -32.26 -19.47
CA PHE C 192 -12.14 -33.10 -20.55
C PHE C 192 -10.75 -33.61 -20.18
N ASP C 193 -10.66 -34.91 -19.90
CA ASP C 193 -9.40 -35.51 -19.47
C ASP C 193 -8.38 -35.48 -20.60
N PRO C 194 -7.09 -35.46 -20.26
CA PRO C 194 -6.06 -35.46 -21.31
C PRO C 194 -6.12 -36.65 -22.24
N LYS C 195 -6.53 -37.82 -21.74
CA LYS C 195 -6.61 -39.02 -22.57
C LYS C 195 -8.00 -39.19 -23.19
N ASP C 196 -8.51 -38.12 -23.80
CA ASP C 196 -9.76 -38.14 -24.56
C ASP C 196 -10.92 -38.74 -23.75
N CYS C 197 -11.06 -38.28 -22.51
CA CYS C 197 -12.17 -38.69 -21.67
C CYS C 197 -12.86 -37.47 -21.08
N VAL C 198 -14.14 -37.61 -20.77
CA VAL C 198 -14.95 -36.54 -20.22
C VAL C 198 -15.24 -36.84 -18.76
N PHE C 199 -14.90 -35.89 -17.90
CA PHE C 199 -15.11 -36.04 -16.46
C PHE C 199 -15.99 -34.90 -15.97
N VAL C 200 -16.90 -35.23 -15.06
CA VAL C 200 -17.87 -34.28 -14.54
C VAL C 200 -17.69 -34.16 -13.04
N ARG C 201 -17.60 -32.92 -12.57
CA ARG C 201 -17.53 -32.66 -11.13
C ARG C 201 -18.46 -31.52 -10.78
N ILE C 202 -19.16 -31.66 -9.66
CA ILE C 202 -19.98 -30.60 -9.10
C ILE C 202 -19.04 -29.54 -8.53
N ASP C 203 -19.61 -28.39 -8.14
CA ASP C 203 -18.80 -27.26 -7.71
C ASP C 203 -17.87 -27.63 -6.56
N ARG C 204 -18.34 -28.47 -5.65
CA ARG C 204 -17.58 -28.79 -4.44
C ARG C 204 -17.27 -30.28 -4.35
N ARG C 205 -16.81 -30.88 -5.44
CA ARG C 205 -16.45 -32.29 -5.47
C ARG C 205 -15.24 -32.49 -6.37
N ARG C 206 -14.76 -33.71 -6.40
CA ARG C 206 -13.63 -34.10 -7.24
C ARG C 206 -14.12 -34.59 -8.60
N LYS C 207 -13.17 -34.73 -9.52
CA LYS C 207 -13.51 -35.12 -10.88
C LYS C 207 -14.06 -36.54 -10.91
N LEU C 208 -15.22 -36.71 -11.54
CA LEU C 208 -15.85 -38.00 -11.71
C LEU C 208 -16.21 -38.22 -13.18
N PRO C 209 -16.17 -39.46 -13.66
CA PRO C 209 -16.48 -39.72 -15.06
C PRO C 209 -17.89 -39.29 -15.42
N ALA C 210 -18.04 -38.75 -16.63
CA ALA C 210 -19.33 -38.25 -17.09
C ALA C 210 -20.36 -39.37 -17.20
N SER C 211 -19.91 -40.61 -17.39
CA SER C 211 -20.83 -41.73 -17.46
C SER C 211 -21.64 -41.88 -16.18
N VAL C 212 -21.07 -41.56 -15.03
CA VAL C 212 -21.81 -41.67 -13.77
C VAL C 212 -23.00 -40.72 -13.78
N LEU C 213 -22.77 -39.46 -14.16
CA LEU C 213 -23.86 -38.50 -14.22
C LEU C 213 -24.88 -38.88 -15.29
N LEU C 214 -24.40 -39.36 -16.45
CA LEU C 214 -25.31 -39.75 -17.52
C LEU C 214 -26.22 -40.89 -17.06
N ARG C 215 -25.67 -41.88 -16.37
CA ARG C 215 -26.47 -42.98 -15.86
C ARG C 215 -27.42 -42.52 -14.76
N ALA C 216 -26.94 -41.65 -13.87
CA ALA C 216 -27.80 -41.16 -12.80
C ALA C 216 -28.98 -40.36 -13.34
N LEU C 217 -28.78 -39.66 -14.46
CA LEU C 217 -29.89 -38.95 -15.08
C LEU C 217 -30.97 -39.89 -15.60
N GLY C 218 -30.65 -41.17 -15.75
CA GLY C 218 -31.60 -42.16 -16.22
C GLY C 218 -31.28 -42.74 -17.58
N TYR C 219 -30.24 -42.28 -18.27
CA TYR C 219 -29.87 -42.85 -19.55
C TYR C 219 -29.24 -44.22 -19.37
N SER C 220 -29.57 -45.14 -20.28
CA SER C 220 -29.01 -46.48 -20.21
C SER C 220 -27.55 -46.46 -20.65
N THR C 221 -26.79 -47.46 -20.19
CA THR C 221 -25.38 -47.56 -20.56
C THR C 221 -25.17 -47.81 -22.05
N GLU C 222 -26.21 -48.23 -22.77
CA GLU C 222 -26.15 -48.40 -24.21
C GLU C 222 -26.98 -47.38 -24.97
N GLU C 223 -28.07 -46.88 -24.38
CA GLU C 223 -28.86 -45.84 -25.03
C GLU C 223 -28.06 -44.55 -25.16
N ILE C 224 -27.31 -44.19 -24.11
CA ILE C 224 -26.51 -42.97 -24.14
C ILE C 224 -25.43 -43.06 -25.21
N LEU C 225 -24.78 -44.22 -25.32
CA LEU C 225 -23.73 -44.39 -26.31
C LEU C 225 -24.28 -44.21 -27.73
N ASN C 226 -25.43 -44.80 -28.01
CA ASN C 226 -26.03 -44.65 -29.34
C ASN C 226 -26.52 -43.23 -29.56
N ALA C 227 -26.98 -42.56 -28.50
CA ALA C 227 -27.51 -41.20 -28.65
C ALA C 227 -26.40 -40.18 -28.89
N PHE C 228 -25.23 -40.39 -28.30
CA PHE C 228 -24.14 -39.42 -28.38
C PHE C 228 -23.08 -39.79 -29.40
N TYR C 229 -22.48 -40.98 -29.29
CA TYR C 229 -21.37 -41.36 -30.16
C TYR C 229 -21.82 -41.60 -31.60
N ALA C 230 -23.10 -41.87 -31.83
CA ALA C 230 -23.59 -42.12 -33.18
C ALA C 230 -25.08 -41.80 -33.29
N THR C 340 -23.34 -52.07 -34.67
CA THR C 340 -21.93 -51.69 -34.81
C THR C 340 -21.64 -50.43 -34.00
N LEU C 341 -20.81 -49.55 -34.57
CA LEU C 341 -20.45 -48.29 -33.92
C LEU C 341 -20.09 -47.30 -35.02
N TYR C 342 -21.02 -46.40 -35.33
CA TYR C 342 -20.81 -45.40 -36.39
C TYR C 342 -19.91 -44.29 -35.85
N THR C 343 -18.68 -44.24 -36.35
CA THR C 343 -17.70 -43.25 -35.90
C THR C 343 -16.67 -43.06 -36.98
N ASN C 344 -15.76 -42.11 -36.74
CA ASN C 344 -14.65 -41.83 -37.64
C ASN C 344 -13.41 -41.54 -36.81
N ASP C 345 -12.27 -41.39 -37.50
CA ASP C 345 -10.98 -41.20 -36.84
C ASP C 345 -10.56 -39.74 -36.82
N ILE C 346 -10.47 -39.10 -37.98
CA ILE C 346 -10.00 -37.73 -38.05
C ILE C 346 -10.98 -36.79 -37.33
N ASP C 347 -12.26 -36.97 -37.59
CA ASP C 347 -13.32 -36.24 -36.91
C ASP C 347 -14.28 -37.22 -36.26
N CYS C 348 -15.23 -36.71 -35.47
CA CYS C 348 -16.20 -37.59 -34.75
C CYS C 348 -15.46 -38.64 -33.92
N GLY C 349 -14.70 -38.21 -32.91
CA GLY C 349 -13.93 -39.14 -32.06
C GLY C 349 -14.77 -39.84 -31.02
N PRO C 350 -14.27 -40.91 -30.37
CA PRO C 350 -15.02 -41.60 -29.33
C PRO C 350 -14.83 -40.98 -27.93
N PHE C 351 -15.10 -39.69 -27.78
CA PHE C 351 -14.84 -39.05 -26.47
C PHE C 351 -15.78 -39.62 -25.41
N ILE C 352 -17.06 -39.78 -25.75
CA ILE C 352 -18.04 -40.34 -24.77
C ILE C 352 -17.80 -41.85 -24.62
N SER C 353 -17.78 -42.58 -25.72
CA SER C 353 -17.63 -44.03 -25.63
C SER C 353 -16.46 -44.40 -24.73
N ASP C 354 -15.34 -43.69 -24.86
CA ASP C 354 -14.18 -43.98 -24.01
C ASP C 354 -14.49 -43.68 -22.55
N THR C 355 -15.20 -42.59 -22.28
CA THR C 355 -15.58 -42.27 -20.91
C THR C 355 -16.53 -43.31 -20.33
N LEU C 356 -17.50 -43.78 -21.14
CA LEU C 356 -18.46 -44.76 -20.65
C LEU C 356 -17.82 -46.11 -20.35
N LYS C 357 -16.60 -46.34 -20.81
CA LYS C 357 -15.89 -47.58 -20.53
C LYS C 357 -15.29 -47.63 -19.14
N ILE C 358 -15.63 -46.70 -18.23
CA ILE C 358 -15.03 -46.68 -16.90
C ILE C 358 -16.11 -46.55 -15.83
N ASP C 359 -15.69 -46.55 -14.57
CA ASP C 359 -16.47 -46.39 -13.35
C ASP C 359 -17.28 -47.63 -12.98
N ASN C 360 -17.38 -48.63 -13.86
CA ASN C 360 -18.04 -49.89 -13.57
C ASN C 360 -19.44 -49.69 -12.97
N THR C 361 -20.12 -48.64 -13.42
CA THR C 361 -21.44 -48.28 -12.91
C THR C 361 -22.48 -48.68 -13.94
N SER C 362 -23.33 -49.64 -13.57
CA SER C 362 -24.39 -50.12 -14.45
C SER C 362 -25.77 -49.66 -14.01
N ASN C 363 -26.15 -49.92 -12.77
CA ASN C 363 -27.46 -49.52 -12.28
C ASN C 363 -27.48 -48.04 -11.96
N GLN C 364 -28.65 -47.41 -12.14
CA GLN C 364 -28.80 -46.01 -11.76
C GLN C 364 -28.57 -45.81 -10.27
N LEU C 365 -28.88 -46.82 -9.46
CA LEU C 365 -28.60 -46.74 -8.03
C LEU C 365 -27.09 -46.67 -7.78
N GLU C 366 -26.30 -47.39 -8.57
CA GLU C 366 -24.85 -47.31 -8.43
C GLU C 366 -24.34 -45.91 -8.76
N ALA C 367 -24.86 -45.29 -9.81
CA ALA C 367 -24.48 -43.93 -10.15
C ALA C 367 -24.89 -42.96 -9.06
N LEU C 368 -26.11 -43.12 -8.52
CA LEU C 368 -26.57 -42.23 -7.47
C LEU C 368 -25.72 -42.36 -6.21
N VAL C 369 -25.36 -43.59 -5.84
CA VAL C 369 -24.55 -43.76 -4.64
C VAL C 369 -23.13 -43.27 -4.87
N GLU C 370 -22.61 -43.39 -6.09
CA GLU C 370 -21.29 -42.82 -6.39
C GLU C 370 -21.31 -41.31 -6.29
N ILE C 371 -22.37 -40.68 -6.79
CA ILE C 371 -22.50 -39.24 -6.68
C ILE C 371 -22.64 -38.81 -5.22
N TYR C 372 -23.40 -39.58 -4.43
CA TYR C 372 -23.52 -39.29 -3.01
C TYR C 372 -22.17 -39.42 -2.30
N ARG C 373 -21.39 -40.44 -2.66
CA ARG C 373 -20.05 -40.60 -2.09
C ARG C 373 -19.16 -39.43 -2.45
N MET C 374 -19.26 -38.94 -3.69
CA MET C 374 -18.42 -37.83 -4.12
C MET C 374 -18.81 -36.52 -3.42
N MET C 375 -20.09 -36.17 -3.48
CA MET C 375 -20.55 -34.90 -2.92
C MET C 375 -20.54 -34.90 -1.40
N ARG C 376 -20.85 -36.03 -0.77
CA ARG C 376 -20.93 -36.14 0.68
C ARG C 376 -20.04 -37.30 1.11
N PRO C 377 -18.74 -37.11 1.12
CA PRO C 377 -17.82 -38.19 1.46
C PRO C 377 -17.93 -38.59 2.93
N GLY C 378 -17.59 -39.83 3.20
CA GLY C 378 -17.62 -40.37 4.55
C GLY C 378 -18.90 -41.02 4.98
N GLU C 379 -19.99 -40.26 4.99
CA GLU C 379 -21.27 -40.79 5.47
C GLU C 379 -21.72 -41.94 4.59
N PRO C 380 -22.07 -43.09 5.16
CA PRO C 380 -22.56 -44.21 4.35
C PRO C 380 -23.87 -43.84 3.67
N PRO C 381 -23.97 -44.07 2.36
CA PRO C 381 -25.16 -43.61 1.63
C PRO C 381 -26.25 -44.66 1.55
N THR C 382 -27.50 -44.19 1.66
CA THR C 382 -28.68 -45.02 1.47
C THR C 382 -29.34 -44.64 0.15
N LYS C 383 -30.21 -45.52 -0.33
CA LYS C 383 -30.90 -45.27 -1.59
C LYS C 383 -31.73 -44.00 -1.52
N GLU C 384 -32.58 -43.89 -0.49
CA GLU C 384 -33.45 -42.73 -0.36
C GLU C 384 -32.64 -41.45 -0.16
N ALA C 385 -31.62 -41.50 0.69
CA ALA C 385 -30.83 -40.31 0.97
C ALA C 385 -30.09 -39.83 -0.27
N ALA C 386 -29.43 -40.76 -0.98
CA ALA C 386 -28.70 -40.39 -2.19
C ALA C 386 -29.64 -39.85 -3.26
N GLU C 387 -30.80 -40.51 -3.43
CA GLU C 387 -31.76 -40.05 -4.42
C GLU C 387 -32.27 -38.65 -4.09
N THR C 388 -32.59 -38.41 -2.82
CA THR C 388 -33.09 -37.10 -2.42
C THR C 388 -32.02 -36.03 -2.62
N LEU C 389 -30.77 -36.33 -2.25
CA LEU C 389 -29.70 -35.36 -2.42
C LEU C 389 -29.49 -35.04 -3.89
N PHE C 390 -29.47 -36.06 -4.75
CA PHE C 390 -29.28 -35.83 -6.17
C PHE C 390 -30.43 -35.01 -6.75
N GLY C 391 -31.67 -35.35 -6.40
CA GLY C 391 -32.80 -34.59 -6.89
C GLY C 391 -32.78 -33.14 -6.46
N ASN C 392 -32.45 -32.90 -5.19
CA ASN C 392 -32.38 -31.54 -4.68
C ASN C 392 -31.29 -30.75 -5.39
N LEU C 393 -30.13 -31.37 -5.60
CA LEU C 393 -29.05 -30.68 -6.30
C LEU C 393 -29.36 -30.46 -7.77
N PHE C 394 -30.18 -31.31 -8.38
CA PHE C 394 -30.37 -31.30 -9.82
C PHE C 394 -31.57 -30.46 -10.26
N PHE C 395 -32.77 -30.81 -9.82
CA PHE C 395 -33.98 -30.23 -10.42
C PHE C 395 -35.02 -29.88 -9.37
N SER C 396 -34.59 -29.18 -8.32
CA SER C 396 -35.54 -28.65 -7.35
C SER C 396 -35.69 -27.15 -7.53
N ALA C 397 -36.94 -26.68 -7.43
CA ALA C 397 -37.23 -25.26 -7.51
C ALA C 397 -36.53 -24.47 -6.40
N GLU C 398 -36.25 -25.10 -5.27
CA GLU C 398 -35.39 -24.53 -4.24
C GLU C 398 -34.00 -25.11 -4.40
N ARG C 399 -32.99 -24.40 -3.89
CA ARG C 399 -31.59 -24.82 -3.92
C ARG C 399 -31.02 -24.86 -5.34
N TYR C 400 -31.81 -24.52 -6.35
CA TYR C 400 -31.30 -24.39 -7.71
C TYR C 400 -32.30 -23.58 -8.54
N ASP C 401 -31.78 -22.64 -9.32
CA ASP C 401 -32.62 -21.84 -10.20
C ASP C 401 -31.76 -21.13 -11.23
N LEU C 402 -32.23 -21.15 -12.48
CA LEU C 402 -31.70 -20.28 -13.52
C LEU C 402 -32.70 -19.15 -13.74
N SER C 403 -32.23 -17.91 -13.65
CA SER C 403 -33.12 -16.79 -13.92
C SER C 403 -33.51 -16.79 -15.40
N ALA C 404 -34.39 -15.85 -15.76
CA ALA C 404 -34.82 -15.74 -17.15
C ALA C 404 -33.63 -15.54 -18.07
N VAL C 405 -32.67 -14.72 -17.63
CA VAL C 405 -31.44 -14.52 -18.41
C VAL C 405 -30.67 -15.82 -18.54
N GLY C 406 -30.58 -16.58 -17.45
CA GLY C 406 -29.84 -17.84 -17.51
C GLY C 406 -30.45 -18.84 -18.47
N ARG C 407 -31.78 -19.01 -18.39
CA ARG C 407 -32.45 -19.93 -19.30
C ARG C 407 -32.33 -19.46 -20.74
N MET C 408 -32.52 -18.16 -20.98
CA MET C 408 -32.44 -17.63 -22.33
C MET C 408 -31.05 -17.85 -22.92
N LYS C 409 -30.01 -17.56 -22.12
CA LYS C 409 -28.65 -17.70 -22.60
C LYS C 409 -28.27 -19.17 -22.81
N PHE C 410 -28.71 -20.06 -21.91
CA PHE C 410 -28.44 -21.47 -22.11
C PHE C 410 -29.11 -21.99 -23.37
N ASN C 411 -30.36 -21.62 -23.59
CA ASN C 411 -31.06 -22.04 -24.81
C ASN C 411 -30.38 -21.49 -26.05
N ARG C 412 -29.94 -20.22 -26.02
CA ARG C 412 -29.28 -19.65 -27.17
C ARG C 412 -27.94 -20.32 -27.45
N ARG C 413 -27.17 -20.60 -26.41
CA ARG C 413 -25.83 -21.17 -26.61
C ARG C 413 -25.90 -22.63 -27.05
N ILE C 414 -26.74 -23.44 -26.41
CA ILE C 414 -26.86 -24.84 -26.82
C ILE C 414 -27.65 -24.96 -28.11
N GLY C 415 -28.41 -23.95 -28.49
CA GLY C 415 -29.18 -23.97 -29.71
C GLY C 415 -30.63 -24.33 -29.46
N ARG C 416 -31.50 -23.33 -29.44
CA ARG C 416 -32.92 -23.55 -29.19
C ARG C 416 -33.67 -22.28 -29.57
N THR C 417 -34.82 -22.47 -30.20
CA THR C 417 -35.65 -21.35 -30.60
C THR C 417 -36.39 -20.71 -29.44
N GLU C 418 -36.79 -21.50 -28.44
CA GLU C 418 -37.52 -20.97 -27.31
C GLU C 418 -36.59 -20.15 -26.42
N ILE C 419 -36.93 -18.90 -26.19
CA ILE C 419 -36.14 -18.05 -25.29
C ILE C 419 -36.48 -18.38 -23.84
N GLU C 420 -37.76 -18.42 -23.52
CA GLU C 420 -38.22 -18.80 -22.19
C GLU C 420 -38.15 -20.31 -22.02
N GLY C 421 -37.89 -20.75 -20.79
CA GLY C 421 -37.82 -22.16 -20.48
C GLY C 421 -37.98 -22.44 -19.01
N PRO C 422 -37.81 -23.71 -18.62
CA PRO C 422 -37.91 -24.06 -17.20
C PRO C 422 -36.77 -23.44 -16.40
N GLY C 423 -37.07 -23.12 -15.15
CA GLY C 423 -36.09 -22.53 -14.26
C GLY C 423 -35.02 -23.50 -13.80
N VAL C 424 -35.34 -24.78 -13.80
CA VAL C 424 -34.43 -25.80 -13.36
C VAL C 424 -33.83 -26.49 -14.59
N LEU C 425 -32.72 -27.19 -14.39
CA LEU C 425 -32.08 -27.89 -15.50
C LEU C 425 -32.94 -29.04 -15.98
N SER C 426 -33.15 -29.11 -17.29
CA SER C 426 -33.98 -30.17 -17.86
C SER C 426 -33.20 -31.48 -17.92
N LYS C 427 -33.95 -32.57 -18.11
CA LYS C 427 -33.33 -33.88 -18.24
C LYS C 427 -32.44 -33.95 -19.47
N GLU C 428 -32.89 -33.36 -20.58
CA GLU C 428 -32.16 -33.36 -21.83
C GLU C 428 -31.18 -32.20 -21.94
N ASP C 429 -31.21 -31.27 -20.98
CA ASP C 429 -30.31 -30.13 -21.03
C ASP C 429 -28.85 -30.57 -20.89
N ILE C 430 -28.60 -31.49 -19.95
CA ILE C 430 -27.23 -31.99 -19.75
C ILE C 430 -26.76 -32.73 -20.99
N ILE C 431 -27.65 -33.47 -21.65
CA ILE C 431 -27.29 -34.16 -22.89
C ILE C 431 -26.92 -33.14 -23.96
N ASP C 432 -27.68 -32.05 -24.05
CA ASP C 432 -27.37 -31.01 -25.01
C ASP C 432 -26.03 -30.36 -24.73
N VAL C 433 -25.73 -30.08 -23.46
CA VAL C 433 -24.43 -29.51 -23.12
C VAL C 433 -23.31 -30.46 -23.48
N LEU C 434 -23.51 -31.76 -23.21
CA LEU C 434 -22.50 -32.75 -23.57
C LEU C 434 -22.29 -32.79 -25.09
N LYS C 435 -23.37 -32.74 -25.86
CA LYS C 435 -23.24 -32.74 -27.31
C LYS C 435 -22.49 -31.51 -27.79
N THR C 436 -22.82 -30.35 -27.24
CA THR C 436 -22.13 -29.12 -27.64
C THR C 436 -20.65 -29.18 -27.30
N LEU C 437 -20.31 -29.69 -26.12
CA LEU C 437 -18.91 -29.81 -25.74
C LEU C 437 -18.17 -30.79 -26.64
N VAL C 438 -18.81 -31.91 -26.97
CA VAL C 438 -18.16 -32.88 -27.86
C VAL C 438 -17.94 -32.29 -29.24
N ASP C 439 -18.92 -31.55 -29.76
CA ASP C 439 -18.76 -30.91 -31.06
C ASP C 439 -17.64 -29.88 -31.02
N ILE C 440 -17.57 -29.09 -29.93
CA ILE C 440 -16.49 -28.12 -29.79
C ILE C 440 -15.14 -28.81 -29.74
N ARG C 441 -15.08 -29.99 -29.09
CA ARG C 441 -13.84 -30.76 -29.08
C ARG C 441 -13.48 -31.26 -30.48
N ASN C 442 -14.46 -31.73 -31.25
CA ASN C 442 -14.21 -32.26 -32.58
C ASN C 442 -13.86 -31.18 -33.59
N GLY C 443 -14.07 -29.91 -33.26
CA GLY C 443 -13.80 -28.82 -34.18
C GLY C 443 -15.02 -28.07 -34.65
N LYS C 444 -16.22 -28.64 -34.52
CA LYS C 444 -17.44 -27.93 -34.88
C LYS C 444 -17.76 -26.87 -33.83
N GLY C 445 -18.01 -25.65 -34.28
CA GLY C 445 -18.25 -24.55 -33.38
C GLY C 445 -16.96 -24.00 -32.79
N ILE C 446 -17.12 -22.99 -31.95
CA ILE C 446 -16.00 -22.30 -31.31
C ILE C 446 -16.28 -22.19 -29.81
N VAL C 447 -15.20 -22.08 -29.05
CA VAL C 447 -15.31 -21.95 -27.60
C VAL C 447 -15.72 -20.53 -27.26
N ASP C 448 -16.46 -20.36 -26.17
CA ASP C 448 -16.89 -19.06 -25.71
C ASP C 448 -15.74 -18.35 -24.99
N ASP C 449 -15.74 -17.03 -25.08
CA ASP C 449 -14.73 -16.20 -24.44
C ASP C 449 -15.42 -15.17 -23.57
N ILE C 450 -14.82 -14.84 -22.42
CA ILE C 450 -15.47 -14.03 -21.40
C ILE C 450 -15.30 -12.54 -21.71
N ASP C 451 -14.55 -12.23 -22.77
CA ASP C 451 -14.32 -10.85 -23.17
C ASP C 451 -15.60 -10.14 -23.57
N HIS C 452 -16.47 -10.80 -24.32
CA HIS C 452 -17.70 -10.18 -24.80
C HIS C 452 -18.56 -9.71 -23.64
N LEU C 453 -19.06 -8.49 -23.76
CA LEU C 453 -19.97 -7.94 -22.75
C LEU C 453 -21.30 -8.67 -22.81
N GLY C 454 -21.52 -9.46 -23.86
CA GLY C 454 -22.65 -10.36 -23.89
C GLY C 454 -22.54 -11.49 -22.90
N ASN C 455 -21.35 -12.06 -22.74
CA ASN C 455 -21.14 -13.15 -21.80
C ASN C 455 -21.16 -12.67 -20.35
N ARG C 456 -21.05 -11.37 -20.12
CA ARG C 456 -21.21 -10.79 -18.80
C ARG C 456 -22.53 -10.03 -18.75
N ARG C 457 -22.94 -9.65 -17.54
CA ARG C 457 -24.15 -8.87 -17.36
C ARG C 457 -23.99 -7.96 -16.17
N VAL C 458 -24.69 -6.83 -16.21
CA VAL C 458 -24.59 -5.81 -15.17
C VAL C 458 -25.80 -5.93 -14.27
N ARG C 459 -25.55 -6.13 -12.98
CA ARG C 459 -26.62 -6.12 -11.99
C ARG C 459 -26.95 -4.66 -11.67
N CYS C 460 -27.77 -4.45 -10.64
CA CYS C 460 -28.11 -3.12 -10.17
C CYS C 460 -28.63 -3.25 -8.74
N VAL C 461 -29.06 -2.14 -8.15
CA VAL C 461 -29.53 -2.18 -6.78
C VAL C 461 -30.76 -3.09 -6.66
N GLY C 462 -31.63 -3.05 -7.66
CA GLY C 462 -32.85 -3.84 -7.59
C GLY C 462 -32.58 -5.33 -7.58
N GLU C 463 -31.68 -5.80 -8.42
CA GLU C 463 -31.45 -7.25 -8.55
C GLU C 463 -30.92 -7.85 -7.25
N MET C 464 -29.84 -7.28 -6.71
CA MET C 464 -29.27 -7.84 -5.49
C MET C 464 -30.10 -7.49 -4.26
N ALA C 465 -30.84 -6.38 -4.30
CA ALA C 465 -31.82 -6.13 -3.24
C ALA C 465 -32.87 -7.24 -3.22
N GLU C 466 -33.36 -7.63 -4.39
CA GLU C 466 -34.31 -8.74 -4.47
C GLU C 466 -33.66 -10.04 -4.03
N ASN C 467 -32.39 -10.24 -4.35
CA ASN C 467 -31.70 -11.45 -3.91
C ASN C 467 -31.61 -11.52 -2.39
N GLN C 468 -31.25 -10.41 -1.74
CA GLN C 468 -31.19 -10.40 -0.29
C GLN C 468 -32.58 -10.57 0.33
N PHE C 469 -33.59 -9.96 -0.29
CA PHE C 469 -34.96 -10.16 0.17
C PHE C 469 -35.37 -11.62 0.06
N ARG C 470 -34.96 -12.28 -1.03
CA ARG C 470 -35.28 -13.70 -1.20
C ARG C 470 -34.55 -14.55 -0.17
N VAL C 471 -33.32 -14.18 0.19
CA VAL C 471 -32.61 -14.92 1.23
C VAL C 471 -33.34 -14.81 2.57
N GLY C 472 -33.69 -13.59 2.96
CA GLY C 472 -34.45 -13.41 4.19
C GLY C 472 -35.79 -14.11 4.13
N LEU C 473 -36.42 -14.09 2.95
CA LEU C 473 -37.72 -14.73 2.78
C LEU C 473 -37.61 -16.24 2.90
N VAL C 474 -36.55 -16.84 2.36
CA VAL C 474 -36.41 -18.29 2.48
C VAL C 474 -36.11 -18.68 3.92
N ARG C 475 -35.34 -17.85 4.65
CA ARG C 475 -35.13 -18.15 6.06
C ARG C 475 -36.45 -18.07 6.85
N VAL C 476 -37.22 -17.01 6.61
CA VAL C 476 -38.51 -16.87 7.28
C VAL C 476 -39.45 -18.00 6.88
N GLU C 477 -39.40 -18.43 5.62
CA GLU C 477 -40.26 -19.50 5.15
C GLU C 477 -39.92 -20.81 5.83
N ARG C 478 -38.63 -21.12 5.96
CA ARG C 478 -38.24 -22.34 6.66
C ARG C 478 -38.67 -22.30 8.12
N ALA C 479 -38.49 -21.16 8.77
CA ALA C 479 -38.91 -21.03 10.16
C ALA C 479 -40.42 -21.20 10.30
N VAL C 480 -41.19 -20.61 9.39
CA VAL C 480 -42.64 -20.71 9.44
C VAL C 480 -43.09 -22.15 9.19
N LYS C 481 -42.47 -22.81 8.21
CA LYS C 481 -42.83 -24.19 7.91
C LYS C 481 -42.54 -25.09 9.12
N GLU C 482 -41.43 -24.85 9.81
CA GLU C 482 -41.18 -25.57 11.05
C GLU C 482 -42.24 -25.28 12.09
N ARG C 483 -42.62 -24.00 12.24
CA ARG C 483 -43.62 -23.63 13.23
C ARG C 483 -45.03 -24.02 12.78
N LEU C 484 -45.37 -23.76 11.52
CA LEU C 484 -46.73 -24.00 11.02
C LEU C 484 -46.82 -25.38 10.36
N SER C 485 -46.47 -26.39 11.14
CA SER C 485 -46.60 -27.78 10.72
C SER C 485 -47.48 -28.60 11.65
N MET C 486 -47.36 -28.41 12.96
CA MET C 486 -48.19 -29.10 13.93
C MET C 486 -49.26 -28.21 14.54
N ALA C 487 -49.15 -26.89 14.38
CA ALA C 487 -50.14 -25.98 14.93
C ALA C 487 -51.45 -26.08 14.16
N GLU C 488 -52.54 -25.82 14.86
CA GLU C 488 -53.87 -25.88 14.29
C GLU C 488 -54.24 -24.55 13.63
N SER C 489 -55.16 -24.62 12.66
CA SER C 489 -55.65 -23.40 12.03
C SER C 489 -56.34 -22.51 13.05
N GLU C 490 -57.12 -23.10 13.96
CA GLU C 490 -57.70 -22.33 15.04
C GLU C 490 -56.66 -21.95 16.10
N GLY C 491 -55.67 -22.82 16.31
CA GLY C 491 -54.69 -22.57 17.36
C GLY C 491 -53.71 -21.47 17.02
N LEU C 492 -53.50 -21.20 15.74
CA LEU C 492 -52.50 -20.22 15.30
C LEU C 492 -53.09 -19.32 14.24
N MET C 493 -52.75 -18.02 14.30
CA MET C 493 -53.13 -16.99 13.35
C MET C 493 -51.95 -16.67 12.42
N PRO C 494 -52.22 -16.21 11.20
CA PRO C 494 -51.11 -15.90 10.28
C PRO C 494 -50.14 -14.87 10.81
N GLN C 495 -50.62 -13.86 11.54
CA GLN C 495 -49.73 -12.85 12.10
C GLN C 495 -48.80 -13.42 13.17
N ASP C 496 -49.19 -14.51 13.84
CA ASP C 496 -48.38 -15.09 14.90
C ASP C 496 -47.43 -16.17 14.41
N LEU C 497 -47.52 -16.57 13.15
CA LEU C 497 -46.67 -17.64 12.64
C LEU C 497 -45.38 -17.10 12.03
N ILE C 498 -45.49 -16.06 11.22
CA ILE C 498 -44.35 -15.53 10.47
C ILE C 498 -43.51 -14.66 11.40
N ASN C 499 -42.21 -14.94 11.44
CA ASN C 499 -41.25 -14.09 12.14
C ASN C 499 -40.49 -13.28 11.09
N ALA C 500 -40.60 -11.96 11.18
CA ALA C 500 -40.04 -11.06 10.18
C ALA C 500 -38.61 -10.63 10.51
N LYS C 501 -38.07 -11.09 11.62
CA LYS C 501 -36.71 -10.68 12.00
C LYS C 501 -35.64 -11.07 10.98
N PRO C 502 -35.60 -12.31 10.45
CA PRO C 502 -34.52 -12.63 9.49
C PRO C 502 -34.50 -11.75 8.25
N VAL C 503 -35.66 -11.40 7.71
CA VAL C 503 -35.67 -10.60 6.47
C VAL C 503 -35.20 -9.18 6.75
N ALA C 504 -35.60 -8.62 7.89
CA ALA C 504 -35.13 -7.30 8.26
C ALA C 504 -33.63 -7.31 8.50
N ALA C 505 -33.13 -8.35 9.17
CA ALA C 505 -31.70 -8.45 9.42
C ALA C 505 -30.93 -8.57 8.11
N ALA C 506 -31.44 -9.37 7.17
CA ALA C 506 -30.75 -9.54 5.88
C ALA C 506 -30.75 -8.24 5.10
N ILE C 507 -31.88 -7.52 5.07
CA ILE C 507 -31.96 -6.27 4.35
C ILE C 507 -31.00 -5.25 4.96
N LYS C 508 -31.00 -5.15 6.29
CA LYS C 508 -30.09 -4.21 6.94
C LYS C 508 -28.64 -4.57 6.68
N GLU C 509 -28.29 -5.85 6.73
CA GLU C 509 -26.93 -6.27 6.48
C GLU C 509 -26.49 -5.94 5.06
N PHE C 510 -27.35 -6.20 4.08
CA PHE C 510 -27.00 -5.87 2.71
C PHE C 510 -26.86 -4.36 2.53
N PHE C 511 -27.74 -3.59 3.15
CA PHE C 511 -27.76 -2.16 2.90
C PHE C 511 -26.70 -1.41 3.70
N GLY C 512 -26.12 -2.04 4.71
CA GLY C 512 -25.15 -1.34 5.54
C GLY C 512 -23.74 -1.91 5.55
N SER C 513 -23.58 -3.20 5.25
CA SER C 513 -22.29 -3.85 5.36
C SER C 513 -21.86 -4.61 4.12
N SER C 514 -22.64 -4.57 3.04
CA SER C 514 -22.19 -5.20 1.81
C SER C 514 -21.03 -4.43 1.19
N GLN C 515 -20.22 -5.14 0.41
CA GLN C 515 -19.10 -4.51 -0.26
C GLN C 515 -19.57 -3.42 -1.23
N LEU C 516 -20.67 -3.68 -1.94
CA LEU C 516 -21.19 -2.73 -2.91
C LEU C 516 -21.93 -1.57 -2.28
N SER C 517 -22.22 -1.64 -0.98
CA SER C 517 -22.81 -0.50 -0.29
C SER C 517 -21.70 0.35 0.32
N GLN C 518 -21.61 1.60 -0.12
CA GLN C 518 -20.53 2.47 0.33
C GLN C 518 -20.94 3.93 0.32
N PHE C 519 -20.26 4.75 1.11
CA PHE C 519 -20.61 6.16 1.24
C PHE C 519 -20.40 6.88 -0.09
N MET C 520 -21.36 7.74 -0.44
CA MET C 520 -21.28 8.47 -1.69
C MET C 520 -20.13 9.48 -1.65
N ASP C 521 -19.46 9.63 -2.79
CA ASP C 521 -18.42 10.64 -2.94
C ASP C 521 -19.09 11.98 -3.22
N GLN C 522 -19.15 12.85 -2.20
CA GLN C 522 -19.88 14.09 -2.31
C GLN C 522 -19.00 15.33 -2.38
N ASN C 523 -17.70 15.16 -2.63
CA ASN C 523 -16.86 16.35 -2.81
C ASN C 523 -17.18 17.06 -4.11
N ASN C 524 -17.72 16.35 -5.11
CA ASN C 524 -18.08 16.96 -6.36
C ASN C 524 -19.48 16.50 -6.74
N PRO C 525 -20.27 17.35 -7.39
CA PRO C 525 -21.48 16.84 -8.05
C PRO C 525 -21.16 15.83 -9.13
N LEU C 526 -20.01 15.96 -9.79
CA LEU C 526 -19.59 14.96 -10.77
C LEU C 526 -19.20 13.65 -10.08
N SER C 527 -18.66 13.73 -8.86
CA SER C 527 -18.30 12.52 -8.13
C SER C 527 -19.53 11.67 -7.85
N GLU C 528 -20.64 12.30 -7.50
CA GLU C 528 -21.88 11.55 -7.26
C GLU C 528 -22.34 10.85 -8.54
N ILE C 529 -22.32 11.57 -9.66
CA ILE C 529 -22.79 11.00 -10.93
C ILE C 529 -21.90 9.82 -11.32
N THR C 530 -20.59 9.98 -11.20
CA THR C 530 -19.69 8.90 -11.59
C THR C 530 -19.66 7.76 -10.58
N HIS C 531 -20.09 7.99 -9.35
CA HIS C 531 -20.27 6.91 -8.39
C HIS C 531 -21.52 6.10 -8.66
N LYS C 532 -22.63 6.77 -8.98
CA LYS C 532 -23.87 6.05 -9.23
C LYS C 532 -23.87 5.35 -10.58
N ARG C 533 -23.04 5.79 -11.52
CA ARG C 533 -22.91 5.13 -12.82
C ARG C 533 -21.71 4.19 -12.87
N ARG C 534 -21.39 3.57 -11.74
CA ARG C 534 -20.17 2.78 -11.59
C ARG C 534 -20.52 1.30 -11.66
N VAL C 535 -19.96 0.61 -12.66
CA VAL C 535 -20.14 -0.82 -12.82
C VAL C 535 -18.87 -1.49 -12.34
N SER C 536 -18.99 -2.28 -11.28
CA SER C 536 -17.85 -2.94 -10.65
C SER C 536 -17.89 -4.43 -10.94
N ALA C 537 -16.72 -5.07 -10.81
CA ALA C 537 -16.60 -6.50 -10.96
C ALA C 537 -16.31 -7.24 -9.66
N LEU C 538 -16.01 -6.52 -8.58
CA LEU C 538 -15.79 -7.14 -7.29
C LEU C 538 -17.15 -7.41 -6.62
N GLY C 539 -17.13 -7.74 -5.34
CA GLY C 539 -18.34 -8.03 -4.62
C GLY C 539 -18.68 -9.50 -4.62
N PRO C 540 -19.86 -9.85 -4.09
CA PRO C 540 -20.28 -11.25 -4.08
C PRO C 540 -20.40 -11.79 -5.50
N GLY C 541 -19.94 -13.02 -5.70
CA GLY C 541 -19.97 -13.62 -7.02
C GLY C 541 -19.15 -12.88 -8.05
N GLY C 542 -18.12 -12.15 -7.62
CA GLY C 542 -17.31 -11.38 -8.54
C GLY C 542 -15.84 -11.66 -8.34
N LEU C 543 -15.07 -11.33 -9.38
CA LEU C 543 -13.63 -11.57 -9.35
C LEU C 543 -12.98 -10.76 -8.24
N THR C 544 -12.15 -11.44 -7.45
CA THR C 544 -11.34 -10.80 -6.43
C THR C 544 -10.04 -10.29 -7.04
N ARG C 545 -9.46 -9.27 -6.42
CA ARG C 545 -8.22 -8.67 -6.94
C ARG C 545 -7.08 -9.66 -7.05
N GLU C 546 -7.13 -10.77 -6.31
CA GLU C 546 -6.12 -11.82 -6.46
C GLU C 546 -6.40 -12.73 -7.65
N ARG C 547 -7.58 -12.62 -8.27
CA ARG C 547 -7.92 -13.39 -9.46
C ARG C 547 -7.92 -12.50 -10.70
N ALA C 548 -7.13 -11.42 -10.65
CA ALA C 548 -7.18 -10.42 -11.71
C ALA C 548 -6.76 -11.00 -13.05
N GLY C 549 -5.51 -11.43 -13.15
CA GLY C 549 -5.02 -11.84 -14.45
C GLY C 549 -4.98 -10.66 -15.42
N PHE C 550 -5.33 -10.93 -16.67
CA PHE C 550 -5.37 -9.92 -17.71
C PHE C 550 -6.69 -9.86 -18.46
N GLU C 551 -7.47 -10.93 -18.49
CA GLU C 551 -8.65 -10.96 -19.34
C GLU C 551 -9.69 -9.93 -18.89
N VAL C 552 -9.89 -9.79 -17.57
CA VAL C 552 -10.86 -8.82 -17.09
C VAL C 552 -10.30 -7.41 -17.15
N ARG C 553 -8.99 -7.24 -16.97
CA ARG C 553 -8.39 -5.92 -16.87
C ARG C 553 -7.97 -5.35 -18.22
N ASP C 554 -8.46 -5.90 -19.32
CA ASP C 554 -8.22 -5.35 -20.63
C ASP C 554 -9.55 -4.95 -21.25
N VAL C 555 -9.50 -3.98 -22.15
CA VAL C 555 -10.70 -3.55 -22.87
C VAL C 555 -10.79 -4.36 -24.15
N HIS C 556 -12.00 -4.55 -24.64
CA HIS C 556 -12.26 -5.36 -25.82
C HIS C 556 -13.15 -4.58 -26.77
N PRO C 557 -13.15 -4.92 -28.06
CA PRO C 557 -14.01 -4.20 -29.01
C PRO C 557 -15.48 -4.23 -28.64
N THR C 558 -15.85 -5.13 -27.73
CA THR C 558 -17.22 -5.21 -27.22
C THR C 558 -17.51 -4.14 -26.18
N HIS C 559 -16.50 -3.42 -25.70
CA HIS C 559 -16.72 -2.34 -24.74
C HIS C 559 -17.10 -1.03 -25.41
N TYR C 560 -17.03 -0.96 -26.73
CA TYR C 560 -17.26 0.30 -27.44
C TYR C 560 -18.69 0.77 -27.24
N GLY C 561 -18.84 1.90 -26.57
CA GLY C 561 -20.15 2.49 -26.35
C GLY C 561 -20.94 1.88 -25.23
N ARG C 562 -20.41 0.87 -24.55
CA ARG C 562 -21.08 0.23 -23.43
C ARG C 562 -20.43 0.54 -22.10
N VAL C 563 -19.11 0.39 -22.02
CA VAL C 563 -18.34 0.67 -20.81
C VAL C 563 -17.19 1.58 -21.21
N CYS C 564 -16.95 2.62 -20.42
CA CYS C 564 -15.92 3.59 -20.78
C CYS C 564 -14.55 2.92 -20.82
N PRO C 565 -13.76 3.15 -21.87
CA PRO C 565 -12.46 2.49 -21.96
C PRO C 565 -11.37 3.16 -21.13
N ILE C 566 -11.50 4.43 -20.82
CA ILE C 566 -10.41 5.22 -20.25
C ILE C 566 -10.68 5.66 -18.82
N GLU C 567 -11.88 5.45 -18.29
CA GLU C 567 -12.20 5.86 -16.93
C GLU C 567 -12.20 4.64 -16.03
N THR C 568 -11.08 4.41 -15.36
CA THR C 568 -10.97 3.32 -14.39
C THR C 568 -9.95 3.74 -13.33
N PRO C 569 -10.10 3.29 -12.08
CA PRO C 569 -9.15 3.70 -11.04
C PRO C 569 -7.78 3.07 -11.24
N GLU C 570 -6.75 3.88 -11.08
CA GLU C 570 -5.38 3.38 -11.19
C GLU C 570 -4.90 2.88 -9.83
N GLY C 571 -4.42 1.65 -9.78
CA GLY C 571 -3.98 1.05 -8.56
C GLY C 571 -4.24 -0.43 -8.50
N PRO C 572 -4.47 -0.95 -7.30
CA PRO C 572 -4.70 -2.41 -7.16
C PRO C 572 -5.90 -2.91 -7.93
N ASN C 573 -6.96 -2.11 -8.05
CA ASN C 573 -8.16 -2.50 -8.77
C ASN C 573 -8.29 -1.60 -10.00
N ILE C 574 -7.63 -2.00 -11.08
CA ILE C 574 -7.66 -1.28 -12.34
C ILE C 574 -8.32 -2.18 -13.39
N GLY C 575 -9.38 -1.66 -14.01
CA GLY C 575 -10.11 -2.45 -14.98
C GLY C 575 -11.20 -3.29 -14.35
N LEU C 576 -11.01 -3.63 -13.07
CA LEU C 576 -12.06 -4.33 -12.34
C LEU C 576 -13.26 -3.42 -12.11
N ILE C 577 -13.01 -2.13 -11.87
CA ILE C 577 -14.05 -1.15 -11.68
C ILE C 577 -14.04 -0.22 -12.89
N ASN C 578 -15.17 -0.14 -13.57
CA ASN C 578 -15.31 0.70 -14.75
C ASN C 578 -16.55 1.58 -14.61
N SER C 579 -16.82 2.38 -15.63
CA SER C 579 -17.96 3.28 -15.63
C SER C 579 -18.71 3.10 -16.95
N LEU C 580 -20.03 3.18 -16.88
CA LEU C 580 -20.84 3.08 -18.08
C LEU C 580 -20.59 4.29 -18.98
N ALA C 581 -20.71 4.05 -20.28
CA ALA C 581 -20.59 5.12 -21.25
C ALA C 581 -21.74 6.11 -21.09
N THR C 582 -21.65 7.22 -21.82
CA THR C 582 -22.64 8.29 -21.68
C THR C 582 -24.04 7.81 -22.08
N TYR C 583 -24.14 7.06 -23.17
CA TYR C 583 -25.41 6.58 -23.68
C TYR C 583 -25.69 5.13 -23.32
N ALA C 584 -24.96 4.58 -22.36
CA ALA C 584 -25.12 3.17 -22.02
C ALA C 584 -26.50 2.90 -21.44
N ARG C 585 -27.00 1.69 -21.70
CA ARG C 585 -28.35 1.31 -21.32
C ARG C 585 -28.41 -0.18 -21.00
N THR C 586 -29.07 -0.52 -19.90
CA THR C 586 -29.22 -1.92 -19.52
C THR C 586 -30.33 -2.57 -20.35
N ASN C 587 -30.09 -3.82 -20.75
CA ASN C 587 -31.05 -4.54 -21.55
C ASN C 587 -32.20 -5.03 -20.67
N LYS C 588 -33.26 -5.51 -21.32
CA LYS C 588 -34.34 -6.13 -20.58
C LYS C 588 -33.86 -7.34 -19.78
N TYR C 589 -32.96 -8.12 -20.37
CA TYR C 589 -32.45 -9.32 -19.73
C TYR C 589 -31.23 -9.07 -18.84
N GLY C 590 -30.77 -7.82 -18.76
CA GLY C 590 -29.67 -7.47 -17.88
C GLY C 590 -28.38 -7.07 -18.57
N PHE C 591 -28.27 -7.19 -19.89
CA PHE C 591 -27.03 -6.87 -20.57
C PHE C 591 -26.95 -5.37 -20.86
N LEU C 592 -25.79 -4.93 -21.35
CA LEU C 592 -25.62 -3.53 -21.69
C LEU C 592 -25.95 -3.30 -23.16
N GLU C 593 -26.47 -2.10 -23.44
CA GLU C 593 -26.88 -1.74 -24.79
C GLU C 593 -26.42 -0.33 -25.10
N SER C 594 -26.21 -0.06 -26.37
CA SER C 594 -25.77 1.25 -26.84
C SER C 594 -26.56 1.64 -28.08
N PRO C 595 -26.81 2.94 -28.29
CA PRO C 595 -27.62 3.36 -29.42
C PRO C 595 -26.83 3.41 -30.72
N TYR C 596 -27.54 3.16 -31.82
CA TYR C 596 -26.96 3.23 -33.15
C TYR C 596 -28.04 3.68 -34.13
N ARG C 597 -27.59 4.20 -35.27
CA ARG C 597 -28.49 4.69 -36.30
C ARG C 597 -28.48 3.72 -37.48
N VAL C 598 -29.66 3.23 -37.86
CA VAL C 598 -29.77 2.28 -38.96
C VAL C 598 -29.65 3.04 -40.28
N VAL C 599 -28.85 2.51 -41.20
CA VAL C 599 -28.62 3.14 -42.50
C VAL C 599 -29.00 2.16 -43.60
N LYS C 600 -29.40 2.68 -44.74
CA LYS C 600 -29.64 1.86 -45.91
C LYS C 600 -28.50 2.01 -46.91
N ASP C 601 -28.69 1.43 -48.10
CA ASP C 601 -27.66 1.48 -49.12
C ASP C 601 -27.37 2.91 -49.56
N SER C 602 -28.43 3.70 -49.78
CA SER C 602 -28.27 5.02 -50.35
C SER C 602 -28.04 6.10 -49.30
N LEU C 603 -28.85 6.13 -48.25
CA LEU C 603 -28.83 7.19 -47.26
C LEU C 603 -28.74 6.62 -45.85
N VAL C 604 -28.62 7.54 -44.89
CA VAL C 604 -28.60 7.18 -43.47
C VAL C 604 -29.99 7.45 -42.91
N THR C 605 -30.68 6.38 -42.53
CA THR C 605 -32.04 6.51 -42.03
C THR C 605 -32.02 7.08 -40.61
N ASP C 606 -32.98 7.91 -40.24
CA ASP C 606 -32.94 8.57 -38.90
C ASP C 606 -33.26 7.59 -37.78
N GLU C 607 -34.04 6.53 -38.04
CA GLU C 607 -34.44 5.65 -36.96
C GLU C 607 -33.24 5.11 -36.20
N ILE C 608 -33.37 5.06 -34.88
CA ILE C 608 -32.28 4.75 -33.96
C ILE C 608 -32.68 3.54 -33.11
N VAL C 609 -31.79 2.56 -33.01
CA VAL C 609 -32.08 1.31 -32.33
C VAL C 609 -30.98 1.03 -31.32
N PHE C 610 -31.38 0.56 -30.13
CA PHE C 610 -30.45 0.12 -29.11
C PHE C 610 -30.06 -1.33 -29.37
N LEU C 611 -28.75 -1.59 -29.37
CA LEU C 611 -28.22 -2.89 -29.76
C LEU C 611 -27.14 -3.32 -28.77
N SER C 612 -27.23 -4.57 -28.32
CA SER C 612 -26.33 -5.13 -27.33
C SER C 612 -25.14 -5.81 -28.02
N ALA C 613 -24.24 -6.37 -27.23
CA ALA C 613 -22.98 -6.87 -27.76
C ALA C 613 -23.18 -8.04 -28.72
N ILE C 614 -24.11 -8.94 -28.41
CA ILE C 614 -24.34 -10.11 -29.26
C ILE C 614 -24.86 -9.71 -30.63
N GLU C 615 -25.67 -8.67 -30.71
CA GLU C 615 -26.35 -8.28 -31.94
C GLU C 615 -25.47 -7.42 -32.85
N GLU C 616 -24.23 -7.13 -32.46
CA GLU C 616 -23.35 -6.33 -33.28
C GLU C 616 -22.57 -7.14 -34.30
N ALA C 617 -22.68 -8.47 -34.27
CA ALA C 617 -21.91 -9.31 -35.19
C ALA C 617 -22.35 -9.14 -36.62
N ASP C 618 -23.66 -9.23 -36.88
CA ASP C 618 -24.15 -9.14 -38.26
C ASP C 618 -23.93 -7.75 -38.84
N HIS C 619 -24.19 -6.73 -38.04
CA HIS C 619 -24.15 -5.36 -38.54
C HIS C 619 -22.72 -4.84 -38.61
N VAL C 620 -22.45 -4.06 -39.65
CA VAL C 620 -21.18 -3.34 -39.81
C VAL C 620 -21.43 -1.92 -39.34
N ILE C 621 -20.76 -1.53 -38.26
CA ILE C 621 -21.04 -0.29 -37.55
C ILE C 621 -20.05 0.76 -38.02
N ALA C 622 -20.55 1.93 -38.40
CA ALA C 622 -19.74 3.02 -38.91
C ALA C 622 -19.42 4.01 -37.78
N GLN C 623 -18.32 4.73 -37.97
CA GLN C 623 -17.93 5.75 -37.01
C GLN C 623 -18.91 6.92 -37.06
N ALA C 624 -18.99 7.66 -35.95
CA ALA C 624 -19.95 8.76 -35.84
C ALA C 624 -19.65 9.89 -36.81
N SER C 625 -18.44 9.93 -37.37
CA SER C 625 -18.06 10.96 -38.33
C SER C 625 -17.86 10.32 -39.69
N ALA C 626 -18.53 10.85 -40.70
CA ALA C 626 -18.38 10.35 -42.06
C ALA C 626 -18.86 11.43 -43.03
N THR C 627 -18.39 11.33 -44.27
CA THR C 627 -18.83 12.25 -45.31
C THR C 627 -20.33 12.10 -45.54
N LEU C 628 -20.99 13.23 -45.76
CA LEU C 628 -22.42 13.26 -46.05
C LEU C 628 -22.69 14.16 -47.23
N ASN C 629 -23.63 13.74 -48.09
CA ASN C 629 -24.00 14.49 -49.28
C ASN C 629 -25.15 15.46 -49.02
N GLU C 630 -25.32 15.89 -47.77
CA GLU C 630 -26.38 16.77 -47.29
C GLU C 630 -27.75 16.10 -47.32
N LYS C 631 -27.85 14.86 -47.79
CA LYS C 631 -29.07 14.09 -47.71
C LYS C 631 -28.89 12.78 -46.95
N GLY C 632 -27.73 12.58 -46.33
CA GLY C 632 -27.43 11.34 -45.62
C GLY C 632 -26.60 10.35 -46.39
N GLN C 633 -26.31 10.59 -47.66
CA GLN C 633 -25.55 9.65 -48.49
C GLN C 633 -24.06 9.85 -48.22
N LEU C 634 -23.40 8.80 -47.74
CA LEU C 634 -21.96 8.85 -47.54
C LEU C 634 -21.23 8.98 -48.87
N VAL C 635 -20.61 10.13 -49.11
CA VAL C 635 -19.94 10.38 -50.38
C VAL C 635 -18.53 9.82 -50.43
N ASP C 636 -17.98 9.36 -49.31
CA ASP C 636 -16.63 8.85 -49.28
C ASP C 636 -16.52 7.52 -50.04
N GLU C 637 -15.28 7.13 -50.32
CA GLU C 637 -15.03 5.88 -51.02
C GLU C 637 -14.84 4.70 -50.08
N LEU C 638 -14.10 4.90 -48.98
CA LEU C 638 -13.87 3.88 -47.98
C LEU C 638 -14.00 4.50 -46.60
N VAL C 639 -15.02 4.10 -45.85
CA VAL C 639 -15.30 4.65 -44.54
C VAL C 639 -14.91 3.64 -43.47
N ALA C 640 -14.50 4.15 -42.31
CA ALA C 640 -14.02 3.31 -41.23
C ALA C 640 -15.19 2.59 -40.58
N VAL C 641 -15.10 1.26 -40.51
CA VAL C 641 -16.17 0.41 -40.00
C VAL C 641 -15.56 -0.76 -39.26
N ARG C 642 -16.42 -1.61 -38.71
CA ARG C 642 -16.01 -2.83 -38.02
C ARG C 642 -17.11 -3.87 -38.21
N HIS C 643 -16.80 -4.95 -38.92
CA HIS C 643 -17.81 -5.96 -39.24
C HIS C 643 -18.02 -6.91 -38.05
N LEU C 644 -16.96 -7.58 -37.62
CA LEU C 644 -17.01 -8.58 -36.57
C LEU C 644 -15.98 -8.26 -35.50
N ASN C 645 -16.01 -7.01 -35.02
CA ASN C 645 -15.01 -6.48 -34.10
C ASN C 645 -13.64 -6.39 -34.78
N GLU C 646 -13.65 -6.13 -36.08
CA GLU C 646 -12.43 -5.99 -36.87
C GLU C 646 -12.48 -4.65 -37.59
N PHE C 647 -11.73 -3.67 -37.08
CA PHE C 647 -11.71 -2.35 -37.69
C PHE C 647 -11.10 -2.40 -39.07
N THR C 648 -11.82 -1.83 -40.04
CA THR C 648 -11.40 -1.84 -41.43
C THR C 648 -12.20 -0.79 -42.17
N VAL C 649 -11.87 -0.60 -43.44
CA VAL C 649 -12.63 0.30 -44.32
C VAL C 649 -13.66 -0.53 -45.07
N LYS C 650 -14.74 0.11 -45.46
CA LYS C 650 -15.82 -0.56 -46.17
C LYS C 650 -16.45 0.42 -47.15
N ALA C 651 -17.12 -0.10 -48.17
CA ALA C 651 -17.83 0.74 -49.09
C ALA C 651 -19.20 1.10 -48.53
N PRO C 652 -19.54 2.39 -48.49
CA PRO C 652 -20.85 2.81 -47.96
C PRO C 652 -22.03 1.95 -48.39
N GLU C 653 -21.96 1.26 -49.53
CA GLU C 653 -23.08 0.48 -50.02
C GLU C 653 -23.34 -0.79 -49.20
N ASP C 654 -22.45 -1.15 -48.27
CA ASP C 654 -22.62 -2.34 -47.46
C ASP C 654 -22.83 -2.04 -45.98
N VAL C 655 -22.59 -0.80 -45.55
CA VAL C 655 -22.73 -0.45 -44.15
C VAL C 655 -24.18 -0.58 -43.71
N THR C 656 -24.37 -1.05 -42.48
CA THR C 656 -25.71 -1.32 -41.95
C THR C 656 -26.09 -0.51 -40.73
N LEU C 657 -25.13 -0.10 -39.89
CA LEU C 657 -25.43 0.71 -38.72
C LEU C 657 -24.37 1.80 -38.59
N MET C 658 -24.77 2.92 -37.99
CA MET C 658 -23.89 4.05 -37.80
C MET C 658 -23.96 4.51 -36.36
N ASP C 659 -22.85 5.03 -35.85
CA ASP C 659 -22.76 5.47 -34.47
C ASP C 659 -23.63 6.69 -34.25
N VAL C 660 -23.90 6.99 -32.98
CA VAL C 660 -24.76 8.12 -32.64
C VAL C 660 -23.94 9.36 -32.36
N SER C 661 -23.04 9.29 -31.37
CA SER C 661 -22.21 10.42 -31.02
C SER C 661 -20.81 9.91 -30.71
N PRO C 662 -19.76 10.66 -31.04
CA PRO C 662 -18.41 10.24 -30.63
C PRO C 662 -18.23 10.25 -29.13
N LYS C 663 -19.10 10.96 -28.40
CA LYS C 663 -19.06 11.04 -26.95
C LYS C 663 -19.58 9.76 -26.29
N GLN C 664 -20.36 8.95 -26.99
CA GLN C 664 -20.98 7.77 -26.38
C GLN C 664 -19.97 6.68 -26.03
N VAL C 665 -18.69 6.89 -26.28
CA VAL C 665 -17.67 5.91 -25.96
C VAL C 665 -17.06 6.15 -24.58
N VAL C 666 -16.70 7.39 -24.29
CA VAL C 666 -16.13 7.74 -23.00
C VAL C 666 -17.23 7.91 -21.97
N SER C 667 -16.85 7.93 -20.70
CA SER C 667 -17.80 8.06 -19.60
C SER C 667 -18.25 9.52 -19.47
N VAL C 668 -19.04 9.80 -18.44
CA VAL C 668 -19.44 11.17 -18.16
C VAL C 668 -18.26 11.97 -17.64
N ALA C 669 -17.44 11.35 -16.78
CA ALA C 669 -16.26 12.04 -16.27
C ALA C 669 -15.25 12.31 -17.38
N ALA C 670 -15.02 11.34 -18.25
CA ALA C 670 -14.07 11.52 -19.33
C ALA C 670 -14.60 12.45 -20.42
N SER C 671 -15.91 12.59 -20.55
CA SER C 671 -16.48 13.46 -21.56
C SER C 671 -16.33 14.93 -21.23
N LEU C 672 -15.83 15.26 -20.04
CA LEU C 672 -15.67 16.65 -19.61
C LEU C 672 -14.28 17.19 -19.90
N ILE C 673 -13.41 16.40 -20.52
CA ILE C 673 -12.05 16.83 -20.80
C ILE C 673 -12.00 17.47 -22.18
N PRO C 674 -11.74 18.77 -22.29
CA PRO C 674 -11.63 19.38 -23.61
C PRO C 674 -10.41 18.87 -24.36
N PHE C 675 -10.56 18.75 -25.68
CA PHE C 675 -9.54 18.18 -26.54
C PHE C 675 -9.05 16.82 -26.03
N LEU C 676 -9.99 15.94 -25.68
CA LEU C 676 -9.61 14.60 -25.24
C LEU C 676 -8.91 13.84 -26.35
N GLU C 677 -9.21 14.18 -27.61
CA GLU C 677 -8.58 13.51 -28.73
C GLU C 677 -7.09 13.83 -28.86
N HIS C 678 -6.60 14.81 -28.12
CA HIS C 678 -5.19 15.16 -28.15
C HIS C 678 -4.44 14.69 -26.91
N ASP C 679 -5.04 13.84 -26.10
CA ASP C 679 -4.43 13.30 -24.89
C ASP C 679 -4.30 11.79 -25.01
N ASP C 680 -3.17 11.25 -24.54
CA ASP C 680 -3.03 9.81 -24.52
C ASP C 680 -3.90 9.22 -23.42
N ALA C 681 -4.21 7.93 -23.55
CA ALA C 681 -5.21 7.31 -22.68
C ALA C 681 -4.75 7.30 -21.23
N ASN C 682 -3.44 7.24 -20.99
CA ASN C 682 -2.94 7.27 -19.61
C ASN C 682 -3.27 8.59 -18.94
N ARG C 683 -2.91 9.70 -19.58
CA ARG C 683 -3.19 11.00 -18.99
C ARG C 683 -4.68 11.32 -19.00
N ALA C 684 -5.42 10.79 -19.98
CA ALA C 684 -6.87 10.96 -19.95
C ALA C 684 -7.48 10.25 -18.74
N LEU C 685 -7.02 9.03 -18.47
CA LEU C 685 -7.47 8.30 -17.29
C LEU C 685 -7.14 9.07 -16.03
N MET C 686 -5.89 9.56 -15.94
CA MET C 686 -5.48 10.32 -14.77
C MET C 686 -6.31 11.58 -14.61
N GLY C 687 -6.59 12.28 -15.72
CA GLY C 687 -7.37 13.50 -15.65
C GLY C 687 -8.81 13.26 -15.23
N SER C 688 -9.42 12.19 -15.75
CA SER C 688 -10.78 11.87 -15.33
C SER C 688 -10.82 11.54 -13.84
N ASN C 689 -9.91 10.68 -13.39
CA ASN C 689 -9.87 10.27 -12.00
C ASN C 689 -9.57 11.46 -11.09
N MET C 690 -8.80 12.42 -11.61
CA MET C 690 -8.42 13.60 -10.85
C MET C 690 -9.59 14.57 -10.74
N GLN C 691 -10.20 14.89 -11.89
CA GLN C 691 -11.39 15.72 -11.93
C GLN C 691 -12.49 15.17 -11.04
N ARG C 692 -12.49 13.85 -10.86
CA ARG C 692 -13.38 13.19 -9.91
C ARG C 692 -13.14 13.62 -8.46
N GLN C 693 -11.98 14.21 -8.16
CA GLN C 693 -11.57 14.44 -6.78
C GLN C 693 -11.42 15.93 -6.47
N ALA C 694 -12.06 16.78 -7.27
CA ALA C 694 -11.91 18.22 -7.05
C ALA C 694 -12.67 18.66 -5.80
N VAL C 695 -12.42 19.89 -5.39
CA VAL C 695 -13.06 20.46 -4.20
C VAL C 695 -13.77 21.74 -4.58
N PRO C 696 -15.01 21.95 -4.16
CA PRO C 696 -15.71 23.20 -4.50
C PRO C 696 -15.06 24.39 -3.81
N THR C 697 -14.65 25.37 -4.60
CA THR C 697 -13.99 26.55 -4.08
C THR C 697 -15.03 27.50 -3.48
N LEU C 698 -14.57 28.67 -3.02
CA LEU C 698 -15.46 29.63 -2.41
C LEU C 698 -16.46 30.19 -3.42
N ARG C 699 -15.99 30.51 -4.62
CA ARG C 699 -16.86 31.05 -5.67
C ARG C 699 -16.58 30.27 -6.94
N ALA C 700 -17.57 29.53 -7.41
CA ALA C 700 -17.40 28.70 -8.60
C ALA C 700 -17.23 29.55 -9.85
N ASP C 701 -16.39 29.07 -10.75
CA ASP C 701 -16.14 29.74 -12.02
C ASP C 701 -16.30 28.72 -13.14
N LYS C 702 -17.18 29.02 -14.08
CA LYS C 702 -17.43 28.10 -15.19
C LYS C 702 -16.17 27.97 -16.04
N PRO C 703 -15.91 26.79 -16.61
CA PRO C 703 -14.71 26.63 -17.46
C PRO C 703 -14.84 27.49 -18.70
N LEU C 704 -13.78 28.25 -18.98
CA LEU C 704 -13.76 29.04 -20.21
C LEU C 704 -13.76 28.16 -21.44
N VAL C 705 -13.18 26.97 -21.33
CA VAL C 705 -13.20 25.99 -22.40
C VAL C 705 -13.69 24.67 -21.79
N GLY C 706 -14.82 24.19 -22.27
CA GLY C 706 -15.40 22.94 -21.81
C GLY C 706 -15.85 22.09 -22.98
N THR C 707 -16.59 21.04 -22.65
CA THR C 707 -17.12 20.13 -23.65
C THR C 707 -18.62 20.25 -23.82
N GLY C 708 -19.26 21.22 -23.17
CA GLY C 708 -20.70 21.39 -23.28
C GLY C 708 -21.49 20.36 -22.51
N MET C 709 -20.83 19.27 -22.13
CA MET C 709 -21.46 18.21 -21.35
C MET C 709 -21.67 18.63 -19.89
N GLU C 710 -21.03 19.73 -19.48
CA GLU C 710 -21.18 20.24 -18.12
C GLU C 710 -22.62 20.61 -17.79
N ARG C 711 -23.35 21.17 -18.77
CA ARG C 711 -24.77 21.42 -18.59
C ARG C 711 -25.50 20.14 -18.19
N ASN C 712 -25.24 19.05 -18.91
CA ASN C 712 -25.97 17.81 -18.69
C ASN C 712 -25.66 17.23 -17.32
N VAL C 713 -24.38 17.19 -16.94
CA VAL C 713 -24.01 16.59 -15.66
C VAL C 713 -24.50 17.46 -14.50
N ALA C 714 -24.46 18.78 -14.66
CA ALA C 714 -25.00 19.65 -13.62
C ALA C 714 -26.50 19.47 -13.46
N ARG C 715 -27.24 19.38 -14.57
CA ARG C 715 -28.69 19.25 -14.48
C ARG C 715 -29.09 17.88 -13.94
N ASP C 716 -28.44 16.82 -14.41
CA ASP C 716 -28.86 15.46 -14.07
C ASP C 716 -28.62 15.15 -12.60
N SER C 717 -27.55 15.70 -12.03
CA SER C 717 -27.34 15.58 -10.60
C SER C 717 -28.36 16.43 -9.85
N GLY C 718 -28.61 16.06 -8.60
CA GLY C 718 -29.60 16.75 -7.80
C GLY C 718 -29.10 17.94 -7.02
N VAL C 719 -27.85 18.34 -7.23
CA VAL C 719 -27.28 19.45 -6.44
C VAL C 719 -27.93 20.77 -6.79
N CYS C 720 -28.55 20.87 -7.96
CA CYS C 720 -29.15 22.11 -8.42
C CYS C 720 -30.67 22.07 -8.23
N VAL C 721 -31.22 23.15 -7.67
CA VAL C 721 -32.66 23.26 -7.50
C VAL C 721 -33.28 23.53 -8.86
N VAL C 722 -34.06 22.57 -9.35
CA VAL C 722 -34.65 22.63 -10.69
C VAL C 722 -36.16 22.83 -10.54
N ALA C 723 -36.69 23.80 -11.29
CA ALA C 723 -38.11 24.11 -11.21
C ALA C 723 -38.93 22.91 -11.67
N ARG C 724 -39.72 22.35 -10.75
CA ARG C 724 -40.55 21.20 -11.09
C ARG C 724 -41.75 21.60 -11.94
N ARG C 725 -42.23 22.83 -11.80
CA ARG C 725 -43.29 23.37 -12.63
C ARG C 725 -42.93 24.80 -13.04
N GLY C 726 -43.09 25.09 -14.33
CA GLY C 726 -42.73 26.42 -14.81
C GLY C 726 -43.71 27.47 -14.29
N GLY C 727 -43.23 28.71 -14.23
CA GLY C 727 -44.07 29.81 -13.80
C GLY C 727 -43.30 31.11 -13.70
N VAL C 728 -43.73 31.98 -12.78
CA VAL C 728 -43.05 33.23 -12.50
C VAL C 728 -42.62 33.22 -11.05
N ILE C 729 -41.35 33.56 -10.80
CA ILE C 729 -40.82 33.54 -9.45
C ILE C 729 -41.50 34.62 -8.63
N ASP C 730 -42.10 34.24 -7.50
CA ASP C 730 -42.85 35.17 -6.68
C ASP C 730 -41.94 35.96 -5.73
N SER C 731 -41.11 35.26 -4.97
CA SER C 731 -40.18 35.94 -4.07
C SER C 731 -38.91 35.09 -3.99
N VAL C 732 -37.78 35.77 -3.80
CA VAL C 732 -36.49 35.10 -3.76
C VAL C 732 -35.67 35.68 -2.61
N ASP C 733 -34.83 34.84 -2.03
CA ASP C 733 -33.84 35.25 -1.03
C ASP C 733 -32.76 34.19 -0.98
N ALA C 734 -31.77 34.40 -0.12
CA ALA C 734 -30.64 33.48 -0.06
C ALA C 734 -31.03 32.11 0.48
N SER C 735 -32.22 31.96 1.04
CA SER C 735 -32.62 30.72 1.70
C SER C 735 -33.66 29.92 0.92
N ARG C 736 -34.64 30.58 0.29
CA ARG C 736 -35.70 29.86 -0.40
C ARG C 736 -36.10 30.59 -1.67
N VAL C 737 -36.79 29.87 -2.54
CA VAL C 737 -37.35 30.41 -3.77
C VAL C 737 -38.82 30.03 -3.82
N VAL C 738 -39.68 31.03 -4.06
CA VAL C 738 -41.13 30.81 -4.16
C VAL C 738 -41.54 31.10 -5.59
N VAL C 739 -42.27 30.16 -6.21
CA VAL C 739 -42.62 30.23 -7.61
C VAL C 739 -44.13 30.26 -7.74
N ARG C 740 -44.64 31.28 -8.43
CA ARG C 740 -46.04 31.27 -8.83
C ARG C 740 -46.20 30.38 -10.05
N VAL C 741 -46.87 29.23 -9.87
CA VAL C 741 -47.05 28.28 -10.95
C VAL C 741 -48.05 28.86 -11.95
N ALA C 742 -47.75 28.71 -13.24
CA ALA C 742 -48.62 29.23 -14.28
C ALA C 742 -49.99 28.60 -14.20
N ASP C 743 -51.03 29.41 -14.38
CA ASP C 743 -52.40 28.92 -14.29
C ASP C 743 -52.67 27.80 -15.29
N ASP C 744 -52.01 27.84 -16.44
CA ASP C 744 -52.18 26.78 -17.43
C ASP C 744 -51.66 25.45 -16.91
N GLU C 745 -50.47 25.45 -16.33
CA GLU C 745 -49.86 24.23 -15.78
C GLU C 745 -50.14 24.10 -14.29
N VAL C 746 -51.44 24.10 -13.96
CA VAL C 746 -51.89 24.01 -12.58
C VAL C 746 -53.28 23.38 -12.57
N GLU C 747 -53.67 22.87 -11.40
CA GLU C 747 -54.99 22.29 -11.22
C GLU C 747 -56.00 23.40 -10.96
N THR C 748 -57.21 23.02 -10.52
CA THR C 748 -58.26 24.01 -10.28
C THR C 748 -57.91 24.93 -9.13
N GLY C 749 -57.66 24.35 -7.94
CA GLY C 749 -57.38 25.11 -6.75
C GLY C 749 -55.91 25.09 -6.36
N GLU C 750 -55.56 26.01 -5.47
CA GLU C 750 -54.19 26.16 -4.97
C GLU C 750 -53.22 26.32 -6.14
N ALA C 751 -53.43 27.39 -6.91
CA ALA C 751 -52.73 27.59 -8.16
C ALA C 751 -51.22 27.71 -7.98
N GLY C 752 -50.78 28.76 -7.28
CA GLY C 752 -49.36 28.98 -7.11
C GLY C 752 -48.81 28.47 -5.79
N VAL C 753 -48.22 27.28 -5.81
CA VAL C 753 -47.53 26.76 -4.63
C VAL C 753 -46.32 25.95 -5.06
N ASP C 754 -45.13 26.55 -4.98
CA ASP C 754 -43.87 25.85 -5.22
C ASP C 754 -42.80 26.54 -4.39
N ILE C 755 -42.56 26.03 -3.18
CA ILE C 755 -41.59 26.62 -2.27
C ILE C 755 -40.32 25.79 -2.32
N TYR C 756 -39.24 26.37 -2.83
CA TYR C 756 -37.97 25.67 -2.97
C TYR C 756 -37.02 26.11 -1.87
N ASN C 757 -36.81 25.25 -0.88
CA ASN C 757 -35.91 25.56 0.23
C ASN C 757 -34.49 25.16 -0.15
N LEU C 758 -33.64 26.16 -0.31
CA LEU C 758 -32.23 25.94 -0.62
C LEU C 758 -31.51 25.43 0.61
N THR C 759 -30.70 24.40 0.43
CA THR C 759 -29.89 23.88 1.53
C THR C 759 -28.66 24.76 1.71
N LYS C 760 -28.51 25.34 2.89
CA LYS C 760 -27.38 26.20 3.18
C LYS C 760 -26.18 25.32 3.57
N TYR C 761 -25.15 25.93 4.13
CA TYR C 761 -23.87 25.25 4.34
C TYR C 761 -24.05 23.98 5.15
N THR C 762 -23.84 22.84 4.50
CA THR C 762 -24.12 21.53 5.09
C THR C 762 -22.93 20.62 4.81
N ARG C 763 -22.53 19.88 5.84
CA ARG C 763 -21.39 18.97 5.77
C ARG C 763 -21.70 17.85 4.78
N SER C 764 -20.76 17.59 3.87
CA SER C 764 -20.90 16.46 2.96
C SER C 764 -20.18 15.24 3.52
N ASN C 765 -20.25 14.15 2.78
CA ASN C 765 -19.56 12.93 3.20
C ASN C 765 -18.04 13.09 3.22
N GLN C 766 -17.50 14.05 2.48
CA GLN C 766 -16.06 14.27 2.42
C GLN C 766 -15.66 15.51 3.20
N ASN C 767 -16.53 15.95 4.10
CA ASN C 767 -16.33 17.13 4.96
C ASN C 767 -16.19 18.42 4.16
N THR C 768 -16.82 18.52 2.99
CA THR C 768 -16.86 19.74 2.22
C THR C 768 -18.24 20.37 2.33
N CYS C 769 -18.30 21.69 2.12
CA CYS C 769 -19.56 22.39 2.24
C CYS C 769 -20.47 22.09 1.05
N ILE C 770 -21.77 22.05 1.32
CA ILE C 770 -22.79 21.91 0.29
C ILE C 770 -23.80 23.03 0.50
N ASN C 771 -23.72 24.08 -0.31
CA ASN C 771 -24.67 25.17 -0.23
C ASN C 771 -25.12 25.53 -1.64
N GLN C 772 -26.37 25.98 -1.73
CA GLN C 772 -26.95 26.37 -3.01
C GLN C 772 -27.24 27.87 -2.98
N ARG C 773 -27.03 28.51 -4.11
CA ARG C 773 -27.28 29.94 -4.21
C ARG C 773 -28.34 30.23 -5.26
N PRO C 774 -29.23 31.18 -5.01
CA PRO C 774 -30.24 31.53 -6.02
C PRO C 774 -29.59 32.16 -7.24
N LEU C 775 -30.19 31.90 -8.40
CA LEU C 775 -29.74 32.50 -9.66
C LEU C 775 -30.93 33.09 -10.41
N VAL C 776 -31.99 33.42 -9.68
CA VAL C 776 -33.18 34.00 -10.28
C VAL C 776 -33.63 35.16 -9.40
N SER C 777 -34.11 36.22 -10.04
CA SER C 777 -34.62 37.41 -9.36
C SER C 777 -36.13 37.33 -9.25
N LYS C 778 -36.73 38.40 -8.76
CA LYS C 778 -38.19 38.47 -8.66
C LYS C 778 -38.82 38.80 -10.00
N GLY C 779 -39.93 38.14 -10.29
CA GLY C 779 -40.76 38.48 -11.43
C GLY C 779 -40.36 37.86 -12.76
N ASP C 780 -39.17 37.28 -12.85
CA ASP C 780 -38.76 36.66 -14.11
C ASP C 780 -39.46 35.32 -14.29
N VAL C 781 -39.98 35.09 -15.48
CA VAL C 781 -40.70 33.85 -15.78
C VAL C 781 -39.69 32.73 -15.93
N VAL C 782 -40.05 31.55 -15.42
CA VAL C 782 -39.24 30.36 -15.55
C VAL C 782 -40.11 29.23 -16.11
N ALA C 783 -39.45 28.31 -16.80
CA ALA C 783 -40.13 27.19 -17.43
C ALA C 783 -39.82 25.91 -16.66
N ARG C 784 -40.52 24.84 -17.03
CA ARG C 784 -40.28 23.54 -16.43
C ARG C 784 -38.89 23.07 -16.78
N GLY C 785 -38.08 22.80 -15.76
CA GLY C 785 -36.73 22.33 -15.95
C GLY C 785 -35.64 23.39 -15.87
N ASP C 786 -35.98 24.64 -15.59
CA ASP C 786 -34.98 25.68 -15.43
C ASP C 786 -34.26 25.49 -14.09
N ILE C 787 -33.08 26.10 -13.97
CA ILE C 787 -32.26 25.98 -12.76
C ILE C 787 -32.47 27.25 -11.95
N LEU C 788 -33.15 27.11 -10.81
CA LEU C 788 -33.43 28.23 -9.93
C LEU C 788 -32.27 28.50 -8.98
N ALA C 789 -31.57 27.44 -8.55
CA ALA C 789 -30.44 27.57 -7.66
C ALA C 789 -29.37 26.58 -8.06
N ASP C 790 -28.12 27.03 -8.06
CA ASP C 790 -26.98 26.19 -8.39
C ASP C 790 -26.25 25.80 -7.11
N GLY C 791 -25.95 24.51 -6.99
CA GLY C 791 -25.35 23.98 -5.79
C GLY C 791 -23.84 24.11 -5.80
N PRO C 792 -23.16 23.24 -5.07
CA PRO C 792 -21.69 23.30 -5.03
C PRO C 792 -21.08 23.00 -6.40
N SER C 793 -19.98 23.68 -6.70
CA SER C 793 -19.24 23.52 -7.94
C SER C 793 -20.11 23.74 -9.18
N THR C 794 -20.99 24.74 -9.15
CA THR C 794 -21.86 25.05 -10.27
C THR C 794 -21.88 26.55 -10.51
N ASP C 795 -22.07 26.95 -11.77
CA ASP C 795 -22.10 28.35 -12.17
C ASP C 795 -23.28 28.55 -13.11
N MET C 796 -24.40 29.00 -12.55
CA MET C 796 -25.68 29.16 -13.26
C MET C 796 -25.95 27.99 -14.21
N GLY C 797 -26.12 26.81 -13.62
CA GLY C 797 -26.54 25.64 -14.35
C GLY C 797 -25.44 24.85 -15.02
N GLU C 798 -24.20 25.34 -15.00
CA GLU C 798 -23.08 24.60 -15.56
C GLU C 798 -22.27 23.97 -14.42
N LEU C 799 -21.44 23.02 -14.79
CA LEU C 799 -20.55 22.36 -13.83
C LEU C 799 -19.24 23.13 -13.77
N ALA C 800 -18.88 23.61 -12.58
CA ALA C 800 -17.70 24.44 -12.40
C ALA C 800 -16.91 23.88 -11.23
N LEU C 801 -16.02 22.92 -11.51
CA LEU C 801 -15.23 22.28 -10.45
C LEU C 801 -14.08 23.17 -9.99
N GLY C 802 -13.23 23.60 -10.92
CA GLY C 802 -12.12 24.46 -10.57
C GLY C 802 -12.28 25.87 -11.05
N GLN C 803 -11.17 26.59 -11.21
CA GLN C 803 -11.20 27.96 -11.70
C GLN C 803 -10.13 28.15 -12.76
N ASN C 804 -10.47 28.92 -13.79
CA ASN C 804 -9.57 29.20 -14.90
C ASN C 804 -8.68 30.39 -14.56
N MET C 805 -7.40 30.26 -14.88
CA MET C 805 -6.45 31.31 -14.54
C MET C 805 -5.33 31.34 -15.57
N ARG C 806 -4.76 32.53 -15.73
CA ARG C 806 -3.74 32.77 -16.75
C ARG C 806 -2.46 32.02 -16.35
N VAL C 807 -2.10 31.01 -17.14
CA VAL C 807 -0.92 30.21 -16.87
C VAL C 807 0.12 30.45 -17.96
N ALA C 808 1.37 30.20 -17.61
CA ALA C 808 2.47 30.24 -18.55
C ALA C 808 3.25 28.93 -18.45
N PHE C 809 3.71 28.44 -19.59
CA PHE C 809 4.45 27.18 -19.67
C PHE C 809 5.92 27.54 -19.87
N MET C 810 6.63 27.75 -18.77
CA MET C 810 8.04 28.06 -18.85
C MET C 810 8.70 27.72 -17.53
N PRO C 811 9.91 27.15 -17.53
CA PRO C 811 10.60 26.86 -16.26
C PRO C 811 10.94 28.16 -15.55
N TRP C 812 10.47 28.30 -14.32
CA TRP C 812 10.65 29.52 -13.56
C TRP C 812 11.53 29.22 -12.35
N ASN C 813 12.85 29.37 -12.53
CA ASN C 813 13.82 29.26 -11.44
C ASN C 813 13.75 27.91 -10.74
N GLY C 814 13.32 26.88 -11.47
CA GLY C 814 13.29 25.54 -10.94
C GLY C 814 12.24 25.33 -9.86
N PHE C 815 11.30 26.26 -9.74
CA PHE C 815 10.26 26.11 -8.73
C PHE C 815 9.18 25.13 -9.19
N ASN C 816 8.93 25.06 -10.49
CA ASN C 816 8.13 23.99 -11.07
C ASN C 816 9.06 22.95 -11.70
N PHE C 817 9.67 22.14 -10.85
CA PHE C 817 10.79 21.31 -11.29
C PHE C 817 10.32 20.03 -11.97
N GLU C 818 9.70 19.13 -11.21
CA GLU C 818 9.28 17.83 -11.74
C GLU C 818 7.83 17.86 -12.20
N ASP C 819 6.92 18.13 -11.28
CA ASP C 819 5.53 18.41 -11.62
C ASP C 819 4.98 19.56 -10.81
N SER C 820 5.84 20.33 -10.14
CA SER C 820 5.40 21.34 -9.19
C SER C 820 4.71 22.51 -9.91
N ILE C 821 4.05 23.34 -9.11
CA ILE C 821 3.36 24.53 -9.60
C ILE C 821 3.78 25.70 -8.73
N CYS C 822 4.02 26.85 -9.39
CA CYS C 822 4.33 28.09 -8.70
C CYS C 822 3.19 29.08 -8.93
N LEU C 823 2.67 29.64 -7.85
CA LEU C 823 1.48 30.47 -7.88
C LEU C 823 1.81 31.89 -7.45
N SER C 824 1.18 32.86 -8.10
CA SER C 824 1.31 34.24 -7.68
C SER C 824 0.52 34.45 -6.39
N GLU C 825 0.89 35.50 -5.66
CA GLU C 825 0.16 35.84 -4.45
C GLU C 825 -1.24 36.37 -4.76
N ARG C 826 -1.52 36.72 -6.02
CA ARG C 826 -2.86 37.13 -6.39
C ARG C 826 -3.87 36.00 -6.21
N VAL C 827 -3.46 34.77 -6.55
CA VAL C 827 -4.38 33.64 -6.48
C VAL C 827 -4.80 33.38 -5.05
N VAL C 828 -4.01 33.84 -4.08
CA VAL C 828 -4.42 33.74 -2.68
C VAL C 828 -5.15 35.01 -2.25
N GLN C 829 -4.68 36.17 -2.73
CA GLN C 829 -5.33 37.43 -2.44
C GLN C 829 -6.74 37.48 -3.01
N GLU C 830 -6.91 37.11 -4.28
CA GLU C 830 -8.22 36.99 -4.89
C GLU C 830 -8.98 35.80 -4.34
N ASP C 831 -8.33 34.96 -3.54
CA ASP C 831 -8.97 33.94 -2.75
C ASP C 831 -9.67 32.92 -3.64
N ARG C 832 -9.02 32.59 -4.76
CA ARG C 832 -9.67 31.78 -5.79
C ARG C 832 -9.83 30.32 -5.34
N PHE C 833 -8.76 29.74 -4.80
CA PHE C 833 -8.78 28.31 -4.49
C PHE C 833 -9.07 28.00 -3.02
N THR C 834 -9.51 28.98 -2.24
CA THR C 834 -9.94 28.66 -0.88
C THR C 834 -11.20 27.79 -0.93
N THR C 835 -11.33 26.90 0.04
CA THR C 835 -12.46 26.00 0.12
C THR C 835 -12.96 25.97 1.55
N ILE C 836 -14.23 25.62 1.72
CA ILE C 836 -14.85 25.51 3.03
C ILE C 836 -14.97 24.04 3.40
N HIS C 837 -14.43 23.69 4.56
CA HIS C 837 -14.52 22.34 5.10
C HIS C 837 -15.38 22.35 6.34
N ILE C 838 -16.38 21.49 6.37
CA ILE C 838 -17.27 21.32 7.52
C ILE C 838 -16.99 19.97 8.14
N GLN C 839 -16.69 19.96 9.44
CA GLN C 839 -16.47 18.72 10.15
C GLN C 839 -17.31 18.71 11.41
N GLU C 840 -17.68 17.52 11.86
CA GLU C 840 -18.56 17.36 13.00
C GLU C 840 -17.86 16.56 14.11
N LEU C 841 -18.24 16.88 15.34
CA LEU C 841 -17.74 16.20 16.53
C LEU C 841 -18.93 15.86 17.41
N THR C 842 -18.91 14.66 18.00
CA THR C 842 -20.08 14.12 18.68
C THR C 842 -19.79 13.80 20.14
N CYS C 843 -20.85 13.80 20.93
CA CYS C 843 -20.82 13.35 22.32
C CYS C 843 -22.09 12.57 22.62
N VAL C 844 -21.93 11.47 23.34
CA VAL C 844 -23.05 10.60 23.70
C VAL C 844 -23.13 10.50 25.22
N ALA C 845 -24.34 10.60 25.74
CA ALA C 845 -24.60 10.50 27.18
C ALA C 845 -24.86 9.03 27.50
N ARG C 846 -23.81 8.35 27.94
CA ARG C 846 -23.93 6.89 28.15
C ARG C 846 -24.67 6.64 29.46
N ASP C 847 -25.28 5.45 29.59
CA ASP C 847 -25.91 5.10 30.88
C ASP C 847 -24.78 4.49 31.72
N THR C 848 -23.96 5.35 32.34
CA THR C 848 -22.78 4.83 33.08
C THR C 848 -23.27 4.04 34.28
N LYS C 849 -22.46 3.09 34.76
CA LYS C 849 -22.95 2.20 35.84
C LYS C 849 -23.37 3.02 37.05
N LEU C 850 -22.52 3.95 37.50
CA LEU C 850 -22.86 4.68 38.74
C LEU C 850 -24.11 5.52 38.49
N GLY C 851 -24.18 6.20 37.34
CA GLY C 851 -25.32 7.07 37.01
C GLY C 851 -25.28 7.55 35.58
N PRO C 852 -26.33 8.19 35.05
CA PRO C 852 -26.24 8.77 33.71
C PRO C 852 -25.33 10.01 33.77
N GLU C 853 -24.55 10.26 32.71
CA GLU C 853 -23.70 11.49 32.68
C GLU C 853 -24.58 12.65 32.21
N GLU C 854 -24.43 13.83 32.79
CA GLU C 854 -25.35 14.89 32.39
C GLU C 854 -24.61 15.95 31.60
N ILE C 855 -25.32 16.58 30.67
CA ILE C 855 -24.73 17.63 29.82
C ILE C 855 -24.86 18.94 30.60
N THR C 856 -23.89 19.19 31.47
CA THR C 856 -23.92 20.35 32.36
C THR C 856 -22.64 21.15 32.22
N ALA C 857 -22.76 22.47 32.42
CA ALA C 857 -21.64 23.38 32.24
C ALA C 857 -20.71 23.46 33.45
N ASP C 858 -21.18 22.94 34.59
CA ASP C 858 -20.36 22.94 35.81
C ASP C 858 -19.37 21.78 35.71
N ILE C 859 -18.53 21.77 34.66
CA ILE C 859 -17.49 20.72 34.58
C ILE C 859 -16.63 20.85 35.84
N PRO C 860 -16.24 19.76 36.51
CA PRO C 860 -15.39 19.94 37.69
C PRO C 860 -14.00 20.45 37.27
N ASN C 861 -13.40 21.31 38.09
CA ASN C 861 -12.04 21.85 37.80
C ASN C 861 -12.02 22.47 36.40
N VAL C 862 -13.04 23.26 36.07
CA VAL C 862 -13.06 23.95 34.74
C VAL C 862 -12.61 25.40 34.90
N GLY C 863 -11.76 25.89 34.00
CA GLY C 863 -11.28 27.29 34.02
C GLY C 863 -12.37 28.26 33.61
N GLU C 864 -12.17 29.56 33.85
CA GLU C 864 -13.26 30.54 33.59
C GLU C 864 -13.39 30.91 32.11
N ALA C 865 -12.31 31.29 31.43
CA ALA C 865 -12.45 31.74 30.05
C ALA C 865 -13.09 30.66 29.19
N ALA C 866 -12.70 29.39 29.39
CA ALA C 866 -13.30 28.30 28.65
C ALA C 866 -14.79 28.18 28.97
N LEU C 867 -15.17 28.39 30.23
CA LEU C 867 -16.59 28.39 30.58
C LEU C 867 -17.30 29.59 29.98
N ASN C 868 -16.60 30.72 29.86
CA ASN C 868 -17.17 31.89 29.20
C ASN C 868 -17.48 31.60 27.73
N LYS C 869 -16.59 30.88 27.04
CA LYS C 869 -16.88 30.47 25.67
C LYS C 869 -18.12 29.59 25.61
N LEU C 870 -18.38 28.80 26.65
CA LEU C 870 -19.51 27.90 26.71
C LEU C 870 -20.76 28.66 27.13
N ASP C 871 -21.91 27.97 27.06
CA ASP C 871 -23.16 28.55 27.52
C ASP C 871 -23.55 27.98 28.88
N GLU C 872 -24.75 28.33 29.34
CA GLU C 872 -25.23 27.80 30.61
C GLU C 872 -25.58 26.33 30.50
N ALA C 873 -26.07 25.90 29.34
CA ALA C 873 -26.44 24.51 29.13
C ALA C 873 -25.24 23.60 28.86
N GLY C 874 -24.05 24.16 28.68
CA GLY C 874 -22.86 23.38 28.44
C GLY C 874 -22.47 23.20 26.99
N ILE C 875 -22.99 24.02 26.08
CA ILE C 875 -22.72 23.90 24.65
C ILE C 875 -22.26 25.25 24.12
N VAL C 876 -21.27 25.21 23.23
CA VAL C 876 -20.75 26.45 22.64
C VAL C 876 -21.85 27.17 21.88
N TYR C 877 -21.89 28.49 22.02
CA TYR C 877 -22.79 29.29 21.21
C TYR C 877 -22.43 29.15 19.74
N VAL C 878 -23.46 29.13 18.88
CA VAL C 878 -23.23 29.04 17.45
C VAL C 878 -22.58 30.33 16.96
N GLY C 879 -21.47 30.20 16.24
CA GLY C 879 -20.78 31.35 15.69
C GLY C 879 -19.62 31.82 16.55
N ALA C 880 -18.92 30.89 17.17
CA ALA C 880 -17.80 31.21 18.05
C ALA C 880 -16.51 30.63 17.48
N GLU C 881 -15.52 31.49 17.31
CA GLU C 881 -14.21 31.02 16.87
C GLU C 881 -13.59 30.13 17.94
N VAL C 882 -13.11 28.96 17.51
CA VAL C 882 -12.62 27.94 18.43
C VAL C 882 -11.19 27.62 18.07
N GLN C 883 -10.28 27.77 19.03
CA GLN C 883 -8.89 27.38 18.85
C GLN C 883 -8.72 25.94 19.31
N ALA C 884 -7.52 25.39 19.18
CA ALA C 884 -7.27 24.02 19.57
C ALA C 884 -7.37 23.84 21.07
N GLY C 885 -8.01 22.74 21.49
CA GLY C 885 -8.12 22.40 22.90
C GLY C 885 -9.29 23.03 23.62
N ASP C 886 -10.02 23.92 22.95
CA ASP C 886 -11.16 24.56 23.59
C ASP C 886 -12.28 23.55 23.82
N ILE C 887 -13.12 23.79 24.84
CA ILE C 887 -14.18 22.80 25.23
C ILE C 887 -15.51 23.10 24.55
N LEU C 888 -15.81 22.38 23.46
CA LEU C 888 -17.05 22.63 22.68
C LEU C 888 -18.33 22.23 23.44
N VAL C 889 -18.34 21.06 24.07
CA VAL C 889 -19.57 20.58 24.76
C VAL C 889 -19.14 20.08 26.14
N GLY C 890 -19.98 20.26 27.16
CA GLY C 890 -19.60 19.86 28.52
C GLY C 890 -20.41 18.67 29.03
N LYS C 891 -19.74 17.54 29.27
CA LYS C 891 -20.44 16.35 29.81
C LYS C 891 -19.76 15.98 31.13
N VAL C 892 -20.54 15.70 32.17
CA VAL C 892 -19.95 15.23 33.45
C VAL C 892 -20.42 13.80 33.67
N THR C 893 -19.49 12.86 33.76
CA THR C 893 -19.84 11.42 33.94
C THR C 893 -19.32 10.99 35.32
N PRO C 894 -20.15 10.38 36.18
CA PRO C 894 -19.67 10.08 37.54
C PRO C 894 -18.63 8.96 37.57
N VAL C 918 -17.22 13.41 40.08
CA VAL C 918 -17.79 13.60 38.71
C VAL C 918 -16.65 13.81 37.71
N LYS C 919 -16.42 12.83 36.83
CA LYS C 919 -15.36 12.94 35.78
C LYS C 919 -15.91 13.73 34.58
N ASP C 920 -15.03 14.23 33.71
CA ASP C 920 -15.51 15.07 32.58
C ASP C 920 -15.34 14.33 31.24
N THR C 921 -16.44 14.13 30.52
CA THR C 921 -16.38 13.53 29.17
C THR C 921 -16.61 14.67 28.18
N SER C 922 -16.32 15.90 28.60
CA SER C 922 -16.63 17.07 27.75
C SER C 922 -15.89 16.96 26.42
N LEU C 923 -16.55 17.30 25.31
CA LEU C 923 -15.89 17.27 23.99
C LEU C 923 -15.00 18.49 23.81
N ARG C 924 -13.79 18.27 23.31
CA ARG C 924 -12.93 19.41 22.99
C ARG C 924 -12.44 19.15 21.57
N VAL C 925 -11.95 20.16 20.86
CA VAL C 925 -11.55 19.96 19.46
C VAL C 925 -10.23 19.23 19.40
N PRO C 926 -9.99 18.39 18.39
CA PRO C 926 -8.69 17.72 18.29
C PRO C 926 -7.58 18.73 17.99
N THR C 927 -6.37 18.32 18.33
CA THR C 927 -5.20 19.19 18.15
C THR C 927 -5.05 19.56 16.67
N GLY C 928 -4.76 20.83 16.43
CA GLY C 928 -4.54 21.33 15.08
C GLY C 928 -5.81 21.69 14.35
N THR C 929 -6.96 21.45 14.96
CA THR C 929 -8.25 21.73 14.36
C THR C 929 -8.83 23.01 14.95
N LYS C 930 -8.96 24.04 14.11
CA LYS C 930 -9.52 25.31 14.54
C LYS C 930 -10.53 25.77 13.51
N GLY C 931 -11.68 26.25 13.98
CA GLY C 931 -12.71 26.70 13.07
C GLY C 931 -13.84 27.46 13.76
N THR C 932 -14.91 27.69 13.03
CA THR C 932 -16.07 28.42 13.54
C THR C 932 -17.25 27.47 13.65
N VAL C 933 -17.94 27.53 14.79
CA VAL C 933 -19.11 26.69 15.01
C VAL C 933 -20.28 27.26 14.23
N ILE C 934 -20.89 26.44 13.38
CA ILE C 934 -21.97 26.90 12.52
C ILE C 934 -23.32 26.29 12.89
N ASP C 935 -23.35 25.12 13.51
CA ASP C 935 -24.61 24.51 13.89
C ASP C 935 -24.36 23.49 15.00
N VAL C 936 -25.35 23.38 15.88
CA VAL C 936 -25.33 22.39 16.95
C VAL C 936 -26.66 21.65 16.93
N GLN C 937 -26.59 20.31 16.97
CA GLN C 937 -27.77 19.47 16.96
C GLN C 937 -27.85 18.70 18.27
N VAL C 938 -29.06 18.54 18.78
CA VAL C 938 -29.29 17.86 20.06
C VAL C 938 -30.35 16.79 19.86
N PHE C 939 -30.03 15.56 20.23
CA PHE C 939 -30.97 14.45 20.23
C PHE C 939 -31.09 13.91 21.65
N THR C 940 -32.33 13.74 22.11
CA THR C 940 -32.59 13.26 23.45
C THR C 940 -33.49 12.03 23.40
N ARG C 941 -33.17 11.05 24.23
CA ARG C 941 -33.91 9.78 24.25
C ARG C 941 -35.35 10.01 24.70
N ASP C 942 -36.25 9.15 24.22
CA ASP C 942 -37.64 9.24 24.62
C ASP C 942 -37.78 9.08 26.13
N GLY C 943 -38.58 9.93 26.74
CA GLY C 943 -38.72 9.94 28.18
C GLY C 943 -37.66 10.71 28.94
N VAL C 944 -36.86 11.51 28.25
CA VAL C 944 -35.83 12.31 28.89
C VAL C 944 -36.21 13.79 28.76
N GLU C 945 -35.66 14.61 29.66
CA GLU C 945 -35.98 16.03 29.69
C GLU C 945 -35.34 16.75 28.51
N ARG C 946 -36.15 17.55 27.83
CA ARG C 946 -35.70 18.34 26.69
C ARG C 946 -35.03 19.61 27.20
N ASP C 947 -33.75 19.76 26.88
CA ASP C 947 -32.98 20.88 27.41
C ASP C 947 -33.36 22.19 26.70
N SER C 948 -32.83 23.29 27.22
CA SER C 948 -33.20 24.62 26.73
C SER C 948 -32.76 24.82 25.28
N ARG C 949 -31.56 24.35 24.92
CA ARG C 949 -31.07 24.55 23.56
C ARG C 949 -31.93 23.83 22.54
N ALA C 950 -32.35 22.60 22.87
CA ALA C 950 -33.27 21.88 21.98
C ALA C 950 -34.58 22.63 21.85
N LEU C 951 -35.07 23.22 22.93
CA LEU C 951 -36.27 24.02 22.88
C LEU C 951 -36.09 25.20 21.93
N SER C 952 -34.96 25.91 22.04
CA SER C 952 -34.73 27.06 21.17
C SER C 952 -34.65 26.64 19.71
N ILE C 953 -33.94 25.55 19.43
CA ILE C 953 -33.83 25.05 18.06
C ILE C 953 -35.21 24.72 17.52
N GLU C 954 -36.01 24.01 18.31
CA GLU C 954 -37.34 23.65 17.86
C GLU C 954 -38.22 24.87 17.65
N LYS C 955 -38.21 25.85 18.56
CA LYS C 955 -39.06 27.01 18.37
C LYS C 955 -38.65 27.77 17.12
N MET C 956 -37.34 27.85 16.85
CA MET C 956 -36.90 28.46 15.61
C MET C 956 -37.44 27.69 14.39
N GLN C 957 -37.39 26.36 14.46
CA GLN C 957 -37.87 25.55 13.33
C GLN C 957 -39.36 25.75 13.09
N LEU C 958 -40.18 25.69 14.14
CA LEU C 958 -41.61 25.90 13.93
C LEU C 958 -41.93 27.35 13.56
N ASP C 959 -41.12 28.31 14.01
CA ASP C 959 -41.32 29.67 13.54
C ASP C 959 -41.09 29.77 12.04
N GLN C 960 -40.03 29.14 11.56
CA GLN C 960 -39.76 29.11 10.12
C GLN C 960 -40.90 28.45 9.36
N ILE C 961 -41.34 27.29 9.85
CA ILE C 961 -42.41 26.56 9.19
C ILE C 961 -43.69 27.40 9.16
N ARG C 962 -44.03 28.00 10.30
CA ARG C 962 -45.22 28.83 10.41
C ARG C 962 -45.18 29.98 9.42
N LYS C 963 -44.03 30.66 9.32
CA LYS C 963 -43.93 31.77 8.37
C LYS C 963 -44.00 31.28 6.93
N ASP C 964 -43.45 30.10 6.64
CA ASP C 964 -43.56 29.57 5.28
C ASP C 964 -45.00 29.33 4.88
N LEU C 965 -45.76 28.61 5.71
CA LEU C 965 -47.16 28.44 5.30
C LEU C 965 -47.96 29.73 5.44
N ASN C 966 -47.55 30.66 6.29
CA ASN C 966 -48.25 31.95 6.35
C ASN C 966 -48.12 32.70 5.04
N GLU C 967 -46.91 32.79 4.50
CA GLU C 967 -46.74 33.48 3.22
C GLU C 967 -47.35 32.67 2.06
N GLU C 968 -47.32 31.34 2.15
CA GLU C 968 -47.97 30.52 1.13
C GLU C 968 -49.47 30.74 1.11
N PHE C 969 -50.10 30.86 2.28
CA PHE C 969 -51.51 31.23 2.34
C PHE C 969 -51.71 32.65 1.83
N ARG C 970 -50.79 33.55 2.16
CA ARG C 970 -50.95 34.95 1.80
C ARG C 970 -51.00 35.13 0.29
N ILE C 971 -50.08 34.48 -0.44
CA ILE C 971 -50.03 34.67 -1.88
C ILE C 971 -51.30 34.15 -2.55
N VAL C 972 -51.74 32.95 -2.15
CA VAL C 972 -52.91 32.36 -2.80
C VAL C 972 -54.17 33.12 -2.43
N GLU C 973 -54.29 33.59 -1.18
CA GLU C 973 -55.48 34.35 -0.80
C GLU C 973 -55.50 35.70 -1.49
N GLY C 974 -54.35 36.34 -1.67
CA GLY C 974 -54.30 37.57 -2.44
C GLY C 974 -54.70 37.34 -3.89
N ALA C 975 -54.21 36.26 -4.50
CA ALA C 975 -54.59 35.95 -5.87
C ALA C 975 -56.09 35.74 -6.00
N THR C 976 -56.67 34.95 -5.08
CA THR C 976 -58.11 34.70 -5.12
C THR C 976 -58.90 35.98 -4.93
N PHE C 977 -58.47 36.83 -3.98
CA PHE C 977 -59.19 38.06 -3.71
C PHE C 977 -59.15 39.00 -4.90
N GLU C 978 -57.98 39.17 -5.53
CA GLU C 978 -57.93 40.07 -6.68
C GLU C 978 -58.66 39.50 -7.88
N ARG C 979 -58.65 38.18 -8.06
CA ARG C 979 -59.44 37.57 -9.13
C ARG C 979 -60.93 37.83 -8.91
N LEU C 980 -61.41 37.64 -7.67
CA LEU C 980 -62.81 37.89 -7.37
C LEU C 980 -63.18 39.35 -7.58
N ARG C 981 -62.31 40.26 -7.12
CA ARG C 981 -62.59 41.69 -7.27
C ARG C 981 -62.59 42.12 -8.73
N ALA C 982 -61.69 41.54 -9.54
CA ALA C 982 -61.68 41.83 -10.97
C ALA C 982 -62.90 41.26 -11.68
N ALA C 983 -63.42 40.12 -11.20
CA ALA C 983 -64.59 39.53 -11.85
C ALA C 983 -65.80 40.44 -11.75
N LEU C 984 -66.06 41.01 -10.57
CA LEU C 984 -67.21 41.88 -10.39
C LEU C 984 -66.88 43.31 -10.81
N VAL C 985 -67.95 44.08 -11.06
CA VAL C 985 -67.82 45.45 -11.56
C VAL C 985 -67.22 46.35 -10.47
N GLY C 986 -66.77 47.53 -10.88
CA GLY C 986 -66.14 48.44 -9.93
C GLY C 986 -67.09 48.86 -8.83
N ALA C 987 -66.55 48.95 -7.62
CA ALA C 987 -67.32 49.34 -6.45
C ALA C 987 -67.62 50.83 -6.48
N ALA C 1020 -74.93 38.89 -12.03
CA ALA C 1020 -75.67 39.97 -11.42
C ALA C 1020 -75.41 40.01 -9.91
N ASP C 1021 -76.43 40.45 -9.15
CA ASP C 1021 -76.29 40.51 -7.70
C ASP C 1021 -76.15 39.12 -7.08
N ASP C 1022 -76.87 38.12 -7.59
CA ASP C 1022 -76.72 36.76 -7.09
C ASP C 1022 -75.34 36.19 -7.36
N ALA C 1023 -74.78 36.49 -8.55
CA ALA C 1023 -73.48 35.91 -8.92
C ALA C 1023 -72.36 36.40 -8.00
N LEU C 1024 -72.36 37.70 -7.68
CA LEU C 1024 -71.29 38.23 -6.83
C LEU C 1024 -71.36 37.65 -5.43
N ASN C 1025 -72.57 37.51 -4.86
CA ASN C 1025 -72.70 36.91 -3.54
C ASN C 1025 -72.30 35.43 -3.57
N GLU C 1026 -72.67 34.71 -4.63
CA GLU C 1026 -72.27 33.31 -4.74
C GLU C 1026 -70.76 33.18 -4.82
N GLN C 1027 -70.12 34.06 -5.60
CA GLN C 1027 -68.67 34.01 -5.72
C GLN C 1027 -67.99 34.39 -4.42
N LEU C 1028 -68.55 35.36 -3.69
CA LEU C 1028 -67.99 35.71 -2.38
C LEU C 1028 -68.08 34.54 -1.41
N GLU C 1029 -69.23 33.85 -1.40
CA GLU C 1029 -69.36 32.67 -0.54
C GLU C 1029 -68.39 31.57 -0.94
N LYS C 1030 -68.22 31.35 -2.24
CA LYS C 1030 -67.28 30.34 -2.72
C LYS C 1030 -65.85 30.69 -2.33
N ALA C 1031 -65.48 31.96 -2.46
CA ALA C 1031 -64.14 32.39 -2.08
C ALA C 1031 -63.91 32.24 -0.59
N GLN C 1032 -64.92 32.58 0.22
CA GLN C 1032 -64.80 32.40 1.66
C GLN C 1032 -64.64 30.93 2.02
N ALA C 1033 -65.42 30.06 1.37
CA ALA C 1033 -65.30 28.63 1.62
C ALA C 1033 -63.92 28.11 1.23
N TYR C 1034 -63.41 28.56 0.08
CA TYR C 1034 -62.08 28.13 -0.35
C TYR C 1034 -61.01 28.60 0.62
N ILE C 1035 -61.11 29.85 1.09
CA ILE C 1035 -60.14 30.37 2.04
C ILE C 1035 -60.19 29.57 3.34
N SER C 1036 -61.40 29.26 3.81
CA SER C 1036 -61.54 28.47 5.04
C SER C 1036 -60.95 27.07 4.87
N ASP C 1037 -61.20 26.43 3.72
CA ASP C 1037 -60.64 25.10 3.48
C ASP C 1037 -59.12 25.15 3.42
N ARG C 1038 -58.57 26.16 2.77
CA ARG C 1038 -57.12 26.31 2.72
C ARG C 1038 -56.54 26.53 4.12
N ARG C 1039 -57.20 27.36 4.92
CA ARG C 1039 -56.76 27.58 6.30
C ARG C 1039 -56.79 26.27 7.09
N GLN C 1040 -57.85 25.47 6.90
CA GLN C 1040 -57.96 24.22 7.62
C GLN C 1040 -56.84 23.26 7.25
N LEU C 1041 -56.61 23.06 5.95
CA LEU C 1041 -55.58 22.12 5.52
C LEU C 1041 -54.19 22.63 5.91
N LEU C 1042 -53.99 23.95 5.86
CA LEU C 1042 -52.71 24.53 6.22
C LEU C 1042 -52.42 24.35 7.70
N ASP C 1043 -53.41 24.61 8.56
CA ASP C 1043 -53.20 24.42 9.98
C ASP C 1043 -53.05 22.94 10.34
N ASP C 1044 -53.74 22.05 9.61
CA ASP C 1044 -53.53 20.62 9.81
C ASP C 1044 -52.11 20.22 9.46
N LYS C 1045 -51.58 20.74 8.35
CA LYS C 1045 -50.19 20.47 7.99
C LYS C 1045 -49.23 21.03 9.04
N PHE C 1046 -49.51 22.23 9.54
CA PHE C 1046 -48.66 22.83 10.56
C PHE C 1046 -48.64 21.98 11.83
N GLU C 1047 -49.81 21.51 12.25
CA GLU C 1047 -49.88 20.67 13.45
C GLU C 1047 -49.19 19.35 13.23
N ASP C 1048 -49.31 18.78 12.02
CA ASP C 1048 -48.63 17.54 11.71
C ASP C 1048 -47.11 17.72 11.77
N LYS C 1049 -46.60 18.82 11.22
CA LYS C 1049 -45.17 19.11 11.32
C LYS C 1049 -44.76 19.33 12.77
N LYS C 1050 -45.59 20.03 13.54
CA LYS C 1050 -45.29 20.25 14.95
C LYS C 1050 -45.14 18.92 15.68
N ARG C 1051 -46.08 18.01 15.50
CA ARG C 1051 -46.03 16.74 16.22
C ARG C 1051 -44.92 15.85 15.68
N LYS C 1052 -44.60 15.98 14.39
CA LYS C 1052 -43.44 15.29 13.84
C LYS C 1052 -42.14 15.88 14.36
N LEU C 1053 -42.20 17.07 14.96
CA LEU C 1053 -41.04 17.66 15.61
C LEU C 1053 -40.95 17.29 17.09
N GLN C 1054 -42.09 17.16 17.77
CA GLN C 1054 -42.08 16.93 19.22
C GLN C 1054 -41.63 15.53 19.61
N GLN C 1055 -41.58 14.58 18.67
CA GLN C 1055 -41.29 13.20 19.03
C GLN C 1055 -39.82 13.06 19.44
N GLY C 1056 -39.53 11.97 20.16
CA GLY C 1056 -38.19 11.64 20.56
C GLY C 1056 -37.43 10.89 19.48
N ASP C 1057 -36.23 10.45 19.82
CA ASP C 1057 -35.37 9.73 18.90
C ASP C 1057 -35.20 8.28 19.35
N ASP C 1058 -34.85 7.43 18.39
CA ASP C 1058 -34.57 6.02 18.66
C ASP C 1058 -33.06 5.86 18.81
N LEU C 1059 -32.53 6.42 19.90
CA LEU C 1059 -31.11 6.38 20.14
C LEU C 1059 -30.68 4.97 20.54
N ALA C 1060 -29.37 4.73 20.49
CA ALA C 1060 -28.82 3.44 20.86
C ALA C 1060 -29.06 3.20 22.35
N PRO C 1061 -29.15 1.93 22.76
CA PRO C 1061 -29.36 1.64 24.20
C PRO C 1061 -28.24 2.22 25.05
N GLY C 1062 -28.63 2.94 26.09
CA GLY C 1062 -27.67 3.63 26.93
C GLY C 1062 -27.31 5.02 26.46
N VAL C 1063 -28.09 5.61 25.56
CA VAL C 1063 -27.83 6.95 25.07
C VAL C 1063 -28.95 7.85 25.59
N LEU C 1064 -28.63 8.72 26.54
CA LEU C 1064 -29.62 9.64 27.07
C LEU C 1064 -29.79 10.85 26.16
N LYS C 1065 -28.71 11.59 25.93
CA LYS C 1065 -28.72 12.74 25.03
C LYS C 1065 -27.50 12.67 24.14
N ILE C 1066 -27.71 12.93 22.84
CA ILE C 1066 -26.64 12.95 21.86
C ILE C 1066 -26.51 14.36 21.32
N VAL C 1067 -25.30 14.90 21.33
CA VAL C 1067 -25.03 16.24 20.82
C VAL C 1067 -23.91 16.17 19.81
N LYS C 1068 -23.99 17.02 18.79
CA LYS C 1068 -22.94 17.12 17.78
C LYS C 1068 -22.80 18.57 17.35
N VAL C 1069 -21.56 19.01 17.19
CA VAL C 1069 -21.25 20.37 16.79
C VAL C 1069 -20.58 20.33 15.42
N TYR C 1070 -20.77 21.41 14.66
CA TYR C 1070 -20.24 21.52 13.32
C TYR C 1070 -19.27 22.68 13.23
N LEU C 1071 -18.08 22.42 12.70
CA LEU C 1071 -17.03 23.40 12.60
C LEU C 1071 -16.77 23.70 11.12
N ALA C 1072 -16.59 24.98 10.82
CA ALA C 1072 -16.35 25.45 9.45
C ALA C 1072 -14.94 26.02 9.38
N ILE C 1073 -14.18 25.58 8.37
CA ILE C 1073 -12.81 26.02 8.18
C ILE C 1073 -12.66 26.52 6.74
N LYS C 1074 -12.11 27.72 6.59
CA LYS C 1074 -11.77 28.26 5.27
C LYS C 1074 -10.33 27.87 4.99
N ARG C 1075 -10.15 26.77 4.26
CA ARG C 1075 -8.82 26.29 3.92
C ARG C 1075 -8.28 27.09 2.74
N ARG C 1076 -7.23 27.86 2.98
CA ARG C 1076 -6.55 28.59 1.92
C ARG C 1076 -5.52 27.70 1.26
N ILE C 1077 -5.25 27.96 -0.01
CA ILE C 1077 -4.25 27.19 -0.71
C ILE C 1077 -2.87 27.60 -0.23
N GLN C 1078 -2.03 26.61 0.05
CA GLN C 1078 -0.72 26.83 0.64
C GLN C 1078 0.25 25.83 0.05
N PRO C 1079 1.55 26.13 0.06
CA PRO C 1079 2.53 25.18 -0.46
C PRO C 1079 2.36 23.80 0.13
N GLY C 1080 2.20 22.80 -0.74
CA GLY C 1080 1.91 21.44 -0.35
C GLY C 1080 0.58 20.93 -0.86
N ASP C 1081 -0.36 21.82 -1.17
CA ASP C 1081 -1.65 21.41 -1.68
C ASP C 1081 -1.53 20.88 -3.10
N LYS C 1082 -2.20 19.78 -3.38
CA LYS C 1082 -2.17 19.18 -4.71
C LYS C 1082 -3.15 19.90 -5.62
N MET C 1083 -2.65 20.40 -6.75
CA MET C 1083 -3.47 21.02 -7.76
C MET C 1083 -3.29 20.27 -9.07
N ALA C 1084 -4.31 20.34 -9.91
CA ALA C 1084 -4.31 19.55 -11.13
C ALA C 1084 -5.13 20.27 -12.18
N GLY C 1085 -4.94 19.86 -13.44
CA GLY C 1085 -5.76 20.34 -14.53
C GLY C 1085 -6.84 19.35 -14.88
N ARG C 1086 -7.18 19.27 -16.16
CA ARG C 1086 -8.16 18.30 -16.64
C ARG C 1086 -7.57 17.23 -17.54
N HIS C 1087 -6.26 17.28 -17.82
CA HIS C 1087 -5.60 16.32 -18.69
C HIS C 1087 -4.57 15.47 -17.95
N GLY C 1088 -4.78 15.23 -16.67
CA GLY C 1088 -3.87 14.40 -15.90
C GLY C 1088 -2.51 15.03 -15.67
N ASN C 1089 -2.48 16.35 -15.52
CA ASN C 1089 -1.26 17.08 -15.18
C ASN C 1089 -1.34 17.45 -13.71
N LYS C 1090 -0.89 16.54 -12.85
CA LYS C 1090 -0.90 16.76 -11.41
C LYS C 1090 0.13 17.84 -11.04
N GLY C 1091 0.18 18.15 -9.76
CA GLY C 1091 1.17 19.07 -9.26
C GLY C 1091 0.94 19.49 -7.83
N VAL C 1092 2.03 19.67 -7.09
CA VAL C 1092 1.98 20.17 -5.73
C VAL C 1092 2.52 21.58 -5.73
N VAL C 1093 1.70 22.52 -5.27
CA VAL C 1093 2.09 23.92 -5.31
C VAL C 1093 3.35 24.11 -4.48
N SER C 1094 4.34 24.77 -5.07
CA SER C 1094 5.66 24.85 -4.42
C SER C 1094 5.81 26.08 -3.55
N VAL C 1095 5.65 27.25 -4.13
CA VAL C 1095 5.87 28.51 -3.47
C VAL C 1095 4.83 29.50 -3.97
N ILE C 1096 4.62 30.57 -3.20
CA ILE C 1096 3.67 31.62 -3.55
C ILE C 1096 4.47 32.91 -3.63
N MET C 1097 4.98 33.23 -4.82
CA MET C 1097 5.72 34.45 -5.00
C MET C 1097 4.79 35.65 -5.13
N PRO C 1098 5.25 36.84 -4.75
CA PRO C 1098 4.45 38.04 -4.94
C PRO C 1098 4.24 38.33 -6.41
N VAL C 1099 3.38 39.32 -6.68
CA VAL C 1099 2.95 39.59 -8.04
C VAL C 1099 4.10 40.07 -8.90
N GLU C 1100 5.09 40.73 -8.29
CA GLU C 1100 6.15 41.33 -9.08
C GLU C 1100 6.99 40.27 -9.79
N ASP C 1101 7.31 39.17 -9.10
CA ASP C 1101 8.26 38.21 -9.65
C ASP C 1101 7.69 37.40 -10.81
N MET C 1102 6.37 37.19 -10.86
CA MET C 1102 5.80 36.36 -11.91
C MET C 1102 5.96 37.05 -13.26
N PRO C 1103 6.19 36.30 -14.33
CA PRO C 1103 6.32 36.91 -15.67
C PRO C 1103 5.08 37.70 -16.04
N HIS C 1104 5.30 38.88 -16.60
CA HIS C 1104 4.22 39.78 -16.96
C HIS C 1104 4.32 40.19 -18.42
N ASP C 1105 3.16 40.33 -19.06
CA ASP C 1105 3.12 40.69 -20.47
C ASP C 1105 3.68 42.09 -20.69
N ALA C 1106 3.92 42.40 -21.96
CA ALA C 1106 4.37 43.75 -22.32
C ALA C 1106 3.36 44.80 -21.88
N ASN C 1107 2.06 44.47 -21.93
CA ASN C 1107 1.03 45.35 -21.42
C ASN C 1107 1.06 45.47 -19.91
N GLY C 1108 1.74 44.55 -19.22
CA GLY C 1108 1.91 44.62 -17.78
C GLY C 1108 1.09 43.62 -17.00
N THR C 1109 0.17 42.89 -17.60
CA THR C 1109 -0.62 41.91 -16.86
C THR C 1109 0.27 40.76 -16.41
N PRO C 1110 0.21 40.35 -15.15
CA PRO C 1110 1.08 39.27 -14.69
C PRO C 1110 0.41 37.91 -14.84
N VAL C 1111 1.23 36.91 -15.08
CA VAL C 1111 0.76 35.54 -15.13
C VAL C 1111 0.36 35.11 -13.74
N ASP C 1112 -0.48 34.09 -13.66
CA ASP C 1112 -0.99 33.62 -12.38
C ASP C 1112 -0.33 32.32 -11.94
N ILE C 1113 0.00 31.45 -12.89
CA ILE C 1113 0.63 30.17 -12.60
C ILE C 1113 1.68 29.92 -13.69
N VAL C 1114 2.85 29.45 -13.29
CA VAL C 1114 3.89 29.05 -14.23
C VAL C 1114 4.03 27.54 -14.14
N LEU C 1115 3.74 26.85 -15.24
CA LEU C 1115 3.85 25.41 -15.30
C LEU C 1115 5.10 25.00 -16.05
N ASN C 1116 5.52 23.75 -15.84
CA ASN C 1116 6.68 23.21 -16.53
C ASN C 1116 6.29 22.80 -17.94
N PRO C 1117 6.91 23.34 -18.97
CA PRO C 1117 6.68 22.82 -20.33
C PRO C 1117 7.17 21.40 -20.51
N LEU C 1118 8.09 20.92 -19.67
CA LEU C 1118 8.67 19.61 -19.82
C LEU C 1118 7.68 18.48 -19.58
N GLY C 1119 6.54 18.77 -18.93
CA GLY C 1119 5.56 17.73 -18.70
C GLY C 1119 4.67 17.41 -19.88
N VAL C 1120 4.70 18.23 -20.91
CA VAL C 1120 3.90 17.99 -22.12
C VAL C 1120 4.51 16.91 -23.01
N PRO C 1121 5.79 16.98 -23.40
CA PRO C 1121 6.31 16.00 -24.36
C PRO C 1121 6.41 14.57 -23.84
N SER C 1122 6.69 14.37 -22.56
CA SER C 1122 6.86 13.01 -22.05
C SER C 1122 5.50 12.34 -21.85
N ARG C 1123 4.68 12.90 -20.97
CA ARG C 1123 3.29 12.50 -20.84
C ARG C 1123 2.58 13.02 -22.08
N MET C 1124 2.45 12.16 -23.10
CA MET C 1124 2.11 12.64 -24.43
C MET C 1124 0.66 13.10 -24.48
N ASN C 1125 0.39 14.26 -23.90
CA ASN C 1125 -0.94 14.87 -23.94
C ASN C 1125 -0.80 16.32 -24.36
N VAL C 1126 -1.49 16.68 -25.43
CA VAL C 1126 -1.49 18.04 -25.97
C VAL C 1126 -2.75 18.80 -25.59
N GLY C 1127 -3.62 18.19 -24.79
CA GLY C 1127 -4.82 18.88 -24.37
C GLY C 1127 -4.53 20.12 -23.55
N GLN C 1128 -3.45 20.10 -22.77
CA GLN C 1128 -3.09 21.29 -21.99
C GLN C 1128 -2.81 22.47 -22.90
N ILE C 1129 -2.05 22.25 -23.98
CA ILE C 1129 -1.65 23.36 -24.84
C ILE C 1129 -2.84 23.91 -25.61
N LEU C 1130 -3.66 23.03 -26.17
CA LEU C 1130 -4.83 23.48 -26.91
C LEU C 1130 -5.84 24.17 -26.00
N GLU C 1131 -6.03 23.61 -24.80
CA GLU C 1131 -6.90 24.24 -23.82
C GLU C 1131 -6.38 25.61 -23.42
N THR C 1132 -5.06 25.73 -23.27
CA THR C 1132 -4.47 27.02 -22.92
C THR C 1132 -4.68 28.04 -24.03
N HIS C 1133 -4.49 27.64 -25.29
CA HIS C 1133 -4.70 28.55 -26.39
C HIS C 1133 -6.16 28.99 -26.48
N LEU C 1134 -7.08 28.03 -26.36
CA LEU C 1134 -8.49 28.38 -26.47
C LEU C 1134 -8.95 29.21 -25.28
N GLY C 1135 -8.38 28.97 -24.10
CA GLY C 1135 -8.69 29.81 -22.95
C GLY C 1135 -8.15 31.22 -23.10
N LEU C 1136 -6.97 31.36 -23.71
CA LEU C 1136 -6.45 32.68 -24.02
C LEU C 1136 -7.39 33.41 -24.97
N ALA C 1137 -7.89 32.69 -25.98
CA ALA C 1137 -8.88 33.27 -26.89
C ALA C 1137 -10.15 33.66 -26.14
N ALA C 1138 -10.60 32.80 -25.22
CA ALA C 1138 -11.82 33.09 -24.46
C ALA C 1138 -11.66 34.35 -23.62
N LYS C 1139 -10.54 34.47 -22.91
CA LYS C 1139 -10.34 35.64 -22.07
C LYS C 1139 -10.11 36.90 -22.91
N GLY C 1140 -9.47 36.75 -24.08
CA GLY C 1140 -9.34 37.89 -24.97
C GLY C 1140 -10.69 38.38 -25.46
N LEU C 1141 -11.57 37.45 -25.82
CA LEU C 1141 -12.93 37.82 -26.22
C LEU C 1141 -13.69 38.45 -25.07
N GLY C 1142 -13.52 37.92 -23.86
CA GLY C 1142 -14.18 38.52 -22.71
C GLY C 1142 -13.72 39.92 -22.45
N GLU C 1143 -12.41 40.17 -22.54
CA GLU C 1143 -11.88 41.50 -22.36
C GLU C 1143 -12.36 42.45 -23.46
N LYS C 1144 -12.40 41.97 -24.70
CA LYS C 1144 -12.90 42.78 -25.80
C LYS C 1144 -14.36 43.16 -25.57
N ILE C 1145 -15.18 42.20 -25.14
CA ILE C 1145 -16.58 42.46 -24.88
C ILE C 1145 -16.73 43.44 -23.72
N ASN C 1146 -15.92 43.27 -22.69
CA ASN C 1146 -15.98 44.16 -21.53
C ASN C 1146 -15.62 45.58 -21.91
N ARG C 1147 -14.59 45.75 -22.73
CA ARG C 1147 -14.19 47.10 -23.14
C ARG C 1147 -15.18 47.69 -24.13
N MET C 1148 -15.89 46.84 -24.88
CA MET C 1148 -16.96 47.33 -25.75
C MET C 1148 -18.16 47.77 -24.93
N LEU C 1149 -18.43 47.07 -23.83
CA LEU C 1149 -19.52 47.44 -22.93
C LEU C 1149 -19.19 48.72 -22.16
N GLU C 1150 -17.92 48.89 -21.78
CA GLU C 1150 -17.52 50.08 -21.02
C GLU C 1150 -17.58 51.33 -21.89
N GLU C 1151 -17.33 51.20 -23.19
CA GLU C 1151 -17.42 52.32 -24.11
C GLU C 1151 -18.85 52.70 -24.44
N GLN C 1152 -19.84 52.08 -23.78
CA GLN C 1152 -21.26 52.39 -23.98
C GLN C 1152 -21.66 52.22 -25.45
N ARG C 1153 -21.19 51.13 -26.05
CA ARG C 1153 -21.56 50.81 -27.42
C ARG C 1153 -23.04 50.46 -27.50
N LYS C 1154 -23.62 50.73 -28.67
CA LYS C 1154 -25.03 50.45 -28.90
C LYS C 1154 -25.26 48.95 -29.03
N VAL C 1155 -26.52 48.54 -28.85
CA VAL C 1155 -26.86 47.13 -28.86
C VAL C 1155 -26.59 46.50 -30.22
N ALA C 1156 -26.66 47.30 -31.29
CA ALA C 1156 -26.40 46.77 -32.62
C ALA C 1156 -24.95 46.29 -32.77
N GLU C 1157 -24.00 47.08 -32.25
CA GLU C 1157 -22.60 46.69 -32.33
C GLU C 1157 -22.33 45.45 -31.50
N LEU C 1158 -22.91 45.38 -30.29
CA LEU C 1158 -22.79 44.18 -29.47
C LEU C 1158 -23.36 42.97 -30.19
N ARG C 1159 -24.53 43.13 -30.82
CA ARG C 1159 -25.16 42.03 -31.52
C ARG C 1159 -24.31 41.55 -32.69
N LYS C 1160 -23.74 42.49 -33.46
CA LYS C 1160 -22.94 42.09 -34.60
C LYS C 1160 -21.64 41.43 -34.16
N PHE C 1161 -21.05 41.90 -33.06
CA PHE C 1161 -19.83 41.26 -32.56
C PHE C 1161 -20.13 39.85 -32.04
N LEU C 1162 -21.24 39.68 -31.33
CA LEU C 1162 -21.62 38.35 -30.87
C LEU C 1162 -21.90 37.43 -32.05
N HIS C 1163 -22.56 37.93 -33.09
CA HIS C 1163 -22.78 37.13 -34.28
C HIS C 1163 -21.47 36.75 -34.95
N GLU C 1164 -20.52 37.69 -35.00
CA GLU C 1164 -19.22 37.39 -35.56
C GLU C 1164 -18.51 36.29 -34.77
N ILE C 1165 -18.65 36.33 -33.45
CA ILE C 1165 -18.09 35.26 -32.62
C ILE C 1165 -18.80 33.94 -32.91
N TYR C 1166 -20.11 34.00 -33.16
CA TYR C 1166 -20.96 32.81 -33.24
C TYR C 1166 -21.22 32.34 -34.67
N ASN C 1167 -20.54 32.90 -35.65
CA ASN C 1167 -20.66 32.46 -37.04
C ASN C 1167 -19.38 31.87 -37.59
N GLU C 1168 -18.31 31.83 -36.79
CA GLU C 1168 -16.97 31.56 -37.30
C GLU C 1168 -16.79 30.19 -37.93
N ILE C 1169 -16.87 29.13 -37.13
CA ILE C 1169 -16.51 27.81 -37.63
C ILE C 1169 -17.61 26.78 -37.37
N GLY C 1170 -17.90 26.51 -36.10
CA GLY C 1170 -18.75 25.42 -35.71
C GLY C 1170 -20.03 25.89 -35.02
N GLY C 1171 -20.88 24.91 -34.74
CA GLY C 1171 -22.17 25.22 -34.14
C GLY C 1171 -23.00 26.05 -35.09
N ARG C 1172 -24.00 26.75 -34.54
CA ARG C 1172 -24.86 27.62 -35.33
C ARG C 1172 -25.24 28.82 -34.48
N GLU C 1173 -25.10 30.01 -35.06
CA GLU C 1173 -25.48 31.22 -34.35
C GLU C 1173 -26.97 31.18 -34.00
N GLU C 1174 -27.27 31.59 -32.77
CA GLU C 1174 -28.63 31.55 -32.27
C GLU C 1174 -29.21 32.94 -31.97
N ASN C 1175 -28.49 34.00 -32.30
CA ASN C 1175 -28.91 35.35 -31.91
C ASN C 1175 -30.04 35.82 -32.82
N LEU C 1176 -30.43 37.09 -32.66
CA LEU C 1176 -31.58 37.74 -33.27
C LEU C 1176 -32.90 37.18 -32.77
N ASP C 1177 -32.88 36.17 -31.91
CA ASP C 1177 -34.05 35.73 -31.16
C ASP C 1177 -34.08 36.31 -29.76
N GLU C 1178 -33.11 37.16 -29.43
CA GLU C 1178 -32.98 37.75 -28.10
C GLU C 1178 -33.30 39.24 -28.18
N LEU C 1179 -34.08 39.71 -27.22
CA LEU C 1179 -34.43 41.12 -27.16
C LEU C 1179 -33.16 41.96 -26.94
N GLY C 1180 -33.10 43.11 -27.58
CA GLY C 1180 -31.92 43.95 -27.56
C GLY C 1180 -31.45 44.36 -26.18
N ASP C 1181 -32.26 45.16 -25.48
CA ASP C 1181 -31.80 45.74 -24.22
C ASP C 1181 -31.68 44.70 -23.12
N ASN C 1182 -32.57 43.70 -23.08
CA ASN C 1182 -32.54 42.76 -21.98
C ASN C 1182 -31.54 41.63 -22.21
N GLU C 1183 -31.79 40.79 -23.21
CA GLU C 1183 -31.06 39.54 -23.32
C GLU C 1183 -29.64 39.76 -23.83
N ILE C 1184 -29.45 40.63 -24.81
CA ILE C 1184 -28.12 40.86 -25.34
C ILE C 1184 -27.24 41.55 -24.30
N LEU C 1185 -27.79 42.51 -23.55
CA LEU C 1185 -27.01 43.15 -22.52
C LEU C 1185 -26.69 42.18 -21.38
N ALA C 1186 -27.64 41.30 -21.02
CA ALA C 1186 -27.33 40.29 -20.02
C ALA C 1186 -26.25 39.34 -20.51
N LEU C 1187 -26.30 38.96 -21.78
CA LEU C 1187 -25.26 38.12 -22.35
C LEU C 1187 -23.90 38.80 -22.30
N ALA C 1188 -23.86 40.08 -22.63
CA ALA C 1188 -22.59 40.80 -22.56
C ALA C 1188 -22.08 40.90 -21.13
N LYS C 1189 -22.99 41.17 -20.18
CA LYS C 1189 -22.59 41.26 -18.79
C LYS C 1189 -22.11 39.93 -18.25
N ASN C 1190 -22.58 38.83 -18.82
CA ASN C 1190 -22.12 37.51 -18.39
C ASN C 1190 -20.86 37.07 -19.13
N LEU C 1191 -20.64 37.57 -20.34
CA LEU C 1191 -19.47 37.21 -21.12
C LEU C 1191 -18.28 38.12 -20.88
N ARG C 1192 -18.48 39.23 -20.17
CA ARG C 1192 -17.37 40.15 -19.91
C ARG C 1192 -16.20 39.47 -19.21
N GLY C 1193 -16.47 38.41 -18.45
CA GLY C 1193 -15.41 37.64 -17.82
C GLY C 1193 -14.80 36.58 -18.70
N GLY C 1194 -15.22 36.49 -19.96
CA GLY C 1194 -14.71 35.49 -20.87
C GLY C 1194 -15.79 34.73 -21.57
N VAL C 1195 -15.71 34.62 -22.90
CA VAL C 1195 -16.70 33.89 -23.66
C VAL C 1195 -16.38 32.40 -23.55
N PRO C 1196 -17.27 31.60 -22.97
CA PRO C 1196 -16.98 30.16 -22.85
C PRO C 1196 -17.24 29.42 -24.15
N MET C 1197 -16.26 28.65 -24.60
CA MET C 1197 -16.43 27.77 -25.75
C MET C 1197 -16.60 26.33 -25.26
N ALA C 1198 -17.50 25.62 -25.93
CA ALA C 1198 -17.78 24.22 -25.62
C ALA C 1198 -17.21 23.37 -26.74
N THR C 1199 -16.06 22.75 -26.48
CA THR C 1199 -15.46 21.85 -27.47
C THR C 1199 -15.73 20.40 -27.10
N PRO C 1200 -16.59 19.69 -27.82
CA PRO C 1200 -16.92 18.31 -27.46
C PRO C 1200 -15.73 17.39 -27.62
N VAL C 1201 -15.96 16.12 -27.30
CA VAL C 1201 -14.86 15.21 -26.98
C VAL C 1201 -14.01 14.94 -28.22
N PHE C 1202 -14.61 14.35 -29.25
CA PHE C 1202 -13.86 14.04 -30.47
C PHE C 1202 -14.30 14.84 -31.68
N ASP C 1203 -15.33 15.67 -31.56
CA ASP C 1203 -15.79 16.53 -32.65
C ASP C 1203 -15.56 18.01 -32.37
N GLY C 1204 -14.54 18.33 -31.58
CA GLY C 1204 -14.34 19.67 -31.09
C GLY C 1204 -13.61 20.58 -32.07
N ALA C 1205 -13.00 21.62 -31.49
CA ALA C 1205 -12.38 22.68 -32.27
C ALA C 1205 -11.10 22.19 -32.93
N LYS C 1206 -10.98 22.44 -34.23
CA LYS C 1206 -9.75 22.18 -34.96
C LYS C 1206 -8.72 23.27 -34.64
N GLU C 1207 -7.49 23.06 -35.13
CA GLU C 1207 -6.45 24.06 -34.94
C GLU C 1207 -6.80 25.39 -35.60
N ARG C 1208 -7.27 25.33 -36.86
CA ARG C 1208 -7.47 26.56 -37.62
C ARG C 1208 -8.60 27.39 -37.04
N GLU C 1209 -9.60 26.76 -36.41
CA GLU C 1209 -10.66 27.53 -35.77
C GLU C 1209 -10.13 28.30 -34.56
N ILE C 1210 -9.25 27.66 -33.79
CA ILE C 1210 -8.60 28.36 -32.67
C ILE C 1210 -7.72 29.51 -33.20
N LYS C 1211 -7.01 29.26 -34.31
CA LYS C 1211 -6.20 30.33 -34.89
C LYS C 1211 -7.04 31.51 -35.33
N ALA C 1212 -8.18 31.24 -35.98
CA ALA C 1212 -9.05 32.32 -36.41
C ALA C 1212 -9.66 33.06 -35.23
N MET C 1213 -10.01 32.32 -34.17
CA MET C 1213 -10.48 32.97 -32.95
C MET C 1213 -9.43 33.88 -32.36
N LEU C 1214 -8.17 33.42 -32.33
CA LEU C 1214 -7.09 34.22 -31.77
C LEU C 1214 -6.85 35.48 -32.61
N LYS C 1215 -6.83 35.34 -33.93
CA LYS C 1215 -6.63 36.50 -34.78
C LYS C 1215 -7.84 37.43 -34.73
N LEU C 1216 -9.00 36.91 -34.36
CA LEU C 1216 -10.18 37.76 -34.22
C LEU C 1216 -10.13 38.55 -32.93
N ALA C 1217 -9.49 37.99 -31.89
CA ALA C 1217 -9.38 38.65 -30.59
C ALA C 1217 -8.16 39.54 -30.47
N ASP C 1218 -7.50 39.87 -31.58
CA ASP C 1218 -6.31 40.72 -31.62
C ASP C 1218 -5.16 40.15 -30.77
N LEU C 1219 -5.06 38.84 -30.69
CA LEU C 1219 -3.97 38.13 -30.04
C LEU C 1219 -3.12 37.43 -31.08
N PRO C 1220 -1.86 37.10 -30.75
CA PRO C 1220 -1.00 36.43 -31.73
C PRO C 1220 -1.61 35.13 -32.21
N GLU C 1221 -1.56 34.92 -33.53
CA GLU C 1221 -2.17 33.74 -34.11
C GLU C 1221 -1.50 32.46 -33.61
N SER C 1222 -0.20 32.52 -33.32
CA SER C 1222 0.51 31.37 -32.81
C SER C 1222 0.16 31.06 -31.36
N GLY C 1223 -0.48 31.98 -30.66
CA GLY C 1223 -0.79 31.77 -29.26
C GLY C 1223 0.34 32.05 -28.30
N GLN C 1224 1.41 32.69 -28.77
CA GLN C 1224 2.62 32.91 -27.98
C GLN C 1224 3.09 34.34 -28.18
N MET C 1225 3.65 34.92 -27.11
CA MET C 1225 4.34 36.19 -27.24
C MET C 1225 5.40 36.25 -26.15
N ARG C 1226 6.39 37.11 -26.36
CA ARG C 1226 7.50 37.21 -25.44
C ARG C 1226 7.07 37.91 -24.15
N LEU C 1227 7.28 37.22 -23.04
CA LEU C 1227 6.96 37.73 -21.71
C LEU C 1227 8.14 38.52 -21.16
N PHE C 1228 7.85 39.34 -20.16
CA PHE C 1228 8.87 40.12 -19.47
C PHE C 1228 9.14 39.50 -18.13
N ASP C 1229 10.43 39.39 -17.77
CA ASP C 1229 10.78 38.79 -16.49
C ASP C 1229 10.27 39.66 -15.34
N GLY C 1230 9.99 39.01 -14.22
CA GLY C 1230 9.38 39.70 -13.11
C GLY C 1230 10.38 40.33 -12.15
N ARG C 1231 11.63 39.90 -12.22
CA ARG C 1231 12.68 40.41 -11.33
C ARG C 1231 13.66 41.32 -12.05
N THR C 1232 14.28 40.82 -13.11
CA THR C 1232 15.20 41.62 -13.91
C THR C 1232 14.49 42.50 -14.93
N GLY C 1233 13.23 42.20 -15.24
CA GLY C 1233 12.46 43.02 -16.16
C GLY C 1233 12.91 42.98 -17.61
N ASN C 1234 13.70 41.99 -18.00
CA ASN C 1234 14.17 41.90 -19.38
C ASN C 1234 13.40 40.83 -20.12
N GLN C 1235 13.02 41.13 -21.35
CA GLN C 1235 12.22 40.22 -22.16
C GLN C 1235 12.97 38.91 -22.40
N PHE C 1236 12.26 37.81 -22.28
CA PHE C 1236 12.84 36.52 -22.66
C PHE C 1236 13.10 36.50 -24.16
N GLU C 1237 14.21 35.87 -24.55
CA GLU C 1237 14.61 35.88 -25.96
C GLU C 1237 13.60 35.16 -26.83
N ARG C 1238 13.08 34.03 -26.35
CA ARG C 1238 12.11 33.29 -27.15
C ARG C 1238 10.72 33.44 -26.56
N PRO C 1239 9.67 33.39 -27.38
CA PRO C 1239 8.32 33.61 -26.85
C PRO C 1239 7.76 32.35 -26.21
N THR C 1240 7.08 32.53 -25.09
CA THR C 1240 6.51 31.43 -24.33
C THR C 1240 5.00 31.39 -24.53
N THR C 1241 4.37 30.33 -24.02
CA THR C 1241 2.94 30.10 -24.16
C THR C 1241 2.24 30.55 -22.89
N VAL C 1242 1.27 31.44 -23.04
CA VAL C 1242 0.47 31.92 -21.92
C VAL C 1242 -0.99 31.88 -22.32
N GLY C 1243 -1.83 31.49 -21.37
CA GLY C 1243 -3.25 31.41 -21.61
C GLY C 1243 -3.96 30.97 -20.35
N TYR C 1244 -5.27 30.91 -20.44
CA TYR C 1244 -6.13 30.65 -19.29
C TYR C 1244 -6.53 29.19 -19.27
N MET C 1245 -5.99 28.45 -18.33
CA MET C 1245 -6.21 27.01 -18.22
C MET C 1245 -7.01 26.71 -16.96
N TYR C 1246 -8.00 25.83 -17.10
CA TYR C 1246 -8.91 25.48 -16.02
C TYR C 1246 -8.18 24.59 -15.03
N MET C 1247 -7.67 25.18 -13.96
CA MET C 1247 -6.92 24.46 -12.96
C MET C 1247 -7.82 24.06 -11.81
N LEU C 1248 -7.53 22.90 -11.23
CA LEU C 1248 -8.36 22.27 -10.20
C LEU C 1248 -7.62 22.28 -8.88
N LYS C 1249 -8.37 22.09 -7.79
CA LYS C 1249 -7.77 21.86 -6.48
C LYS C 1249 -8.33 20.56 -5.93
N LEU C 1250 -7.46 19.62 -5.63
CA LEU C 1250 -7.90 18.28 -5.24
C LEU C 1250 -7.96 18.17 -3.72
N ASN C 1251 -8.66 17.12 -3.26
CA ASN C 1251 -8.90 16.92 -1.84
C ASN C 1251 -7.71 16.14 -1.24
N HIS C 1252 -6.52 16.70 -1.45
CA HIS C 1252 -5.28 16.13 -0.96
C HIS C 1252 -4.46 17.21 -0.27
N LEU C 1253 -5.10 17.98 0.60
CA LEU C 1253 -4.46 19.13 1.21
C LEU C 1253 -3.37 18.69 2.17
N VAL C 1254 -2.25 19.44 2.15
CA VAL C 1254 -1.17 19.17 3.08
C VAL C 1254 -1.57 19.41 4.52
N ASP C 1255 -2.65 20.17 4.75
CA ASP C 1255 -3.13 20.38 6.11
C ASP C 1255 -3.57 19.07 6.77
N ASP C 1256 -4.12 18.16 5.98
CA ASP C 1256 -4.54 16.84 6.47
C ASP C 1256 -3.42 15.82 6.38
N LYS C 1257 -2.30 16.15 5.76
CA LYS C 1257 -1.22 15.18 5.56
C LYS C 1257 -0.08 15.39 6.55
N MET C 1258 0.09 16.61 7.03
CA MET C 1258 1.18 16.93 7.96
C MET C 1258 0.90 16.26 9.30
N HIS C 1259 1.70 15.25 9.63
CA HIS C 1259 1.68 14.61 10.94
C HIS C 1259 3.09 14.60 11.50
N ALA C 1260 3.19 14.64 12.82
CA ALA C 1260 4.47 14.65 13.49
C ALA C 1260 4.29 14.08 14.90
N ARG C 1261 5.25 13.26 15.31
CA ARG C 1261 5.19 12.59 16.59
C ARG C 1261 6.55 12.67 17.28
N SER C 1262 6.54 12.89 18.58
CA SER C 1262 7.73 12.81 19.40
C SER C 1262 7.66 11.67 20.40
N THR C 1263 6.62 11.63 21.22
CA THR C 1263 6.35 10.53 22.12
C THR C 1263 4.87 10.54 22.45
N GLY C 1264 4.34 9.35 22.73
CA GLY C 1264 2.92 9.24 23.00
C GLY C 1264 2.56 7.83 23.40
N SER C 1265 1.25 7.59 23.46
CA SER C 1265 0.75 6.27 23.85
C SER C 1265 1.11 5.23 22.81
N TYR C 1266 1.40 4.01 23.28
CA TYR C 1266 1.79 2.90 22.42
C TYR C 1266 0.75 1.79 22.48
N SER C 1267 0.88 0.84 21.55
CA SER C 1267 -0.01 -0.31 21.55
C SER C 1267 0.20 -1.16 22.79
N LEU C 1268 -0.89 -1.73 23.29
CA LEU C 1268 -0.83 -2.43 24.58
C LEU C 1268 -0.16 -3.79 24.48
N VAL C 1269 -0.32 -4.49 23.35
CA VAL C 1269 0.32 -5.79 23.19
C VAL C 1269 1.81 -5.62 22.93
N THR C 1270 2.15 -4.99 21.81
CA THR C 1270 3.53 -4.64 21.48
C THR C 1270 3.70 -3.15 21.74
N GLN C 1271 4.67 -2.81 22.59
CA GLN C 1271 4.83 -1.43 23.03
C GLN C 1271 5.45 -0.61 21.90
N GLN C 1272 4.68 -0.44 20.84
CA GLN C 1272 5.07 0.36 19.69
C GLN C 1272 4.07 1.46 19.47
N PRO C 1273 4.51 2.62 18.96
CA PRO C 1273 3.58 3.69 18.67
C PRO C 1273 2.54 3.26 17.64
N LEU C 1274 1.33 3.74 17.92
CA LEU C 1274 0.16 3.44 17.08
C LEU C 1274 0.34 4.13 15.74
N GLY C 1275 -0.68 4.18 14.91
CA GLY C 1275 -0.42 4.77 13.59
C GLY C 1275 -1.49 5.72 13.10
N GLY C 1276 -1.09 6.73 12.34
CA GLY C 1276 -2.07 7.61 11.69
C GLY C 1276 -2.34 8.87 12.45
N LYS C 1277 -2.32 10.01 11.79
CA LYS C 1277 -2.71 11.23 12.51
C LYS C 1277 -4.13 10.91 12.96
N ALA C 1278 -4.42 10.98 14.25
CA ALA C 1278 -5.73 10.62 14.86
C ALA C 1278 -5.37 9.90 16.13
N GLN C 1279 -4.35 9.07 16.06
CA GLN C 1279 -3.85 8.36 17.25
C GLN C 1279 -2.41 8.82 17.44
N PHE C 1280 -2.07 10.03 16.99
CA PHE C 1280 -0.65 10.43 16.99
C PHE C 1280 0.00 9.35 16.14
N GLY C 1281 0.98 8.64 16.65
CA GLY C 1281 1.47 7.51 15.85
C GLY C 1281 2.70 7.83 15.04
N GLY C 1282 3.47 6.82 14.68
CA GLY C 1282 4.73 7.08 13.99
C GLY C 1282 4.81 6.26 12.74
N GLN C 1283 5.72 6.63 11.85
CA GLN C 1283 5.87 5.89 10.59
C GLN C 1283 6.66 4.63 10.91
N ARG C 1284 6.55 3.59 10.10
CA ARG C 1284 7.19 2.32 10.44
C ARG C 1284 8.41 2.10 9.55
N PHE C 1285 9.54 1.82 10.20
CA PHE C 1285 10.75 1.38 9.51
C PHE C 1285 10.59 -0.11 9.17
N GLY C 1286 9.78 -0.36 8.15
CA GLY C 1286 9.52 -1.71 7.72
C GLY C 1286 10.76 -2.40 7.19
N GLU C 1287 10.53 -3.60 6.64
CA GLU C 1287 11.63 -4.41 6.15
C GLU C 1287 12.51 -3.65 5.15
N MET C 1288 11.89 -2.96 4.19
CA MET C 1288 12.67 -2.29 3.15
C MET C 1288 13.54 -1.17 3.69
N GLU C 1289 13.01 -0.35 4.59
CA GLU C 1289 13.82 0.72 5.17
C GLU C 1289 14.91 0.17 6.09
N VAL C 1290 14.61 -0.94 6.78
CA VAL C 1290 15.65 -1.59 7.58
C VAL C 1290 16.75 -2.11 6.68
N TRP C 1291 16.38 -2.69 5.53
CA TRP C 1291 17.40 -3.11 4.57
C TRP C 1291 18.22 -1.93 4.09
N ALA C 1292 17.56 -0.80 3.84
CA ALA C 1292 18.28 0.38 3.38
C ALA C 1292 19.27 0.87 4.41
N LEU C 1293 18.89 0.82 5.70
CA LEU C 1293 19.84 1.18 6.75
C LEU C 1293 20.97 0.16 6.86
N GLU C 1294 20.66 -1.12 6.61
CA GLU C 1294 21.69 -2.15 6.66
C GLU C 1294 22.68 -2.02 5.52
N ALA C 1295 22.22 -1.59 4.34
CA ALA C 1295 23.11 -1.39 3.21
C ALA C 1295 24.11 -0.29 3.52
N TYR C 1296 23.66 0.78 4.17
CA TYR C 1296 24.57 1.71 4.80
C TYR C 1296 25.30 1.01 5.94
N GLY C 1297 26.45 1.54 6.30
CA GLY C 1297 27.08 0.99 7.49
C GLY C 1297 26.42 1.40 8.78
N ALA C 1298 25.35 2.18 8.69
CA ALA C 1298 24.73 2.74 9.87
C ALA C 1298 24.00 1.65 10.66
N ALA C 1299 24.64 1.18 11.72
CA ALA C 1299 24.07 0.19 12.62
C ALA C 1299 23.63 0.77 13.94
N TYR C 1300 24.28 1.83 14.41
CA TYR C 1300 23.89 2.44 15.67
C TYR C 1300 22.54 3.15 15.56
N THR C 1301 22.32 3.85 14.45
CA THR C 1301 21.01 4.49 14.27
C THR C 1301 19.93 3.44 14.04
N LEU C 1302 20.26 2.37 13.32
CA LEU C 1302 19.31 1.29 13.11
C LEU C 1302 18.95 0.61 14.43
N GLN C 1303 19.96 0.33 15.26
CA GLN C 1303 19.70 -0.31 16.54
C GLN C 1303 18.93 0.59 17.49
N GLU C 1304 19.28 1.88 17.51
CA GLU C 1304 18.53 2.84 18.32
C GLU C 1304 17.12 3.02 17.79
N MET C 1305 16.95 2.84 16.48
CA MET C 1305 15.68 3.06 15.82
C MET C 1305 14.71 1.91 16.10
N LEU C 1306 15.22 0.69 16.07
CA LEU C 1306 14.42 -0.49 16.36
C LEU C 1306 14.47 -0.88 17.83
N THR C 1307 15.21 -0.15 18.66
CA THR C 1307 15.34 -0.47 20.07
C THR C 1307 14.84 0.64 20.96
N VAL C 1308 15.33 1.86 20.78
CA VAL C 1308 15.02 2.96 21.69
C VAL C 1308 13.75 3.71 21.29
N LYS C 1309 13.59 4.06 20.02
CA LYS C 1309 12.39 4.75 19.58
C LYS C 1309 11.13 3.91 19.65
N SER C 1310 11.27 2.61 19.89
CA SER C 1310 10.09 1.74 19.88
C SER C 1310 10.41 0.46 20.64
N ASP C 1311 9.34 -0.16 21.15
CA ASP C 1311 9.35 -1.56 21.55
C ASP C 1311 10.21 -1.83 22.77
N ASP C 1312 10.75 -0.79 23.40
CA ASP C 1312 11.50 -0.97 24.64
C ASP C 1312 10.94 -0.03 25.69
N VAL C 1313 10.47 -0.60 26.80
CA VAL C 1313 9.85 0.20 27.85
C VAL C 1313 10.93 0.95 28.61
N ASN C 1314 11.90 0.23 29.15
CA ASN C 1314 12.94 0.87 29.95
C ASN C 1314 13.90 1.71 29.10
N GLY C 1315 13.86 1.57 27.78
CA GLY C 1315 14.75 2.34 26.94
C GLY C 1315 14.20 3.70 26.58
N ARG C 1316 12.90 3.78 26.33
CA ARG C 1316 12.28 5.04 25.91
C ARG C 1316 12.42 6.11 26.98
N THR C 1317 12.06 5.78 28.22
CA THR C 1317 12.12 6.77 29.29
C THR C 1317 13.56 7.20 29.57
N LYS C 1318 14.49 6.25 29.59
CA LYS C 1318 15.88 6.60 29.84
C LYS C 1318 16.44 7.46 28.72
N MET C 1319 16.05 7.18 27.47
CA MET C 1319 16.52 8.00 26.36
C MET C 1319 15.93 9.41 26.46
N TYR C 1320 14.67 9.51 26.88
CA TYR C 1320 14.07 10.83 27.12
C TYR C 1320 14.85 11.59 28.18
N LYS C 1321 15.21 10.91 29.27
CA LYS C 1321 16.05 11.53 30.30
C LYS C 1321 17.35 12.03 29.70
N ASN C 1322 18.02 11.17 28.94
CA ASN C 1322 19.31 11.55 28.36
C ASN C 1322 19.17 12.76 27.44
N ILE C 1323 18.12 12.79 26.63
CA ILE C 1323 17.91 13.92 25.73
C ILE C 1323 17.68 15.20 26.52
N VAL C 1324 16.87 15.11 27.59
CA VAL C 1324 16.60 16.30 28.39
C VAL C 1324 17.86 16.82 29.06
N ASP C 1325 18.66 15.93 29.64
CA ASP C 1325 19.94 16.37 30.21
C ASP C 1325 20.96 16.73 29.15
N GLY C 1326 20.73 16.36 27.89
CA GLY C 1326 21.61 16.76 26.81
C GLY C 1326 22.74 15.81 26.50
N ASP C 1327 22.75 14.61 27.07
CA ASP C 1327 23.73 13.59 26.73
C ASP C 1327 23.03 12.49 25.93
N HIS C 1328 23.76 11.87 25.02
CA HIS C 1328 23.17 10.86 24.13
C HIS C 1328 23.92 9.56 24.38
N ARG C 1329 23.47 8.78 25.37
CA ARG C 1329 24.12 7.54 25.74
C ARG C 1329 23.48 6.31 25.14
N MET C 1330 22.14 6.24 25.13
CA MET C 1330 21.40 5.16 24.46
C MET C 1330 21.77 3.79 25.04
N GLU C 1331 21.38 3.59 26.30
CA GLU C 1331 21.41 2.24 26.85
C GLU C 1331 20.41 1.37 26.12
N ALA C 1332 20.87 0.21 25.63
CA ALA C 1332 20.12 -0.51 24.61
C ALA C 1332 18.88 -1.20 25.15
N GLY C 1333 19.07 -2.19 26.02
CA GLY C 1333 17.94 -3.00 26.42
C GLY C 1333 17.56 -3.99 25.32
N MET C 1334 16.36 -4.56 25.48
CA MET C 1334 15.87 -5.60 24.59
C MET C 1334 14.44 -5.31 24.19
N PRO C 1335 14.11 -5.38 22.89
CA PRO C 1335 12.75 -5.05 22.45
C PRO C 1335 11.69 -5.96 23.08
N GLU C 1336 10.52 -5.39 23.35
CA GLU C 1336 9.43 -6.13 23.96
C GLU C 1336 8.75 -7.07 22.96
N SER C 1337 8.80 -6.74 21.68
CA SER C 1337 8.19 -7.61 20.67
C SER C 1337 8.87 -8.96 20.62
N PHE C 1338 10.18 -9.01 20.85
CA PHE C 1338 10.85 -10.29 20.91
C PHE C 1338 10.37 -11.11 22.10
N ASN C 1339 10.12 -10.45 23.24
CA ASN C 1339 9.54 -11.14 24.38
C ASN C 1339 8.16 -11.68 24.05
N VAL C 1340 7.35 -10.89 23.35
CA VAL C 1340 6.02 -11.35 22.95
C VAL C 1340 6.15 -12.57 22.05
N LEU C 1341 7.07 -12.53 21.10
CA LEU C 1341 7.32 -13.68 20.24
C LEU C 1341 7.74 -14.90 21.06
N ILE C 1342 8.59 -14.69 22.06
CA ILE C 1342 9.07 -15.79 22.88
C ILE C 1342 7.88 -16.45 23.59
N LYS C 1343 6.99 -15.64 24.16
CA LYS C 1343 5.86 -16.20 24.89
C LYS C 1343 4.87 -16.88 23.95
N GLU C 1344 4.70 -16.35 22.74
CA GLU C 1344 3.81 -16.99 21.77
C GLU C 1344 4.36 -18.35 21.33
N ILE C 1345 5.66 -18.41 21.03
CA ILE C 1345 6.27 -19.68 20.65
C ILE C 1345 6.19 -20.67 21.81
N ARG C 1346 6.38 -20.20 23.04
CA ARG C 1346 6.22 -21.08 24.19
C ARG C 1346 4.78 -21.58 24.31
N SER C 1347 3.81 -20.70 24.09
CA SER C 1347 2.40 -21.10 24.13
C SER C 1347 2.06 -22.07 23.01
N LEU C 1348 2.86 -22.11 21.95
CA LEU C 1348 2.74 -23.14 20.92
C LEU C 1348 3.32 -24.48 21.37
N GLY C 1349 3.76 -24.59 22.62
CA GLY C 1349 4.29 -25.84 23.14
C GLY C 1349 5.61 -26.26 22.52
N ILE C 1350 6.49 -25.30 22.26
CA ILE C 1350 7.86 -25.59 21.82
C ILE C 1350 8.79 -24.67 22.60
N ASP C 1351 9.79 -25.26 23.24
CA ASP C 1351 10.60 -24.55 24.24
C ASP C 1351 11.55 -23.56 23.58
N ILE C 1352 11.79 -22.45 24.26
CA ILE C 1352 12.80 -21.46 23.88
C ILE C 1352 13.60 -21.08 25.12
N GLU C 1353 14.91 -20.95 24.96
CA GLU C 1353 15.78 -20.54 26.05
C GLU C 1353 16.95 -19.76 25.46
N LEU C 1354 17.97 -19.56 26.27
CA LEU C 1354 19.21 -18.90 25.86
C LEU C 1354 20.40 -19.64 26.44
N GLU C 1355 21.55 -19.49 25.81
CA GLU C 1355 22.77 -20.14 26.30
C GLU C 1355 23.52 -19.29 27.31
N THR C 1356 23.02 -18.11 27.64
CA THR C 1356 23.67 -17.21 28.59
C THR C 1356 25.12 -16.93 28.20
N GLU D 16 23.72 -10.58 29.50
CA GLU D 16 23.70 -10.92 28.08
C GLU D 16 23.28 -12.36 27.86
N PHE D 17 23.16 -12.74 26.60
CA PHE D 17 22.77 -14.10 26.23
C PHE D 17 23.15 -14.33 24.77
N ASP D 18 23.06 -15.58 24.34
CA ASP D 18 23.28 -15.94 22.95
C ASP D 18 22.74 -17.35 22.74
N ALA D 19 22.71 -17.77 21.48
CA ALA D 19 22.36 -19.14 21.10
C ALA D 19 20.97 -19.52 21.62
N ILE D 20 19.96 -18.82 21.07
CA ILE D 20 18.58 -19.15 21.38
C ILE D 20 18.26 -20.57 20.87
N ARG D 21 17.68 -21.37 21.74
CA ARG D 21 17.39 -22.78 21.46
C ARG D 21 15.91 -22.95 21.11
N ILE D 22 15.63 -24.03 20.38
CA ILE D 22 14.27 -24.47 20.09
C ILE D 22 14.19 -25.97 20.35
N GLY D 23 13.15 -26.39 21.06
CA GLY D 23 12.93 -27.80 21.28
C GLY D 23 11.48 -28.06 21.64
N LEU D 24 11.16 -29.34 21.75
CA LEU D 24 9.82 -29.77 22.16
C LEU D 24 9.60 -29.41 23.61
N ALA D 25 8.35 -29.07 23.94
CA ALA D 25 8.03 -28.71 25.31
C ALA D 25 7.63 -29.95 26.10
N SER D 26 8.36 -30.24 27.16
CA SER D 26 8.06 -31.34 28.05
C SER D 26 6.91 -31.00 28.97
N PRO D 27 6.04 -31.96 29.26
CA PRO D 27 4.98 -31.71 30.24
C PRO D 27 5.51 -31.22 31.57
N GLU D 28 6.64 -31.78 32.03
CA GLU D 28 7.26 -31.28 33.26
C GLU D 28 7.72 -29.84 33.09
N MET D 29 8.38 -29.52 31.98
CA MET D 29 8.81 -28.14 31.77
C MET D 29 7.63 -27.22 31.47
N ILE D 30 6.55 -27.77 30.90
CA ILE D 30 5.34 -26.97 30.73
C ILE D 30 4.77 -26.58 32.10
N ARG D 31 4.77 -27.54 33.03
CA ARG D 31 4.39 -27.21 34.40
C ARG D 31 5.33 -26.18 35.01
N SER D 32 6.63 -26.32 34.74
CA SER D 32 7.62 -25.37 35.27
C SER D 32 7.36 -23.97 34.76
N TRP D 33 6.96 -23.85 33.49
CA TRP D 33 6.64 -22.54 32.92
C TRP D 33 5.44 -21.91 33.62
N SER D 34 4.42 -22.70 33.90
CA SER D 34 3.15 -22.15 34.36
C SER D 34 3.22 -21.69 35.80
N PHE D 35 2.31 -20.77 36.14
CA PHE D 35 2.13 -20.33 37.52
C PHE D 35 0.76 -20.70 38.06
N GLY D 36 0.08 -21.66 37.44
CA GLY D 36 -1.21 -22.11 37.95
C GLY D 36 -1.86 -23.05 36.96
N GLU D 37 -3.05 -23.52 37.33
CA GLU D 37 -3.80 -24.46 36.49
C GLU D 37 -5.12 -23.79 36.13
N VAL D 38 -5.21 -23.28 34.90
CA VAL D 38 -6.45 -22.66 34.43
C VAL D 38 -7.54 -23.71 34.33
N LYS D 39 -8.65 -23.49 35.02
CA LYS D 39 -9.71 -24.49 35.08
C LYS D 39 -11.10 -23.96 34.74
N LYS D 40 -11.33 -22.65 34.76
CA LYS D 40 -12.65 -22.11 34.52
C LYS D 40 -12.68 -21.40 33.17
N PRO D 41 -13.69 -21.66 32.34
CA PRO D 41 -13.71 -21.06 30.99
C PRO D 41 -13.95 -19.55 31.01
N GLU D 42 -14.87 -19.10 31.86
CA GLU D 42 -15.26 -17.70 31.88
C GLU D 42 -14.09 -16.85 32.37
N THR D 43 -14.16 -15.55 32.10
CA THR D 43 -13.05 -14.63 32.35
C THR D 43 -13.34 -13.63 33.46
N ILE D 44 -14.39 -12.82 33.33
CA ILE D 44 -14.69 -11.75 34.27
C ILE D 44 -16.17 -11.81 34.63
N ASN D 45 -16.48 -11.62 35.91
CA ASN D 45 -17.87 -11.59 36.37
C ASN D 45 -18.57 -10.34 35.83
N TYR D 46 -19.83 -10.50 35.40
CA TYR D 46 -20.58 -9.36 34.91
C TYR D 46 -20.96 -8.40 36.03
N ARG D 47 -21.07 -8.90 37.26
CA ARG D 47 -21.45 -8.03 38.38
C ARG D 47 -20.25 -7.25 38.91
N THR D 48 -19.26 -7.95 39.44
CA THR D 48 -18.02 -7.34 39.90
C THR D 48 -16.96 -7.55 38.83
N PHE D 49 -16.26 -6.47 38.47
CA PHE D 49 -15.37 -6.51 37.31
C PHE D 49 -13.94 -6.79 37.77
N LYS D 50 -13.75 -8.00 38.27
CA LYS D 50 -12.45 -8.56 38.58
C LYS D 50 -12.38 -9.97 38.02
N PRO D 51 -11.21 -10.43 37.61
CA PRO D 51 -11.10 -11.79 37.06
C PRO D 51 -11.39 -12.83 38.12
N GLU D 52 -12.00 -13.94 37.68
CA GLU D 52 -12.45 -14.99 38.57
C GLU D 52 -11.35 -16.02 38.83
N ARG D 53 -11.55 -16.79 39.90
CA ARG D 53 -10.63 -17.87 40.24
C ARG D 53 -10.53 -18.89 39.11
N ASP D 54 -9.31 -19.33 38.84
CA ASP D 54 -9.03 -20.36 37.83
C ASP D 54 -9.50 -19.96 36.45
N GLY D 55 -9.70 -18.67 36.20
CA GLY D 55 -10.13 -18.22 34.90
C GLY D 55 -8.97 -17.86 33.99
N LEU D 56 -9.31 -17.33 32.83
CA LEU D 56 -8.32 -16.91 31.84
C LEU D 56 -7.55 -15.65 32.25
N PHE D 57 -7.97 -14.98 33.32
CA PHE D 57 -7.29 -13.78 33.79
C PHE D 57 -7.05 -13.82 35.30
N CYS D 58 -7.12 -14.99 35.92
CA CYS D 58 -7.12 -15.10 37.37
C CYS D 58 -5.87 -14.50 37.99
N ALA D 59 -6.04 -13.80 39.11
CA ALA D 59 -4.91 -13.14 39.76
C ALA D 59 -4.00 -14.14 40.47
N LYS D 60 -4.53 -15.31 40.84
CA LYS D 60 -3.68 -16.35 41.41
C LYS D 60 -2.61 -16.79 40.42
N ILE D 61 -2.98 -16.85 39.14
CA ILE D 61 -2.11 -17.44 38.14
C ILE D 61 -1.23 -16.37 37.48
N PHE D 62 -1.86 -15.37 36.87
CA PHE D 62 -1.17 -14.46 35.97
C PHE D 62 -0.60 -13.22 36.64
N GLY D 63 -1.14 -12.83 37.80
CA GLY D 63 -0.61 -11.69 38.52
C GLY D 63 -1.68 -10.69 38.90
N PRO D 64 -1.28 -9.57 39.49
CA PRO D 64 -2.23 -8.58 39.94
C PRO D 64 -2.65 -7.62 38.83
N VAL D 65 -3.91 -7.19 38.90
CA VAL D 65 -4.43 -6.23 37.93
C VAL D 65 -3.76 -4.88 38.10
N LYS D 66 -3.67 -4.41 39.35
CA LYS D 66 -3.02 -3.15 39.66
C LYS D 66 -1.64 -3.41 40.22
N ASP D 67 -0.67 -2.59 39.80
CA ASP D 67 0.70 -2.79 40.24
C ASP D 67 0.82 -2.65 41.75
N TYR D 68 1.50 -3.62 42.36
CA TYR D 68 1.70 -3.65 43.81
C TYR D 68 0.37 -3.56 44.55
N GLU D 69 -0.51 -4.52 44.28
CA GLU D 69 -1.81 -4.61 44.91
C GLU D 69 -2.26 -6.07 44.90
N CYS D 70 -3.26 -6.36 45.74
CA CYS D 70 -3.82 -7.70 45.86
C CYS D 70 -5.32 -7.65 45.59
N LEU D 71 -5.97 -8.81 45.71
CA LEU D 71 -7.39 -8.91 45.36
C LEU D 71 -8.25 -8.17 46.37
N CYS D 72 -7.95 -8.30 47.67
CA CYS D 72 -8.78 -7.72 48.70
C CYS D 72 -8.29 -6.36 49.16
N GLY D 73 -7.04 -6.01 48.84
CA GLY D 73 -6.46 -4.80 49.39
C GLY D 73 -5.93 -4.96 50.79
N LYS D 74 -5.73 -6.21 51.25
CA LYS D 74 -5.18 -6.42 52.59
C LYS D 74 -3.82 -5.77 52.74
N TYR D 75 -2.98 -5.88 51.71
CA TYR D 75 -1.68 -5.22 51.68
C TYR D 75 -1.66 -4.27 50.49
N LYS D 76 -1.61 -2.97 50.76
CA LYS D 76 -1.51 -1.95 49.72
C LYS D 76 -0.14 -1.27 49.69
N ARG D 77 0.67 -1.46 50.72
CA ARG D 77 1.97 -0.80 50.79
C ARG D 77 2.90 -1.31 49.70
N LEU D 78 3.86 -0.47 49.32
CA LEU D 78 4.79 -0.76 48.24
C LEU D 78 6.06 -1.44 48.74
N LYS D 79 6.00 -2.07 49.91
CA LYS D 79 7.19 -2.61 50.57
C LYS D 79 7.43 -4.07 50.26
N HIS D 80 6.45 -4.93 50.54
CA HIS D 80 6.57 -6.36 50.29
C HIS D 80 6.17 -6.63 48.84
N ARG D 81 7.16 -6.70 47.96
CA ARG D 81 6.92 -6.92 46.54
C ARG D 81 6.92 -8.38 46.14
N GLY D 82 7.23 -9.29 47.07
CA GLY D 82 7.25 -10.71 46.76
C GLY D 82 6.37 -11.52 47.69
N VAL D 83 5.98 -10.93 48.81
CA VAL D 83 5.16 -11.65 49.78
C VAL D 83 3.74 -11.82 49.24
N ILE D 84 3.18 -13.00 49.49
CA ILE D 84 1.80 -13.30 49.14
C ILE D 84 1.00 -13.37 50.44
N CYS D 85 -0.10 -12.63 50.48
CA CYS D 85 -0.85 -12.49 51.72
C CYS D 85 -1.57 -13.79 52.06
N GLU D 86 -2.05 -13.87 53.30
CA GLU D 86 -2.81 -15.04 53.75
C GLU D 86 -4.21 -15.09 53.14
N LYS D 87 -5.04 -14.08 53.38
CA LYS D 87 -6.34 -14.02 52.73
C LYS D 87 -6.18 -13.85 51.22
N CYS D 88 -5.22 -13.03 50.81
CA CYS D 88 -4.95 -12.79 49.39
C CYS D 88 -3.78 -13.66 48.95
N GLY D 89 -4.09 -14.82 48.36
CA GLY D 89 -3.06 -15.70 47.84
C GLY D 89 -2.42 -15.15 46.58
N VAL D 90 -3.09 -14.18 45.96
CA VAL D 90 -2.52 -13.51 44.80
C VAL D 90 -1.36 -12.64 45.26
N GLU D 91 -0.15 -13.05 44.89
CA GLU D 91 1.04 -12.35 45.35
C GLU D 91 1.05 -10.92 44.84
N VAL D 92 1.35 -9.99 45.74
CA VAL D 92 1.41 -8.57 45.40
C VAL D 92 2.72 -8.30 44.67
N ALA D 93 2.63 -7.78 43.46
CA ALA D 93 3.81 -7.57 42.63
C ALA D 93 3.46 -6.51 41.58
N LEU D 94 4.43 -6.20 40.73
CA LEU D 94 4.26 -5.17 39.73
C LEU D 94 3.31 -5.66 38.62
N ALA D 95 2.58 -4.70 38.04
CA ALA D 95 1.57 -5.06 37.04
C ALA D 95 2.18 -5.58 35.75
N LYS D 96 3.48 -5.34 35.52
CA LYS D 96 4.12 -5.86 34.32
C LYS D 96 4.17 -7.38 34.30
N VAL D 97 4.03 -8.03 35.46
CA VAL D 97 4.22 -9.47 35.55
C VAL D 97 3.11 -10.23 34.83
N ARG D 98 2.02 -9.57 34.48
CA ARG D 98 0.96 -10.23 33.71
C ARG D 98 1.39 -10.58 32.29
N ARG D 99 2.60 -10.20 31.89
CA ARG D 99 3.09 -10.50 30.55
C ARG D 99 4.01 -11.71 30.49
N GLU D 100 4.67 -12.04 31.60
CA GLU D 100 5.55 -13.21 31.62
C GLU D 100 4.88 -14.45 32.19
N ARG D 101 3.86 -14.28 33.01
CA ARG D 101 3.24 -15.41 33.69
C ARG D 101 2.30 -16.14 32.75
N MET D 102 2.49 -17.46 32.65
CA MET D 102 1.62 -18.32 31.88
C MET D 102 0.99 -19.35 32.81
N GLY D 103 -0.06 -20.01 32.32
CA GLY D 103 -0.68 -21.11 33.01
C GLY D 103 -0.66 -22.37 32.16
N HIS D 104 -1.27 -23.42 32.70
CA HIS D 104 -1.39 -24.68 31.99
C HIS D 104 -2.81 -25.21 32.14
N ILE D 105 -3.19 -26.08 31.20
CA ILE D 105 -4.46 -26.79 31.25
C ILE D 105 -4.18 -28.27 31.25
N GLU D 106 -4.68 -28.97 32.26
CA GLU D 106 -4.55 -30.41 32.36
C GLU D 106 -5.66 -31.06 31.53
N LEU D 107 -5.26 -31.77 30.48
CA LEU D 107 -6.23 -32.41 29.61
C LEU D 107 -6.56 -33.81 30.11
N ALA D 108 -7.83 -34.18 30.00
CA ALA D 108 -8.24 -35.51 30.43
C ALA D 108 -7.55 -36.59 29.61
N SER D 109 -7.37 -36.33 28.32
CA SER D 109 -6.64 -37.24 27.44
C SER D 109 -5.62 -36.47 26.62
N PRO D 110 -4.51 -37.10 26.25
CA PRO D 110 -3.52 -36.43 25.40
C PRO D 110 -4.10 -36.11 24.03
N VAL D 111 -3.60 -35.05 23.42
CA VAL D 111 -3.99 -34.65 22.07
C VAL D 111 -2.73 -34.40 21.25
N ALA D 112 -2.75 -34.81 19.99
CA ALA D 112 -1.59 -34.64 19.13
C ALA D 112 -1.40 -33.17 18.75
N HIS D 113 -0.14 -32.76 18.64
CA HIS D 113 0.18 -31.41 18.20
C HIS D 113 -0.07 -31.28 16.71
N ILE D 114 -0.75 -30.20 16.31
CA ILE D 114 -1.14 -30.03 14.93
C ILE D 114 0.06 -29.82 14.02
N TRP D 115 1.10 -29.14 14.53
CA TRP D 115 2.24 -28.80 13.68
C TRP D 115 3.04 -30.04 13.31
N PHE D 116 3.32 -30.91 14.28
CA PHE D 116 4.06 -32.13 14.01
C PHE D 116 3.20 -33.20 13.36
N LEU D 117 1.92 -32.89 13.09
CA LEU D 117 1.01 -33.77 12.38
C LEU D 117 0.79 -33.35 10.93
N LYS D 118 0.46 -32.09 10.69
CA LYS D 118 0.02 -31.63 9.38
C LYS D 118 1.11 -30.98 8.56
N SER D 119 2.34 -30.89 9.07
CA SER D 119 3.45 -30.45 8.23
C SER D 119 3.66 -31.46 7.10
N LEU D 120 4.07 -30.97 5.94
CA LEU D 120 4.10 -31.82 4.74
C LEU D 120 4.91 -33.10 4.96
N PRO D 121 6.14 -33.06 5.48
CA PRO D 121 6.70 -34.29 6.08
C PRO D 121 6.22 -34.42 7.51
N SER D 122 5.32 -35.36 7.77
CA SER D 122 4.73 -35.48 9.10
C SER D 122 5.73 -36.10 10.05
N ARG D 123 6.20 -35.32 11.02
CA ARG D 123 7.21 -35.80 11.95
C ARG D 123 6.70 -36.98 12.77
N ILE D 124 5.46 -36.88 13.27
CA ILE D 124 4.91 -37.97 14.05
C ILE D 124 4.67 -39.19 13.18
N GLY D 125 4.30 -38.99 11.91
CA GLY D 125 4.18 -40.12 11.00
C GLY D 125 5.52 -40.73 10.65
N LEU D 126 6.53 -39.88 10.42
CA LEU D 126 7.85 -40.39 10.09
C LEU D 126 8.46 -41.16 11.24
N LEU D 127 8.26 -40.70 12.47
CA LEU D 127 8.83 -41.36 13.64
C LEU D 127 8.21 -42.72 13.91
N LEU D 128 7.02 -43.00 13.38
CA LEU D 128 6.37 -44.28 13.56
C LEU D 128 6.38 -45.16 12.33
N ASP D 129 6.96 -44.69 11.21
CA ASP D 129 7.02 -45.46 9.96
C ASP D 129 5.63 -45.84 9.48
N MET D 130 4.64 -45.01 9.81
CA MET D 130 3.28 -45.24 9.37
C MET D 130 2.75 -43.96 8.73
N THR D 131 1.94 -44.15 7.70
CA THR D 131 1.47 -43.03 6.90
C THR D 131 0.59 -42.10 7.71
N LEU D 132 0.58 -40.82 7.33
CA LEU D 132 -0.27 -39.83 7.99
C LEU D 132 -1.74 -40.20 7.90
N ARG D 133 -2.16 -40.87 6.84
CA ARG D 133 -3.55 -41.29 6.72
C ARG D 133 -3.94 -42.26 7.82
N ASP D 134 -3.07 -43.23 8.10
CA ASP D 134 -3.37 -44.21 9.16
C ASP D 134 -3.41 -43.55 10.53
N ILE D 135 -2.46 -42.66 10.80
CA ILE D 135 -2.46 -41.92 12.06
C ILE D 135 -3.73 -41.10 12.19
N GLU D 136 -4.16 -40.44 11.11
CA GLU D 136 -5.39 -39.68 11.13
C GLU D 136 -6.60 -40.58 11.38
N ARG D 137 -6.57 -41.80 10.84
CA ARG D 137 -7.62 -42.76 11.13
C ARG D 137 -7.65 -43.09 12.62
N VAL D 138 -6.47 -43.27 13.22
CA VAL D 138 -6.43 -43.57 14.65
C VAL D 138 -6.87 -42.37 15.47
N LEU D 139 -6.40 -41.17 15.11
CA LEU D 139 -6.72 -39.98 15.90
C LEU D 139 -8.21 -39.67 15.85
N TYR D 140 -8.83 -39.83 14.70
CA TYR D 140 -10.25 -39.55 14.53
C TYR D 140 -11.15 -40.68 15.01
N PHE D 141 -10.60 -41.60 15.80
CA PHE D 141 -11.36 -42.70 16.38
C PHE D 141 -12.10 -43.50 15.33
N GLU D 142 -11.42 -43.83 14.25
CA GLU D 142 -11.98 -44.68 13.19
C GLU D 142 -11.47 -46.10 13.24
N SER D 143 -10.22 -46.31 13.64
CA SER D 143 -9.63 -47.64 13.68
C SER D 143 -8.71 -47.76 14.89
N TYR D 144 -8.64 -48.96 15.46
CA TYR D 144 -7.71 -49.24 16.54
C TYR D 144 -6.28 -49.27 16.01
N VAL D 145 -5.33 -49.28 16.96
CA VAL D 145 -3.94 -49.56 16.66
C VAL D 145 -3.43 -50.48 17.76
N VAL D 146 -2.39 -51.26 17.44
CA VAL D 146 -1.93 -52.34 18.31
C VAL D 146 -0.69 -51.88 19.05
N ILE D 147 -0.69 -52.03 20.37
CA ILE D 147 0.44 -51.71 21.22
C ILE D 147 0.90 -52.99 21.91
N ASP D 148 2.22 -53.22 21.91
CA ASP D 148 2.81 -54.40 22.54
C ASP D 148 2.19 -55.67 21.97
N PRO D 149 2.51 -56.01 20.72
CA PRO D 149 1.89 -57.20 20.12
C PRO D 149 2.14 -58.47 20.91
N GLY D 150 3.32 -58.62 21.50
CA GLY D 150 3.61 -59.83 22.27
C GLY D 150 3.66 -61.06 21.38
N MET D 151 3.16 -62.18 21.92
CA MET D 151 3.12 -63.43 21.18
C MET D 151 1.75 -63.58 20.54
N THR D 152 1.57 -62.87 19.43
CA THR D 152 0.29 -62.89 18.71
C THR D 152 0.54 -62.56 17.25
N THR D 153 -0.44 -62.88 16.41
CA THR D 153 -0.32 -62.61 14.99
C THR D 153 -0.31 -61.12 14.67
N LEU D 154 -0.99 -60.31 15.48
CA LEU D 154 -1.08 -58.88 15.22
C LEU D 154 0.29 -58.21 15.38
N GLU D 155 0.49 -57.14 14.63
CA GLU D 155 1.71 -56.36 14.68
C GLU D 155 1.42 -54.97 15.22
N LYS D 156 2.46 -54.32 15.73
CA LYS D 156 2.27 -53.02 16.38
C LYS D 156 1.76 -51.98 15.39
N GLY D 157 2.21 -52.04 14.15
CA GLY D 157 1.73 -51.08 13.14
C GLY D 157 0.38 -51.40 12.56
N GLN D 158 -0.20 -52.54 12.92
CA GLN D 158 -1.47 -52.96 12.33
C GLN D 158 -2.63 -52.12 12.87
N LEU D 159 -3.50 -51.68 11.97
CA LEU D 159 -4.74 -51.01 12.35
C LEU D 159 -5.90 -51.98 12.20
N LEU D 160 -6.83 -51.91 13.14
CA LEU D 160 -7.98 -52.81 13.15
C LEU D 160 -9.27 -52.00 13.19
N ASN D 161 -10.24 -52.42 12.38
CA ASN D 161 -11.57 -51.86 12.39
C ASN D 161 -12.37 -52.41 13.57
N ASP D 162 -13.60 -51.92 13.70
CA ASP D 162 -14.44 -52.34 14.82
C ASP D 162 -14.68 -53.85 14.79
N GLU D 163 -15.15 -54.37 13.67
CA GLU D 163 -15.36 -55.80 13.54
C GLU D 163 -14.04 -56.57 13.62
N GLN D 164 -12.99 -56.04 12.98
CA GLN D 164 -11.69 -56.68 13.01
C GLN D 164 -11.15 -56.74 14.43
N TYR D 165 -11.27 -55.64 15.18
CA TYR D 165 -10.79 -55.63 16.56
C TYR D 165 -11.62 -56.55 17.43
N PHE D 166 -12.92 -56.60 17.21
CA PHE D 166 -13.78 -57.50 17.98
C PHE D 166 -13.38 -58.96 17.73
N GLU D 167 -13.14 -59.31 16.48
CA GLU D 167 -12.70 -60.67 16.16
C GLU D 167 -11.35 -60.97 16.79
N ALA D 168 -10.43 -60.01 16.74
CA ALA D 168 -9.11 -60.22 17.32
C ALA D 168 -9.20 -60.41 18.83
N LEU D 169 -10.02 -59.60 19.50
CA LEU D 169 -10.21 -59.76 20.94
C LEU D 169 -10.85 -61.08 21.28
N GLU D 170 -11.83 -61.52 20.49
CA GLU D 170 -12.46 -62.82 20.74
C GLU D 170 -11.46 -63.95 20.55
N GLU D 171 -10.62 -63.86 19.52
CA GLU D 171 -9.67 -64.93 19.23
C GLU D 171 -8.54 -64.99 20.24
N PHE D 172 -7.94 -63.84 20.59
CA PHE D 172 -6.82 -63.81 21.52
C PHE D 172 -7.28 -63.72 22.97
N GLY D 173 -8.04 -62.68 23.30
CA GLY D 173 -8.51 -62.50 24.65
C GLY D 173 -7.61 -61.62 25.49
N ASP D 174 -6.30 -61.74 25.28
CA ASP D 174 -5.32 -60.95 26.03
C ASP D 174 -4.03 -60.90 25.21
N ASP D 175 -2.99 -60.33 25.83
CA ASP D 175 -1.68 -60.20 25.21
C ASP D 175 -1.74 -59.40 23.90
N PHE D 176 -2.67 -58.45 23.83
CA PHE D 176 -2.80 -57.58 22.66
C PHE D 176 -3.47 -56.30 23.13
N ASP D 177 -2.68 -55.24 23.29
CA ASP D 177 -3.18 -53.96 23.75
C ASP D 177 -3.52 -53.09 22.54
N ALA D 178 -4.81 -52.89 22.31
CA ALA D 178 -5.31 -52.07 21.21
C ALA D 178 -6.04 -50.87 21.79
N ARG D 179 -5.68 -49.68 21.31
CA ARG D 179 -6.23 -48.43 21.81
C ARG D 179 -6.80 -47.62 20.65
N MET D 180 -7.24 -46.41 20.98
CA MET D 180 -7.79 -45.49 19.99
C MET D 180 -7.51 -44.06 20.44
N GLY D 181 -7.32 -43.17 19.49
CA GLY D 181 -7.15 -41.77 19.79
C GLY D 181 -5.70 -41.38 19.96
N ALA D 182 -5.50 -40.14 20.39
CA ALA D 182 -4.15 -39.64 20.61
C ALA D 182 -3.50 -40.32 21.79
N GLU D 183 -4.30 -40.95 22.66
CA GLU D 183 -3.72 -41.75 23.73
C GLU D 183 -2.95 -42.93 23.17
N ALA D 184 -3.47 -43.58 22.13
CA ALA D 184 -2.75 -44.65 21.46
C ALA D 184 -1.45 -44.15 20.84
N VAL D 185 -1.50 -42.99 20.21
CA VAL D 185 -0.29 -42.43 19.60
C VAL D 185 0.75 -42.11 20.66
N HIS D 186 0.31 -41.55 21.80
CA HIS D 186 1.23 -41.28 22.89
C HIS D 186 1.84 -42.55 23.44
N GLU D 187 1.02 -43.60 23.58
CA GLU D 187 1.54 -44.89 24.03
C GLU D 187 2.54 -45.47 23.04
N LEU D 188 2.34 -45.21 21.74
CA LEU D 188 3.30 -45.65 20.74
C LEU D 188 4.61 -44.87 20.83
N LEU D 189 4.51 -43.56 21.05
CA LEU D 189 5.67 -42.68 20.93
C LEU D 189 6.70 -42.96 22.03
N ASN D 190 6.24 -43.08 23.28
CA ASN D 190 7.20 -43.26 24.37
C ASN D 190 7.83 -44.65 24.39
N ALA D 191 7.34 -45.58 23.57
CA ALA D 191 7.92 -46.90 23.45
C ALA D 191 8.74 -47.05 22.18
N ILE D 192 9.29 -45.94 21.69
CA ILE D 192 10.06 -45.96 20.45
C ILE D 192 11.41 -46.68 20.61
N ASP D 193 12.11 -46.44 21.72
CA ASP D 193 13.47 -46.94 21.93
C ASP D 193 14.38 -46.49 20.77
N LEU D 194 14.63 -45.17 20.77
CA LEU D 194 15.30 -44.54 19.63
C LEU D 194 16.63 -45.19 19.31
N GLU D 195 17.32 -45.70 20.32
CA GLU D 195 18.61 -46.36 20.07
C GLU D 195 18.43 -47.61 19.20
N HIS D 196 17.48 -48.48 19.58
CA HIS D 196 17.26 -49.71 18.82
C HIS D 196 16.77 -49.41 17.41
N GLU D 197 15.84 -48.45 17.28
CA GLU D 197 15.34 -48.09 15.96
C GLU D 197 16.44 -47.51 15.09
N ILE D 198 17.29 -46.66 15.66
CA ILE D 198 18.39 -46.08 14.91
C ILE D 198 19.35 -47.17 14.45
N GLY D 199 19.69 -48.10 15.35
CA GLY D 199 20.58 -49.18 14.96
C GLY D 199 20.00 -50.05 13.86
N ARG D 200 18.73 -50.44 14.00
CA ARG D 200 18.10 -51.28 13.00
C ARG D 200 18.03 -50.58 11.65
N LEU D 201 17.64 -49.30 11.65
CA LEU D 201 17.50 -48.57 10.39
C LEU D 201 18.85 -48.32 9.76
N ARG D 202 19.89 -48.09 10.56
CA ARG D 202 21.23 -47.95 10.00
C ARG D 202 21.72 -49.27 9.41
N GLU D 203 21.41 -50.39 10.06
CA GLU D 203 21.79 -51.69 9.51
C GLU D 203 21.06 -51.97 8.20
N GLU D 204 19.79 -51.58 8.11
CA GLU D 204 18.98 -51.83 6.92
C GLU D 204 19.15 -50.77 5.85
N ILE D 205 19.85 -49.67 6.14
CA ILE D 205 20.02 -48.58 5.19
C ILE D 205 20.77 -49.03 3.93
N PRO D 206 21.93 -49.69 4.03
CA PRO D 206 22.65 -50.07 2.81
C PRO D 206 22.22 -51.40 2.19
N GLN D 207 21.31 -52.13 2.82
CA GLN D 207 20.86 -53.40 2.27
C GLN D 207 20.07 -53.19 0.99
N THR D 208 19.23 -52.16 0.94
CA THR D 208 18.40 -51.90 -0.22
C THR D 208 19.07 -50.89 -1.15
N ASN D 209 19.11 -51.24 -2.44
CA ASN D 209 19.72 -50.40 -3.45
C ASN D 209 18.73 -49.47 -4.13
N SER D 210 17.47 -49.47 -3.72
CA SER D 210 16.49 -48.57 -4.32
C SER D 210 16.74 -47.14 -3.86
N GLU D 211 16.76 -46.22 -4.82
CA GLU D 211 17.05 -44.82 -4.49
C GLU D 211 15.95 -44.21 -3.63
N THR D 212 14.69 -44.47 -3.97
CA THR D 212 13.58 -43.92 -3.19
C THR D 212 13.60 -44.47 -1.77
N LYS D 213 13.75 -45.79 -1.64
CA LYS D 213 13.76 -46.40 -0.31
C LYS D 213 14.96 -45.93 0.50
N ILE D 214 16.13 -45.81 -0.14
CA ILE D 214 17.30 -45.34 0.59
C ILE D 214 17.10 -43.88 1.02
N LYS D 215 16.41 -43.09 0.20
CA LYS D 215 16.14 -41.70 0.60
C LYS D 215 15.19 -41.66 1.80
N LYS D 216 14.14 -42.48 1.78
CA LYS D 216 13.21 -42.50 2.90
C LYS D 216 13.91 -42.94 4.19
N LEU D 217 14.71 -43.99 4.11
CA LEU D 217 15.43 -44.45 5.30
C LEU D 217 16.49 -43.46 5.73
N SER D 218 17.06 -42.69 4.79
CA SER D 218 17.99 -41.64 5.18
C SER D 218 17.28 -40.53 5.95
N LYS D 219 16.08 -40.17 5.52
CA LYS D 219 15.29 -39.20 6.28
C LYS D 219 14.94 -39.74 7.66
N ARG D 220 14.60 -41.04 7.72
CA ARG D 220 14.36 -41.68 9.01
C ARG D 220 15.57 -41.57 9.92
N LEU D 221 16.75 -41.88 9.37
CA LEU D 221 17.98 -41.77 10.16
C LEU D 221 18.20 -40.34 10.62
N LYS D 222 17.96 -39.37 9.74
CA LYS D 222 18.17 -37.97 10.13
C LYS D 222 17.28 -37.60 11.31
N LEU D 223 16.00 -37.97 11.24
CA LEU D 223 15.09 -37.66 12.34
C LEU D 223 15.50 -38.38 13.63
N MET D 224 15.87 -39.66 13.52
CA MET D 224 16.21 -40.42 14.72
C MET D 224 17.47 -39.87 15.39
N GLU D 225 18.51 -39.57 14.60
CA GLU D 225 19.72 -38.99 15.16
C GLU D 225 19.47 -37.60 15.72
N ALA D 226 18.59 -36.83 15.07
CA ALA D 226 18.24 -35.51 15.61
C ALA D 226 17.58 -35.64 16.98
N PHE D 227 16.65 -36.58 17.11
CA PHE D 227 16.01 -36.79 18.41
C PHE D 227 17.01 -37.28 19.45
N GLN D 228 17.92 -38.18 19.05
CA GLN D 228 18.88 -38.71 20.00
C GLN D 228 19.85 -37.63 20.49
N GLY D 229 20.39 -36.83 19.56
CA GLY D 229 21.35 -35.82 19.95
C GLY D 229 20.72 -34.64 20.67
N SER D 230 19.57 -34.19 20.18
CA SER D 230 18.96 -32.95 20.64
C SER D 230 18.36 -33.02 22.03
N GLY D 231 18.48 -34.17 22.71
CA GLY D 231 17.87 -34.30 24.02
C GLY D 231 16.36 -34.21 24.00
N ASN D 232 15.73 -34.52 22.87
CA ASN D 232 14.29 -34.41 22.70
C ASN D 232 13.66 -35.78 22.83
N LYS D 233 12.47 -35.83 23.40
CA LYS D 233 11.81 -37.11 23.61
C LYS D 233 10.62 -37.24 22.67
N PRO D 234 10.49 -38.38 21.97
CA PRO D 234 9.40 -38.50 20.99
C PRO D 234 8.02 -38.36 21.58
N GLU D 235 7.81 -38.78 22.84
CA GLU D 235 6.48 -38.68 23.44
C GLU D 235 6.03 -37.25 23.61
N TRP D 236 6.94 -36.28 23.56
CA TRP D 236 6.58 -34.89 23.79
C TRP D 236 5.80 -34.31 22.61
N MET D 237 5.77 -34.99 21.47
CA MET D 237 5.01 -34.48 20.33
C MET D 237 3.52 -34.39 20.67
N VAL D 238 2.98 -35.41 21.32
CA VAL D 238 1.59 -35.40 21.77
C VAL D 238 1.55 -34.77 23.15
N LEU D 239 1.02 -33.56 23.23
CA LEU D 239 1.04 -32.78 24.48
C LEU D 239 -0.12 -33.23 25.37
N THR D 240 0.25 -33.66 26.58
CA THR D 240 -0.77 -34.00 27.57
C THR D 240 -1.18 -32.76 28.36
N VAL D 241 -0.41 -31.68 28.23
CA VAL D 241 -0.70 -30.40 28.86
C VAL D 241 -0.24 -29.30 27.93
N LEU D 242 -1.06 -28.25 27.81
CA LEU D 242 -0.74 -27.15 26.93
C LEU D 242 -0.77 -25.84 27.71
N PRO D 243 0.03 -24.86 27.30
CA PRO D 243 0.07 -23.59 28.03
C PRO D 243 -1.06 -22.66 27.62
N VAL D 244 -1.16 -21.56 28.36
CA VAL D 244 -2.08 -20.48 28.02
C VAL D 244 -1.31 -19.17 28.03
N LEU D 245 -1.51 -18.38 26.99
CA LEU D 245 -0.81 -17.12 26.79
C LEU D 245 -1.11 -16.16 27.94
N PRO D 246 -0.12 -15.34 28.32
CA PRO D 246 -0.38 -14.33 29.33
C PRO D 246 -1.47 -13.37 28.88
N PRO D 247 -2.28 -12.86 29.82
CA PRO D 247 -3.50 -12.13 29.43
C PRO D 247 -3.26 -10.89 28.58
N ASP D 248 -2.17 -10.16 28.77
CA ASP D 248 -1.98 -8.94 27.98
C ASP D 248 -1.61 -9.26 26.54
N LEU D 249 -1.01 -10.42 26.30
CA LEU D 249 -0.72 -10.83 24.94
C LEU D 249 -1.94 -11.42 24.23
N ARG D 250 -3.01 -11.71 24.98
CA ARG D 250 -4.31 -12.04 24.38
C ARG D 250 -5.39 -11.19 25.03
N PRO D 251 -5.31 -9.87 24.89
CA PRO D 251 -6.16 -8.99 25.69
C PRO D 251 -7.56 -8.88 25.14
N LEU D 252 -8.44 -8.46 26.05
CA LEU D 252 -9.82 -8.14 25.63
C LEU D 252 -9.86 -6.61 25.71
N VAL D 253 -9.94 -5.93 24.57
CA VAL D 253 -9.87 -4.43 24.59
C VAL D 253 -11.32 -3.94 24.67
N PRO D 254 -11.74 -3.35 25.80
CA PRO D 254 -13.15 -3.00 25.93
C PRO D 254 -13.57 -1.97 24.89
N LEU D 255 -14.67 -2.25 24.19
CA LEU D 255 -15.20 -1.27 23.22
C LEU D 255 -15.80 -0.14 24.06
N ASP D 256 -15.77 1.09 23.54
CA ASP D 256 -16.39 2.24 24.26
C ASP D 256 -17.89 1.95 24.39
N GLY D 257 -18.52 2.39 25.49
CA GLY D 257 -19.93 2.06 25.72
C GLY D 257 -20.08 0.85 26.63
N GLY D 258 -18.97 0.37 27.21
CA GLY D 258 -19.02 -0.74 28.17
C GLY D 258 -18.97 -2.12 27.55
N ARG D 259 -18.85 -2.20 26.22
CA ARG D 259 -18.72 -3.52 25.55
C ARG D 259 -17.30 -4.03 25.77
N PHE D 260 -17.04 -5.33 25.55
CA PHE D 260 -15.64 -5.84 25.63
C PHE D 260 -15.26 -6.55 24.32
N ALA D 261 -14.09 -6.23 23.75
CA ALA D 261 -13.64 -6.90 22.50
C ALA D 261 -12.76 -8.10 22.82
N THR D 262 -13.25 -9.32 22.58
CA THR D 262 -12.50 -10.55 22.94
C THR D 262 -11.63 -11.00 21.77
N SER D 263 -10.37 -11.29 22.05
CA SER D 263 -9.45 -11.73 21.02
C SER D 263 -9.75 -13.16 20.61
N ASP D 264 -9.31 -13.54 19.41
CA ASP D 264 -9.53 -14.90 18.94
C ASP D 264 -8.86 -15.91 19.86
N LEU D 265 -7.73 -15.54 20.44
CA LEU D 265 -7.04 -16.43 21.38
C LEU D 265 -7.92 -16.73 22.58
N ASN D 266 -8.61 -15.72 23.11
CA ASN D 266 -9.51 -15.95 24.23
C ASN D 266 -10.64 -16.89 23.86
N ASP D 267 -11.23 -16.71 22.68
CA ASP D 267 -12.31 -17.60 22.24
C ASP D 267 -11.82 -19.03 22.12
N LEU D 268 -10.67 -19.22 21.50
CA LEU D 268 -10.12 -20.57 21.32
C LEU D 268 -9.78 -21.22 22.66
N TYR D 269 -9.19 -20.43 23.57
CA TYR D 269 -8.86 -20.96 24.90
C TYR D 269 -10.13 -21.34 25.66
N ARG D 270 -11.17 -20.50 25.56
CA ARG D 270 -12.43 -20.81 26.22
C ARG D 270 -13.04 -22.09 25.67
N ARG D 271 -12.97 -22.26 24.34
CA ARG D 271 -13.48 -23.48 23.73
C ARG D 271 -12.74 -24.71 24.23
N VAL D 272 -11.41 -24.64 24.28
CA VAL D 272 -10.61 -25.76 24.75
C VAL D 272 -10.95 -26.07 26.20
N ILE D 273 -11.06 -25.04 27.04
CA ILE D 273 -11.35 -25.25 28.46
C ILE D 273 -12.72 -25.89 28.64
N ASN D 274 -13.72 -25.40 27.90
CA ASN D 274 -15.06 -25.94 27.98
C ASN D 274 -15.08 -27.42 27.58
N ARG D 275 -14.40 -27.76 26.49
CA ARG D 275 -14.41 -29.14 26.05
C ARG D 275 -13.65 -30.04 27.02
N ASN D 276 -12.57 -29.53 27.63
CA ASN D 276 -11.85 -30.31 28.63
C ASN D 276 -12.72 -30.56 29.86
N ASN D 277 -13.41 -29.52 30.34
CA ASN D 277 -14.30 -29.70 31.48
C ASN D 277 -15.43 -30.67 31.16
N ARG D 278 -15.96 -30.60 29.93
CA ARG D 278 -16.95 -31.58 29.52
C ARG D 278 -16.37 -32.99 29.55
N LEU D 279 -15.15 -33.16 29.05
CA LEU D 279 -14.51 -34.46 29.03
C LEU D 279 -14.41 -35.05 30.43
N LYS D 280 -13.86 -34.28 31.38
CA LYS D 280 -13.68 -34.87 32.72
C LYS D 280 -15.00 -35.25 33.36
N ARG D 281 -16.01 -34.38 33.24
CA ARG D 281 -17.28 -34.64 33.90
C ARG D 281 -18.15 -35.63 33.12
N LEU D 282 -17.74 -36.03 31.92
CA LEU D 282 -18.46 -37.13 31.29
C LEU D 282 -17.71 -38.45 31.43
N LEU D 283 -16.40 -38.43 31.68
CA LEU D 283 -15.74 -39.69 32.03
C LEU D 283 -15.98 -40.07 33.48
N ASP D 284 -16.12 -39.10 34.38
CA ASP D 284 -16.28 -39.43 35.79
C ASP D 284 -17.61 -40.10 36.10
N LEU D 285 -18.60 -39.99 35.20
CA LEU D 285 -19.89 -40.64 35.39
C LEU D 285 -20.06 -41.84 34.44
N ALA D 286 -18.99 -42.23 33.75
CA ALA D 286 -18.99 -43.42 32.89
C ALA D 286 -20.06 -43.32 31.81
N ALA D 287 -19.89 -42.31 30.96
CA ALA D 287 -20.71 -42.16 29.77
C ALA D 287 -20.39 -43.26 28.77
N PRO D 288 -21.31 -43.56 27.85
CA PRO D 288 -21.03 -44.62 26.87
C PRO D 288 -19.82 -44.30 26.01
N ASP D 289 -19.25 -45.34 25.41
CA ASP D 289 -17.97 -45.21 24.71
C ASP D 289 -18.07 -44.27 23.52
N ILE D 290 -19.20 -44.30 22.80
CA ILE D 290 -19.33 -43.50 21.58
C ILE D 290 -19.24 -42.02 21.90
N ILE D 291 -19.99 -41.56 22.90
CA ILE D 291 -19.99 -40.14 23.24
C ILE D 291 -18.65 -39.73 23.82
N VAL D 292 -18.02 -40.62 24.59
CA VAL D 292 -16.69 -40.32 25.13
C VAL D 292 -15.70 -40.10 24.00
N ARG D 293 -15.71 -40.99 23.00
CA ARG D 293 -14.79 -40.83 21.88
C ARG D 293 -15.11 -39.59 21.06
N ASN D 294 -16.40 -39.25 20.92
CA ASN D 294 -16.76 -38.02 20.24
C ASN D 294 -16.20 -36.81 20.99
N GLU D 295 -16.29 -36.83 22.32
CA GLU D 295 -15.76 -35.72 23.10
C GLU D 295 -14.24 -35.62 22.96
N LYS D 296 -13.55 -36.77 22.95
CA LYS D 296 -12.11 -36.76 22.74
C LYS D 296 -11.77 -36.16 21.38
N ARG D 297 -12.53 -36.54 20.35
CA ARG D 297 -12.35 -35.94 19.02
C ARG D 297 -12.55 -34.43 19.07
N MET D 298 -13.57 -33.97 19.78
CA MET D 298 -13.82 -32.53 19.88
C MET D 298 -12.66 -31.83 20.56
N LEU D 299 -12.13 -32.42 21.63
CA LEU D 299 -11.00 -31.80 22.31
C LEU D 299 -9.79 -31.72 21.40
N GLN D 300 -9.52 -32.79 20.66
CA GLN D 300 -8.43 -32.76 19.68
C GLN D 300 -8.64 -31.65 18.67
N GLU D 301 -9.87 -31.53 18.15
CA GLU D 301 -10.15 -30.48 17.17
C GLU D 301 -10.00 -29.08 17.76
N ALA D 302 -10.42 -28.90 19.01
CA ALA D 302 -10.35 -27.58 19.64
C ALA D 302 -8.90 -27.17 19.90
N VAL D 303 -8.08 -28.11 20.38
CA VAL D 303 -6.67 -27.79 20.56
C VAL D 303 -6.01 -27.55 19.21
N ASP D 304 -6.42 -28.30 18.20
CA ASP D 304 -5.84 -28.09 16.85
C ASP D 304 -6.23 -26.69 16.35
N ALA D 305 -7.48 -26.27 16.54
CA ALA D 305 -7.90 -24.95 16.10
C ALA D 305 -7.21 -23.85 16.89
N LEU D 306 -6.96 -24.08 18.17
CA LEU D 306 -6.22 -23.12 18.97
C LEU D 306 -4.80 -22.96 18.44
N LEU D 307 -4.16 -24.07 18.08
CA LEU D 307 -2.77 -23.99 17.62
C LEU D 307 -2.67 -23.47 16.19
N ASP D 308 -3.60 -23.86 15.32
CA ASP D 308 -3.58 -23.43 13.92
C ASP D 308 -4.99 -23.59 13.36
N ASN D 309 -5.21 -23.05 12.17
CA ASN D 309 -6.54 -23.13 11.57
C ASN D 309 -6.42 -23.35 10.07
N GLY D 310 -7.45 -23.94 9.50
CA GLY D 310 -7.54 -24.13 8.07
C GLY D 310 -6.81 -25.34 7.55
N ARG D 311 -6.03 -26.00 8.39
CA ARG D 311 -5.26 -27.15 7.93
C ARG D 311 -6.15 -28.34 7.62
N ARG D 312 -7.03 -28.70 8.55
CA ARG D 312 -7.99 -29.78 8.34
C ARG D 312 -9.44 -29.34 8.51
N GLY D 313 -9.75 -28.60 9.58
CA GLY D 313 -11.12 -28.27 9.89
C GLY D 313 -11.59 -26.90 9.47
N ARG D 314 -10.67 -25.93 9.48
CA ARG D 314 -10.99 -24.54 9.13
C ARG D 314 -12.11 -23.99 10.02
N ALA D 315 -11.81 -23.92 11.32
CA ALA D 315 -12.80 -23.49 12.30
C ALA D 315 -13.21 -22.04 12.05
N ILE D 316 -14.43 -21.72 12.46
CA ILE D 316 -15.04 -20.43 12.17
C ILE D 316 -15.47 -19.79 13.48
N THR D 317 -15.67 -18.47 13.44
CA THR D 317 -16.13 -17.73 14.59
C THR D 317 -17.66 -17.64 14.60
N GLY D 318 -18.19 -16.82 15.50
CA GLY D 318 -19.63 -16.65 15.61
C GLY D 318 -20.13 -15.43 14.86
N SER D 319 -21.15 -15.65 14.03
CA SER D 319 -21.81 -14.59 13.28
C SER D 319 -20.83 -13.82 12.40
N ASN D 320 -19.86 -14.55 11.84
CA ASN D 320 -18.89 -13.94 10.93
C ASN D 320 -18.18 -15.03 10.12
N LYS D 321 -18.08 -14.83 8.81
CA LYS D 321 -17.43 -15.80 7.93
C LYS D 321 -15.92 -15.73 7.99
N ARG D 322 -15.36 -14.76 8.72
CA ARG D 322 -13.92 -14.64 8.87
C ARG D 322 -13.40 -15.67 9.87
N PRO D 323 -12.44 -16.50 9.49
CA PRO D 323 -11.93 -17.52 10.41
C PRO D 323 -11.19 -16.89 11.59
N LEU D 324 -11.15 -17.64 12.69
CA LEU D 324 -10.46 -17.19 13.88
C LEU D 324 -8.95 -17.22 13.68
N LYS D 325 -8.27 -16.31 14.37
CA LYS D 325 -6.83 -16.17 14.28
C LYS D 325 -6.18 -16.97 15.41
N SER D 326 -5.43 -18.01 15.04
CA SER D 326 -4.77 -18.86 16.01
C SER D 326 -3.38 -18.33 16.33
N LEU D 327 -2.65 -19.07 17.17
CA LEU D 327 -1.29 -18.67 17.51
C LEU D 327 -0.36 -18.74 16.30
N ALA D 328 -0.56 -19.71 15.41
CA ALA D 328 0.28 -19.82 14.23
C ALA D 328 0.18 -18.56 13.36
N ASP D 329 -1.04 -18.07 13.15
CA ASP D 329 -1.23 -16.83 12.41
C ASP D 329 -0.71 -15.63 13.17
N MET D 330 -0.72 -15.69 14.51
CA MET D 330 -0.18 -14.58 15.31
C MET D 330 1.32 -14.47 15.16
N ILE D 331 2.02 -15.60 15.30
CA ILE D 331 3.48 -15.59 15.16
C ILE D 331 3.89 -15.39 13.71
N LYS D 332 3.02 -15.77 12.76
CA LYS D 332 3.33 -15.49 11.35
C LYS D 332 3.38 -14.00 11.08
N GLY D 333 2.63 -13.20 11.84
CA GLY D 333 2.62 -11.77 11.68
C GLY D 333 1.75 -11.34 10.52
N LYS D 334 1.56 -10.03 10.35
CA LYS D 334 0.86 -9.51 9.18
C LYS D 334 1.79 -9.57 7.98
N GLN D 335 1.25 -9.26 6.80
CA GLN D 335 2.00 -9.32 5.55
C GLN D 335 2.64 -10.69 5.36
N GLY D 336 1.85 -11.74 5.62
CA GLY D 336 2.34 -13.10 5.49
C GLY D 336 3.26 -13.52 6.61
N ARG D 337 4.48 -13.91 6.26
CA ARG D 337 5.50 -14.28 7.24
C ARG D 337 6.49 -13.17 7.53
N PHE D 338 6.43 -12.06 6.79
CA PHE D 338 7.30 -10.92 7.05
C PHE D 338 6.86 -10.22 8.32
N ARG D 339 7.54 -10.49 9.43
CA ARG D 339 7.12 -9.99 10.74
C ARG D 339 7.00 -8.47 10.72
N GLN D 340 5.77 -7.99 10.91
CA GLN D 340 5.51 -6.56 10.94
C GLN D 340 5.82 -5.93 12.28
N ASN D 341 5.98 -6.71 13.35
CA ASN D 341 6.22 -6.14 14.66
C ASN D 341 7.70 -6.19 15.03
N LEU D 342 8.38 -7.27 14.65
CA LEU D 342 9.80 -7.43 14.98
C LEU D 342 10.72 -6.86 13.92
N LEU D 343 10.25 -6.67 12.69
CA LEU D 343 11.07 -6.06 11.65
C LEU D 343 10.59 -4.67 11.30
N GLY D 344 9.28 -4.45 11.30
CA GLY D 344 8.74 -3.15 10.94
C GLY D 344 8.82 -2.13 12.05
N LYS D 345 8.10 -2.34 13.14
CA LYS D 345 8.35 -1.65 14.40
C LYS D 345 8.28 -0.13 14.24
N ARG D 346 7.04 0.35 14.06
CA ARG D 346 6.76 1.80 14.04
C ARG D 346 7.59 2.51 15.11
N VAL D 347 8.15 3.66 14.75
CA VAL D 347 9.13 4.33 15.59
C VAL D 347 8.59 5.69 16.04
N ASP D 348 9.30 6.29 17.00
CA ASP D 348 8.97 7.61 17.50
C ASP D 348 9.82 8.67 16.79
N TYR D 349 9.62 9.92 17.16
CA TYR D 349 10.36 11.06 16.60
C TYR D 349 10.30 11.04 15.07
N SER D 350 9.09 10.84 14.55
CA SER D 350 8.90 10.72 13.11
C SER D 350 7.65 11.49 12.68
N GLY D 351 7.62 11.84 11.40
CA GLY D 351 6.48 12.52 10.82
C GLY D 351 6.57 12.46 9.30
N ARG D 352 5.53 12.96 8.65
CA ARG D 352 5.53 12.95 7.19
C ARG D 352 4.69 14.11 6.67
N SER D 353 4.92 14.46 5.40
CA SER D 353 4.18 15.49 4.71
C SER D 353 4.43 15.36 3.22
N VAL D 354 3.68 16.11 2.43
CA VAL D 354 3.92 16.20 0.99
C VAL D 354 5.25 16.89 0.77
N ILE D 355 5.98 16.46 -0.25
CA ILE D 355 7.27 17.06 -0.53
C ILE D 355 7.11 18.18 -1.55
N THR D 356 8.10 19.06 -1.57
CA THR D 356 8.09 20.25 -2.41
C THR D 356 9.51 20.53 -2.84
N VAL D 357 9.68 20.95 -4.10
CA VAL D 357 11.01 21.24 -4.61
C VAL D 357 11.50 22.56 -4.01
N GLY D 358 12.69 22.53 -3.41
CA GLY D 358 13.34 23.74 -2.97
C GLY D 358 14.57 24.02 -3.80
N PRO D 359 14.48 25.01 -4.69
CA PRO D 359 15.63 25.32 -5.55
C PRO D 359 16.68 26.20 -4.91
N THR D 360 16.44 26.69 -3.70
CA THR D 360 17.41 27.52 -2.98
C THR D 360 18.11 26.73 -1.89
N LEU D 361 18.13 25.40 -1.99
CA LEU D 361 18.70 24.53 -0.99
C LEU D 361 20.05 24.01 -1.47
N ARG D 362 21.02 23.97 -0.57
CA ARG D 362 22.25 23.27 -0.87
C ARG D 362 22.03 21.77 -0.75
N LEU D 363 22.92 20.99 -1.38
CA LEU D 363 22.69 19.57 -1.53
C LEU D 363 22.59 18.86 -0.18
N HIS D 364 23.26 19.38 0.83
CA HIS D 364 23.32 18.72 2.13
C HIS D 364 22.15 19.05 3.05
N GLN D 365 21.26 19.96 2.66
CA GLN D 365 20.21 20.42 3.54
C GLN D 365 18.84 20.26 2.88
N CYS D 366 17.81 20.27 3.71
CA CYS D 366 16.43 20.11 3.25
C CYS D 366 15.53 20.98 4.13
N GLY D 367 14.47 21.48 3.52
CA GLY D 367 13.51 22.28 4.25
C GLY D 367 12.68 21.44 5.23
N LEU D 368 12.32 22.06 6.33
CA LEU D 368 11.53 21.39 7.35
C LEU D 368 10.52 22.37 7.93
N PRO D 369 9.23 22.04 7.91
CA PRO D 369 8.22 22.96 8.42
C PRO D 369 8.41 23.25 9.89
N LYS D 370 7.99 24.45 10.30
CA LYS D 370 8.17 24.88 11.67
C LYS D 370 7.49 23.93 12.64
N LYS D 371 6.26 23.55 12.34
CA LYS D 371 5.50 22.71 13.26
C LYS D 371 6.05 21.29 13.35
N MET D 372 6.43 20.68 12.22
CA MET D 372 7.03 19.36 12.28
C MET D 372 8.35 19.38 13.05
N ALA D 373 9.20 20.38 12.79
CA ALA D 373 10.48 20.46 13.50
C ALA D 373 10.25 20.69 14.99
N LEU D 374 9.28 21.54 15.33
CA LEU D 374 9.00 21.83 16.72
C LEU D 374 8.46 20.61 17.46
N GLU D 375 7.64 19.80 16.78
CA GLU D 375 7.10 18.60 17.41
C GLU D 375 8.15 17.51 17.53
N LEU D 376 8.94 17.30 16.48
CA LEU D 376 9.93 16.23 16.47
C LEU D 376 11.02 16.47 17.52
N PHE D 377 11.54 17.68 17.56
CA PHE D 377 12.66 18.02 18.43
C PHE D 377 12.20 18.55 19.77
N LYS D 378 10.99 18.20 20.19
CA LYS D 378 10.44 18.70 21.45
C LYS D 378 11.32 18.38 22.66
N PRO D 379 11.80 17.15 22.88
CA PRO D 379 12.68 16.93 24.03
C PRO D 379 13.98 17.72 23.95
N PHE D 380 14.54 17.89 22.75
CA PHE D 380 15.74 18.71 22.61
C PHE D 380 15.46 20.15 22.99
N ILE D 381 14.30 20.67 22.57
CA ILE D 381 13.93 22.03 22.93
C ILE D 381 13.76 22.16 24.44
N PHE D 382 13.15 21.16 25.06
CA PHE D 382 13.00 21.19 26.53
C PHE D 382 14.36 21.19 27.20
N GLY D 383 15.28 20.36 26.72
CA GLY D 383 16.61 20.31 27.33
C GLY D 383 17.35 21.62 27.20
N LYS D 384 17.31 22.23 26.01
CA LYS D 384 17.98 23.50 25.82
C LYS D 384 17.32 24.61 26.63
N LEU D 385 16.00 24.59 26.74
CA LEU D 385 15.30 25.58 27.56
C LEU D 385 15.70 25.47 29.02
N GLU D 386 15.80 24.25 29.53
CA GLU D 386 16.22 24.06 30.92
C GLU D 386 17.68 24.44 31.11
N GLY D 387 18.53 24.12 30.13
CA GLY D 387 19.94 24.47 30.24
C GLY D 387 20.17 25.97 30.24
N ARG D 388 19.45 26.69 29.38
CA ARG D 388 19.58 28.15 29.34
C ARG D 388 18.88 28.80 30.52
N GLY D 389 18.07 28.06 31.25
CA GLY D 389 17.35 28.59 32.39
C GLY D 389 16.09 29.36 32.04
N MET D 390 15.76 29.46 30.75
CA MET D 390 14.57 30.20 30.34
C MET D 390 13.29 29.55 30.86
N ALA D 391 13.32 28.25 31.14
CA ALA D 391 12.20 27.55 31.76
C ALA D 391 12.69 26.82 33.00
N THR D 392 11.91 26.89 34.06
CA THR D 392 12.24 26.23 35.32
C THR D 392 11.58 24.87 35.46
N THR D 393 10.27 24.81 35.28
CA THR D 393 9.53 23.56 35.28
C THR D 393 9.13 23.19 33.85
N ILE D 394 9.00 21.88 33.62
CA ILE D 394 8.65 21.42 32.27
C ILE D 394 7.28 21.92 31.84
N LYS D 395 6.41 22.26 32.79
CA LYS D 395 5.13 22.87 32.44
C LYS D 395 5.33 24.22 31.76
N ALA D 396 6.26 25.02 32.29
CA ALA D 396 6.58 26.29 31.65
C ALA D 396 7.17 26.08 30.27
N ALA D 397 8.04 25.07 30.11
CA ALA D 397 8.62 24.79 28.80
C ALA D 397 7.55 24.38 27.81
N LYS D 398 6.60 23.54 28.23
CA LYS D 398 5.50 23.17 27.36
C LYS D 398 4.64 24.38 27.01
N LYS D 399 4.44 25.28 27.98
CA LYS D 399 3.66 26.48 27.71
C LYS D 399 4.33 27.36 26.66
N MET D 400 5.66 27.52 26.79
CA MET D 400 6.38 28.32 25.80
C MET D 400 6.37 27.67 24.42
N VAL D 401 6.57 26.36 24.36
CA VAL D 401 6.63 25.71 23.06
C VAL D 401 5.27 25.67 22.39
N GLU D 402 4.19 25.55 23.17
CA GLU D 402 2.85 25.61 22.61
C GLU D 402 2.42 27.04 22.27
N ARG D 403 2.85 28.03 23.05
CA ARG D 403 2.59 29.42 22.71
C ARG D 403 3.40 29.89 21.51
N GLU D 404 4.45 29.16 21.15
CA GLU D 404 5.38 29.56 20.09
C GLU D 404 5.91 30.97 20.35
N LEU D 405 6.40 31.17 21.56
CA LEU D 405 6.99 32.44 21.95
C LEU D 405 8.19 32.73 21.07
N PRO D 406 8.48 34.01 20.81
CA PRO D 406 9.54 34.32 19.84
C PRO D 406 10.90 33.79 20.21
N GLU D 407 11.16 33.54 21.50
CA GLU D 407 12.48 33.06 21.89
C GLU D 407 12.62 31.56 21.67
N VAL D 408 11.50 30.84 21.50
CA VAL D 408 11.60 29.40 21.26
C VAL D 408 12.10 29.11 19.84
N TRP D 409 11.95 30.06 18.93
CA TRP D 409 12.48 29.85 17.58
C TRP D 409 14.00 29.90 17.57
N ASP D 410 14.60 30.73 18.44
CA ASP D 410 16.04 30.76 18.54
C ASP D 410 16.59 29.42 19.01
N VAL D 411 16.02 28.87 20.08
CA VAL D 411 16.51 27.58 20.58
C VAL D 411 16.21 26.47 19.59
N LEU D 412 15.08 26.56 18.89
CA LEU D 412 14.81 25.60 17.82
C LEU D 412 15.87 25.66 16.73
N ALA D 413 16.28 26.88 16.35
CA ALA D 413 17.36 27.01 15.38
C ALA D 413 18.66 26.42 15.90
N GLU D 414 18.95 26.60 17.19
CA GLU D 414 20.17 26.04 17.75
C GLU D 414 20.15 24.51 17.75
N VAL D 415 19.00 23.91 18.07
CA VAL D 415 18.96 22.45 18.10
C VAL D 415 18.94 21.87 16.69
N ILE D 416 18.59 22.69 15.70
CA ILE D 416 18.50 22.19 14.33
C ILE D 416 19.81 22.38 13.58
N ARG D 417 20.70 23.24 14.10
CA ARG D 417 21.82 23.75 13.31
C ARG D 417 22.68 22.62 12.74
N GLU D 418 23.08 21.66 13.58
CA GLU D 418 23.94 20.58 13.14
C GLU D 418 23.35 19.21 13.46
N HIS D 419 22.03 19.07 13.41
CA HIS D 419 21.38 17.80 13.74
C HIS D 419 20.71 17.25 12.49
N PRO D 420 21.35 16.34 11.75
CA PRO D 420 20.75 15.84 10.52
C PRO D 420 19.50 15.02 10.79
N VAL D 421 18.63 14.97 9.79
CA VAL D 421 17.39 14.21 9.84
C VAL D 421 17.34 13.28 8.63
N LEU D 422 16.51 12.25 8.72
CA LEU D 422 16.42 11.21 7.73
C LEU D 422 15.12 11.37 6.94
N LEU D 423 15.22 11.30 5.62
CA LEU D 423 14.07 11.42 4.73
C LEU D 423 14.01 10.18 3.84
N ASN D 424 12.84 9.55 3.76
CA ASN D 424 12.66 8.39 2.90
C ASN D 424 11.28 8.42 2.25
N ARG D 425 11.21 7.84 1.06
CA ARG D 425 9.97 7.67 0.34
C ARG D 425 9.25 6.43 0.83
N ALA D 426 8.05 6.19 0.29
CA ALA D 426 7.28 5.06 0.77
C ALA D 426 7.94 3.75 0.35
N PRO D 427 8.08 3.41 -0.95
CA PRO D 427 8.84 2.22 -1.32
C PRO D 427 10.33 2.54 -1.42
N THR D 428 11.11 2.05 -0.47
CA THR D 428 12.56 2.25 -0.49
C THR D 428 13.21 1.02 -1.11
N LEU D 429 13.48 1.10 -2.41
CA LEU D 429 14.01 -0.03 -3.15
C LEU D 429 15.52 -0.20 -3.02
N HIS D 430 16.21 0.76 -2.40
CA HIS D 430 17.65 0.66 -2.21
C HIS D 430 18.06 1.68 -1.15
N ARG D 431 19.31 1.58 -0.68
CA ARG D 431 19.75 2.43 0.42
C ARG D 431 19.62 3.90 0.09
N LEU D 432 19.69 4.27 -1.19
CA LEU D 432 19.56 5.65 -1.62
C LEU D 432 18.18 6.21 -1.34
N GLY D 433 17.21 5.34 -1.04
CA GLY D 433 15.84 5.77 -0.77
C GLY D 433 15.64 6.36 0.61
N ILE D 434 16.70 6.43 1.42
CA ILE D 434 16.68 7.14 2.69
C ILE D 434 18.05 7.75 2.90
N GLN D 435 18.11 9.07 2.94
CA GLN D 435 19.37 9.79 3.11
C GLN D 435 19.20 10.86 4.17
N ALA D 436 20.32 11.26 4.77
CA ALA D 436 20.33 12.23 5.85
C ALA D 436 20.46 13.64 5.29
N PHE D 437 19.64 14.55 5.79
CA PHE D 437 19.68 15.95 5.41
C PHE D 437 19.79 16.80 6.66
N GLU D 438 20.49 17.93 6.52
CA GLU D 438 20.65 18.88 7.60
C GLU D 438 19.54 19.92 7.53
N PRO D 439 18.50 19.79 8.35
CA PRO D 439 17.27 20.54 8.12
C PRO D 439 17.43 22.03 8.27
N VAL D 440 16.63 22.76 7.50
CA VAL D 440 16.51 24.21 7.59
C VAL D 440 15.04 24.55 7.77
N LEU D 441 14.75 25.44 8.72
CA LEU D 441 13.37 25.77 9.03
C LEU D 441 12.75 26.57 7.89
N ILE D 442 11.56 26.16 7.46
CA ILE D 442 10.82 26.86 6.41
C ILE D 442 9.43 27.18 6.94
N GLU D 443 8.70 27.98 6.16
CA GLU D 443 7.40 28.48 6.54
C GLU D 443 6.35 27.76 5.70
N GLY D 444 5.66 26.80 6.31
CA GLY D 444 4.65 26.04 5.60
C GLY D 444 4.38 24.73 6.29
N LYS D 445 3.84 23.78 5.53
CA LYS D 445 3.52 22.46 6.03
C LYS D 445 4.15 21.34 5.20
N ALA D 446 4.86 21.68 4.14
CA ALA D 446 5.47 20.70 3.25
C ALA D 446 6.97 20.63 3.47
N ILE D 447 7.54 19.47 3.18
CA ILE D 447 8.97 19.22 3.32
C ILE D 447 9.64 19.61 2.00
N GLN D 448 10.56 20.56 2.06
CA GLN D 448 11.25 21.00 0.85
C GLN D 448 12.43 20.08 0.56
N LEU D 449 12.50 19.59 -0.68
CA LEU D 449 13.55 18.68 -1.11
C LEU D 449 14.46 19.34 -2.13
N HIS D 450 15.72 18.94 -2.09
CA HIS D 450 16.68 19.35 -3.10
C HIS D 450 16.33 18.70 -4.44
N PRO D 451 16.31 19.48 -5.53
CA PRO D 451 15.91 18.91 -6.82
C PRO D 451 16.79 17.77 -7.30
N LEU D 452 18.06 17.76 -6.91
CA LEU D 452 18.98 16.76 -7.45
C LEU D 452 18.86 15.41 -6.76
N VAL D 453 18.20 15.35 -5.60
CA VAL D 453 18.04 14.07 -4.92
C VAL D 453 16.75 13.36 -5.32
N CYS D 454 15.90 14.00 -6.12
CA CYS D 454 14.65 13.36 -6.54
C CYS D 454 14.91 12.13 -7.39
N ALA D 455 15.95 12.17 -8.23
CA ALA D 455 16.26 11.00 -9.06
C ALA D 455 16.62 9.79 -8.22
N ALA D 456 17.42 10.00 -7.18
CA ALA D 456 17.80 8.89 -6.30
C ALA D 456 16.58 8.38 -5.54
N TYR D 457 15.69 9.28 -5.13
CA TYR D 457 14.49 8.88 -4.41
C TYR D 457 13.42 8.33 -5.34
N ASN D 458 13.58 8.55 -6.65
CA ASN D 458 12.53 8.26 -7.63
C ASN D 458 11.23 8.93 -7.20
N ALA D 459 11.35 10.20 -6.83
CA ALA D 459 10.25 10.97 -6.26
C ALA D 459 10.02 12.25 -7.07
N ASP D 460 8.91 12.29 -7.80
CA ASP D 460 8.45 13.54 -8.38
C ASP D 460 7.54 14.26 -7.39
N PHE D 461 7.15 15.47 -7.76
CA PHE D 461 6.36 16.33 -6.88
C PHE D 461 4.90 16.37 -7.26
N ASP D 462 4.36 15.24 -7.73
CA ASP D 462 2.96 15.13 -8.11
C ASP D 462 2.08 14.64 -6.98
N GLY D 463 2.54 14.75 -5.72
CA GLY D 463 1.74 14.32 -4.60
C GLY D 463 2.46 13.36 -3.67
N ASP D 464 3.76 13.17 -3.89
CA ASP D 464 4.53 12.25 -3.07
C ASP D 464 4.64 12.77 -1.64
N GLN D 465 4.79 11.84 -0.70
CA GLN D 465 5.00 12.14 0.70
C GLN D 465 6.29 11.51 1.16
N MET D 466 6.89 12.10 2.20
CA MET D 466 8.14 11.61 2.74
C MET D 466 8.07 11.55 4.26
N ALA D 467 8.61 10.48 4.83
CA ALA D 467 8.70 10.32 6.26
C ALA D 467 10.02 10.89 6.75
N VAL D 468 9.96 11.62 7.86
CA VAL D 468 11.15 12.25 8.44
C VAL D 468 11.41 11.63 9.80
N HIS D 469 12.66 11.25 10.04
CA HIS D 469 13.05 10.65 11.30
C HIS D 469 14.24 11.40 11.88
N VAL D 470 14.26 11.53 13.19
CA VAL D 470 15.25 12.31 13.90
C VAL D 470 16.17 11.35 14.65
N PRO D 471 17.41 11.16 14.20
CA PRO D 471 18.37 10.39 15.00
C PRO D 471 18.73 11.13 16.28
N LEU D 472 18.91 10.35 17.35
CA LEU D 472 19.08 10.90 18.69
C LEU D 472 20.49 10.77 19.23
N THR D 473 21.02 9.55 19.26
CA THR D 473 22.34 9.32 19.84
C THR D 473 23.42 9.98 18.99
N LEU D 474 24.52 10.36 19.65
CA LEU D 474 25.65 10.92 18.91
C LEU D 474 26.16 9.93 17.88
N GLU D 475 26.09 8.63 18.18
CA GLU D 475 26.41 7.62 17.18
C GLU D 475 25.48 7.75 15.98
N ALA D 476 24.19 7.93 16.23
CA ALA D 476 23.23 8.04 15.14
C ALA D 476 23.46 9.30 14.31
N GLN D 477 23.70 10.43 14.98
CA GLN D 477 23.97 11.67 14.25
C GLN D 477 25.24 11.56 13.42
N LEU D 478 26.28 10.96 13.98
CA LEU D 478 27.54 10.83 13.25
C LEU D 478 27.41 9.86 12.10
N GLU D 479 26.61 8.81 12.26
CA GLU D 479 26.37 7.89 11.15
C GLU D 479 25.56 8.57 10.05
N ALA D 480 24.61 9.42 10.44
CA ALA D 480 23.84 10.18 9.46
C ALA D 480 24.74 11.14 8.69
N ARG D 481 25.65 11.81 9.39
CA ARG D 481 26.50 12.80 8.73
C ARG D 481 27.64 12.16 7.94
N ALA D 482 28.12 10.98 8.33
CA ALA D 482 29.31 10.42 7.74
C ALA D 482 29.04 9.30 6.73
N LEU D 483 27.92 8.61 6.84
CA LEU D 483 27.60 7.52 5.92
C LEU D 483 26.42 7.83 5.01
N MET D 484 25.36 8.43 5.53
CA MET D 484 24.15 8.65 4.75
C MET D 484 23.80 10.12 4.58
N MET D 485 24.74 11.04 4.80
CA MET D 485 24.53 12.42 4.39
C MET D 485 24.39 12.47 2.88
N SER D 486 23.57 13.38 2.39
CA SER D 486 23.24 13.39 0.97
C SER D 486 24.46 13.60 0.09
N THR D 487 25.48 14.30 0.60
CA THR D 487 26.68 14.55 -0.19
C THR D 487 27.53 13.29 -0.31
N ASN D 488 27.48 12.41 0.69
CA ASN D 488 28.30 11.20 0.66
C ASN D 488 27.89 10.28 -0.49
N ASN D 489 26.59 10.08 -0.66
CA ASN D 489 26.08 9.16 -1.69
C ASN D 489 25.69 9.93 -2.94
N ILE D 490 26.69 10.28 -3.74
CA ILE D 490 26.49 10.79 -5.08
C ILE D 490 26.46 9.67 -6.12
N LEU D 491 27.40 8.75 -6.05
CA LEU D 491 27.43 7.63 -6.97
C LEU D 491 26.45 6.55 -6.54
N SER D 492 25.79 5.93 -7.51
CA SER D 492 24.85 4.87 -7.20
C SER D 492 25.59 3.64 -6.69
N PRO D 493 25.08 2.98 -5.65
CA PRO D 493 25.70 1.72 -5.22
C PRO D 493 25.61 0.61 -6.25
N ALA D 494 24.66 0.70 -7.19
CA ALA D 494 24.51 -0.34 -8.21
C ALA D 494 25.59 -0.21 -9.28
N ASN D 495 26.02 1.01 -9.57
CA ASN D 495 27.05 1.25 -10.57
C ASN D 495 27.72 2.59 -10.26
N GLY D 496 29.02 2.65 -10.51
CA GLY D 496 29.80 3.82 -10.16
C GLY D 496 29.35 5.11 -10.79
N GLU D 497 28.42 5.02 -11.75
CA GLU D 497 27.90 6.22 -12.38
C GLU D 497 27.14 7.06 -11.36
N PRO D 498 27.21 8.40 -11.45
CA PRO D 498 26.56 9.24 -10.44
C PRO D 498 25.05 9.14 -10.50
N ILE D 499 24.44 9.34 -9.34
CA ILE D 499 22.98 9.39 -9.24
C ILE D 499 22.46 10.77 -8.88
N ILE D 500 23.25 11.61 -8.22
CA ILE D 500 22.85 13.01 -7.96
C ILE D 500 23.34 13.81 -9.15
N VAL D 501 22.55 13.78 -10.21
CA VAL D 501 22.91 14.42 -11.47
C VAL D 501 21.79 15.37 -11.88
N PRO D 502 22.09 16.40 -12.69
CA PRO D 502 21.04 17.28 -13.18
C PRO D 502 19.88 16.53 -13.84
N SER D 503 18.67 16.81 -13.37
CA SER D 503 17.46 16.23 -13.94
C SER D 503 16.87 17.15 -15.01
N GLN D 504 15.62 16.90 -15.38
CA GLN D 504 14.99 17.51 -16.55
C GLN D 504 15.25 19.00 -16.71
N ASP D 505 14.82 19.81 -15.75
CA ASP D 505 14.80 21.26 -15.95
C ASP D 505 16.21 21.84 -16.01
N VAL D 506 17.08 21.43 -15.07
CA VAL D 506 18.44 21.94 -15.06
C VAL D 506 19.21 21.44 -16.28
N VAL D 507 18.94 20.21 -16.74
CA VAL D 507 19.55 19.73 -17.97
C VAL D 507 19.11 20.59 -19.15
N MET D 508 17.83 20.94 -19.21
CA MET D 508 17.34 21.83 -20.26
C MET D 508 18.06 23.17 -20.22
N GLY D 509 18.22 23.74 -19.02
CA GLY D 509 18.91 25.01 -18.90
C GLY D 509 20.35 24.95 -19.36
N LEU D 510 21.07 23.91 -18.90
CA LEU D 510 22.48 23.78 -19.27
C LEU D 510 22.64 23.51 -20.76
N TYR D 511 21.71 22.75 -21.35
CA TYR D 511 21.77 22.49 -22.79
C TYR D 511 21.50 23.76 -23.58
N TYR D 512 20.49 24.53 -23.18
CA TYR D 512 20.18 25.76 -23.90
C TYR D 512 21.33 26.76 -23.78
N MET D 513 21.95 26.84 -22.61
CA MET D 513 23.08 27.75 -22.43
C MET D 513 24.21 27.43 -23.40
N THR D 514 24.58 26.15 -23.48
CA THR D 514 25.72 25.74 -24.31
C THR D 514 25.26 25.26 -25.69
N ARG D 515 24.51 26.09 -26.40
CA ARG D 515 24.22 25.85 -27.80
C ARG D 515 25.02 26.81 -28.66
N GLU D 516 24.79 26.74 -29.97
CA GLU D 516 25.44 27.65 -30.90
C GLU D 516 24.46 28.08 -31.98
N ALA D 517 24.48 29.37 -32.30
CA ALA D 517 23.69 29.91 -33.39
C ALA D 517 24.62 30.38 -34.51
N ILE D 518 24.21 30.13 -35.74
CA ILE D 518 25.04 30.47 -36.89
C ILE D 518 25.32 31.97 -36.93
N ASN D 519 24.28 32.77 -36.71
CA ASN D 519 24.40 34.23 -36.62
C ASN D 519 23.61 34.70 -35.41
N ALA D 520 24.29 35.36 -34.48
CA ALA D 520 23.64 35.85 -33.27
C ALA D 520 24.31 37.16 -32.86
N LYS D 521 23.58 37.94 -32.06
CA LYS D 521 24.14 39.17 -31.52
C LYS D 521 25.37 38.85 -30.68
N GLY D 522 26.44 39.61 -30.90
CA GLY D 522 27.66 39.42 -30.16
C GLY D 522 28.60 38.38 -30.73
N GLU D 523 28.34 37.88 -31.93
CA GLU D 523 29.24 36.91 -32.54
C GLU D 523 30.46 37.62 -33.12
N GLY D 524 31.64 37.07 -32.84
CA GLY D 524 32.86 37.49 -33.49
C GLY D 524 33.94 38.03 -32.57
N MET D 525 33.62 38.91 -31.63
CA MET D 525 34.68 39.54 -30.86
C MET D 525 35.28 38.57 -29.85
N ALA D 526 36.44 38.95 -29.33
CA ALA D 526 37.21 38.12 -28.40
C ALA D 526 37.16 38.73 -27.01
N PHE D 527 37.10 37.87 -26.01
CA PHE D 527 36.98 38.28 -24.61
C PHE D 527 38.23 37.90 -23.85
N ALA D 528 38.69 38.81 -22.99
CA ALA D 528 39.92 38.63 -22.24
C ALA D 528 39.78 37.64 -21.10
N ASP D 529 38.55 37.38 -20.63
CA ASP D 529 38.32 36.45 -19.55
C ASP D 529 36.85 36.04 -19.55
N LEU D 530 36.55 35.02 -18.75
CA LEU D 530 35.14 34.65 -18.53
C LEU D 530 34.38 35.80 -17.89
N GLN D 531 35.08 36.61 -17.09
CA GLN D 531 34.43 37.76 -16.46
C GLN D 531 33.96 38.75 -17.51
N GLU D 532 34.76 39.00 -18.54
CA GLU D 532 34.32 39.91 -19.60
C GLU D 532 33.15 39.30 -20.37
N VAL D 533 33.14 37.98 -20.55
CA VAL D 533 32.01 37.33 -21.21
C VAL D 533 30.73 37.54 -20.40
N ASP D 534 30.81 37.36 -19.08
CA ASP D 534 29.65 37.60 -18.22
C ASP D 534 29.24 39.07 -18.27
N ARG D 535 30.20 39.98 -18.26
CA ARG D 535 29.91 41.40 -18.31
C ARG D 535 29.20 41.78 -19.60
N ALA D 536 29.65 41.21 -20.73
CA ALA D 536 29.02 41.50 -22.01
C ALA D 536 27.63 40.88 -22.11
N TYR D 537 27.46 39.66 -21.59
CA TYR D 537 26.16 39.01 -21.68
C TYR D 537 25.13 39.70 -20.81
N ARG D 538 25.49 39.98 -19.54
CA ARG D 538 24.54 40.63 -18.63
C ARG D 538 24.20 42.03 -19.10
N SER D 539 25.14 42.73 -19.73
CA SER D 539 24.84 44.04 -20.30
C SER D 539 23.97 43.92 -21.54
N GLY D 540 23.76 42.72 -22.05
CA GLY D 540 22.90 42.52 -23.21
C GLY D 540 23.56 42.75 -24.55
N GLN D 541 24.89 42.88 -24.60
CA GLN D 541 25.60 43.13 -25.84
C GLN D 541 25.99 41.86 -26.58
N ALA D 542 25.73 40.68 -26.01
CA ALA D 542 26.09 39.42 -26.64
C ALA D 542 25.02 38.38 -26.34
N SER D 543 24.69 37.57 -27.34
CA SER D 543 23.71 36.52 -27.14
C SER D 543 24.27 35.42 -26.25
N LEU D 544 23.38 34.64 -25.66
CA LEU D 544 23.81 33.56 -24.78
C LEU D 544 24.57 32.51 -25.56
N HIS D 545 24.16 32.23 -26.79
CA HIS D 545 24.80 31.25 -27.66
C HIS D 545 25.24 31.95 -28.93
N ALA D 546 26.43 32.53 -28.92
CA ALA D 546 27.03 33.18 -30.08
C ALA D 546 28.48 32.77 -30.19
N ARG D 547 28.90 32.35 -31.38
CA ARG D 547 30.26 31.89 -31.57
C ARG D 547 31.23 33.04 -31.35
N VAL D 548 32.01 32.95 -30.26
CA VAL D 548 32.94 34.00 -29.88
C VAL D 548 34.30 33.37 -29.62
N LYS D 549 35.26 34.20 -29.25
CA LYS D 549 36.59 33.78 -28.86
C LYS D 549 36.86 34.30 -27.45
N VAL D 550 37.47 33.48 -26.61
CA VAL D 550 37.75 33.87 -25.24
C VAL D 550 38.98 33.12 -24.76
N ARG D 551 39.86 33.83 -24.06
CA ARG D 551 41.02 33.22 -23.43
C ARG D 551 40.68 32.89 -21.98
N ILE D 552 41.25 31.79 -21.49
CA ILE D 552 40.84 31.22 -20.21
C ILE D 552 42.09 30.81 -19.43
N ASN D 553 41.89 30.60 -18.13
CA ASN D 553 42.95 30.14 -17.24
C ASN D 553 42.50 28.82 -16.64
N GLU D 554 42.77 27.72 -17.35
CA GLU D 554 42.40 26.39 -16.90
C GLU D 554 43.56 25.74 -16.18
N LYS D 555 43.27 25.09 -15.05
CA LYS D 555 44.27 24.39 -14.25
C LYS D 555 44.07 22.89 -14.44
N ILE D 556 45.04 22.24 -15.05
CA ILE D 556 44.93 20.83 -15.40
C ILE D 556 45.63 20.00 -14.34
N LYS D 557 45.06 18.83 -14.02
CA LYS D 557 45.61 17.90 -13.06
C LYS D 557 46.27 16.69 -13.71
N GLY D 558 46.97 16.90 -14.83
CA GLY D 558 47.56 15.77 -15.54
C GLY D 558 48.57 15.00 -14.72
N GLU D 559 49.35 15.68 -13.89
CA GLU D 559 50.34 15.05 -13.05
C GLU D 559 49.85 15.02 -11.61
N ASP D 560 50.00 13.87 -10.96
CA ASP D 560 49.54 13.72 -9.59
C ASP D 560 50.39 14.60 -8.67
N GLY D 561 49.70 15.41 -7.84
CA GLY D 561 50.36 16.32 -6.93
C GLY D 561 50.82 17.61 -7.56
N GLN D 562 50.64 17.80 -8.86
CA GLN D 562 51.08 18.99 -9.56
C GLN D 562 49.93 19.52 -10.41
N LEU D 563 49.41 20.69 -10.06
CA LEU D 563 48.29 21.31 -10.76
C LEU D 563 48.84 22.39 -11.68
N THR D 564 48.91 22.08 -12.98
CA THR D 564 49.48 22.98 -13.97
C THR D 564 48.38 23.87 -14.54
N ALA D 565 48.61 25.18 -14.52
CA ALA D 565 47.67 26.15 -15.07
C ALA D 565 48.23 26.74 -16.35
N ASN D 566 47.39 26.79 -17.39
CA ASN D 566 47.80 27.32 -18.69
C ASN D 566 46.71 28.22 -19.23
N THR D 567 47.12 29.24 -19.97
CA THR D 567 46.21 30.21 -20.57
C THR D 567 46.11 29.96 -22.08
N ARG D 568 44.88 29.86 -22.57
CA ARG D 568 44.65 29.45 -23.95
C ARG D 568 43.42 30.14 -24.50
N ILE D 569 43.47 30.48 -25.78
CA ILE D 569 42.36 31.11 -26.49
C ILE D 569 41.57 30.02 -27.21
N VAL D 570 40.27 29.95 -26.93
CA VAL D 570 39.42 28.90 -27.47
C VAL D 570 38.25 29.51 -28.20
N ASP D 571 37.91 28.93 -29.36
CA ASP D 571 36.73 29.30 -30.13
C ASP D 571 35.54 28.56 -29.54
N THR D 572 34.61 29.30 -28.95
CA THR D 572 33.47 28.70 -28.29
C THR D 572 32.31 29.69 -28.36
N THR D 573 31.29 29.45 -27.53
CA THR D 573 30.15 30.35 -27.44
C THR D 573 30.18 31.07 -26.09
N VAL D 574 29.33 32.09 -25.97
CA VAL D 574 29.23 32.83 -24.72
C VAL D 574 28.70 31.94 -23.60
N GLY D 575 27.70 31.11 -23.91
CA GLY D 575 27.12 30.26 -22.89
C GLY D 575 28.09 29.23 -22.35
N ARG D 576 28.89 28.62 -23.24
CA ARG D 576 29.87 27.64 -22.78
C ARG D 576 30.92 28.29 -21.90
N ALA D 577 31.38 29.48 -22.27
CA ALA D 577 32.34 30.20 -21.44
C ALA D 577 31.73 30.54 -20.09
N LEU D 578 30.45 30.94 -20.08
CA LEU D 578 29.78 31.25 -18.82
C LEU D 578 29.68 30.02 -17.94
N LEU D 579 29.33 28.87 -18.52
CA LEU D 579 29.18 27.65 -17.73
C LEU D 579 30.54 27.16 -17.23
N PHE D 580 31.60 27.37 -18.02
CA PHE D 580 32.93 26.95 -17.57
C PHE D 580 33.37 27.68 -16.32
N GLN D 581 32.82 28.85 -16.05
CA GLN D 581 33.14 29.56 -14.81
C GLN D 581 32.65 28.80 -13.59
N VAL D 582 31.77 27.82 -13.78
CA VAL D 582 31.28 26.99 -12.69
C VAL D 582 32.18 25.78 -12.45
N VAL D 583 32.77 25.25 -13.52
CA VAL D 583 33.59 24.05 -13.46
C VAL D 583 34.74 24.23 -12.48
N PRO D 584 35.03 23.26 -11.62
CA PRO D 584 36.15 23.41 -10.67
C PRO D 584 37.49 23.51 -11.35
N ALA D 585 38.56 23.68 -10.57
CA ALA D 585 39.87 24.04 -11.09
C ALA D 585 40.74 22.82 -11.39
N GLY D 586 40.14 21.70 -11.75
CA GLY D 586 40.92 20.52 -12.07
C GLY D 586 40.58 19.90 -13.42
N LEU D 587 39.71 20.55 -14.18
CA LEU D 587 39.26 19.98 -15.44
C LEU D 587 39.54 20.93 -16.60
N PRO D 588 39.79 20.40 -17.79
CA PRO D 588 40.02 21.26 -18.95
C PRO D 588 38.73 21.89 -19.45
N PHE D 589 38.86 22.95 -20.26
CA PHE D 589 37.69 23.58 -20.87
C PHE D 589 37.06 22.73 -21.96
N ASP D 590 37.83 21.83 -22.56
CA ASP D 590 37.29 20.98 -23.62
C ASP D 590 36.17 20.08 -23.14
N VAL D 591 36.04 19.88 -21.82
CA VAL D 591 34.97 19.07 -21.26
C VAL D 591 33.62 19.77 -21.27
N VAL D 592 33.61 21.08 -21.49
CA VAL D 592 32.38 21.86 -21.46
C VAL D 592 32.08 22.53 -22.80
N ASN D 593 32.87 22.26 -23.83
CA ASN D 593 32.73 22.95 -25.10
C ASN D 593 31.70 22.30 -26.02
N GLN D 594 31.10 21.18 -25.62
CA GLN D 594 30.07 20.54 -26.41
C GLN D 594 28.69 21.06 -25.99
N SER D 595 27.63 20.40 -26.47
CA SER D 595 26.27 20.91 -26.30
C SER D 595 25.69 20.62 -24.93
N MET D 596 26.38 19.86 -24.07
CA MET D 596 25.97 19.62 -22.69
C MET D 596 24.59 18.95 -22.62
N LYS D 597 24.52 17.74 -23.17
CA LYS D 597 23.31 16.93 -23.04
C LYS D 597 23.32 16.25 -21.68
N LYS D 598 22.25 15.54 -21.34
CA LYS D 598 22.13 14.93 -20.02
C LYS D 598 23.24 13.90 -19.80
N LYS D 599 23.48 13.05 -20.80
CA LYS D 599 24.54 12.06 -20.67
C LYS D 599 25.90 12.72 -20.56
N ALA D 600 26.13 13.77 -21.34
CA ALA D 600 27.39 14.50 -21.25
C ALA D 600 27.58 15.12 -19.87
N ILE D 601 26.51 15.67 -19.30
CA ILE D 601 26.61 16.27 -17.97
C ILE D 601 26.88 15.20 -16.92
N SER D 602 26.22 14.05 -17.04
CA SER D 602 26.45 12.97 -16.08
C SER D 602 27.89 12.49 -16.16
N LYS D 603 28.42 12.32 -17.38
CA LYS D 603 29.81 11.94 -17.52
C LYS D 603 30.76 13.01 -16.98
N LEU D 604 30.40 14.29 -17.15
CA LEU D 604 31.22 15.37 -16.60
C LEU D 604 31.26 15.28 -15.09
N ILE D 605 30.12 15.04 -14.45
CA ILE D 605 30.10 14.92 -12.99
C ILE D 605 30.90 13.70 -12.55
N ASN D 606 30.76 12.58 -13.26
CA ASN D 606 31.53 11.39 -12.92
C ASN D 606 33.02 11.64 -13.03
N HIS D 607 33.44 12.31 -14.10
CA HIS D 607 34.85 12.64 -14.27
C HIS D 607 35.35 13.59 -13.19
N CYS D 608 34.54 14.59 -12.84
CA CYS D 608 34.93 15.53 -11.80
C CYS D 608 35.08 14.85 -10.45
N TYR D 609 34.21 13.87 -10.15
CA TYR D 609 34.30 13.16 -8.88
C TYR D 609 35.63 12.40 -8.77
N ARG D 610 36.04 11.74 -9.85
CA ARG D 610 37.23 10.91 -9.84
C ARG D 610 38.51 11.70 -10.08
N VAL D 611 38.41 13.01 -10.30
CA VAL D 611 39.59 13.82 -10.59
C VAL D 611 39.82 14.81 -9.45
N VAL D 612 38.78 15.54 -9.08
CA VAL D 612 38.94 16.62 -8.10
C VAL D 612 38.69 16.12 -6.69
N GLY D 613 37.52 15.55 -6.45
CA GLY D 613 37.22 15.04 -5.12
C GLY D 613 35.72 14.92 -4.91
N LEU D 614 35.32 15.05 -3.63
CA LEU D 614 33.93 14.96 -3.23
C LEU D 614 33.32 16.30 -2.84
N LYS D 615 34.02 17.09 -2.03
CA LYS D 615 33.49 18.38 -1.61
C LYS D 615 33.37 19.33 -2.80
N ASP D 616 34.43 19.43 -3.59
CA ASP D 616 34.33 20.23 -4.81
C ASP D 616 33.30 19.66 -5.77
N THR D 617 33.07 18.36 -5.73
CA THR D 617 32.07 17.75 -6.60
C THR D 617 30.66 18.15 -6.18
N VAL D 618 30.37 18.16 -4.88
CA VAL D 618 29.05 18.59 -4.44
C VAL D 618 28.86 20.08 -4.69
N ILE D 619 29.93 20.87 -4.53
CA ILE D 619 29.84 22.29 -4.86
C ILE D 619 29.55 22.47 -6.35
N PHE D 620 30.23 21.69 -7.19
CA PHE D 620 30.02 21.75 -8.63
C PHE D 620 28.59 21.36 -8.99
N ALA D 621 28.06 20.32 -8.34
CA ALA D 621 26.68 19.90 -8.62
C ALA D 621 25.68 20.98 -8.22
N ASP D 622 25.88 21.58 -7.04
CA ASP D 622 24.99 22.66 -6.62
C ASP D 622 25.07 23.85 -7.57
N GLN D 623 26.27 24.21 -8.00
CA GLN D 623 26.42 25.32 -8.95
C GLN D 623 25.78 24.98 -10.29
N LEU D 624 25.93 23.73 -10.75
CA LEU D 624 25.30 23.32 -11.99
C LEU D 624 23.78 23.43 -11.89
N MET D 625 23.22 22.99 -10.77
CA MET D 625 21.77 23.10 -10.58
C MET D 625 21.33 24.55 -10.58
N TYR D 626 22.08 25.41 -9.88
CA TYR D 626 21.74 26.82 -9.82
C TYR D 626 21.74 27.45 -11.21
N THR D 627 22.83 27.23 -11.97
CA THR D 627 22.91 27.84 -13.29
C THR D 627 21.90 27.23 -14.25
N GLY D 628 21.63 25.94 -14.15
CA GLY D 628 20.61 25.34 -14.99
C GLY D 628 19.25 25.94 -14.75
N PHE D 629 18.87 26.10 -13.49
CA PHE D 629 17.59 26.73 -13.18
C PHE D 629 17.58 28.18 -13.66
N ALA D 630 18.66 28.91 -13.43
CA ALA D 630 18.71 30.32 -13.79
C ALA D 630 18.57 30.51 -15.30
N TYR D 631 19.28 29.70 -16.08
CA TYR D 631 19.26 29.87 -17.53
C TYR D 631 18.15 29.10 -18.22
N SER D 632 17.41 28.26 -17.50
CA SER D 632 16.15 27.77 -18.02
C SER D 632 15.03 28.75 -17.71
N THR D 633 15.20 29.55 -16.67
CA THR D 633 14.27 30.67 -16.44
C THR D 633 14.53 31.80 -17.43
N ILE D 634 15.79 32.11 -17.70
CA ILE D 634 16.11 33.17 -18.64
C ILE D 634 15.60 32.83 -20.04
N SER D 635 15.79 31.58 -20.46
CA SER D 635 15.23 31.13 -21.73
C SER D 635 13.76 30.80 -21.53
N GLY D 636 12.88 31.62 -22.08
CA GLY D 636 11.46 31.37 -21.93
C GLY D 636 10.99 30.22 -22.79
N VAL D 637 11.66 29.08 -22.68
CA VAL D 637 11.30 27.92 -23.49
C VAL D 637 9.90 27.46 -23.12
N SER D 638 9.15 27.01 -24.12
CA SER D 638 7.74 26.69 -23.90
C SER D 638 7.28 25.71 -24.96
N ILE D 639 6.16 25.06 -24.66
CA ILE D 639 5.52 24.13 -25.58
C ILE D 639 4.27 24.80 -26.14
N GLY D 640 4.19 24.90 -27.47
CA GLY D 640 3.03 25.45 -28.12
C GLY D 640 2.55 24.51 -29.21
N VAL D 641 1.34 24.79 -29.71
CA VAL D 641 0.76 23.97 -30.75
C VAL D 641 1.57 23.99 -32.04
N ASN D 642 2.35 25.06 -32.28
CA ASN D 642 3.19 25.15 -33.46
C ASN D 642 4.53 24.46 -33.30
N ASP D 643 4.87 24.01 -32.08
CA ASP D 643 6.15 23.35 -31.88
C ASP D 643 6.15 21.94 -32.47
N PHE D 644 5.02 21.25 -32.41
CA PHE D 644 4.91 19.93 -33.01
C PHE D 644 4.80 20.09 -34.52
N VAL D 645 5.93 20.02 -35.21
CA VAL D 645 6.01 20.26 -36.64
C VAL D 645 5.69 18.96 -37.37
N ILE D 646 4.56 18.93 -38.06
CA ILE D 646 4.15 17.78 -38.84
C ILE D 646 4.92 17.80 -40.15
N PRO D 647 5.64 16.74 -40.52
CA PRO D 647 6.31 16.72 -41.81
C PRO D 647 5.32 16.78 -42.95
N ASP D 648 5.69 17.50 -44.00
CA ASP D 648 4.80 17.66 -45.14
C ASP D 648 4.67 16.37 -45.94
N GLU D 649 5.74 15.57 -45.99
CA GLU D 649 5.70 14.32 -46.74
C GLU D 649 4.89 13.24 -46.04
N LYS D 650 4.42 13.48 -44.81
CA LYS D 650 3.60 12.48 -44.13
C LYS D 650 2.33 12.20 -44.90
N ALA D 651 1.69 13.25 -45.42
CA ALA D 651 0.47 13.06 -46.20
C ALA D 651 0.72 12.21 -47.43
N ARG D 652 1.81 12.49 -48.16
CA ARG D 652 2.12 11.72 -49.36
C ARG D 652 2.42 10.26 -49.01
N ILE D 653 3.19 10.03 -47.94
CA ILE D 653 3.53 8.66 -47.55
C ILE D 653 2.27 7.91 -47.14
N ILE D 654 1.39 8.57 -46.38
CA ILE D 654 0.16 7.93 -45.95
C ILE D 654 -0.73 7.60 -47.13
N ASN D 655 -0.84 8.52 -48.10
CA ASN D 655 -1.64 8.25 -49.28
C ASN D 655 -1.06 7.09 -50.08
N ALA D 656 0.27 7.05 -50.22
CA ALA D 656 0.89 5.95 -50.95
C ALA D 656 0.63 4.60 -50.27
N ALA D 657 0.78 4.58 -48.94
CA ALA D 657 0.55 3.34 -48.19
C ALA D 657 -0.92 2.94 -48.25
N THR D 658 -1.83 3.91 -48.23
CA THR D 658 -3.25 3.61 -48.36
C THR D 658 -3.57 3.03 -49.73
N ASP D 659 -2.95 3.57 -50.79
CA ASP D 659 -3.11 2.99 -52.11
C ASP D 659 -2.58 1.57 -52.15
N GLU D 660 -1.43 1.32 -51.54
CA GLU D 660 -0.85 -0.02 -51.53
C GLU D 660 -1.75 -1.00 -50.78
N VAL D 661 -2.28 -0.60 -49.63
CA VAL D 661 -3.13 -1.50 -48.87
C VAL D 661 -4.45 -1.73 -49.58
N LYS D 662 -4.98 -0.71 -50.29
CA LYS D 662 -6.18 -0.93 -51.09
C LYS D 662 -5.93 -1.92 -52.20
N GLU D 663 -4.78 -1.81 -52.87
CA GLU D 663 -4.43 -2.77 -53.92
C GLU D 663 -4.28 -4.18 -53.35
N ILE D 664 -3.65 -4.30 -52.18
CA ILE D 664 -3.45 -5.61 -51.56
C ILE D 664 -4.79 -6.21 -51.14
N GLU D 665 -5.70 -5.37 -50.62
CA GLU D 665 -7.03 -5.84 -50.24
C GLU D 665 -7.81 -6.31 -51.46
N SER D 666 -7.70 -5.58 -52.57
CA SER D 666 -8.34 -6.03 -53.81
C SER D 666 -7.75 -7.36 -54.27
N GLN D 667 -6.44 -7.52 -54.18
CA GLN D 667 -5.80 -8.78 -54.55
C GLN D 667 -6.30 -9.92 -53.67
N TYR D 668 -6.43 -9.68 -52.36
CA TYR D 668 -6.95 -10.70 -51.47
C TYR D 668 -8.40 -11.04 -51.81
N ALA D 669 -9.19 -10.03 -52.16
CA ALA D 669 -10.56 -10.28 -52.61
C ALA D 669 -10.58 -11.14 -53.86
N SER D 670 -9.59 -10.96 -54.75
CA SER D 670 -9.48 -11.82 -55.92
C SER D 670 -9.15 -13.26 -55.56
N GLY D 671 -8.64 -13.50 -54.34
CA GLY D 671 -8.29 -14.83 -53.90
C GLY D 671 -6.85 -15.22 -54.15
N LEU D 672 -6.10 -14.40 -54.89
CA LEU D 672 -4.71 -14.73 -55.17
C LEU D 672 -3.88 -14.72 -53.89
N VAL D 673 -4.12 -13.76 -53.01
CA VAL D 673 -3.33 -13.57 -51.80
C VAL D 673 -4.08 -14.19 -50.62
N THR D 674 -3.39 -14.99 -49.83
CA THR D 674 -3.97 -15.57 -48.63
C THR D 674 -4.07 -14.52 -47.54
N GLN D 675 -5.06 -14.71 -46.65
CA GLN D 675 -5.24 -13.76 -45.56
C GLN D 675 -4.04 -13.76 -44.62
N GLY D 676 -3.49 -14.94 -44.34
CA GLY D 676 -2.35 -15.05 -43.45
C GLY D 676 -1.11 -14.34 -43.94
N GLU D 677 -0.81 -14.44 -45.24
CA GLU D 677 0.31 -13.71 -45.83
C GLU D 677 -0.02 -12.23 -46.05
N LYS D 678 -1.28 -11.91 -46.34
CA LYS D 678 -1.68 -10.52 -46.48
C LYS D 678 -1.51 -9.76 -45.17
N TYR D 679 -1.82 -10.42 -44.05
CA TYR D 679 -1.64 -9.80 -42.73
C TYR D 679 -0.18 -9.39 -42.52
N ASN D 680 0.74 -10.33 -42.76
CA ASN D 680 2.16 -10.02 -42.62
C ASN D 680 2.61 -8.95 -43.61
N LYS D 681 2.16 -9.03 -44.85
CA LYS D 681 2.57 -8.08 -45.87
C LYS D 681 2.12 -6.67 -45.50
N VAL D 682 0.86 -6.53 -45.09
CA VAL D 682 0.34 -5.20 -44.76
C VAL D 682 0.98 -4.65 -43.49
N ILE D 683 1.27 -5.51 -42.51
CA ILE D 683 1.93 -5.02 -41.30
C ILE D 683 3.35 -4.58 -41.62
N ASP D 684 4.07 -5.34 -42.44
CA ASP D 684 5.41 -4.92 -42.83
C ASP D 684 5.37 -3.60 -43.60
N LEU D 685 4.40 -3.46 -44.51
CA LEU D 685 4.26 -2.21 -45.26
C LEU D 685 3.99 -1.04 -44.34
N TRP D 686 3.07 -1.22 -43.38
CA TRP D 686 2.71 -0.11 -42.50
C TRP D 686 3.86 0.23 -41.55
N SER D 687 4.61 -0.78 -41.10
CA SER D 687 5.77 -0.50 -40.26
C SER D 687 6.83 0.26 -41.03
N LYS D 688 7.07 -0.12 -42.29
CA LYS D 688 8.02 0.61 -43.11
C LYS D 688 7.56 2.05 -43.33
N ALA D 689 6.26 2.24 -43.59
CA ALA D 689 5.74 3.58 -43.78
C ALA D 689 5.86 4.41 -42.50
N ASN D 690 5.59 3.80 -41.34
CA ASN D 690 5.73 4.50 -40.08
C ASN D 690 7.17 4.90 -39.83
N ASP D 691 8.10 4.00 -40.12
CA ASP D 691 9.52 4.32 -39.94
C ASP D 691 9.94 5.45 -40.87
N GLU D 692 9.47 5.42 -42.12
CA GLU D 692 9.81 6.49 -43.06
C GLU D 692 9.23 7.82 -42.61
N VAL D 693 7.98 7.81 -42.12
CA VAL D 693 7.36 9.05 -41.64
C VAL D 693 8.12 9.59 -40.44
N SER D 694 8.49 8.71 -39.50
CA SER D 694 9.23 9.15 -38.33
C SER D 694 10.59 9.71 -38.71
N LYS D 695 11.28 9.05 -39.64
CA LYS D 695 12.58 9.54 -40.09
C LYS D 695 12.44 10.90 -40.75
N ALA D 696 11.43 11.08 -41.60
CA ALA D 696 11.22 12.36 -42.25
C ALA D 696 10.88 13.45 -41.23
N MET D 697 10.04 13.12 -40.25
CA MET D 697 9.69 14.09 -39.22
C MET D 697 10.90 14.51 -38.41
N MET D 698 11.74 13.54 -38.03
CA MET D 698 12.93 13.87 -37.25
C MET D 698 13.92 14.67 -38.07
N ALA D 699 14.11 14.31 -39.34
CA ALA D 699 15.02 15.07 -40.20
C ALA D 699 14.54 16.49 -40.42
N ASN D 700 13.23 16.68 -40.58
CA ASN D 700 12.69 18.03 -40.71
C ASN D 700 12.86 18.81 -39.41
N LEU D 701 12.45 18.22 -38.29
CA LEU D 701 12.47 18.92 -37.02
C LEU D 701 13.87 19.29 -36.57
N SER D 702 14.83 18.37 -36.73
CA SER D 702 16.19 18.57 -36.23
C SER D 702 16.87 19.74 -36.90
N LYS D 703 16.68 19.89 -38.20
CA LYS D 703 17.32 20.97 -38.96
C LYS D 703 16.35 22.08 -39.33
N GLU D 704 15.20 22.19 -38.67
CA GLU D 704 14.17 23.16 -39.04
C GLU D 704 14.56 24.54 -38.53
N LYS D 705 15.70 25.03 -39.01
CA LYS D 705 16.11 26.39 -38.73
C LYS D 705 16.87 26.98 -39.90
N VAL D 706 16.32 28.04 -40.49
CA VAL D 706 16.99 28.78 -41.56
C VAL D 706 17.36 30.15 -41.01
N VAL D 707 18.64 30.49 -41.09
CA VAL D 707 19.18 31.71 -40.52
C VAL D 707 20.01 32.42 -41.59
N ASP D 708 20.16 33.73 -41.42
CA ASP D 708 20.93 34.55 -42.35
C ASP D 708 22.27 34.89 -41.71
N ARG D 709 23.36 34.56 -42.39
CA ARG D 709 24.70 34.87 -41.91
C ARG D 709 25.24 35.95 -42.83
N GLU D 710 24.98 37.20 -42.47
CA GLU D 710 25.50 38.37 -43.18
C GLU D 710 25.29 38.25 -44.69
N GLY D 711 24.05 37.92 -45.07
CA GLY D 711 23.76 37.64 -46.46
C GLY D 711 23.13 36.29 -46.71
N LYS D 712 23.89 35.38 -47.34
CA LYS D 712 23.36 34.11 -47.77
C LYS D 712 22.78 33.31 -46.61
N GLU D 713 21.60 32.73 -46.83
CA GLU D 713 20.95 31.90 -45.82
C GLU D 713 21.70 30.58 -45.63
N VAL D 714 21.63 30.07 -44.41
CA VAL D 714 22.27 28.81 -44.04
C VAL D 714 21.32 28.04 -43.13
N ASP D 715 21.68 26.78 -42.86
CA ASP D 715 20.94 25.91 -41.96
C ASP D 715 21.72 25.74 -40.66
N GLN D 716 21.01 25.36 -39.61
CA GLN D 716 21.64 25.13 -38.31
C GLN D 716 20.76 24.16 -37.52
N GLU D 717 21.32 23.66 -36.42
CA GLU D 717 20.55 22.80 -35.52
C GLU D 717 19.34 23.56 -34.99
N SER D 718 18.21 22.86 -34.90
CA SER D 718 16.96 23.51 -34.59
C SER D 718 16.95 24.06 -33.17
N PHE D 719 16.21 25.16 -33.00
CA PHE D 719 15.94 25.73 -31.68
C PHE D 719 14.50 25.49 -31.26
N ASN D 720 13.78 24.60 -31.95
CA ASN D 720 12.42 24.25 -31.56
C ASN D 720 12.44 23.59 -30.19
N SER D 721 11.48 23.98 -29.35
CA SER D 721 11.52 23.61 -27.94
C SER D 721 11.41 22.11 -27.74
N MET D 722 10.50 21.46 -28.48
CA MET D 722 10.35 20.01 -28.33
C MET D 722 11.61 19.29 -28.79
N TYR D 723 12.24 19.78 -29.86
CA TYR D 723 13.49 19.19 -30.31
C TYR D 723 14.57 19.33 -29.25
N MET D 724 14.63 20.48 -28.58
CA MET D 724 15.57 20.64 -27.48
C MET D 724 15.27 19.65 -26.36
N MET D 725 14.00 19.53 -25.99
CA MET D 725 13.59 18.65 -24.90
C MET D 725 13.96 17.20 -25.21
N ALA D 726 13.96 16.83 -26.49
CA ALA D 726 14.39 15.48 -26.86
C ALA D 726 15.90 15.36 -26.88
N ASP D 727 16.56 16.20 -27.70
CA ASP D 727 17.98 16.06 -27.97
C ASP D 727 18.81 16.22 -26.70
N SER D 728 18.43 17.17 -25.83
CA SER D 728 19.16 17.38 -24.59
C SER D 728 19.05 16.17 -23.67
N GLY D 729 18.04 15.33 -23.88
CA GLY D 729 17.77 14.25 -22.96
C GLY D 729 17.10 14.69 -21.68
N ALA D 730 16.67 15.94 -21.60
CA ALA D 730 16.02 16.43 -20.38
C ALA D 730 14.73 15.68 -20.11
N ARG D 731 13.85 15.61 -21.10
CA ARG D 731 12.56 14.94 -20.91
C ARG D 731 11.99 14.60 -22.26
N GLY D 732 11.63 13.33 -22.43
CA GLY D 732 11.05 12.85 -23.66
C GLY D 732 12.04 12.04 -24.48
N SER D 733 11.52 11.37 -25.49
CA SER D 733 12.31 10.50 -26.35
C SER D 733 11.76 10.53 -27.76
N ALA D 734 12.52 9.95 -28.69
CA ALA D 734 12.07 9.89 -30.08
C ALA D 734 10.80 9.07 -30.23
N ALA D 735 10.63 8.04 -29.39
CA ALA D 735 9.43 7.23 -29.46
C ALA D 735 8.17 8.04 -29.14
N GLN D 736 8.30 9.05 -28.28
CA GLN D 736 7.15 9.85 -27.91
C GLN D 736 6.89 10.99 -28.90
N ILE D 737 7.94 11.56 -29.47
CA ILE D 737 7.72 12.51 -30.57
C ILE D 737 7.14 11.79 -31.78
N ARG D 738 7.45 10.50 -31.93
CA ARG D 738 6.83 9.73 -33.01
C ARG D 738 5.32 9.77 -32.90
N GLN D 739 4.79 9.73 -31.67
CA GLN D 739 3.35 9.89 -31.45
C GLN D 739 2.90 11.34 -31.49
N LEU D 740 3.73 12.27 -31.03
CA LEU D 740 3.36 13.68 -30.89
C LEU D 740 3.30 14.42 -32.22
N ALA D 741 4.23 14.16 -33.13
CA ALA D 741 4.31 14.87 -34.39
C ALA D 741 4.27 13.96 -35.61
N GLY D 742 4.31 12.63 -35.42
CA GLY D 742 4.18 11.69 -36.51
C GLY D 742 3.06 10.72 -36.25
N MET D 743 2.85 9.83 -37.21
CA MET D 743 1.81 8.82 -37.06
C MET D 743 2.15 7.90 -35.90
N ARG D 744 1.11 7.50 -35.16
CA ARG D 744 1.30 6.65 -33.98
C ARG D 744 1.72 5.23 -34.33
N GLY D 745 1.51 4.80 -35.58
CA GLY D 745 1.96 3.48 -35.98
C GLY D 745 1.02 2.38 -35.54
N LEU D 746 1.47 1.14 -35.74
CA LEU D 746 0.70 -0.03 -35.37
C LEU D 746 0.51 -0.11 -33.87
N MET D 747 -0.62 -0.67 -33.46
CA MET D 747 -0.90 -0.93 -32.06
C MET D 747 -1.43 -2.36 -31.91
N ALA D 748 -1.27 -2.90 -30.71
CA ALA D 748 -1.50 -4.32 -30.46
C ALA D 748 -2.87 -4.53 -29.84
N LYS D 749 -3.57 -5.57 -30.29
CA LYS D 749 -4.80 -6.00 -29.64
C LYS D 749 -4.45 -6.63 -28.28
N PRO D 750 -5.44 -6.77 -27.41
CA PRO D 750 -5.16 -7.40 -26.10
C PRO D 750 -4.55 -8.79 -26.22
N ASP D 751 -4.92 -9.55 -27.25
CA ASP D 751 -4.33 -10.86 -27.47
C ASP D 751 -2.86 -10.78 -27.89
N GLY D 752 -2.35 -9.60 -28.21
CA GLY D 752 -0.98 -9.43 -28.65
C GLY D 752 -0.81 -9.28 -30.15
N SER D 753 -1.82 -9.62 -30.94
CA SER D 753 -1.73 -9.48 -32.39
C SER D 753 -1.85 -8.01 -32.78
N ILE D 754 -0.94 -7.57 -33.64
CA ILE D 754 -0.93 -6.19 -34.10
C ILE D 754 -2.14 -5.97 -35.01
N ILE D 755 -2.89 -4.89 -34.75
CA ILE D 755 -4.09 -4.62 -35.52
C ILE D 755 -3.70 -4.26 -36.95
N GLU D 756 -4.47 -4.79 -37.90
CA GLU D 756 -4.14 -4.66 -39.32
C GLU D 756 -4.11 -3.23 -39.81
N THR D 757 -4.82 -2.31 -39.16
CA THR D 757 -4.80 -0.90 -39.56
C THR D 757 -4.08 -0.08 -38.49
N PRO D 758 -3.31 0.93 -38.87
CA PRO D 758 -2.58 1.73 -37.89
C PRO D 758 -3.35 2.99 -37.52
N ILE D 759 -2.80 3.72 -36.56
CA ILE D 759 -3.28 5.05 -36.23
C ILE D 759 -2.47 6.06 -37.02
N THR D 760 -3.10 6.64 -38.05
CA THR D 760 -2.40 7.60 -38.90
C THR D 760 -2.23 8.94 -38.22
N ALA D 761 -3.21 9.37 -37.44
CA ALA D 761 -3.19 10.68 -36.83
C ALA D 761 -2.25 10.70 -35.61
N ASN D 762 -1.74 11.89 -35.31
CA ASN D 762 -0.90 12.13 -34.15
C ASN D 762 -1.71 12.85 -33.09
N PHE D 763 -1.04 13.19 -31.99
CA PHE D 763 -1.72 13.88 -30.90
C PHE D 763 -1.96 15.35 -31.22
N ARG D 764 -1.20 15.94 -32.13
CA ARG D 764 -1.49 17.31 -32.55
C ARG D 764 -2.71 17.34 -33.45
N GLU D 765 -2.81 16.40 -34.38
CA GLU D 765 -3.98 16.33 -35.25
C GLU D 765 -5.20 15.80 -34.51
N GLY D 766 -4.98 14.97 -33.50
CA GLY D 766 -6.06 14.33 -32.77
C GLY D 766 -6.51 13.05 -33.44
N LEU D 767 -6.77 12.04 -32.61
CA LEU D 767 -7.16 10.72 -33.08
C LEU D 767 -8.67 10.66 -33.23
N ASN D 768 -9.15 9.75 -34.07
CA ASN D 768 -10.56 9.45 -34.18
C ASN D 768 -11.03 8.65 -32.97
N VAL D 769 -12.30 8.26 -32.96
CA VAL D 769 -12.80 7.47 -31.85
C VAL D 769 -12.22 6.05 -31.86
N LEU D 770 -12.17 5.43 -33.05
CA LEU D 770 -11.66 4.07 -33.14
C LEU D 770 -10.17 4.01 -32.80
N GLN D 771 -9.39 4.95 -33.34
CA GLN D 771 -7.96 4.98 -33.03
C GLN D 771 -7.74 5.23 -31.55
N TYR D 772 -8.56 6.07 -30.95
CA TYR D 772 -8.45 6.28 -29.51
C TYR D 772 -8.78 5.00 -28.75
N PHE D 773 -9.76 4.25 -29.21
CA PHE D 773 -10.11 2.99 -28.56
C PHE D 773 -8.95 1.99 -28.63
N ILE D 774 -8.26 1.93 -29.77
CA ILE D 774 -7.09 1.06 -29.90
C ILE D 774 -5.94 1.52 -28.99
N SER D 775 -5.65 2.82 -28.99
CA SER D 775 -4.65 3.32 -28.06
C SER D 775 -5.04 3.02 -26.62
N THR D 776 -6.34 2.92 -26.35
CA THR D 776 -6.79 2.53 -25.02
C THR D 776 -6.49 1.08 -24.73
N HIS D 777 -6.67 0.19 -25.72
CA HIS D 777 -6.18 -1.17 -25.59
C HIS D 777 -4.74 -1.17 -25.09
N GLY D 778 -3.88 -0.47 -25.83
CA GLY D 778 -2.47 -0.43 -25.46
C GLY D 778 -2.17 0.14 -24.09
N ALA D 779 -2.77 1.30 -23.80
CA ALA D 779 -2.50 1.98 -22.54
C ALA D 779 -3.04 1.19 -21.35
N ARG D 780 -4.22 0.59 -21.49
CA ARG D 780 -4.76 -0.26 -20.44
C ARG D 780 -3.85 -1.46 -20.19
N LYS D 781 -3.35 -2.08 -21.26
CA LYS D 781 -2.42 -3.19 -21.09
C LYS D 781 -1.19 -2.74 -20.30
N GLY D 782 -0.60 -1.62 -20.69
CA GLY D 782 0.59 -1.15 -19.99
C GLY D 782 0.33 -0.80 -18.53
N LEU D 783 -0.77 -0.09 -18.28
CA LEU D 783 -1.07 0.34 -16.91
C LEU D 783 -1.38 -0.85 -16.02
N ALA D 784 -2.10 -1.85 -16.54
CA ALA D 784 -2.34 -3.05 -15.77
C ALA D 784 -1.05 -3.81 -15.50
N ASP D 785 -0.17 -3.88 -16.51
CA ASP D 785 1.11 -4.56 -16.33
C ASP D 785 1.97 -3.87 -15.28
N THR D 786 1.84 -2.55 -15.13
CA THR D 786 2.70 -1.81 -14.22
C THR D 786 2.56 -2.28 -12.77
N ALA D 787 1.31 -2.46 -12.31
CA ALA D 787 1.09 -2.84 -10.91
C ALA D 787 1.65 -4.22 -10.61
N LEU D 788 1.41 -5.17 -11.51
CA LEU D 788 1.98 -6.51 -11.34
C LEU D 788 3.49 -6.49 -11.40
N LYS D 789 4.05 -5.62 -12.26
CA LYS D 789 5.51 -5.48 -12.30
C LYS D 789 6.04 -5.00 -10.95
N THR D 790 5.36 -4.00 -10.36
CA THR D 790 5.80 -3.50 -9.06
C THR D 790 5.72 -4.58 -7.99
N ALA D 791 4.62 -5.34 -7.98
CA ALA D 791 4.47 -6.39 -6.97
C ALA D 791 5.53 -7.47 -7.12
N ASN D 792 5.78 -7.92 -8.36
CA ASN D 792 6.80 -8.94 -8.60
C ASN D 792 8.18 -8.41 -8.24
N SER D 793 8.46 -7.15 -8.54
CA SER D 793 9.76 -6.57 -8.20
C SER D 793 9.94 -6.52 -6.69
N GLY D 794 8.89 -6.14 -5.96
CA GLY D 794 8.99 -6.11 -4.51
C GLY D 794 9.23 -7.50 -3.92
N TYR D 795 8.50 -8.50 -4.40
CA TYR D 795 8.72 -9.86 -3.93
C TYR D 795 10.13 -10.34 -4.27
N LEU D 796 10.58 -10.06 -5.49
CA LEU D 796 11.91 -10.52 -5.91
C LEU D 796 13.00 -9.88 -5.06
N THR D 797 12.88 -8.57 -4.80
CA THR D 797 13.92 -7.92 -4.00
C THR D 797 13.85 -8.37 -2.54
N ARG D 798 12.65 -8.69 -2.03
CA ARG D 798 12.57 -9.22 -0.68
C ARG D 798 13.28 -10.56 -0.57
N ARG D 799 13.02 -11.45 -1.54
CA ARG D 799 13.72 -12.74 -1.56
C ARG D 799 15.22 -12.55 -1.72
N LEU D 800 15.63 -11.61 -2.57
CA LEU D 800 17.04 -11.36 -2.82
C LEU D 800 17.74 -10.89 -1.55
N VAL D 801 17.10 -9.97 -0.82
CA VAL D 801 17.67 -9.49 0.44
C VAL D 801 17.73 -10.61 1.46
N ASP D 802 16.68 -11.43 1.56
CA ASP D 802 16.66 -12.45 2.59
C ASP D 802 17.60 -13.61 2.29
N VAL D 803 18.00 -13.78 1.02
CA VAL D 803 18.95 -14.83 0.67
C VAL D 803 20.40 -14.37 0.77
N ALA D 804 20.66 -13.07 0.71
CA ALA D 804 22.03 -12.55 0.66
C ALA D 804 22.26 -11.51 1.75
N GLN D 805 21.87 -11.83 2.99
CA GLN D 805 22.04 -10.86 4.07
C GLN D 805 23.25 -11.18 4.95
N ASP D 806 23.58 -12.46 5.12
CA ASP D 806 24.68 -12.82 6.00
C ASP D 806 26.03 -12.51 5.37
N LEU D 807 26.05 -12.15 4.09
CA LEU D 807 27.30 -11.93 3.38
C LEU D 807 27.79 -10.51 3.62
N VAL D 808 28.85 -10.38 4.42
CA VAL D 808 29.47 -9.10 4.74
C VAL D 808 30.97 -9.26 4.61
N VAL D 809 31.66 -8.24 4.08
CA VAL D 809 33.11 -8.31 3.95
C VAL D 809 33.73 -8.41 5.33
N THR D 810 34.53 -9.45 5.54
CA THR D 810 35.14 -9.73 6.83
C THR D 810 36.65 -9.68 6.79
N GLU D 811 37.28 -10.40 5.86
CA GLU D 811 38.72 -10.44 5.74
C GLU D 811 39.20 -9.24 4.93
N ILE D 812 40.49 -9.20 4.65
CA ILE D 812 41.03 -8.30 3.65
C ILE D 812 41.45 -9.02 2.38
N ASP D 813 42.30 -10.03 2.47
CA ASP D 813 42.72 -10.81 1.30
C ASP D 813 42.66 -12.28 1.67
N CYS D 814 41.72 -13.01 1.07
CA CYS D 814 41.56 -14.43 1.39
C CYS D 814 42.79 -15.23 0.99
N GLY D 815 43.44 -14.84 -0.10
CA GLY D 815 44.65 -15.47 -0.55
C GLY D 815 44.53 -16.36 -1.78
N THR D 816 43.32 -16.72 -2.18
CA THR D 816 43.16 -17.59 -3.35
C THR D 816 43.46 -16.81 -4.63
N GLU D 817 43.78 -17.56 -5.69
CA GLU D 817 44.12 -17.00 -6.99
C GLU D 817 43.17 -17.51 -8.06
N HIS D 818 41.98 -17.94 -7.67
CA HIS D 818 40.95 -18.32 -8.62
C HIS D 818 39.99 -17.15 -8.85
N GLY D 819 39.53 -17.02 -10.09
CA GLY D 819 38.60 -15.98 -10.45
C GLY D 819 37.94 -16.33 -11.77
N LEU D 820 37.23 -15.37 -12.31
CA LEU D 820 36.51 -15.55 -13.57
C LEU D 820 37.18 -14.76 -14.69
N LEU D 821 37.41 -15.43 -15.81
CA LEU D 821 38.00 -14.81 -16.99
C LEU D 821 36.97 -13.87 -17.59
N MET D 822 37.24 -12.57 -17.51
CA MET D 822 36.33 -11.56 -18.04
C MET D 822 36.84 -11.04 -19.38
N SER D 823 35.98 -11.10 -20.39
CA SER D 823 36.25 -10.67 -21.75
C SER D 823 35.09 -9.80 -22.21
N PRO D 824 35.33 -8.87 -23.13
CA PRO D 824 34.23 -8.02 -23.60
C PRO D 824 33.09 -8.85 -24.18
N HIS D 825 31.86 -8.43 -23.90
CA HIS D 825 30.67 -9.14 -24.34
C HIS D 825 30.41 -8.78 -25.80
N ILE D 826 30.68 -9.73 -26.70
CA ILE D 826 30.57 -9.49 -28.13
C ILE D 826 29.50 -10.36 -28.78
N GLU D 827 28.44 -10.70 -28.05
CA GLU D 827 27.36 -11.50 -28.61
C GLU D 827 26.75 -10.81 -29.81
N GLY D 828 26.96 -11.41 -30.98
CA GLY D 828 26.54 -10.81 -32.24
C GLY D 828 27.70 -10.19 -32.99
N GLY D 829 27.35 -9.21 -33.84
CA GLY D 829 28.35 -8.53 -34.62
C GLY D 829 28.96 -7.31 -33.96
N ASP D 830 28.38 -6.84 -32.86
CA ASP D 830 28.82 -5.64 -32.18
C ASP D 830 29.23 -5.95 -30.75
N VAL D 831 30.12 -5.11 -30.21
CA VAL D 831 30.56 -5.27 -28.82
C VAL D 831 29.50 -4.67 -27.91
N VAL D 832 28.82 -5.54 -27.14
CA VAL D 832 27.78 -5.07 -26.24
C VAL D 832 28.38 -4.27 -25.09
N GLU D 833 29.44 -4.79 -24.49
CA GLU D 833 30.10 -4.15 -23.36
C GLU D 833 31.61 -4.23 -23.56
N PRO D 834 32.31 -3.10 -23.58
CA PRO D 834 33.78 -3.14 -23.66
C PRO D 834 34.36 -3.74 -22.40
N LEU D 835 35.57 -4.30 -22.55
CA LEU D 835 36.25 -4.92 -21.42
C LEU D 835 36.47 -3.92 -20.30
N GLY D 836 36.59 -2.63 -20.65
CA GLY D 836 36.85 -1.63 -19.63
C GLY D 836 35.74 -1.51 -18.62
N GLU D 837 34.49 -1.55 -19.08
CA GLU D 837 33.36 -1.38 -18.16
C GLU D 837 33.19 -2.61 -17.26
N ARG D 838 33.59 -3.78 -17.74
CA ARG D 838 33.38 -5.01 -16.98
C ARG D 838 34.37 -5.14 -15.83
N VAL D 839 35.63 -4.74 -16.03
CA VAL D 839 36.67 -4.91 -15.03
C VAL D 839 36.97 -3.62 -14.28
N LEU D 840 36.28 -2.54 -14.58
CA LEU D 840 36.48 -1.31 -13.83
C LEU D 840 35.99 -1.48 -12.40
N GLY D 841 36.83 -1.10 -11.45
CA GLY D 841 36.52 -1.29 -10.05
C GLY D 841 36.74 -2.69 -9.53
N ARG D 842 37.27 -3.59 -10.35
CA ARG D 842 37.54 -4.96 -9.93
C ARG D 842 39.00 -5.10 -9.57
N VAL D 843 39.41 -6.33 -9.27
CA VAL D 843 40.77 -6.62 -8.84
C VAL D 843 41.31 -7.78 -9.66
N ILE D 844 42.55 -7.67 -10.08
CA ILE D 844 43.17 -8.66 -10.95
C ILE D 844 43.54 -9.89 -10.13
N ALA D 845 43.26 -11.06 -10.69
CA ALA D 845 43.53 -12.32 -10.00
C ALA D 845 44.92 -12.88 -10.27
N ARG D 846 45.43 -12.74 -11.49
CA ARG D 846 46.74 -13.28 -11.86
C ARG D 846 47.50 -12.20 -12.62
N ASP D 847 48.66 -12.58 -13.16
CA ASP D 847 49.45 -11.66 -13.96
C ASP D 847 48.73 -11.30 -15.26
N VAL D 848 48.96 -10.08 -15.73
CA VAL D 848 48.49 -9.62 -17.02
C VAL D 848 49.71 -9.39 -17.91
N PHE D 849 49.67 -9.95 -19.12
CA PHE D 849 50.81 -9.96 -20.00
C PHE D 849 50.52 -9.16 -21.26
N LYS D 850 51.60 -8.70 -21.90
CA LYS D 850 51.52 -8.06 -23.20
C LYS D 850 51.06 -9.07 -24.24
N PRO D 851 50.82 -8.65 -25.48
CA PRO D 851 50.64 -9.63 -26.56
C PRO D 851 51.78 -10.64 -26.62
N GLY D 852 53.01 -10.19 -26.40
CA GLY D 852 54.11 -11.10 -26.16
C GLY D 852 54.21 -11.40 -24.67
N SER D 853 54.39 -12.68 -24.34
CA SER D 853 54.37 -13.10 -22.96
C SER D 853 55.65 -12.69 -22.25
N ASP D 854 55.78 -13.11 -20.99
CA ASP D 854 56.91 -12.87 -20.10
C ASP D 854 57.05 -11.42 -19.67
N GLU D 855 56.15 -10.53 -20.09
CA GLU D 855 56.18 -9.12 -19.70
C GLU D 855 54.94 -8.85 -18.86
N VAL D 856 55.15 -8.56 -17.59
CA VAL D 856 54.05 -8.37 -16.64
C VAL D 856 53.51 -6.95 -16.80
N ILE D 857 52.23 -6.83 -17.15
CA ILE D 857 51.60 -5.52 -17.26
C ILE D 857 50.96 -5.12 -15.93
N VAL D 858 49.99 -5.91 -15.47
CA VAL D 858 49.35 -5.73 -14.18
C VAL D 858 49.80 -6.87 -13.27
N PRO D 859 50.62 -6.60 -12.26
CA PRO D 859 51.26 -7.70 -11.52
C PRO D 859 50.32 -8.62 -10.74
N ALA D 860 49.50 -8.03 -9.89
CA ALA D 860 48.82 -8.79 -8.84
C ALA D 860 47.47 -8.15 -8.58
N GLY D 861 46.90 -8.41 -7.41
CA GLY D 861 45.59 -7.89 -7.11
C GLY D 861 45.61 -6.39 -6.86
N THR D 862 45.88 -5.63 -7.93
CA THR D 862 45.81 -4.18 -7.89
C THR D 862 44.43 -3.75 -8.35
N LEU D 863 43.74 -2.98 -7.51
CA LEU D 863 42.38 -2.55 -7.82
C LEU D 863 42.36 -1.70 -9.07
N ILE D 864 41.70 -2.20 -10.12
CA ILE D 864 41.69 -1.48 -11.40
C ILE D 864 40.87 -0.21 -11.27
N ASP D 865 41.48 0.92 -11.63
CA ASP D 865 40.86 2.23 -11.55
C ASP D 865 40.80 2.84 -12.95
N GLU D 866 40.43 4.13 -13.01
CA GLU D 866 40.34 4.81 -14.29
C GLU D 866 41.69 4.82 -15.01
N LYS D 867 42.76 5.07 -14.27
CA LYS D 867 44.10 5.03 -14.86
C LYS D 867 44.41 3.64 -15.39
N TRP D 868 44.08 2.60 -14.62
CA TRP D 868 44.36 1.24 -15.07
C TRP D 868 43.51 0.84 -16.27
N VAL D 869 42.24 1.24 -16.30
CA VAL D 869 41.43 0.88 -17.47
C VAL D 869 41.91 1.63 -18.70
N ASP D 870 42.32 2.89 -18.54
CA ASP D 870 42.92 3.60 -19.67
C ASP D 870 44.21 2.93 -20.13
N PHE D 871 45.01 2.44 -19.19
CA PHE D 871 46.26 1.77 -19.53
C PHE D 871 45.99 0.48 -20.28
N LEU D 872 44.97 -0.28 -19.84
CA LEU D 872 44.60 -1.50 -20.54
C LEU D 872 44.09 -1.21 -21.94
N GLU D 873 43.32 -0.13 -22.09
CA GLU D 873 42.86 0.27 -23.41
C GLU D 873 44.02 0.68 -24.30
N VAL D 874 45.02 1.35 -23.73
CA VAL D 874 46.19 1.77 -24.51
C VAL D 874 46.93 0.55 -25.04
N MET D 875 47.13 -0.45 -24.19
CA MET D 875 47.66 -1.73 -24.64
C MET D 875 46.53 -2.51 -25.32
N SER D 876 46.80 -3.74 -25.71
CA SER D 876 45.81 -4.57 -26.40
C SER D 876 45.34 -5.72 -25.51
N VAL D 877 45.16 -5.44 -24.22
CA VAL D 877 44.64 -6.46 -23.32
C VAL D 877 43.19 -6.75 -23.69
N ASP D 878 42.87 -8.02 -23.89
CA ASP D 878 41.55 -8.44 -24.31
C ASP D 878 40.86 -9.34 -23.29
N GLU D 879 41.55 -10.36 -22.79
CA GLU D 879 40.99 -11.26 -21.79
C GLU D 879 41.79 -11.15 -20.51
N VAL D 880 41.10 -10.89 -19.41
CA VAL D 880 41.73 -10.76 -18.10
C VAL D 880 40.93 -11.60 -17.11
N VAL D 881 41.61 -12.02 -16.05
CA VAL D 881 41.00 -12.81 -14.98
C VAL D 881 40.96 -11.96 -13.72
N VAL D 882 39.77 -11.84 -13.14
CA VAL D 882 39.54 -10.98 -12.00
C VAL D 882 38.97 -11.80 -10.85
N ARG D 883 39.28 -11.37 -9.63
CA ARG D 883 38.80 -12.04 -8.43
C ARG D 883 37.32 -11.70 -8.25
N SER D 884 36.52 -12.71 -8.00
CA SER D 884 35.08 -12.54 -7.94
C SER D 884 34.52 -13.09 -6.63
N PRO D 885 33.37 -12.59 -6.19
CA PRO D 885 32.77 -13.14 -4.95
C PRO D 885 32.41 -14.61 -5.04
N ILE D 886 32.20 -15.15 -6.25
CA ILE D 886 32.02 -16.60 -6.37
C ILE D 886 33.29 -17.34 -5.97
N THR D 887 34.43 -16.69 -6.08
CA THR D 887 35.71 -17.13 -5.53
C THR D 887 35.81 -16.59 -4.10
N CYS D 888 37.02 -16.48 -3.56
CA CYS D 888 37.25 -16.00 -2.20
C CYS D 888 36.65 -16.98 -1.19
N GLU D 889 37.30 -18.14 -1.12
CA GLU D 889 36.84 -19.30 -0.36
C GLU D 889 36.88 -19.08 1.15
N THR D 890 37.09 -17.84 1.59
CA THR D 890 37.03 -17.51 3.01
C THR D 890 35.74 -17.99 3.63
N ARG D 891 35.76 -18.21 4.94
CA ARG D 891 34.61 -18.75 5.65
C ARG D 891 33.76 -17.63 6.24
N HIS D 892 32.45 -17.73 6.01
CA HIS D 892 31.45 -16.82 6.60
C HIS D 892 31.76 -15.36 6.26
N GLY D 893 31.71 -15.04 4.98
CA GLY D 893 31.93 -13.67 4.54
C GLY D 893 32.58 -13.64 3.17
N ILE D 894 33.23 -12.52 2.87
CA ILE D 894 33.98 -12.37 1.64
C ILE D 894 35.16 -11.45 1.91
N CYS D 895 36.29 -11.75 1.27
CA CYS D 895 37.46 -10.90 1.41
C CYS D 895 37.23 -9.56 0.72
N ALA D 896 37.96 -8.56 1.19
CA ALA D 896 37.79 -7.19 0.68
C ALA D 896 38.39 -7.01 -0.70
N MET D 897 39.20 -7.95 -1.19
CA MET D 897 39.72 -7.82 -2.55
C MET D 897 38.76 -8.42 -3.57
N CYS D 898 38.37 -9.68 -3.39
CA CYS D 898 37.58 -10.37 -4.40
C CYS D 898 36.27 -9.64 -4.68
N TYR D 899 35.73 -8.96 -3.67
CA TYR D 899 34.79 -7.88 -3.94
C TYR D 899 35.59 -6.61 -4.15
N GLY D 900 35.53 -6.07 -5.37
CA GLY D 900 36.44 -5.03 -5.79
C GLY D 900 36.12 -3.68 -5.20
N ARG D 901 36.32 -2.64 -5.99
CA ARG D 901 36.02 -1.29 -5.54
C ARG D 901 34.54 -1.19 -5.17
N ASP D 902 34.28 -0.47 -4.08
CA ASP D 902 32.91 -0.11 -3.77
C ASP D 902 32.37 0.78 -4.87
N LEU D 903 31.06 0.72 -5.09
CA LEU D 903 30.50 1.52 -6.17
C LEU D 903 30.00 2.87 -5.68
N ALA D 904 29.49 2.94 -4.45
CA ALA D 904 29.07 4.21 -3.90
C ALA D 904 30.26 5.10 -3.54
N ARG D 905 31.41 4.48 -3.28
CA ARG D 905 32.63 5.21 -2.96
C ARG D 905 33.69 4.94 -4.01
N GLY D 906 34.68 5.83 -4.09
CA GLY D 906 35.71 5.67 -5.09
C GLY D 906 36.77 4.64 -4.73
N HIS D 907 36.86 4.26 -3.46
CA HIS D 907 37.92 3.39 -3.01
C HIS D 907 37.43 1.95 -2.83
N ARG D 908 38.34 1.08 -2.42
CA ARG D 908 38.02 -0.30 -2.12
C ARG D 908 37.06 -0.39 -0.94
N VAL D 909 36.29 -1.48 -0.89
CA VAL D 909 35.34 -1.66 0.20
C VAL D 909 36.07 -1.76 1.53
N ASN D 910 35.33 -1.48 2.60
CA ASN D 910 35.87 -1.49 3.96
C ASN D 910 35.22 -2.61 4.74
N ILE D 911 36.00 -3.22 5.64
CA ILE D 911 35.51 -4.32 6.46
C ILE D 911 34.24 -3.90 7.18
N GLY D 912 33.19 -4.72 7.05
CA GLY D 912 31.92 -4.43 7.67
C GLY D 912 30.85 -3.92 6.73
N GLU D 913 31.14 -3.78 5.44
CA GLU D 913 30.16 -3.33 4.46
C GLU D 913 29.26 -4.49 4.09
N ALA D 914 27.95 -4.32 4.29
CA ALA D 914 26.98 -5.38 4.01
C ALA D 914 26.70 -5.42 2.52
N VAL D 915 27.70 -5.89 1.77
CA VAL D 915 27.61 -5.87 0.31
C VAL D 915 26.52 -6.79 -0.19
N GLY D 916 26.12 -7.78 0.60
CA GLY D 916 25.03 -8.65 0.18
C GLY D 916 23.71 -7.92 0.09
N VAL D 917 23.40 -7.11 1.10
CA VAL D 917 22.15 -6.34 1.07
C VAL D 917 22.21 -5.28 -0.02
N ILE D 918 23.37 -4.66 -0.19
CA ILE D 918 23.54 -3.71 -1.29
C ILE D 918 23.36 -4.40 -2.63
N ALA D 919 23.89 -5.61 -2.77
CA ALA D 919 23.73 -6.36 -4.02
C ALA D 919 22.25 -6.64 -4.29
N ALA D 920 21.55 -7.14 -3.27
CA ALA D 920 20.14 -7.47 -3.45
C ALA D 920 19.31 -6.24 -3.78
N GLN D 921 19.59 -5.12 -3.10
CA GLN D 921 18.86 -3.89 -3.39
C GLN D 921 19.18 -3.39 -4.80
N SER D 922 20.44 -3.51 -5.22
CA SER D 922 20.82 -3.08 -6.56
C SER D 922 20.10 -3.88 -7.63
N ILE D 923 20.00 -5.19 -7.46
CA ILE D 923 19.35 -6.03 -8.47
C ILE D 923 17.85 -5.78 -8.48
N GLY D 924 17.23 -5.67 -7.30
CA GLY D 924 15.79 -5.56 -7.23
C GLY D 924 15.19 -4.18 -7.42
N GLU D 925 16.00 -3.13 -7.32
CA GLU D 925 15.46 -1.78 -7.49
C GLU D 925 14.93 -1.53 -8.89
N PRO D 926 15.67 -1.82 -9.97
CA PRO D 926 15.14 -1.54 -11.31
C PRO D 926 14.19 -2.61 -11.85
N GLY D 927 13.69 -3.50 -11.01
CA GLY D 927 12.72 -4.48 -11.48
C GLY D 927 11.46 -3.83 -12.01
N THR D 928 11.07 -2.69 -11.41
CA THR D 928 9.89 -1.97 -11.87
C THR D 928 10.03 -1.48 -13.31
N GLN D 929 11.26 -1.35 -13.81
CA GLN D 929 11.47 -0.95 -15.20
C GLN D 929 11.32 -2.11 -16.17
N LEU D 930 11.20 -3.35 -15.67
CA LEU D 930 11.03 -4.51 -16.53
C LEU D 930 9.56 -4.73 -16.82
N THR D 931 9.25 -5.85 -17.48
CA THR D 931 7.87 -6.18 -17.83
C THR D 931 7.41 -7.45 -17.13
N ALA D 947 20.92 -16.91 -40.51
CA ALA D 947 21.02 -18.13 -39.71
C ALA D 947 21.70 -19.24 -40.50
N ASP D 948 21.95 -18.98 -41.78
CA ASP D 948 22.60 -19.96 -42.64
C ASP D 948 24.11 -19.80 -42.65
N ASN D 949 24.60 -18.65 -43.09
CA ASN D 949 26.02 -18.37 -43.19
C ASN D 949 26.40 -17.24 -42.25
N VAL D 950 27.70 -17.01 -42.13
CA VAL D 950 28.23 -15.95 -41.29
C VAL D 950 28.54 -14.74 -42.15
N GLN D 951 28.14 -13.56 -41.69
CA GLN D 951 28.39 -12.30 -42.39
C GLN D 951 29.22 -11.42 -41.48
N VAL D 952 30.51 -11.30 -41.78
CA VAL D 952 31.40 -10.48 -40.95
C VAL D 952 31.00 -9.02 -41.06
N LYS D 953 31.00 -8.33 -39.93
CA LYS D 953 30.54 -6.94 -39.91
C LYS D 953 31.61 -5.99 -40.43
N ASN D 954 32.76 -5.96 -39.77
CA ASN D 954 33.87 -5.09 -40.14
C ASN D 954 35.09 -5.94 -40.49
N GLY D 955 36.11 -5.30 -41.07
CA GLY D 955 37.30 -5.99 -41.50
C GLY D 955 38.28 -6.27 -40.37
N GLY D 956 38.69 -7.52 -40.25
CA GLY D 956 39.64 -7.91 -39.23
C GLY D 956 40.27 -9.26 -39.49
N THR D 957 41.44 -9.51 -38.91
CA THR D 957 42.10 -10.80 -39.07
C THR D 957 41.28 -11.88 -38.39
N ILE D 958 40.89 -12.90 -39.17
CA ILE D 958 40.00 -13.93 -38.66
C ILE D 958 40.81 -14.97 -37.89
N ARG D 959 40.28 -15.38 -36.74
CA ARG D 959 40.93 -16.36 -35.90
C ARG D 959 39.90 -17.38 -35.43
N LEU D 960 40.38 -18.57 -35.11
CA LEU D 960 39.51 -19.68 -34.70
C LEU D 960 39.75 -20.04 -33.24
N HIS D 961 38.66 -20.34 -32.54
CA HIS D 961 38.70 -20.70 -31.13
C HIS D 961 37.84 -21.92 -30.90
N ASN D 962 38.38 -22.91 -30.18
CA ASN D 962 37.67 -24.14 -29.82
C ASN D 962 37.14 -24.86 -31.06
N LEU D 963 37.94 -24.86 -32.13
CA LEU D 963 37.58 -25.55 -33.36
C LEU D 963 38.39 -26.82 -33.51
N LYS D 964 37.70 -27.93 -33.80
CA LYS D 964 38.34 -29.23 -33.99
C LYS D 964 37.81 -29.83 -35.28
N HIS D 965 38.57 -29.66 -36.37
CA HIS D 965 38.16 -30.16 -37.67
C HIS D 965 39.40 -30.32 -38.55
N VAL D 966 39.36 -31.33 -39.41
CA VAL D 966 40.44 -31.58 -40.34
C VAL D 966 40.10 -30.94 -41.67
N VAL D 967 41.13 -30.69 -42.49
CA VAL D 967 40.94 -30.04 -43.77
C VAL D 967 40.22 -30.99 -44.74
N ARG D 968 39.43 -30.40 -45.64
CA ARG D 968 38.72 -31.16 -46.65
C ARG D 968 39.66 -31.48 -47.81
N ALA D 969 39.12 -32.15 -48.83
CA ALA D 969 39.93 -32.49 -50.00
C ALA D 969 40.37 -31.24 -50.74
N ASP D 970 39.44 -30.31 -50.97
CA ASP D 970 39.75 -29.06 -51.66
C ASP D 970 40.10 -27.92 -50.72
N GLY D 971 39.98 -28.13 -49.41
CA GLY D 971 40.29 -27.09 -48.45
C GLY D 971 39.07 -26.41 -47.89
N ALA D 972 37.93 -27.12 -47.90
CA ALA D 972 36.68 -26.55 -47.40
C ALA D 972 36.70 -26.41 -45.88
N LEU D 973 37.36 -27.35 -45.18
CA LEU D 973 37.47 -27.34 -43.73
C LEU D 973 36.08 -27.34 -43.08
N VAL D 974 35.36 -28.42 -43.31
CA VAL D 974 34.06 -28.64 -42.71
C VAL D 974 34.26 -29.03 -41.26
N ALA D 975 33.57 -28.33 -40.36
CA ALA D 975 33.69 -28.55 -38.93
C ALA D 975 32.39 -29.19 -38.42
N VAL D 976 32.48 -30.48 -38.05
CA VAL D 976 31.32 -31.18 -37.51
C VAL D 976 31.21 -31.03 -36.00
N SER D 977 32.28 -30.62 -35.32
CA SER D 977 32.22 -30.46 -33.87
C SER D 977 31.22 -29.36 -33.50
N ARG D 978 30.41 -29.65 -32.48
CA ARG D 978 29.36 -28.71 -32.09
C ARG D 978 29.94 -27.52 -31.33
N SER D 979 30.97 -27.74 -30.52
CA SER D 979 31.66 -26.65 -29.85
C SER D 979 32.64 -26.02 -30.84
N GLY D 980 32.41 -24.75 -31.17
CA GLY D 980 33.26 -24.06 -32.12
C GLY D 980 32.75 -22.68 -32.46
N GLU D 981 33.67 -21.72 -32.64
CA GLU D 981 33.28 -20.36 -32.92
C GLU D 981 34.29 -19.75 -33.88
N LEU D 982 33.84 -18.71 -34.59
CA LEU D 982 34.68 -17.98 -35.52
C LEU D 982 34.84 -16.55 -35.02
N ALA D 983 36.08 -16.08 -34.97
CA ALA D 983 36.39 -14.75 -34.46
C ALA D 983 37.22 -13.98 -35.48
N VAL D 984 37.01 -12.67 -35.52
CA VAL D 984 37.78 -11.77 -36.38
C VAL D 984 38.56 -10.84 -35.46
N ALA D 985 39.79 -11.22 -35.15
CA ALA D 985 40.63 -10.39 -34.28
C ALA D 985 41.06 -9.12 -35.01
N ASP D 986 41.12 -8.03 -34.26
CA ASP D 986 41.51 -6.74 -34.83
C ASP D 986 43.02 -6.70 -35.10
N ASP D 987 43.47 -5.57 -35.63
CA ASP D 987 44.89 -5.41 -35.94
C ASP D 987 45.74 -5.45 -34.67
N PHE D 988 45.27 -4.80 -33.60
CA PHE D 988 46.02 -4.82 -32.35
C PHE D 988 46.14 -6.22 -31.78
N GLY D 989 45.06 -7.01 -31.86
CA GLY D 989 45.07 -8.36 -31.35
C GLY D 989 43.77 -8.74 -30.67
N ARG D 990 43.03 -7.74 -30.20
CA ARG D 990 41.76 -8.00 -29.55
C ARG D 990 40.72 -8.47 -30.55
N GLU D 991 39.88 -9.41 -30.13
CA GLU D 991 38.79 -9.91 -30.97
C GLU D 991 37.69 -8.85 -31.03
N ARG D 992 37.38 -8.38 -32.24
CA ARG D 992 36.35 -7.37 -32.37
C ARG D 992 34.95 -7.97 -32.55
N GLU D 993 34.87 -9.19 -33.08
CA GLU D 993 33.59 -9.85 -33.26
C GLU D 993 33.80 -11.35 -33.26
N ARG D 994 32.81 -12.07 -32.71
CA ARG D 994 32.85 -13.53 -32.66
C ARG D 994 31.50 -14.07 -33.10
N TYR D 995 31.53 -15.20 -33.80
CA TYR D 995 30.33 -15.87 -34.27
C TYR D 995 30.41 -17.36 -33.98
N LYS D 996 29.26 -17.96 -33.72
CA LYS D 996 29.16 -19.38 -33.43
C LYS D 996 29.11 -20.16 -34.73
N LEU D 997 30.13 -20.98 -34.97
CA LEU D 997 30.19 -21.79 -36.18
C LEU D 997 29.48 -23.11 -35.94
N PRO D 998 28.42 -23.43 -36.68
CA PRO D 998 27.68 -24.67 -36.44
C PRO D 998 28.37 -25.87 -37.05
N TYR D 999 27.77 -27.03 -36.82
CA TYR D 999 28.32 -28.28 -37.33
C TYR D 999 28.25 -28.32 -38.85
N GLY D 1000 29.26 -28.93 -39.48
CA GLY D 1000 29.29 -29.04 -40.92
C GLY D 1000 29.40 -27.72 -41.66
N ALA D 1001 30.27 -26.83 -41.21
CA ALA D 1001 30.42 -25.51 -41.81
C ALA D 1001 31.68 -25.48 -42.66
N VAL D 1002 31.51 -25.20 -43.96
CA VAL D 1002 32.62 -25.03 -44.88
C VAL D 1002 33.12 -23.60 -44.77
N ILE D 1003 34.40 -23.44 -44.46
CA ILE D 1003 34.98 -22.12 -44.21
C ILE D 1003 36.23 -21.96 -45.06
N SER D 1004 36.33 -20.83 -45.73
CA SER D 1004 37.55 -20.45 -46.44
C SER D 1004 38.57 -19.98 -45.40
N VAL D 1005 39.30 -20.92 -44.82
CA VAL D 1005 40.20 -20.65 -43.70
C VAL D 1005 41.28 -19.69 -44.20
N LYS D 1006 41.33 -18.51 -43.59
CA LYS D 1006 42.31 -17.48 -43.90
C LYS D 1006 42.86 -16.89 -42.61
N GLU D 1007 43.20 -17.75 -41.66
CA GLU D 1007 43.73 -17.32 -40.37
C GLU D 1007 45.01 -16.51 -40.56
N GLY D 1008 44.95 -15.23 -40.18
CA GLY D 1008 46.03 -14.31 -40.42
C GLY D 1008 45.85 -13.45 -41.66
N ASP D 1009 44.90 -13.79 -42.53
CA ASP D 1009 44.60 -13.00 -43.72
C ASP D 1009 43.34 -12.18 -43.48
N LYS D 1010 43.47 -10.86 -43.58
CA LYS D 1010 42.34 -9.97 -43.32
C LYS D 1010 41.26 -10.16 -44.37
N VAL D 1011 40.01 -10.24 -43.89
CA VAL D 1011 38.84 -10.35 -44.76
C VAL D 1011 38.09 -9.02 -44.71
N ASP D 1012 37.68 -8.54 -45.89
CA ASP D 1012 37.00 -7.26 -45.97
C ASP D 1012 35.63 -7.34 -45.30
N PRO D 1013 35.10 -6.22 -44.84
CA PRO D 1013 33.77 -6.23 -44.20
C PRO D 1013 32.70 -6.71 -45.17
N GLY D 1014 31.72 -7.43 -44.62
CA GLY D 1014 30.65 -7.97 -45.42
C GLY D 1014 30.95 -9.25 -46.14
N ALA D 1015 32.14 -9.82 -45.96
CA ALA D 1015 32.51 -11.06 -46.64
C ALA D 1015 31.87 -12.26 -45.97
N ILE D 1016 31.69 -13.32 -46.75
CA ILE D 1016 31.16 -14.59 -46.25
C ILE D 1016 32.28 -15.61 -46.19
N VAL D 1017 32.99 -15.66 -45.06
CA VAL D 1017 34.12 -16.58 -44.94
C VAL D 1017 33.64 -18.01 -44.77
N ALA D 1018 32.60 -18.22 -43.97
CA ALA D 1018 32.03 -19.54 -43.73
C ALA D 1018 30.74 -19.67 -44.50
N LYS D 1019 30.62 -20.74 -45.29
CA LYS D 1019 29.47 -20.93 -46.16
C LYS D 1019 28.62 -22.09 -45.69
N TRP D 1020 28.40 -22.15 -44.37
CA TRP D 1020 27.50 -23.17 -43.83
C TRP D 1020 26.07 -22.92 -44.33
N ASP D 1021 25.33 -24.01 -44.45
CA ASP D 1021 23.94 -23.95 -44.85
C ASP D 1021 23.25 -25.24 -44.40
N PRO D 1022 23.10 -25.46 -43.09
CA PRO D 1022 22.64 -26.78 -42.63
C PRO D 1022 21.26 -27.14 -43.18
N HIS D 1023 20.23 -26.38 -42.81
CA HIS D 1023 18.87 -26.65 -43.27
C HIS D 1023 18.43 -28.07 -42.90
N THR D 1024 19.24 -28.76 -42.11
CA THR D 1024 19.18 -30.19 -41.90
C THR D 1024 20.25 -30.53 -40.86
N HIS D 1025 20.29 -31.80 -40.46
CA HIS D 1025 21.37 -32.27 -39.60
C HIS D 1025 22.35 -33.08 -40.45
N PRO D 1026 23.38 -32.47 -41.03
CA PRO D 1026 24.30 -33.22 -41.88
C PRO D 1026 25.24 -34.10 -41.05
N ILE D 1027 25.63 -35.22 -41.64
CA ILE D 1027 26.55 -36.16 -41.02
C ILE D 1027 27.83 -36.16 -41.84
N VAL D 1028 28.92 -35.68 -41.24
CA VAL D 1028 30.19 -35.61 -41.96
C VAL D 1028 30.80 -37.01 -42.06
N THR D 1029 31.71 -37.16 -43.02
CA THR D 1029 32.41 -38.42 -43.27
C THR D 1029 33.90 -38.13 -43.14
N GLU D 1030 34.42 -38.25 -41.92
CA GLU D 1030 35.83 -37.95 -41.66
C GLU D 1030 36.78 -38.87 -42.43
N VAL D 1031 36.34 -40.08 -42.74
CA VAL D 1031 37.16 -41.03 -43.48
C VAL D 1031 36.70 -41.05 -44.93
N ASP D 1032 37.49 -41.66 -45.80
CA ASP D 1032 37.20 -41.73 -47.23
C ASP D 1032 37.21 -43.19 -47.69
N GLY D 1033 36.84 -43.39 -48.95
CA GLY D 1033 36.79 -44.70 -49.56
C GLY D 1033 35.41 -45.04 -50.06
N THR D 1034 35.34 -46.19 -50.74
CA THR D 1034 34.09 -46.67 -51.30
C THR D 1034 33.23 -47.24 -50.16
N VAL D 1035 32.18 -46.50 -49.79
CA VAL D 1035 31.34 -46.91 -48.68
C VAL D 1035 30.52 -48.15 -49.07
N ALA D 1036 30.11 -48.89 -48.05
CA ALA D 1036 29.31 -50.10 -48.23
C ALA D 1036 28.02 -49.93 -47.43
N PHE D 1037 26.97 -49.44 -48.11
CA PHE D 1037 25.68 -49.23 -47.45
C PHE D 1037 25.01 -50.58 -47.27
N VAL D 1038 25.29 -51.21 -46.13
CA VAL D 1038 24.78 -52.54 -45.83
C VAL D 1038 23.43 -52.39 -45.13
N GLY D 1039 22.50 -53.27 -45.49
CA GLY D 1039 21.18 -53.24 -44.90
C GLY D 1039 20.26 -52.16 -45.43
N MET D 1040 20.51 -51.65 -46.63
CA MET D 1040 19.65 -50.66 -47.27
C MET D 1040 18.61 -51.39 -48.10
N GLU D 1041 17.44 -51.63 -47.50
CA GLU D 1041 16.36 -52.36 -48.14
C GLU D 1041 15.37 -51.37 -48.76
N GLU D 1042 15.13 -51.51 -50.07
CA GLU D 1042 14.24 -50.62 -50.79
C GLU D 1042 12.79 -51.00 -50.47
N GLY D 1043 12.27 -50.41 -49.40
CA GLY D 1043 10.91 -50.69 -48.97
C GLY D 1043 10.82 -51.07 -47.51
N ILE D 1044 11.93 -51.51 -46.93
CA ILE D 1044 12.00 -51.90 -45.54
C ILE D 1044 12.93 -51.00 -44.74
N THR D 1045 14.08 -50.65 -45.31
CA THR D 1045 15.04 -49.77 -44.65
C THR D 1045 15.25 -48.46 -45.41
N VAL D 1046 15.12 -48.50 -46.73
CA VAL D 1046 15.26 -47.31 -47.56
C VAL D 1046 14.13 -47.30 -48.59
N LYS D 1047 14.00 -46.19 -49.33
CA LYS D 1047 13.00 -46.10 -50.39
C LYS D 1047 13.54 -45.17 -51.46
N ARG D 1048 13.78 -45.70 -52.65
CA ARG D 1048 14.32 -44.91 -53.76
C ARG D 1048 13.23 -44.00 -54.31
N GLN D 1049 12.82 -43.03 -53.49
CA GLN D 1049 11.78 -42.08 -53.84
C GLN D 1049 12.45 -40.85 -54.45
N THR D 1050 12.14 -40.58 -55.71
CA THR D 1050 12.67 -39.42 -56.42
C THR D 1050 11.60 -38.34 -56.52
N ASP D 1051 11.99 -37.10 -56.27
CA ASP D 1051 11.06 -35.98 -56.27
C ASP D 1051 10.71 -35.60 -57.71
N GLU D 1052 9.79 -34.67 -57.87
CA GLU D 1052 9.38 -34.23 -59.20
C GLU D 1052 10.49 -33.47 -59.89
N LEU D 1053 10.48 -33.52 -61.23
CA LEU D 1053 11.47 -32.84 -62.07
C LEU D 1053 12.89 -33.27 -61.72
N THR D 1054 13.06 -34.52 -61.31
CA THR D 1054 14.35 -35.07 -60.92
C THR D 1054 15.03 -34.19 -59.87
N GLY D 1055 14.25 -33.74 -58.89
CA GLY D 1055 14.75 -32.89 -57.84
C GLY D 1055 15.82 -33.52 -56.98
N LEU D 1056 15.84 -34.85 -56.87
CA LEU D 1056 16.86 -35.55 -56.11
C LEU D 1056 17.03 -36.95 -56.68
N THR D 1057 18.26 -37.30 -57.00
CA THR D 1057 18.63 -38.66 -57.40
C THR D 1057 19.20 -39.34 -56.14
N ASN D 1058 18.31 -39.69 -55.23
CA ASN D 1058 18.71 -40.19 -53.92
C ASN D 1058 17.69 -41.25 -53.48
N ILE D 1059 17.83 -41.71 -52.24
CA ILE D 1059 16.93 -42.69 -51.66
C ILE D 1059 16.48 -42.18 -50.29
N GLU D 1060 15.19 -42.27 -50.03
CA GLU D 1060 14.62 -41.84 -48.76
C GLU D 1060 14.53 -43.02 -47.80
N VAL D 1061 15.07 -42.84 -46.60
CA VAL D 1061 15.12 -43.91 -45.61
C VAL D 1061 13.72 -44.20 -45.09
N MET D 1062 13.36 -45.47 -45.03
CA MET D 1062 12.06 -45.90 -44.55
C MET D 1062 11.97 -45.73 -43.04
N ASP D 1063 10.85 -45.19 -42.58
CA ASP D 1063 10.66 -44.99 -41.15
C ASP D 1063 10.57 -46.33 -40.44
N PRO D 1064 11.03 -46.42 -39.19
CA PRO D 1064 10.98 -47.71 -38.47
C PRO D 1064 9.59 -48.27 -38.32
N LYS D 1065 8.57 -47.44 -38.10
CA LYS D 1065 7.20 -47.91 -37.96
C LYS D 1065 6.51 -48.08 -39.30
N ASP D 1066 6.79 -47.19 -40.26
CA ASP D 1066 6.24 -47.32 -41.60
C ASP D 1066 6.82 -48.50 -42.36
N ARG D 1067 7.89 -49.09 -41.87
CA ARG D 1067 8.52 -50.25 -42.50
C ARG D 1067 7.70 -51.50 -42.20
N PRO D 1068 8.10 -52.64 -42.74
CA PRO D 1068 7.38 -53.88 -42.46
C PRO D 1068 7.70 -54.39 -41.06
N ALA D 1069 7.14 -55.58 -40.75
CA ALA D 1069 7.41 -56.19 -39.45
C ALA D 1069 8.89 -56.53 -39.28
N ALA D 1070 9.52 -57.06 -40.32
CA ALA D 1070 10.95 -57.34 -40.28
C ALA D 1070 11.80 -56.13 -40.61
N GLY D 1071 11.28 -55.20 -41.41
CA GLY D 1071 12.00 -53.97 -41.71
C GLY D 1071 12.01 -52.95 -40.59
N LYS D 1072 11.20 -53.17 -39.55
CA LYS D 1072 11.22 -52.27 -38.40
C LYS D 1072 12.54 -52.35 -37.64
N ASP D 1073 13.07 -53.56 -37.48
CA ASP D 1073 14.30 -53.76 -36.71
C ASP D 1073 15.56 -53.60 -37.55
N ILE D 1074 15.44 -53.46 -38.86
CA ILE D 1074 16.60 -53.33 -39.74
C ILE D 1074 16.89 -51.85 -39.96
N ARG D 1075 18.14 -51.46 -39.75
CA ARG D 1075 18.57 -50.08 -39.91
C ARG D 1075 19.70 -50.03 -40.93
N PRO D 1076 19.67 -49.07 -41.87
CA PRO D 1076 20.77 -48.97 -42.84
C PRO D 1076 22.10 -48.68 -42.17
N ALA D 1077 23.17 -49.20 -42.75
CA ALA D 1077 24.52 -49.01 -42.22
C ALA D 1077 25.48 -48.88 -43.38
N VAL D 1078 26.20 -47.75 -43.42
CA VAL D 1078 27.21 -47.51 -44.45
C VAL D 1078 28.54 -48.03 -43.90
N LYS D 1079 28.83 -49.29 -44.18
CA LYS D 1079 30.05 -49.91 -43.70
C LYS D 1079 31.27 -49.21 -44.31
N LEU D 1080 32.27 -48.96 -43.47
CA LEU D 1080 33.47 -48.22 -43.88
C LEU D 1080 34.39 -49.15 -44.67
N ILE D 1081 34.53 -48.87 -45.97
CA ILE D 1081 35.46 -49.58 -46.82
C ILE D 1081 36.24 -48.56 -47.63
N ASP D 1082 37.43 -48.95 -48.07
CA ASP D 1082 38.28 -48.08 -48.87
C ASP D 1082 37.86 -48.18 -50.34
N ALA D 1083 38.61 -47.52 -51.23
CA ALA D 1083 38.28 -47.56 -52.65
C ALA D 1083 38.43 -48.96 -53.23
N ALA D 1084 39.28 -49.79 -52.62
CA ALA D 1084 39.47 -51.17 -53.07
C ALA D 1084 38.70 -52.19 -52.24
N GLY D 1085 38.18 -51.80 -51.08
CA GLY D 1085 37.42 -52.71 -50.25
C GLY D 1085 38.04 -52.96 -48.89
N LYS D 1086 39.04 -52.14 -48.54
CA LYS D 1086 39.73 -52.30 -47.26
C LYS D 1086 38.93 -51.62 -46.15
N ASP D 1087 38.69 -52.36 -45.07
CA ASP D 1087 37.92 -51.84 -43.94
C ASP D 1087 38.73 -50.74 -43.23
N LEU D 1088 38.06 -49.65 -42.90
CA LEU D 1088 38.66 -48.55 -42.17
C LEU D 1088 37.88 -48.28 -40.89
N LEU D 1089 38.56 -47.70 -39.90
CA LEU D 1089 37.93 -47.39 -38.63
C LEU D 1089 38.40 -46.02 -38.14
N LEU D 1090 37.54 -45.38 -37.37
CA LEU D 1090 37.87 -44.08 -36.80
C LEU D 1090 38.92 -44.24 -35.70
N PRO D 1091 39.76 -43.22 -35.50
CA PRO D 1091 40.77 -43.30 -34.44
C PRO D 1091 40.14 -43.38 -33.06
N GLY D 1092 40.79 -44.13 -32.17
CA GLY D 1092 40.33 -44.24 -30.81
C GLY D 1092 39.56 -45.51 -30.51
N THR D 1093 38.69 -45.91 -31.44
CA THR D 1093 37.85 -47.08 -31.27
C THR D 1093 38.08 -48.04 -32.42
N ASP D 1094 38.11 -49.34 -32.11
CA ASP D 1094 38.36 -50.35 -33.13
C ASP D 1094 37.21 -50.47 -34.12
N VAL D 1095 35.99 -50.20 -33.68
CA VAL D 1095 34.82 -50.38 -34.56
C VAL D 1095 34.87 -49.34 -35.67
N PRO D 1096 34.44 -49.66 -36.89
CA PRO D 1096 34.47 -48.69 -37.98
C PRO D 1096 33.45 -47.57 -37.74
N ALA D 1097 33.69 -46.45 -38.42
CA ALA D 1097 32.76 -45.32 -38.35
C ALA D 1097 31.58 -45.54 -39.29
N GLN D 1098 30.91 -46.69 -39.15
CA GLN D 1098 29.78 -47.04 -39.99
C GLN D 1098 28.53 -46.44 -39.37
N TYR D 1099 28.31 -45.16 -39.65
CA TYR D 1099 27.15 -44.46 -39.09
C TYR D 1099 25.87 -44.99 -39.73
N PHE D 1100 24.89 -45.28 -38.88
CA PHE D 1100 23.60 -45.73 -39.38
C PHE D 1100 22.85 -44.60 -40.05
N LEU D 1101 21.97 -44.96 -40.98
CA LEU D 1101 21.15 -43.97 -41.67
C LEU D 1101 19.73 -44.02 -41.13
N PRO D 1102 19.34 -43.07 -40.28
CA PRO D 1102 18.01 -43.12 -39.68
C PRO D 1102 16.94 -42.62 -40.63
N ALA D 1103 15.68 -42.63 -40.16
CA ALA D 1103 14.57 -42.19 -40.99
C ALA D 1103 14.74 -40.71 -41.35
N ASN D 1104 14.18 -40.34 -42.50
CA ASN D 1104 14.26 -38.98 -43.04
C ASN D 1104 15.72 -38.56 -43.23
N ALA D 1105 16.44 -39.36 -44.01
CA ALA D 1105 17.84 -39.13 -44.32
C ALA D 1105 17.99 -38.72 -45.77
N LEU D 1106 19.13 -38.10 -46.08
CA LEU D 1106 19.45 -37.66 -47.44
C LEU D 1106 20.90 -38.07 -47.74
N VAL D 1107 21.06 -39.24 -48.34
CA VAL D 1107 22.36 -39.77 -48.72
C VAL D 1107 22.43 -39.74 -50.25
N ASN D 1108 22.96 -38.65 -50.79
CA ASN D 1108 23.03 -38.50 -52.24
C ASN D 1108 24.13 -39.35 -52.86
N LEU D 1109 25.26 -39.49 -52.17
CA LEU D 1109 26.38 -40.26 -52.70
C LEU D 1109 26.00 -41.72 -52.86
N THR D 1110 26.32 -42.28 -54.02
CA THR D 1110 26.02 -43.69 -54.28
C THR D 1110 26.91 -44.58 -53.42
N ASP D 1111 26.33 -45.68 -52.93
CA ASP D 1111 27.10 -46.66 -52.18
C ASP D 1111 28.16 -47.29 -53.07
N GLY D 1112 29.39 -47.36 -52.57
CA GLY D 1112 30.52 -47.82 -53.36
C GLY D 1112 31.27 -46.72 -54.08
N ALA D 1113 30.80 -45.48 -54.00
CA ALA D 1113 31.49 -44.35 -54.60
C ALA D 1113 32.40 -43.69 -53.57
N LYS D 1114 33.59 -43.28 -54.01
CA LYS D 1114 34.56 -42.67 -53.11
C LYS D 1114 34.05 -41.34 -52.58
N VAL D 1115 33.75 -41.29 -51.28
CA VAL D 1115 33.29 -40.08 -50.63
C VAL D 1115 34.48 -39.38 -49.99
N SER D 1116 34.63 -38.09 -50.26
CA SER D 1116 35.75 -37.33 -49.74
C SER D 1116 35.63 -37.16 -48.23
N ILE D 1117 36.76 -36.80 -47.60
CA ILE D 1117 36.77 -36.58 -46.16
C ILE D 1117 35.87 -35.42 -45.82
N GLY D 1118 34.97 -35.61 -44.86
CA GLY D 1118 34.03 -34.59 -44.49
C GLY D 1118 32.80 -34.49 -45.36
N ASP D 1119 32.57 -35.45 -46.24
CA ASP D 1119 31.38 -35.43 -47.10
C ASP D 1119 30.12 -35.65 -46.27
N VAL D 1120 29.04 -34.99 -46.67
CA VAL D 1120 27.77 -35.10 -45.96
C VAL D 1120 27.15 -36.46 -46.29
N VAL D 1121 27.03 -37.31 -45.27
CA VAL D 1121 26.45 -38.64 -45.50
C VAL D 1121 24.95 -38.62 -45.24
N ALA D 1122 24.55 -38.30 -44.00
CA ALA D 1122 23.16 -38.31 -43.59
C ALA D 1122 22.70 -36.89 -43.25
N ARG D 1123 21.58 -36.49 -43.84
CA ARG D 1123 21.00 -35.16 -43.62
C ARG D 1123 19.59 -35.33 -43.09
N ILE D 1124 19.35 -34.81 -41.89
CA ILE D 1124 18.04 -34.96 -41.24
C ILE D 1124 17.49 -33.57 -40.91
N PRO D 1125 16.34 -33.18 -41.46
CA PRO D 1125 15.81 -31.84 -41.20
C PRO D 1125 15.42 -31.66 -39.74
N GLN D 1126 15.50 -30.42 -39.29
CA GLN D 1126 15.15 -30.07 -37.91
C GLN D 1126 13.67 -30.25 -37.65
N THR D 1135 10.99 -16.25 -20.56
CA THR D 1135 11.16 -15.48 -21.79
C THR D 1135 11.96 -14.20 -21.55
N GLY D 1136 11.32 -13.21 -20.96
CA GLY D 1136 11.99 -11.95 -20.68
C GLY D 1136 11.24 -11.15 -19.64
N GLY D 1137 11.95 -10.24 -19.00
CA GLY D 1137 11.37 -9.40 -17.97
C GLY D 1137 11.60 -9.94 -16.58
N LEU D 1138 10.75 -9.51 -15.66
CA LEU D 1138 10.81 -10.00 -14.29
C LEU D 1138 10.63 -11.51 -14.17
N PRO D 1139 9.69 -12.16 -14.88
CA PRO D 1139 9.63 -13.62 -14.78
C PRO D 1139 10.93 -14.31 -15.16
N ARG D 1140 11.65 -13.80 -16.17
CA ARG D 1140 12.88 -14.45 -16.58
C ARG D 1140 13.98 -14.32 -15.53
N VAL D 1141 14.16 -13.12 -14.98
CA VAL D 1141 15.19 -12.96 -13.96
C VAL D 1141 14.82 -13.72 -12.69
N ALA D 1142 13.53 -13.78 -12.37
CA ALA D 1142 13.10 -14.62 -11.25
C ALA D 1142 13.40 -16.09 -11.51
N ASP D 1143 13.18 -16.56 -12.74
CA ASP D 1143 13.50 -17.94 -13.08
C ASP D 1143 14.98 -18.21 -12.92
N LEU D 1144 15.82 -17.29 -13.39
CA LEU D 1144 17.27 -17.50 -13.25
C LEU D 1144 17.70 -17.48 -11.78
N PHE D 1145 17.08 -16.62 -10.97
CA PHE D 1145 17.47 -16.56 -9.56
C PHE D 1145 16.88 -17.70 -8.74
N GLU D 1146 15.85 -18.38 -9.22
CA GLU D 1146 15.34 -19.57 -8.56
C GLU D 1146 15.96 -20.85 -9.08
N ALA D 1147 16.76 -20.79 -10.15
CA ALA D 1147 17.38 -21.97 -10.75
C ALA D 1147 16.33 -23.02 -11.09
N ARG D 1148 15.24 -22.58 -11.73
CA ARG D 1148 14.13 -23.46 -12.06
C ARG D 1148 14.44 -24.35 -13.26
N ARG D 1149 13.54 -25.28 -13.55
CA ARG D 1149 13.60 -26.12 -14.73
C ARG D 1149 12.39 -25.79 -15.60
N PRO D 1150 12.61 -25.39 -16.85
CA PRO D 1150 11.47 -25.12 -17.74
C PRO D 1150 10.72 -26.40 -18.07
N LYS D 1151 9.64 -26.24 -18.82
CA LYS D 1151 8.80 -27.37 -19.21
C LYS D 1151 9.60 -28.35 -20.04
N GLU D 1152 10.39 -27.85 -20.99
CA GLU D 1152 11.27 -28.70 -21.79
C GLU D 1152 12.70 -28.19 -21.67
N PRO D 1153 13.50 -28.71 -20.75
CA PRO D 1153 14.89 -28.23 -20.63
C PRO D 1153 15.75 -28.72 -21.78
N SER D 1154 16.86 -28.03 -21.99
CA SER D 1154 17.83 -28.46 -22.99
C SER D 1154 18.56 -29.71 -22.49
N ILE D 1155 18.56 -30.75 -23.32
CA ILE D 1155 19.28 -31.97 -22.99
C ILE D 1155 20.76 -31.78 -23.32
N LEU D 1156 21.62 -32.11 -22.37
CA LEU D 1156 23.05 -31.91 -22.50
C LEU D 1156 23.78 -33.24 -22.41
N ALA D 1157 24.96 -33.30 -23.02
CA ALA D 1157 25.79 -34.49 -22.93
C ALA D 1157 26.29 -34.68 -21.50
N GLU D 1158 26.45 -35.93 -21.10
CA GLU D 1158 26.87 -36.26 -19.74
C GLU D 1158 28.39 -36.31 -19.60
N ILE D 1159 29.04 -37.17 -20.38
CA ILE D 1159 30.49 -37.31 -20.34
C ILE D 1159 31.01 -37.24 -21.78
N SER D 1160 32.13 -36.55 -21.97
CA SER D 1160 32.73 -36.45 -23.29
C SER D 1160 33.25 -37.80 -23.74
N GLY D 1161 33.11 -38.07 -25.03
CA GLY D 1161 33.55 -39.32 -25.59
C GLY D 1161 32.86 -39.61 -26.91
N THR D 1162 32.91 -40.87 -27.32
CA THR D 1162 32.27 -41.30 -28.56
C THR D 1162 30.78 -41.51 -28.32
N ILE D 1163 29.96 -40.68 -28.96
CA ILE D 1163 28.51 -40.77 -28.83
C ILE D 1163 28.00 -41.93 -29.68
N SER D 1164 26.78 -42.37 -29.42
CA SER D 1164 26.15 -43.47 -30.15
C SER D 1164 24.76 -43.04 -30.60
N PHE D 1165 24.02 -43.99 -31.15
CA PHE D 1165 22.66 -43.73 -31.62
C PHE D 1165 21.65 -44.21 -30.59
N GLY D 1166 20.55 -43.46 -30.48
CA GLY D 1166 19.51 -43.78 -29.52
C GLY D 1166 18.48 -44.73 -30.10
N LYS D 1167 18.24 -45.83 -29.40
CA LYS D 1167 17.27 -46.82 -29.82
C LYS D 1167 15.86 -46.26 -29.66
N GLU D 1168 15.23 -45.91 -30.78
CA GLU D 1168 13.90 -45.31 -30.77
C GLU D 1168 12.78 -46.34 -30.62
N THR D 1169 13.08 -47.63 -30.79
CA THR D 1169 12.04 -48.66 -30.69
C THR D 1169 11.47 -48.71 -29.27
N LYS D 1170 12.34 -48.59 -28.26
CA LYS D 1170 11.87 -48.62 -26.88
C LYS D 1170 11.05 -47.39 -26.52
N GLY D 1171 11.11 -46.35 -27.36
CA GLY D 1171 10.43 -45.10 -27.08
C GLY D 1171 11.32 -44.04 -26.46
N LYS D 1172 12.46 -44.42 -25.88
CA LYS D 1172 13.42 -43.46 -25.34
C LYS D 1172 14.78 -43.76 -25.94
N ARG D 1173 15.43 -42.74 -26.49
CA ARG D 1173 16.71 -42.92 -27.15
C ARG D 1173 17.81 -43.12 -26.12
N ARG D 1174 18.58 -44.19 -26.27
CA ARG D 1174 19.69 -44.51 -25.37
C ARG D 1174 20.99 -44.35 -26.17
N LEU D 1175 21.74 -43.30 -25.86
CA LEU D 1175 22.97 -42.97 -26.57
C LEU D 1175 24.14 -43.23 -25.62
N VAL D 1176 24.68 -44.45 -25.68
CA VAL D 1176 25.81 -44.82 -24.82
C VAL D 1176 27.05 -44.05 -25.24
N ILE D 1177 27.84 -43.64 -24.25
CA ILE D 1177 29.05 -42.86 -24.47
C ILE D 1177 30.26 -43.75 -24.16
N THR D 1178 31.23 -43.76 -25.08
CA THR D 1178 32.43 -44.59 -24.95
C THR D 1178 33.64 -43.68 -25.09
N PRO D 1179 34.03 -43.00 -24.01
CA PRO D 1179 35.22 -42.13 -24.07
C PRO D 1179 36.49 -42.92 -24.34
N ASN D 1180 37.39 -42.30 -25.10
CA ASN D 1180 38.66 -42.94 -25.44
C ASN D 1180 39.52 -43.13 -24.20
N ASP D 1181 39.55 -42.13 -23.32
CA ASP D 1181 40.35 -42.23 -22.10
C ASP D 1181 39.85 -43.36 -21.21
N GLY D 1182 38.54 -43.54 -21.12
CA GLY D 1182 37.97 -44.63 -20.35
C GLY D 1182 36.50 -44.81 -20.65
N SER D 1183 36.10 -46.04 -20.98
CA SER D 1183 34.74 -46.33 -21.41
C SER D 1183 33.82 -46.34 -20.20
N ASP D 1184 32.78 -45.51 -20.24
CA ASP D 1184 31.75 -45.49 -19.22
C ASP D 1184 30.40 -45.79 -19.86
N PRO D 1185 29.92 -47.04 -19.81
CA PRO D 1185 28.70 -47.38 -20.57
C PRO D 1185 27.43 -46.73 -20.04
N TYR D 1186 27.47 -46.10 -18.88
CA TYR D 1186 26.26 -45.50 -18.30
C TYR D 1186 25.78 -44.34 -19.15
N GLU D 1187 24.53 -44.42 -19.61
CA GLU D 1187 23.92 -43.37 -20.41
C GLU D 1187 22.42 -43.46 -20.24
N GLU D 1188 21.79 -42.31 -19.98
CA GLU D 1188 20.35 -42.28 -19.75
C GLU D 1188 19.58 -42.44 -21.06
N LEU D 1189 18.27 -42.57 -20.94
CA LEU D 1189 17.38 -42.71 -22.09
C LEU D 1189 16.48 -41.48 -22.17
N ILE D 1190 16.52 -40.80 -23.31
CA ILE D 1190 15.78 -39.57 -23.54
C ILE D 1190 14.55 -39.89 -24.36
N PRO D 1191 13.34 -39.62 -23.86
CA PRO D 1191 12.14 -39.90 -24.63
C PRO D 1191 12.10 -39.09 -25.92
N LYS D 1192 11.58 -39.70 -26.97
CA LYS D 1192 11.48 -39.07 -28.28
C LYS D 1192 10.31 -38.11 -28.40
N TRP D 1193 9.65 -37.77 -27.29
CA TRP D 1193 8.55 -36.81 -27.33
C TRP D 1193 9.04 -35.45 -27.80
N ARG D 1194 10.25 -35.07 -27.42
CA ARG D 1194 10.90 -33.87 -27.90
C ARG D 1194 11.93 -34.24 -28.96
N HIS D 1195 12.06 -33.38 -29.97
CA HIS D 1195 12.97 -33.64 -31.08
C HIS D 1195 14.41 -33.62 -30.59
N LEU D 1196 15.19 -34.59 -31.05
CA LEU D 1196 16.60 -34.71 -30.71
C LEU D 1196 17.42 -34.47 -31.97
N ASN D 1197 18.33 -33.50 -31.92
CA ASN D 1197 19.16 -33.14 -33.05
C ASN D 1197 20.56 -33.74 -32.96
N VAL D 1198 20.71 -34.83 -32.21
CA VAL D 1198 22.03 -35.43 -31.99
C VAL D 1198 22.33 -36.41 -33.12
N PHE D 1199 23.55 -36.33 -33.65
CA PHE D 1199 24.03 -37.23 -34.70
C PHE D 1199 25.10 -38.13 -34.10
N GLU D 1200 24.95 -39.44 -34.29
CA GLU D 1200 25.87 -40.40 -33.69
C GLU D 1200 27.22 -40.35 -34.39
N GLY D 1201 28.23 -40.91 -33.71
CA GLY D 1201 29.55 -41.05 -34.30
C GLY D 1201 30.45 -39.84 -34.17
N GLU D 1202 30.20 -38.96 -33.20
CA GLU D 1202 30.99 -37.76 -33.00
C GLU D 1202 31.42 -37.67 -31.54
N GLN D 1203 32.28 -36.70 -31.25
CA GLN D 1203 32.70 -36.47 -29.88
C GLN D 1203 31.53 -35.95 -29.03
N VAL D 1204 31.33 -36.57 -27.87
CA VAL D 1204 30.20 -36.19 -27.03
C VAL D 1204 30.34 -34.77 -26.52
N ASN D 1205 31.52 -34.40 -26.03
CA ASN D 1205 31.79 -33.06 -25.52
C ASN D 1205 30.80 -32.69 -24.41
N ARG D 1206 30.97 -33.38 -23.26
CA ARG D 1206 30.07 -33.30 -22.12
C ARG D 1206 29.49 -31.90 -21.92
N GLY D 1207 30.34 -30.88 -22.05
CA GLY D 1207 29.85 -29.51 -21.96
C GLY D 1207 28.82 -29.16 -23.02
N GLU D 1208 28.91 -29.77 -24.19
CA GLU D 1208 28.07 -29.38 -25.32
C GLU D 1208 26.61 -29.80 -25.09
N VAL D 1209 25.78 -29.52 -26.07
CA VAL D 1209 24.34 -29.73 -25.98
C VAL D 1209 23.93 -30.85 -26.94
N ILE D 1210 23.01 -31.70 -26.47
CA ILE D 1210 22.53 -32.82 -27.26
C ILE D 1210 21.27 -32.42 -28.01
N SER D 1211 20.33 -31.80 -27.29
CA SER D 1211 19.08 -31.34 -27.89
C SER D 1211 18.81 -29.91 -27.46
N ASP D 1212 18.24 -29.13 -28.38
CA ASP D 1212 18.04 -27.71 -28.17
C ASP D 1212 17.04 -27.47 -27.03
N GLY D 1213 16.93 -26.20 -26.64
CA GLY D 1213 16.08 -25.81 -25.55
C GLY D 1213 16.82 -24.91 -24.57
N PRO D 1214 16.07 -24.26 -23.63
CA PRO D 1214 16.69 -23.37 -22.67
C PRO D 1214 17.47 -24.24 -21.67
N SER D 1215 18.69 -23.83 -21.33
CA SER D 1215 19.51 -24.69 -20.45
C SER D 1215 18.91 -24.79 -19.05
N ASN D 1216 19.20 -25.88 -18.34
CA ASN D 1216 18.75 -26.00 -16.93
C ASN D 1216 19.98 -25.61 -16.11
N PRO D 1217 19.94 -24.51 -15.35
CA PRO D 1217 21.11 -24.04 -14.65
C PRO D 1217 21.91 -25.19 -14.05
N HIS D 1218 21.24 -26.19 -13.49
CA HIS D 1218 21.95 -27.30 -12.82
C HIS D 1218 22.95 -28.06 -13.69
N ASP D 1219 22.52 -28.78 -14.74
CA ASP D 1219 23.42 -29.54 -15.61
C ASP D 1219 24.68 -28.76 -15.90
N ILE D 1220 24.55 -27.46 -16.15
CA ILE D 1220 25.69 -26.58 -16.40
C ILE D 1220 26.60 -26.61 -15.18
N LEU D 1221 26.00 -26.49 -14.00
CA LEU D 1221 26.80 -26.45 -12.77
C LEU D 1221 27.55 -27.76 -12.53
N ARG D 1222 26.86 -28.89 -12.66
CA ARG D 1222 27.45 -30.17 -12.32
C ARG D 1222 28.35 -30.73 -13.41
N LEU D 1223 28.27 -30.21 -14.63
CA LEU D 1223 29.11 -30.69 -15.72
C LEU D 1223 30.16 -29.69 -16.15
N LEU D 1224 29.75 -28.47 -16.52
CA LEU D 1224 30.69 -27.45 -16.95
C LEU D 1224 31.53 -26.90 -15.81
N GLY D 1225 30.95 -26.75 -14.62
CA GLY D 1225 31.68 -26.23 -13.48
C GLY D 1225 30.92 -25.14 -12.75
N VAL D 1226 31.64 -24.30 -12.01
CA VAL D 1226 31.05 -23.19 -11.28
C VAL D 1226 31.26 -21.87 -12.02
N SER D 1227 32.48 -21.64 -12.51
CA SER D 1227 32.77 -20.42 -13.25
C SER D 1227 31.94 -20.34 -14.52
N SER D 1228 31.75 -21.47 -15.20
CA SER D 1228 30.89 -21.49 -16.39
C SER D 1228 29.46 -21.14 -16.04
N LEU D 1229 28.93 -21.72 -14.96
CA LEU D 1229 27.60 -21.36 -14.50
C LEU D 1229 27.53 -19.89 -14.13
N ALA D 1230 28.60 -19.39 -13.49
CA ALA D 1230 28.64 -17.98 -13.13
C ALA D 1230 28.53 -17.10 -14.35
N LYS D 1231 29.32 -17.38 -15.38
CA LYS D 1231 29.28 -16.58 -16.60
C LYS D 1231 27.92 -16.68 -17.27
N TYR D 1232 27.35 -17.88 -17.34
CA TYR D 1232 26.06 -18.06 -18.00
C TYR D 1232 24.96 -17.27 -17.29
N ILE D 1233 24.88 -17.42 -15.97
CA ILE D 1233 23.83 -16.74 -15.20
C ILE D 1233 24.02 -15.23 -15.27
N VAL D 1234 25.26 -14.76 -15.12
CA VAL D 1234 25.52 -13.32 -15.15
C VAL D 1234 25.11 -12.74 -16.49
N ASN D 1235 25.49 -13.41 -17.59
CA ASN D 1235 25.13 -12.92 -18.91
C ASN D 1235 23.62 -12.96 -19.13
N GLU D 1236 22.97 -14.02 -18.65
CA GLU D 1236 21.52 -14.15 -18.84
C GLU D 1236 20.76 -13.04 -18.11
N ILE D 1237 21.19 -12.72 -16.89
CA ILE D 1237 20.53 -11.65 -16.15
C ILE D 1237 20.86 -10.30 -16.76
N GLN D 1238 22.11 -10.11 -17.19
CA GLN D 1238 22.54 -8.83 -17.74
C GLN D 1238 21.88 -8.54 -19.07
N ASP D 1239 21.56 -9.56 -19.86
CA ASP D 1239 20.80 -9.33 -21.09
C ASP D 1239 19.43 -8.75 -20.77
N VAL D 1240 18.74 -9.34 -19.79
CA VAL D 1240 17.42 -8.85 -19.41
C VAL D 1240 17.50 -7.42 -18.91
N TYR D 1241 18.53 -7.11 -18.12
CA TYR D 1241 18.63 -5.75 -17.59
C TYR D 1241 19.06 -4.75 -18.66
N ARG D 1242 19.98 -5.14 -19.55
CA ARG D 1242 20.44 -4.25 -20.61
C ARG D 1242 19.38 -4.01 -21.67
N LEU D 1243 18.39 -4.91 -21.78
CA LEU D 1243 17.32 -4.69 -22.74
C LEU D 1243 16.57 -3.40 -22.41
N GLN D 1244 16.34 -3.13 -21.13
CA GLN D 1244 15.69 -1.88 -20.71
C GLN D 1244 16.72 -0.78 -20.50
N GLY D 1245 17.99 -1.11 -20.71
CA GLY D 1245 19.04 -0.11 -20.65
C GLY D 1245 19.48 0.28 -19.25
N VAL D 1246 19.02 -0.45 -18.23
CA VAL D 1246 19.49 -0.21 -16.88
C VAL D 1246 20.82 -0.91 -16.66
N LYS D 1247 21.80 -0.17 -16.16
CA LYS D 1247 23.17 -0.65 -16.00
C LYS D 1247 23.37 -1.08 -14.55
N ILE D 1248 23.72 -2.35 -14.36
CA ILE D 1248 24.00 -2.91 -13.03
C ILE D 1248 25.34 -3.62 -13.10
N ASN D 1249 26.21 -3.35 -12.13
CA ASN D 1249 27.49 -4.04 -12.09
C ASN D 1249 27.28 -5.52 -11.79
N ASP D 1250 28.18 -6.34 -12.32
CA ASP D 1250 28.06 -7.78 -12.18
C ASP D 1250 28.45 -8.29 -10.80
N LYS D 1251 29.10 -7.45 -9.99
CA LYS D 1251 29.48 -7.85 -8.64
C LYS D 1251 28.26 -8.31 -7.85
N HIS D 1252 27.12 -7.62 -8.02
CA HIS D 1252 25.94 -7.96 -7.24
C HIS D 1252 25.35 -9.30 -7.66
N ILE D 1253 25.27 -9.56 -8.97
CA ILE D 1253 24.77 -10.84 -9.43
C ILE D 1253 25.69 -11.97 -8.99
N GLU D 1254 27.00 -11.73 -9.05
CA GLU D 1254 27.94 -12.74 -8.57
C GLU D 1254 27.84 -12.94 -7.07
N THR D 1255 27.50 -11.89 -6.32
CA THR D 1255 27.30 -12.03 -4.88
C THR D 1255 26.10 -12.91 -4.57
N ILE D 1256 24.98 -12.66 -5.27
CA ILE D 1256 23.81 -13.51 -5.09
C ILE D 1256 24.12 -14.94 -5.49
N LEU D 1257 24.90 -15.11 -6.56
CA LEU D 1257 25.30 -16.43 -7.01
C LEU D 1257 26.13 -17.15 -5.95
N ARG D 1258 27.06 -16.43 -5.32
CA ARG D 1258 27.83 -16.99 -4.22
C ARG D 1258 26.93 -17.43 -3.09
N GLN D 1259 25.92 -16.62 -2.78
CA GLN D 1259 24.98 -17.00 -1.73
C GLN D 1259 24.18 -18.23 -2.11
N MET D 1260 23.84 -18.41 -3.39
CA MET D 1260 23.09 -19.59 -3.78
C MET D 1260 23.96 -20.84 -3.85
N LEU D 1261 25.22 -20.71 -4.29
CA LEU D 1261 26.14 -21.83 -4.37
C LEU D 1261 26.82 -22.12 -3.05
N ARG D 1262 26.25 -21.65 -1.94
CA ARG D 1262 26.87 -21.79 -0.63
C ARG D 1262 26.77 -23.20 -0.06
N LYS D 1263 25.98 -24.08 -0.66
CA LYS D 1263 25.77 -25.43 -0.15
C LYS D 1263 26.28 -26.45 -1.15
N VAL D 1264 26.82 -27.55 -0.63
CA VAL D 1264 27.36 -28.63 -1.44
C VAL D 1264 26.83 -29.96 -0.91
N GLU D 1265 26.66 -30.91 -1.83
CA GLU D 1265 26.20 -32.25 -1.49
C GLU D 1265 27.37 -33.22 -1.59
N VAL D 1266 27.37 -34.20 -0.68
CA VAL D 1266 28.49 -35.13 -0.54
C VAL D 1266 28.13 -36.44 -1.23
N SER D 1267 29.13 -37.04 -1.89
CA SER D 1267 28.97 -38.32 -2.56
C SER D 1267 29.52 -39.48 -1.74
N GLU D 1268 30.81 -39.44 -1.42
CA GLU D 1268 31.45 -40.43 -0.55
C GLU D 1268 31.94 -39.69 0.70
N SER D 1269 31.25 -39.89 1.81
CA SER D 1269 31.50 -39.05 2.99
C SER D 1269 32.70 -39.54 3.79
N GLY D 1270 32.63 -40.75 4.32
CA GLY D 1270 33.62 -41.22 5.26
C GLY D 1270 33.57 -40.58 6.62
N ASP D 1271 32.93 -39.41 6.76
CA ASP D 1271 32.76 -38.74 8.04
C ASP D 1271 31.35 -38.23 8.26
N SER D 1272 30.47 -38.27 7.26
CA SER D 1272 29.10 -37.79 7.39
C SER D 1272 28.13 -38.76 6.73
N SER D 1273 26.88 -38.35 6.54
CA SER D 1273 25.92 -39.19 5.84
C SER D 1273 26.27 -39.27 4.35
N PHE D 1274 25.68 -40.26 3.68
CA PHE D 1274 26.00 -40.50 2.27
C PHE D 1274 25.61 -39.30 1.41
N ILE D 1275 24.33 -38.95 1.41
CA ILE D 1275 23.82 -37.79 0.68
C ILE D 1275 23.24 -36.82 1.69
N LYS D 1276 23.77 -35.59 1.69
CA LYS D 1276 23.31 -34.58 2.64
C LYS D 1276 23.59 -33.20 2.06
N GLY D 1277 22.69 -32.26 2.34
CA GLY D 1277 22.92 -30.87 1.97
C GLY D 1277 23.59 -30.12 3.09
N ASP D 1278 24.90 -29.96 3.00
CA ASP D 1278 25.68 -29.30 4.04
C ASP D 1278 26.39 -28.10 3.45
N GLN D 1279 26.56 -27.07 4.28
CA GLN D 1279 27.28 -25.87 3.85
C GLN D 1279 28.70 -26.25 3.47
N VAL D 1280 29.20 -25.62 2.38
CA VAL D 1280 30.55 -25.94 1.90
C VAL D 1280 31.59 -25.59 2.96
N GLU D 1281 31.30 -24.58 3.80
CA GLU D 1281 32.21 -24.26 4.88
C GLU D 1281 32.33 -25.41 5.87
N LEU D 1282 31.20 -26.04 6.20
CA LEU D 1282 31.22 -27.16 7.14
C LEU D 1282 32.04 -28.32 6.59
N THR D 1283 31.80 -28.69 5.33
CA THR D 1283 32.54 -29.79 4.72
C THR D 1283 34.02 -29.46 4.60
N GLN D 1284 34.36 -28.22 4.23
CA GLN D 1284 35.75 -27.83 4.13
C GLN D 1284 36.44 -27.91 5.49
N VAL D 1285 35.77 -27.45 6.53
CA VAL D 1285 36.34 -27.49 7.88
C VAL D 1285 36.55 -28.94 8.31
N LEU D 1286 35.54 -29.79 8.06
CA LEU D 1286 35.66 -31.20 8.44
C LEU D 1286 36.82 -31.87 7.70
N GLU D 1287 36.95 -31.61 6.40
CA GLU D 1287 38.04 -32.21 5.62
C GLU D 1287 39.40 -31.70 6.10
N GLU D 1288 39.51 -30.40 6.38
CA GLU D 1288 40.77 -29.85 6.86
C GLU D 1288 41.15 -30.45 8.21
N ASN D 1289 40.18 -30.62 9.10
CA ASN D 1289 40.48 -31.24 10.39
C ASN D 1289 40.85 -32.72 10.22
N GLU D 1290 40.18 -33.41 9.29
CA GLU D 1290 40.47 -34.82 9.06
C GLU D 1290 41.84 -35.04 8.44
N GLN D 1291 42.33 -34.11 7.63
CA GLN D 1291 43.65 -34.25 7.03
C GLN D 1291 44.73 -34.35 8.11
N LEU D 1292 44.70 -33.43 9.08
CA LEU D 1292 45.58 -33.51 10.24
C LEU D 1292 44.81 -34.15 11.39
N GLY D 1293 44.52 -35.43 11.23
CA GLY D 1293 43.71 -36.14 12.21
C GLY D 1293 43.94 -37.63 12.26
N THR D 1294 42.87 -38.41 12.38
CA THR D 1294 42.96 -39.85 12.56
C THR D 1294 43.60 -40.53 11.36
N GLU D 1295 42.97 -40.44 10.20
CA GLU D 1295 43.46 -41.09 9.00
C GLU D 1295 43.58 -40.05 7.87
N ASP D 1296 44.14 -40.49 6.74
CA ASP D 1296 44.31 -39.61 5.61
C ASP D 1296 43.16 -39.72 4.62
N LYS D 1297 42.43 -40.83 4.62
CA LYS D 1297 41.33 -41.06 3.70
C LYS D 1297 40.01 -40.54 4.27
N PHE D 1298 40.03 -39.96 5.46
CA PHE D 1298 38.83 -39.43 6.10
C PHE D 1298 38.29 -38.25 5.31
N PRO D 1299 39.13 -37.55 4.54
CA PRO D 1299 38.63 -36.42 3.75
C PRO D 1299 37.53 -36.84 2.80
N ALA D 1300 36.51 -36.00 2.69
CA ALA D 1300 35.31 -36.34 1.93
C ALA D 1300 35.33 -35.69 0.56
N LYS D 1301 34.66 -36.34 -0.39
CA LYS D 1301 34.45 -35.79 -1.72
C LYS D 1301 33.00 -35.36 -1.87
N TYR D 1302 32.80 -34.19 -2.47
CA TYR D 1302 31.46 -33.61 -2.56
C TYR D 1302 31.31 -32.94 -3.92
N GLU D 1303 30.05 -32.72 -4.29
CA GLU D 1303 29.70 -32.06 -5.53
C GLU D 1303 28.88 -30.81 -5.24
N ARG D 1304 29.25 -29.70 -5.87
CA ARG D 1304 28.55 -28.45 -5.67
C ARG D 1304 27.13 -28.54 -6.20
N VAL D 1305 26.21 -27.89 -5.49
CA VAL D 1305 24.79 -27.90 -5.83
C VAL D 1305 24.26 -26.47 -5.80
N LEU D 1306 23.33 -26.18 -6.70
CA LEU D 1306 22.76 -24.84 -6.85
C LEU D 1306 21.35 -24.84 -6.27
N LEU D 1307 21.09 -23.86 -5.41
CA LEU D 1307 19.78 -23.69 -4.78
C LEU D 1307 19.20 -22.35 -5.17
N GLY D 1308 17.89 -22.31 -5.40
CA GLY D 1308 17.24 -21.04 -5.65
C GLY D 1308 17.26 -20.16 -4.42
N ILE D 1309 17.01 -18.87 -4.62
CA ILE D 1309 17.07 -17.92 -3.51
C ILE D 1309 16.02 -18.26 -2.47
N THR D 1310 14.80 -18.60 -2.90
CA THR D 1310 13.75 -18.94 -1.94
C THR D 1310 14.03 -20.28 -1.27
N LYS D 1311 14.93 -21.08 -1.82
CA LYS D 1311 15.30 -22.34 -1.19
C LYS D 1311 16.59 -22.21 -0.40
N ALA D 1312 17.54 -21.41 -0.90
CA ALA D 1312 18.78 -21.20 -0.17
C ALA D 1312 18.54 -20.40 1.10
N SER D 1313 17.61 -19.44 1.06
CA SER D 1313 17.33 -18.64 2.25
C SER D 1313 16.68 -19.46 3.35
N LEU D 1314 15.79 -20.38 3.01
CA LEU D 1314 15.11 -21.21 4.01
C LEU D 1314 15.99 -22.32 4.56
N SER D 1315 17.13 -22.60 3.92
CA SER D 1315 18.02 -23.69 4.31
C SER D 1315 19.24 -23.20 5.08
N THR D 1316 19.17 -22.01 5.65
CA THR D 1316 20.28 -21.47 6.42
C THR D 1316 20.40 -22.21 7.75
N GLU D 1317 21.61 -22.16 8.32
CA GLU D 1317 21.84 -22.78 9.62
C GLU D 1317 20.98 -22.12 10.70
N SER D 1318 20.88 -20.80 10.67
CA SER D 1318 20.03 -20.09 11.61
C SER D 1318 18.56 -20.32 11.31
N PHE D 1319 17.79 -20.59 12.36
CA PHE D 1319 16.35 -20.79 12.19
C PHE D 1319 15.55 -19.50 12.29
N ILE D 1320 16.05 -18.50 13.02
CA ILE D 1320 15.31 -17.25 13.17
C ILE D 1320 15.25 -16.51 11.83
N SER D 1321 16.35 -16.55 11.08
CA SER D 1321 16.37 -15.89 9.78
C SER D 1321 15.35 -16.52 8.83
N ALA D 1322 15.25 -17.85 8.85
CA ALA D 1322 14.33 -18.52 7.93
C ALA D 1322 12.88 -18.39 8.41
N ALA D 1323 12.67 -18.39 9.73
CA ALA D 1323 11.31 -18.38 10.26
C ALA D 1323 10.57 -17.09 9.93
N SER D 1324 11.30 -15.99 9.83
CA SER D 1324 10.69 -14.70 9.52
C SER D 1324 10.70 -14.39 8.03
N PHE D 1325 11.13 -15.32 7.18
CA PHE D 1325 11.07 -15.13 5.74
C PHE D 1325 9.79 -15.71 5.14
N GLN D 1326 9.63 -17.03 5.22
CA GLN D 1326 8.52 -17.74 4.62
C GLN D 1326 8.39 -19.09 5.32
N GLU D 1327 7.21 -19.70 5.18
CA GLU D 1327 6.96 -21.04 5.69
C GLU D 1327 7.40 -21.15 7.15
N THR D 1328 6.87 -20.25 7.98
CA THR D 1328 7.28 -20.19 9.37
C THR D 1328 6.98 -21.48 10.10
N THR D 1329 5.80 -22.06 9.84
CA THR D 1329 5.41 -23.30 10.53
C THR D 1329 6.38 -24.43 10.21
N ARG D 1330 6.72 -24.63 8.94
CA ARG D 1330 7.55 -25.75 8.55
C ARG D 1330 8.94 -25.64 9.18
N VAL D 1331 9.57 -24.48 9.05
CA VAL D 1331 10.91 -24.30 9.59
C VAL D 1331 10.90 -24.37 11.11
N LEU D 1332 9.84 -23.87 11.74
CA LEU D 1332 9.78 -23.91 13.21
C LEU D 1332 9.63 -25.34 13.71
N THR D 1333 8.78 -26.15 13.06
CA THR D 1333 8.67 -27.54 13.44
C THR D 1333 9.98 -28.29 13.19
N GLU D 1334 10.65 -27.99 12.08
CA GLU D 1334 11.92 -28.64 11.79
C GLU D 1334 12.96 -28.31 12.85
N ALA D 1335 13.01 -27.04 13.28
CA ALA D 1335 13.92 -26.65 14.34
C ALA D 1335 13.54 -27.28 15.67
N ALA D 1336 12.23 -27.44 15.91
CA ALA D 1336 11.79 -28.04 17.15
C ALA D 1336 12.21 -29.51 17.24
N VAL D 1337 11.98 -30.27 16.18
CA VAL D 1337 12.33 -31.69 16.22
C VAL D 1337 13.86 -31.85 16.19
N THR D 1338 14.54 -31.04 15.39
CA THR D 1338 15.99 -31.11 15.31
C THR D 1338 16.69 -30.49 16.50
N GLY D 1339 15.99 -29.72 17.33
CA GLY D 1339 16.63 -29.06 18.46
C GLY D 1339 17.67 -28.04 18.05
N LYS D 1340 17.37 -27.23 17.05
CA LYS D 1340 18.34 -26.30 16.50
C LYS D 1340 18.69 -25.21 17.51
N ARG D 1341 19.91 -24.69 17.37
CA ARG D 1341 20.38 -23.55 18.14
C ARG D 1341 20.77 -22.45 17.16
N ASP D 1342 20.35 -21.22 17.46
CA ASP D 1342 20.63 -20.08 16.59
C ASP D 1342 21.57 -19.14 17.32
N PHE D 1343 22.83 -19.16 16.92
CA PHE D 1343 23.79 -18.16 17.36
C PHE D 1343 23.55 -16.91 16.52
N LEU D 1344 23.23 -15.80 17.18
CA LEU D 1344 22.82 -14.60 16.47
C LEU D 1344 24.00 -13.97 15.74
N ARG D 1345 24.31 -14.51 14.56
CA ARG D 1345 25.49 -14.12 13.81
C ARG D 1345 25.13 -13.63 12.41
N GLY D 1346 23.89 -13.18 12.22
CA GLY D 1346 23.47 -12.59 10.98
C GLY D 1346 22.79 -11.25 11.22
N LEU D 1347 22.38 -10.62 10.12
CA LEU D 1347 21.78 -9.30 10.21
C LEU D 1347 20.37 -9.36 10.80
N LYS D 1348 19.52 -10.26 10.28
CA LYS D 1348 18.15 -10.31 10.74
C LYS D 1348 18.04 -10.82 12.17
N GLU D 1349 18.96 -11.71 12.56
CA GLU D 1349 18.95 -12.19 13.94
C GLU D 1349 19.12 -11.05 14.91
N ASN D 1350 20.11 -10.18 14.66
CA ASN D 1350 20.34 -9.05 15.54
C ASN D 1350 19.25 -8.00 15.39
N VAL D 1351 18.64 -7.90 14.21
CA VAL D 1351 17.52 -6.97 14.02
C VAL D 1351 16.35 -7.37 14.90
N VAL D 1352 15.94 -8.64 14.82
CA VAL D 1352 14.78 -9.09 15.57
C VAL D 1352 15.08 -9.14 17.06
N VAL D 1353 16.31 -9.51 17.44
CA VAL D 1353 16.64 -9.57 18.86
C VAL D 1353 17.05 -8.21 19.41
N GLY D 1354 17.15 -7.19 18.55
CA GLY D 1354 17.41 -5.85 19.01
C GLY D 1354 18.86 -5.51 19.26
N ARG D 1355 19.80 -6.27 18.71
CA ARG D 1355 21.21 -6.06 18.94
C ARG D 1355 21.81 -5.24 17.80
N LEU D 1356 23.08 -4.86 17.98
CA LEU D 1356 23.79 -4.12 16.95
C LEU D 1356 24.06 -5.00 15.74
N ILE D 1357 24.00 -4.39 14.56
CA ILE D 1357 24.18 -5.13 13.30
C ILE D 1357 25.60 -5.67 13.24
N PRO D 1358 25.80 -6.93 12.83
CA PRO D 1358 27.17 -7.46 12.72
C PRO D 1358 27.96 -6.81 11.60
N ALA D 1359 27.33 -5.89 10.87
CA ALA D 1359 28.02 -5.18 9.80
C ALA D 1359 28.09 -3.69 10.12
N GLY D 1360 28.79 -2.93 9.29
CA GLY D 1360 28.90 -1.50 9.49
C GLY D 1360 29.61 -1.16 10.79
N THR D 1361 29.02 -0.23 11.53
CA THR D 1361 29.65 0.28 12.74
C THR D 1361 29.48 -0.65 13.94
N GLY D 1362 28.57 -1.63 13.88
CA GLY D 1362 28.45 -2.61 14.93
C GLY D 1362 29.50 -3.69 14.90
N LEU D 1363 30.37 -3.67 13.88
CA LEU D 1363 31.41 -4.67 13.76
C LEU D 1363 32.38 -4.61 14.93
N ALA D 1364 32.71 -3.40 15.37
CA ALA D 1364 33.62 -3.24 16.51
C ALA D 1364 33.02 -3.84 17.77
N TYR D 1365 31.73 -3.57 18.02
CA TYR D 1365 31.07 -4.12 19.19
C TYR D 1365 31.02 -5.64 19.13
N HIS D 1366 30.70 -6.19 17.95
CA HIS D 1366 30.65 -7.64 17.80
C HIS D 1366 32.02 -8.27 17.99
N SER D 1367 33.07 -7.62 17.48
CA SER D 1367 34.43 -8.12 17.64
C SER D 1367 34.85 -8.12 19.10
N GLU D 1368 34.51 -7.05 19.83
CA GLU D 1368 34.85 -6.99 21.25
C GLU D 1368 34.07 -8.05 22.02
N ARG D 1369 32.81 -8.27 21.65
CA ARG D 1369 32.02 -9.31 22.30
C ARG D 1369 32.63 -10.68 22.07
N LYS D 1370 33.07 -10.94 20.83
CA LYS D 1370 33.74 -12.20 20.53
C LYS D 1370 35.04 -12.34 21.30
N ARG D 1371 35.79 -11.24 21.43
CA ARG D 1371 37.03 -11.27 22.20
C ARG D 1371 36.76 -11.66 23.64
N GLN D 1372 35.74 -11.05 24.25
CA GLN D 1372 35.42 -11.34 25.64
C GLN D 1372 34.74 -12.68 25.86
N ARG D 1373 34.12 -13.25 24.82
CA ARG D 1373 33.40 -14.51 25.00
C ARG D 1373 34.27 -15.71 24.64
N ASP D 1374 34.78 -15.74 23.40
CA ASP D 1374 35.58 -16.89 22.97
C ASP D 1374 36.85 -17.03 23.77
N LEU D 1375 37.53 -15.91 24.05
CA LEU D 1375 38.74 -15.95 24.86
C LEU D 1375 38.40 -15.82 26.34
N GLY D 1376 37.60 -16.74 26.86
CA GLY D 1376 37.20 -16.72 28.24
C GLY D 1376 36.03 -15.80 28.51
N ALA E 2 36.26 24.90 8.14
CA ALA E 2 35.49 24.41 7.00
C ALA E 2 34.46 23.38 7.44
N ARG E 3 34.01 22.57 6.49
CA ARG E 3 33.06 21.50 6.76
C ARG E 3 33.82 20.24 7.15
N VAL E 4 33.10 19.26 7.71
CA VAL E 4 33.73 18.01 8.11
C VAL E 4 34.27 17.29 6.88
N THR E 5 35.59 17.10 6.85
CA THR E 5 36.23 16.49 5.70
C THR E 5 36.06 14.97 5.71
N VAL E 6 34.82 14.55 5.47
CA VAL E 6 34.51 13.12 5.39
C VAL E 6 35.05 12.49 4.12
N GLU E 7 35.67 13.28 3.23
CA GLU E 7 36.20 12.78 1.96
C GLU E 7 37.68 12.41 2.08
N ASP E 8 38.49 13.31 2.62
CA ASP E 8 39.93 13.06 2.72
C ASP E 8 40.30 12.29 3.97
N CYS E 9 39.63 12.57 5.10
CA CYS E 9 39.93 11.84 6.33
C CYS E 9 39.64 10.36 6.20
N LEU E 10 38.50 10.01 5.59
CA LEU E 10 38.17 8.60 5.39
C LEU E 10 39.13 7.95 4.39
N ASP E 11 39.77 8.74 3.53
CA ASP E 11 40.72 8.19 2.57
C ASP E 11 42.04 7.82 3.24
N ASN E 12 42.49 8.60 4.22
CA ASN E 12 43.75 8.30 4.89
C ASN E 12 43.67 7.00 5.67
N VAL E 13 42.63 6.84 6.50
CA VAL E 13 42.46 5.62 7.25
C VAL E 13 41.94 4.49 6.36
N ASP E 14 41.21 4.84 5.29
CA ASP E 14 40.72 3.87 4.31
C ASP E 14 39.79 2.84 4.93
N ASN E 15 39.08 3.21 5.99
CA ASN E 15 38.08 2.31 6.54
C ASN E 15 36.72 2.98 6.73
N ARG E 16 36.71 4.25 7.16
CA ARG E 16 35.53 5.12 7.23
C ARG E 16 34.57 4.70 8.34
N PHE E 17 34.77 3.54 8.96
CA PHE E 17 33.93 3.08 10.05
C PHE E 17 34.58 3.29 11.41
N GLU E 18 35.85 2.92 11.54
CA GLU E 18 36.62 3.34 12.71
C GLU E 18 36.66 4.85 12.82
N LEU E 19 36.55 5.54 11.69
CA LEU E 19 36.41 7.00 11.72
C LEU E 19 35.20 7.40 12.54
N VAL E 20 34.04 6.80 12.25
CA VAL E 20 32.83 7.12 12.99
C VAL E 20 32.96 6.70 14.45
N MET E 21 33.54 5.52 14.70
CA MET E 21 33.65 5.02 16.07
C MET E 21 34.50 5.95 16.93
N LEU E 22 35.71 6.27 16.45
CA LEU E 22 36.61 7.10 17.25
C LEU E 22 36.14 8.54 17.27
N ALA E 23 35.43 8.99 16.23
CA ALA E 23 34.83 10.31 16.26
C ALA E 23 33.75 10.40 17.33
N THR E 24 32.96 9.34 17.50
CA THR E 24 31.96 9.35 18.55
C THR E 24 32.61 9.28 19.93
N LYS E 25 33.68 8.51 20.04
CA LYS E 25 34.47 8.52 21.27
C LYS E 25 34.91 9.94 21.62
N ARG E 26 35.52 10.61 20.65
CA ARG E 26 36.04 11.97 20.87
C ARG E 26 34.91 12.94 21.17
N ALA E 27 33.78 12.82 20.47
CA ALA E 27 32.66 13.72 20.69
C ALA E 27 32.05 13.53 22.07
N ARG E 28 32.00 12.28 22.55
CA ARG E 28 31.52 12.06 23.91
C ARG E 28 32.48 12.61 24.94
N GLN E 29 33.79 12.46 24.72
CA GLN E 29 34.76 13.13 25.58
C GLN E 29 34.53 14.63 25.59
N LEU E 30 34.24 15.20 24.43
CA LEU E 30 34.10 16.65 24.32
C LEU E 30 32.84 17.14 25.00
N ALA E 31 31.74 16.41 24.85
CA ALA E 31 30.51 16.77 25.54
C ALA E 31 30.65 16.61 27.05
N THR E 32 31.41 15.59 27.48
CA THR E 32 31.69 15.42 28.90
C THR E 32 32.72 16.42 29.42
N GLY E 33 33.37 17.18 28.54
CA GLY E 33 34.33 18.18 28.95
C GLY E 33 35.67 17.64 29.39
N GLY E 34 35.95 16.37 29.15
CA GLY E 34 37.17 15.75 29.63
C GLY E 34 38.43 16.12 28.89
N LYS E 35 38.32 16.80 27.75
CA LYS E 35 39.48 17.23 26.99
C LYS E 35 39.18 18.59 26.38
N GLU E 36 40.18 19.16 25.70
CA GLU E 36 40.08 20.45 25.05
C GLU E 36 40.02 20.24 23.55
N PRO E 37 39.20 21.01 22.84
CA PRO E 37 39.21 20.95 21.38
C PRO E 37 40.55 21.34 20.79
N LYS E 38 41.23 20.38 20.15
CA LYS E 38 42.53 20.67 19.56
C LYS E 38 42.44 21.69 18.44
N VAL E 39 41.27 21.82 17.82
CA VAL E 39 41.01 22.88 16.87
C VAL E 39 40.13 23.91 17.55
N ALA E 40 40.44 25.19 17.35
CA ALA E 40 39.69 26.27 17.95
C ALA E 40 38.24 26.23 17.48
N TRP E 41 37.32 26.40 18.43
CA TRP E 41 35.89 26.33 18.12
C TRP E 41 35.49 27.43 17.16
N GLU E 42 34.66 27.09 16.18
CA GLU E 42 34.04 28.09 15.32
C GLU E 42 32.52 27.95 15.38
N ASN E 43 32.02 27.78 16.60
CA ASN E 43 30.59 27.74 16.91
C ASN E 43 29.91 26.58 16.16
N ASP E 44 30.30 25.36 16.55
CA ASP E 44 29.71 24.15 16.02
C ASP E 44 29.34 23.22 17.17
N LYS E 45 28.49 22.25 16.86
CA LYS E 45 28.11 21.26 17.86
C LYS E 45 29.14 20.14 17.93
N PRO E 46 29.06 19.30 18.96
CA PRO E 46 30.17 18.37 19.25
C PRO E 46 30.53 17.43 18.11
N THR E 47 29.54 16.93 17.37
CA THR E 47 29.83 15.96 16.31
C THR E 47 30.70 16.58 15.22
N VAL E 48 30.31 17.78 14.76
CA VAL E 48 31.04 18.40 13.65
C VAL E 48 32.46 18.75 14.07
N VAL E 49 32.63 19.31 15.27
CA VAL E 49 33.98 19.67 15.69
C VAL E 49 34.82 18.42 15.92
N ALA E 50 34.22 17.35 16.42
CA ALA E 50 34.96 16.08 16.52
C ALA E 50 35.43 15.64 15.14
N LEU E 51 34.55 15.74 14.14
CA LEU E 51 34.94 15.34 12.79
C LEU E 51 36.07 16.18 12.24
N ARG E 52 36.05 17.50 12.48
CA ARG E 52 37.15 18.32 11.97
C ARG E 52 38.44 18.08 12.74
N GLU E 53 38.36 17.71 14.02
CA GLU E 53 39.56 17.26 14.71
C GLU E 53 40.10 15.98 14.08
N ILE E 54 39.22 15.07 13.67
CA ILE E 54 39.71 13.90 12.94
C ILE E 54 40.38 14.32 11.64
N ALA E 55 39.76 15.27 10.93
CA ALA E 55 40.25 15.66 9.61
C ALA E 55 41.62 16.30 9.69
N SER E 56 41.81 17.20 10.66
CA SER E 56 43.08 17.91 10.79
C SER E 56 44.22 17.03 11.25
N GLY E 57 43.93 15.81 11.71
CA GLY E 57 44.98 14.92 12.15
C GLY E 57 45.56 15.25 13.49
N LEU E 58 44.99 16.23 14.20
CA LEU E 58 45.46 16.56 15.54
C LEU E 58 45.04 15.53 16.57
N VAL E 59 43.97 14.78 16.31
CA VAL E 59 43.50 13.75 17.23
C VAL E 59 43.40 12.44 16.46
N ASP E 60 43.84 11.35 17.12
CA ASP E 60 43.83 10.02 16.54
C ASP E 60 43.34 9.04 17.60
N GLU E 61 43.29 7.76 17.23
CA GLU E 61 42.96 6.73 18.21
C GLU E 61 44.02 6.66 19.30
N ASN E 62 45.30 6.74 18.92
CA ASN E 62 46.37 6.74 19.91
C ASN E 62 46.29 7.98 20.81
N VAL E 63 46.03 9.14 20.21
CA VAL E 63 45.96 10.36 21.00
C VAL E 63 44.76 10.34 21.94
N VAL E 64 43.61 9.87 21.46
CA VAL E 64 42.43 9.77 22.32
C VAL E 64 42.63 8.75 23.42
N GLN E 65 43.30 7.63 23.12
CA GLN E 65 43.55 6.62 24.14
C GLN E 65 44.52 7.13 25.19
N GLN E 66 45.57 7.85 24.78
CA GLN E 66 46.47 8.46 25.75
C GLN E 66 45.75 9.49 26.58
N GLU E 67 44.85 10.27 25.96
CA GLU E 67 44.01 11.19 26.71
C GLU E 67 42.99 10.45 27.55
N ASP E 68 42.73 9.19 27.25
CA ASP E 68 41.77 8.39 28.00
C ASP E 68 42.45 7.68 29.17
N ARG F 95 -11.58 -40.20 3.48
CA ARG F 95 -10.85 -39.53 4.54
C ARG F 95 -11.53 -38.21 4.93
N THR F 96 -12.82 -38.29 5.26
CA THR F 96 -13.57 -37.10 5.64
C THR F 96 -12.97 -36.48 6.90
N THR F 97 -12.75 -35.16 6.86
CA THR F 97 -12.20 -34.47 8.00
C THR F 97 -13.27 -33.85 8.89
N ASP F 98 -14.53 -33.88 8.45
CA ASP F 98 -15.62 -33.28 9.21
C ASP F 98 -15.94 -34.14 10.44
N PRO F 99 -15.75 -33.61 11.64
CA PRO F 99 -16.11 -34.39 12.84
C PRO F 99 -17.60 -34.69 12.95
N VAL F 100 -18.45 -33.78 12.49
CA VAL F 100 -19.89 -34.03 12.55
C VAL F 100 -20.22 -35.24 11.68
N ARG F 101 -19.55 -35.34 10.52
CA ARG F 101 -19.80 -36.44 9.60
C ARG F 101 -19.50 -37.78 10.24
N MET F 102 -18.36 -37.88 10.93
CA MET F 102 -18.03 -39.15 11.56
C MET F 102 -18.87 -39.41 12.79
N TYR F 103 -19.34 -38.36 13.47
CA TYR F 103 -20.33 -38.58 14.53
C TYR F 103 -21.60 -39.21 13.96
N MET F 104 -22.07 -38.69 12.82
CA MET F 104 -23.24 -39.27 12.17
C MET F 104 -22.97 -40.71 11.75
N ARG F 105 -21.79 -40.98 11.20
CA ARG F 105 -21.44 -42.33 10.78
C ARG F 105 -21.46 -43.30 11.95
N GLU F 106 -20.74 -42.97 13.03
CA GLU F 106 -20.61 -43.89 14.15
C GLU F 106 -21.93 -44.06 14.88
N MET F 107 -22.70 -42.98 15.03
CA MET F 107 -24.00 -43.09 15.68
C MET F 107 -25.05 -43.69 14.77
N GLY F 108 -24.93 -43.51 13.45
CA GLY F 108 -25.97 -43.93 12.52
C GLY F 108 -26.19 -45.42 12.46
N THR F 109 -25.28 -46.21 13.03
CA THR F 109 -25.43 -47.67 13.04
C THR F 109 -26.64 -48.08 13.88
N VAL F 110 -26.82 -47.47 15.05
CA VAL F 110 -27.97 -47.84 15.89
C VAL F 110 -29.25 -47.25 15.30
N GLU F 111 -30.37 -47.90 15.62
CA GLU F 111 -31.66 -47.50 15.10
C GLU F 111 -32.59 -47.17 16.27
N LEU F 112 -33.71 -46.52 15.93
CA LEU F 112 -34.71 -46.19 16.92
C LEU F 112 -35.47 -47.44 17.35
N LEU F 113 -36.45 -47.25 18.23
CA LEU F 113 -37.29 -48.34 18.69
C LEU F 113 -38.61 -47.77 19.16
N THR F 114 -39.68 -48.52 18.95
CA THR F 114 -41.01 -48.06 19.36
C THR F 114 -41.11 -48.05 20.89
N ARG F 115 -42.17 -47.41 21.39
CA ARG F 115 -42.26 -47.13 22.82
C ARG F 115 -42.24 -48.37 23.68
N GLU F 116 -42.68 -49.52 23.16
CA GLU F 116 -42.55 -50.76 23.93
C GLU F 116 -41.08 -51.11 24.14
N GLY F 117 -40.22 -50.75 23.18
CA GLY F 117 -38.79 -50.92 23.39
C GLY F 117 -38.26 -50.04 24.51
N GLU F 118 -38.75 -48.80 24.58
CA GLU F 118 -38.37 -47.93 25.69
C GLU F 118 -38.87 -48.51 27.01
N ILE F 119 -40.07 -49.07 27.02
CA ILE F 119 -40.59 -49.72 28.22
C ILE F 119 -39.69 -50.88 28.63
N GLU F 120 -39.26 -51.68 27.65
CA GLU F 120 -38.37 -52.80 27.96
C GLU F 120 -37.04 -52.33 28.50
N ILE F 121 -36.48 -51.25 27.93
CA ILE F 121 -35.20 -50.73 28.42
C ILE F 121 -35.35 -50.20 29.84
N ALA F 122 -36.45 -49.51 30.11
CA ALA F 122 -36.71 -49.06 31.48
C ALA F 122 -36.90 -50.23 32.42
N LYS F 123 -37.51 -51.33 31.93
CA LYS F 123 -37.62 -52.54 32.72
C LYS F 123 -36.24 -53.11 33.04
N ARG F 124 -35.33 -53.07 32.08
CA ARG F 124 -33.96 -53.52 32.33
C ARG F 124 -33.28 -52.65 33.38
N ILE F 125 -33.49 -51.34 33.30
CA ILE F 125 -32.92 -50.44 34.31
C ILE F 125 -33.48 -50.78 35.69
N GLU F 126 -34.79 -51.01 35.75
CA GLU F 126 -35.43 -51.36 37.02
C GLU F 126 -34.91 -52.69 37.54
N GLU F 127 -34.71 -53.67 36.65
CA GLU F 127 -34.15 -54.95 37.05
C GLU F 127 -32.76 -54.79 37.64
N GLY F 128 -31.92 -53.99 36.99
CA GLY F 128 -30.57 -53.78 37.51
C GLY F 128 -30.57 -53.11 38.87
N ILE F 129 -31.39 -52.06 39.03
CA ILE F 129 -31.39 -51.35 40.30
C ILE F 129 -32.01 -52.22 41.40
N ARG F 130 -32.99 -53.05 41.04
CA ARG F 130 -33.54 -54.01 42.01
C ARG F 130 -32.48 -55.02 42.43
N GLU F 131 -31.69 -55.50 41.48
CA GLU F 131 -30.62 -56.46 41.83
C GLU F 131 -29.60 -55.83 42.76
N VAL F 132 -29.14 -54.61 42.45
CA VAL F 132 -28.13 -53.99 43.30
C VAL F 132 -28.72 -53.65 44.67
N MET F 133 -29.99 -53.25 44.73
CA MET F 133 -30.60 -52.95 46.03
C MET F 133 -30.77 -54.23 46.85
N SER F 134 -31.16 -55.33 46.21
CA SER F 134 -31.23 -56.61 46.92
C SER F 134 -29.87 -57.04 47.42
N ALA F 135 -28.80 -56.78 46.65
CA ALA F 135 -27.46 -57.02 47.15
C ALA F 135 -27.18 -56.16 48.37
N ILE F 136 -27.56 -54.88 48.31
CA ILE F 136 -27.36 -53.97 49.43
C ILE F 136 -28.07 -54.49 50.68
N ALA F 137 -29.20 -55.18 50.48
CA ALA F 137 -29.96 -55.71 51.62
C ALA F 137 -29.15 -56.70 52.45
N GLN F 138 -28.18 -57.38 51.84
CA GLN F 138 -27.37 -58.37 52.55
C GLN F 138 -26.23 -57.74 53.33
N PHE F 139 -26.17 -56.42 53.39
CA PHE F 139 -25.21 -55.67 54.19
C PHE F 139 -25.94 -55.06 55.37
N PRO F 140 -25.73 -55.57 56.59
CA PRO F 140 -26.50 -55.08 57.74
C PRO F 140 -26.32 -53.59 58.00
N GLY F 141 -25.11 -53.06 57.76
CA GLY F 141 -24.89 -51.65 57.97
C GLY F 141 -25.75 -50.78 57.09
N THR F 142 -25.92 -51.16 55.83
CA THR F 142 -26.74 -50.36 54.91
C THR F 142 -28.20 -50.38 55.34
N VAL F 143 -28.69 -51.53 55.78
CA VAL F 143 -30.08 -51.63 56.20
C VAL F 143 -30.29 -50.86 57.50
N ASP F 144 -29.33 -50.93 58.42
CA ASP F 144 -29.42 -50.10 59.62
C ASP F 144 -29.40 -48.62 59.27
N SER F 145 -28.62 -48.25 58.24
CA SER F 145 -28.58 -46.85 57.82
C SER F 145 -29.91 -46.41 57.22
N ILE F 146 -30.56 -47.28 56.44
CA ILE F 146 -31.86 -46.91 55.90
C ILE F 146 -32.89 -46.82 57.03
N LEU F 147 -32.78 -47.68 58.04
CA LEU F 147 -33.63 -47.52 59.22
C LEU F 147 -33.37 -46.19 59.91
N ALA F 148 -32.10 -45.78 60.01
CA ALA F 148 -31.78 -44.49 60.61
C ALA F 148 -32.36 -43.33 59.80
N ASP F 149 -32.30 -43.44 58.48
CA ASP F 149 -32.89 -42.40 57.64
C ASP F 149 -34.40 -42.35 57.82
N TYR F 150 -35.04 -43.51 57.97
CA TYR F 150 -36.46 -43.53 58.33
C TYR F 150 -36.71 -42.92 59.69
N ASN F 151 -35.83 -43.16 60.66
CA ASN F 151 -35.98 -42.54 61.98
C ASN F 151 -35.92 -41.03 61.86
N ARG F 152 -35.02 -40.52 61.02
CA ARG F 152 -34.99 -39.10 60.71
C ARG F 152 -36.30 -38.65 60.08
N ILE F 153 -36.85 -39.48 59.19
CA ILE F 153 -38.14 -39.17 58.56
C ILE F 153 -39.21 -38.98 59.62
N VAL F 154 -39.32 -39.93 60.55
CA VAL F 154 -40.32 -39.86 61.60
C VAL F 154 -40.06 -38.66 62.51
N ALA F 155 -38.79 -38.47 62.88
CA ALA F 155 -38.38 -37.31 63.68
C ALA F 155 -38.27 -36.04 62.86
N GLU F 156 -38.75 -36.09 61.62
CA GLU F 156 -38.78 -34.95 60.70
C GLU F 156 -37.37 -34.46 60.37
N GLY F 157 -36.36 -35.30 60.57
CA GLY F 157 -35.02 -34.99 60.11
C GLY F 157 -34.80 -35.23 58.64
N GLY F 158 -35.77 -35.85 57.97
CA GLY F 158 -35.73 -36.03 56.54
C GLY F 158 -37.12 -35.94 55.96
N ARG F 159 -37.19 -35.67 54.66
CA ARG F 159 -38.44 -35.48 53.97
C ARG F 159 -38.78 -36.73 53.16
N LEU F 160 -40.08 -36.84 52.82
CA LEU F 160 -40.52 -37.98 52.02
C LEU F 160 -39.90 -37.96 50.63
N SER F 161 -39.76 -36.77 50.04
CA SER F 161 -39.19 -36.62 48.71
C SER F 161 -37.67 -36.69 48.70
N ASP F 162 -37.02 -36.70 49.87
CA ASP F 162 -35.58 -36.77 49.94
C ASP F 162 -35.05 -38.15 50.31
N VAL F 163 -35.92 -39.15 50.46
CA VAL F 163 -35.53 -40.50 50.84
C VAL F 163 -36.04 -41.54 49.85
N LEU F 164 -37.35 -41.56 49.62
CA LEU F 164 -38.00 -42.61 48.85
C LEU F 164 -38.33 -42.14 47.44
N SER F 165 -38.49 -43.10 46.53
CA SER F 165 -38.84 -42.84 45.14
C SER F 165 -39.90 -43.82 44.66
N GLY F 166 -40.88 -44.11 45.51
CA GLY F 166 -41.97 -45.00 45.11
C GLY F 166 -41.58 -46.47 45.13
N TYR F 167 -42.49 -47.28 44.59
CA TYR F 167 -42.31 -48.73 44.54
C TYR F 167 -42.64 -49.20 43.12
N ILE F 168 -42.71 -50.51 42.93
CA ILE F 168 -43.03 -51.08 41.63
C ILE F 168 -44.50 -50.83 41.30
N ASP F 217 -47.33 -42.04 49.79
CA ASP F 217 -47.80 -41.92 51.16
C ASP F 217 -46.83 -42.58 52.13
N PRO F 218 -46.59 -41.94 53.27
CA PRO F 218 -45.62 -42.47 54.24
C PRO F 218 -46.14 -43.64 55.07
N GLU F 219 -47.44 -43.93 55.05
CA GLU F 219 -47.99 -44.99 55.90
C GLU F 219 -47.63 -46.37 55.35
N GLU F 220 -47.70 -46.55 54.04
CA GLU F 220 -47.22 -47.79 53.44
C GLU F 220 -45.73 -47.96 53.72
N ALA F 221 -44.98 -46.86 53.72
CA ALA F 221 -43.58 -46.91 54.13
C ALA F 221 -43.44 -47.36 55.57
N ARG F 222 -44.30 -46.84 56.46
CA ARG F 222 -44.29 -47.28 57.84
C ARG F 222 -44.44 -48.79 57.94
N LEU F 223 -45.44 -49.33 57.25
CA LEU F 223 -45.70 -50.76 57.32
C LEU F 223 -44.54 -51.57 56.76
N ARG F 224 -44.01 -51.14 55.60
CA ARG F 224 -42.94 -51.88 54.97
C ARG F 224 -41.67 -51.87 55.81
N PHE F 225 -41.32 -50.74 56.41
CA PHE F 225 -40.11 -50.70 57.21
C PHE F 225 -40.30 -51.37 58.57
N THR F 226 -41.52 -51.38 59.11
CA THR F 226 -41.76 -52.22 60.29
C THR F 226 -41.55 -53.68 59.95
N ALA F 227 -42.04 -54.13 58.80
CA ALA F 227 -41.83 -55.52 58.38
C ALA F 227 -40.35 -55.81 58.18
N VAL F 228 -39.62 -54.89 57.54
CA VAL F 228 -38.20 -55.13 57.29
C VAL F 228 -37.42 -55.14 58.59
N SER F 229 -37.82 -54.31 59.57
CA SER F 229 -37.13 -54.32 60.86
C SER F 229 -37.42 -55.60 61.63
N GLU F 230 -38.65 -56.10 61.57
CA GLU F 230 -38.95 -57.38 62.18
C GLU F 230 -38.14 -58.50 61.55
N GLN F 231 -38.03 -58.48 60.22
CA GLN F 231 -37.18 -59.45 59.52
C GLN F 231 -35.73 -59.33 59.97
N LEU F 232 -35.24 -58.10 60.13
CA LEU F 232 -33.87 -57.88 60.58
C LEU F 232 -33.65 -58.47 61.96
N ASP F 233 -34.57 -58.20 62.89
CA ASP F 233 -34.43 -58.70 64.24
C ASP F 233 -34.48 -60.21 64.29
N LYS F 234 -35.40 -60.82 63.55
CA LYS F 234 -35.49 -62.28 63.56
C LYS F 234 -34.26 -62.91 62.90
N ALA F 235 -33.68 -62.24 61.90
CA ALA F 235 -32.42 -62.73 61.32
C ALA F 235 -31.27 -62.61 62.31
N LYS F 236 -31.20 -61.49 63.04
CA LYS F 236 -30.10 -61.29 63.99
C LYS F 236 -30.20 -62.24 65.17
N LYS F 237 -31.42 -62.61 65.56
CA LYS F 237 -31.59 -63.46 66.73
C LYS F 237 -30.92 -64.81 66.56
N ALA F 238 -30.99 -65.40 65.37
CA ALA F 238 -30.47 -66.73 65.10
C ALA F 238 -29.30 -66.72 64.13
N LEU F 239 -28.39 -65.76 64.30
CA LEU F 239 -27.19 -65.68 63.48
C LEU F 239 -26.34 -66.94 63.61
N LYS F 247 -26.85 -70.86 58.89
CA LYS F 247 -27.90 -71.86 58.69
C LYS F 247 -29.21 -71.21 58.30
N GLN F 248 -30.16 -71.18 59.25
CA GLN F 248 -31.45 -70.53 58.98
C GLN F 248 -31.29 -69.02 58.87
N ALA F 249 -30.20 -68.48 59.42
CA ALA F 249 -29.94 -67.05 59.26
C ALA F 249 -29.75 -66.67 57.80
N THR F 250 -29.13 -67.54 57.01
CA THR F 250 -28.98 -67.27 55.58
C THR F 250 -30.33 -67.17 54.90
N ALA F 251 -31.25 -68.09 55.22
CA ALA F 251 -32.60 -67.99 54.70
C ALA F 251 -33.28 -66.71 55.16
N GLU F 252 -33.04 -66.30 56.41
CA GLU F 252 -33.62 -65.07 56.91
C GLU F 252 -33.11 -63.85 56.15
N LEU F 253 -31.81 -63.82 55.84
CA LEU F 253 -31.29 -62.71 55.02
C LEU F 253 -31.81 -62.77 53.59
N THR F 254 -32.02 -63.97 53.04
CA THR F 254 -32.62 -64.04 51.70
C THR F 254 -34.03 -63.46 51.71
N GLY F 255 -34.82 -63.78 52.75
CA GLY F 255 -36.13 -63.16 52.88
C GLY F 255 -36.03 -61.65 53.08
N LEU F 256 -35.01 -61.20 53.81
CA LEU F 256 -34.78 -59.77 53.99
C LEU F 256 -34.51 -59.10 52.65
N ALA F 257 -33.68 -59.71 51.82
CA ALA F 257 -33.41 -59.18 50.49
C ALA F 257 -34.67 -59.18 49.63
N GLU F 258 -35.49 -60.22 49.76
CA GLU F 258 -36.76 -60.26 49.04
C GLU F 258 -37.66 -59.10 49.44
N LEU F 259 -37.74 -58.82 50.74
CA LEU F 259 -38.61 -57.74 51.23
C LEU F 259 -38.08 -56.36 50.86
N PHE F 260 -36.77 -56.14 51.00
CA PHE F 260 -36.20 -54.83 50.67
C PHE F 260 -36.05 -54.66 49.17
N MET F 261 -36.21 -55.73 48.42
CA MET F 261 -36.02 -55.69 46.97
C MET F 261 -36.95 -54.72 46.27
N PRO F 262 -38.27 -54.70 46.51
CA PRO F 262 -39.13 -53.75 45.78
C PRO F 262 -38.87 -52.29 46.12
N ILE F 263 -38.26 -51.98 47.25
CA ILE F 263 -38.14 -50.59 47.69
C ILE F 263 -37.23 -49.81 46.75
N LYS F 264 -37.52 -48.51 46.63
CA LYS F 264 -36.75 -47.59 45.79
C LYS F 264 -36.45 -46.33 46.60
N LEU F 265 -35.26 -45.77 46.41
CA LEU F 265 -34.80 -44.66 47.24
C LEU F 265 -34.21 -43.55 46.36
N VAL F 266 -34.02 -42.40 46.97
CA VAL F 266 -33.46 -41.19 46.34
C VAL F 266 -32.00 -41.45 45.99
N PRO F 267 -31.50 -40.93 44.86
CA PRO F 267 -30.12 -41.25 44.44
C PRO F 267 -29.05 -40.91 45.46
N LYS F 268 -29.25 -39.89 46.30
CA LYS F 268 -28.22 -39.55 47.28
C LYS F 268 -27.94 -40.71 48.23
N GLN F 269 -28.99 -41.34 48.74
CA GLN F 269 -28.80 -42.51 49.58
C GLN F 269 -28.18 -43.66 48.78
N PHE F 270 -28.51 -43.75 47.49
CA PHE F 270 -27.88 -44.76 46.64
C PHE F 270 -26.36 -44.58 46.60
N ASP F 271 -25.91 -43.35 46.36
CA ASP F 271 -24.47 -43.09 46.34
C ASP F 271 -23.86 -43.31 47.72
N ALA F 272 -24.61 -43.03 48.78
CA ALA F 272 -24.09 -43.29 50.13
C ALA F 272 -23.87 -44.79 50.35
N LEU F 273 -24.84 -45.61 49.95
CA LEU F 273 -24.70 -47.06 50.10
C LEU F 273 -23.52 -47.56 49.26
N VAL F 274 -23.40 -47.05 48.03
CA VAL F 274 -22.29 -47.43 47.17
C VAL F 274 -20.97 -47.03 47.81
N ALA F 275 -20.90 -45.83 48.38
CA ALA F 275 -19.67 -45.38 49.02
C ALA F 275 -19.29 -46.30 50.18
N ARG F 276 -20.28 -46.70 50.98
CA ARG F 276 -19.98 -47.60 52.10
C ARG F 276 -19.42 -48.94 51.61
N VAL F 277 -20.09 -49.54 50.63
CA VAL F 277 -19.66 -50.87 50.20
C VAL F 277 -18.29 -50.80 49.51
N ARG F 278 -18.07 -49.77 48.69
CA ARG F 278 -16.77 -49.64 48.03
C ARG F 278 -15.68 -49.25 49.02
N SER F 279 -16.02 -48.59 50.13
CA SER F 279 -15.02 -48.32 51.14
C SER F 279 -14.61 -49.60 51.87
N ALA F 280 -15.57 -50.49 52.14
CA ALA F 280 -15.22 -51.79 52.69
C ALA F 280 -14.33 -52.57 51.73
N LEU F 281 -14.68 -52.55 50.44
CA LEU F 281 -13.85 -53.18 49.42
C LEU F 281 -12.46 -52.56 49.38
N GLU F 282 -12.37 -51.24 49.48
CA GLU F 282 -11.08 -50.56 49.44
C GLU F 282 -10.21 -50.94 50.63
N GLY F 283 -10.82 -51.08 51.81
CA GLY F 283 -10.06 -51.53 52.97
C GLY F 283 -9.51 -52.94 52.77
N VAL F 284 -10.36 -53.85 52.28
CA VAL F 284 -9.90 -55.22 52.05
C VAL F 284 -8.78 -55.24 51.01
N ARG F 285 -8.95 -54.48 49.93
CA ARG F 285 -7.95 -54.43 48.87
C ARG F 285 -6.64 -53.83 49.37
N ALA F 286 -6.73 -52.77 50.20
CA ALA F 286 -5.52 -52.17 50.74
C ALA F 286 -4.77 -53.14 51.64
N GLN F 287 -5.50 -53.93 52.44
CA GLN F 287 -4.83 -54.96 53.23
C GLN F 287 -4.14 -55.98 52.32
N GLU F 288 -4.82 -56.37 51.23
CA GLU F 288 -4.20 -57.27 50.26
C GLU F 288 -2.89 -56.70 49.74
N ARG F 289 -2.92 -55.45 49.27
CA ARG F 289 -1.72 -54.83 48.71
C ARG F 289 -0.61 -54.71 49.74
N ALA F 290 -0.96 -54.34 50.97
CA ALA F 290 0.04 -54.19 52.02
C ALA F 290 0.74 -55.52 52.29
N ILE F 291 -0.03 -56.58 52.53
CA ILE F 291 0.57 -57.88 52.80
C ILE F 291 1.39 -58.33 51.61
N MET F 292 0.88 -58.09 50.39
CA MET F 292 1.56 -58.56 49.19
C MET F 292 2.90 -57.87 49.01
N GLN F 293 2.93 -56.55 49.10
CA GLN F 293 4.18 -55.83 48.95
C GLN F 293 5.16 -56.24 50.04
N LEU F 294 4.67 -56.36 51.28
CA LEU F 294 5.52 -56.80 52.38
C LEU F 294 6.22 -58.11 52.04
N CYS F 295 5.44 -59.18 51.88
CA CYS F 295 6.03 -60.52 51.75
C CYS F 295 6.86 -60.64 50.47
N VAL F 296 6.33 -60.15 49.34
CA VAL F 296 7.04 -60.29 48.06
C VAL F 296 8.36 -59.51 48.08
N ARG F 297 8.34 -58.27 48.59
CA ARG F 297 9.52 -57.42 48.45
C ARG F 297 10.48 -57.60 49.62
N ASP F 298 10.09 -58.33 50.66
CA ASP F 298 11.02 -58.59 51.75
C ASP F 298 11.45 -60.05 51.84
N ALA F 299 10.51 -60.98 51.94
CA ALA F 299 10.85 -62.38 52.16
C ALA F 299 11.06 -63.17 50.87
N ARG F 300 10.79 -62.57 49.71
CA ARG F 300 10.96 -63.22 48.41
C ARG F 300 10.10 -64.48 48.30
N MET F 301 8.98 -64.51 49.02
CA MET F 301 8.14 -65.70 49.06
C MET F 301 7.41 -65.84 47.73
N PRO F 302 7.34 -67.04 47.16
CA PRO F 302 6.94 -67.20 45.75
C PRO F 302 5.51 -66.77 45.50
N ARG F 303 5.26 -66.24 44.29
CA ARG F 303 3.93 -65.76 43.94
C ARG F 303 2.95 -66.90 43.72
N ALA F 304 3.44 -68.09 43.36
CA ALA F 304 2.55 -69.22 43.14
C ALA F 304 1.85 -69.63 44.42
N ASP F 305 2.61 -69.89 45.49
CA ASP F 305 2.00 -70.23 46.77
C ASP F 305 1.19 -69.05 47.31
N PHE F 306 1.65 -67.84 47.03
CA PHE F 306 0.86 -66.64 47.29
C PHE F 306 -0.55 -66.74 46.75
N LEU F 307 -0.69 -66.94 45.45
CA LEU F 307 -2.01 -66.92 44.85
C LEU F 307 -2.74 -68.24 44.99
N ARG F 308 -2.07 -69.26 45.52
CA ARG F 308 -2.70 -70.55 45.78
C ARG F 308 -3.33 -70.62 47.17
N LEU F 309 -2.52 -70.37 48.21
CA LEU F 309 -2.93 -70.73 49.56
C LEU F 309 -3.54 -69.55 50.32
N PHE F 310 -2.97 -68.35 50.19
CA PHE F 310 -3.45 -67.20 50.94
C PHE F 310 -4.90 -66.85 50.60
N PRO F 311 -5.29 -66.67 49.34
CA PRO F 311 -6.53 -65.95 49.03
C PRO F 311 -7.77 -66.50 49.73
N ASN F 312 -8.72 -65.60 49.95
CA ASN F 312 -10.08 -65.84 50.44
C ASN F 312 -10.13 -66.07 51.95
N HIS F 313 -8.99 -66.16 52.63
CA HIS F 313 -9.05 -66.21 54.09
C HIS F 313 -8.67 -64.88 54.71
N GLU F 314 -7.41 -64.47 54.54
CA GLU F 314 -6.93 -63.12 54.84
C GLU F 314 -7.11 -62.70 56.30
N THR F 315 -7.64 -63.59 57.14
CA THR F 315 -8.02 -63.20 58.49
C THR F 315 -7.50 -64.13 59.59
N ASP F 316 -7.26 -65.40 59.30
CA ASP F 316 -6.83 -66.34 60.32
C ASP F 316 -5.35 -66.64 60.18
N GLU F 317 -4.76 -67.11 61.28
CA GLU F 317 -3.34 -67.47 61.31
C GLU F 317 -3.07 -68.78 60.58
N LYS F 318 -4.08 -69.37 59.94
CA LYS F 318 -3.89 -70.64 59.26
C LYS F 318 -2.89 -70.53 58.12
N TRP F 319 -2.99 -69.46 57.33
CA TRP F 319 -2.11 -69.33 56.17
C TRP F 319 -0.68 -69.02 56.57
N VAL F 320 -0.49 -68.15 57.57
CA VAL F 320 0.86 -67.84 58.05
C VAL F 320 1.52 -69.11 58.58
N ASP F 321 0.79 -69.86 59.41
CA ASP F 321 1.33 -71.09 59.97
C ASP F 321 1.60 -72.13 58.90
N SER F 322 0.73 -72.24 57.90
CA SER F 322 0.93 -73.21 56.82
C SER F 322 2.18 -72.88 56.02
N VAL F 323 2.37 -71.61 55.68
CA VAL F 323 3.58 -71.21 54.97
C VAL F 323 4.81 -71.45 55.83
N LEU F 324 4.71 -71.19 57.14
CA LEU F 324 5.83 -71.45 58.03
C LEU F 324 6.18 -72.93 58.07
N LYS F 325 5.17 -73.80 58.09
CA LYS F 325 5.40 -75.23 58.08
C LYS F 325 5.87 -75.76 56.74
N SER F 326 5.61 -75.04 55.64
CA SER F 326 6.14 -75.44 54.35
C SER F 326 7.66 -75.45 54.32
N LYS F 327 8.30 -74.71 55.22
CA LYS F 327 9.73 -74.67 55.45
C LYS F 327 10.58 -74.27 54.23
N PRO F 328 10.31 -73.12 53.59
CA PRO F 328 11.36 -72.50 52.77
C PRO F 328 12.10 -71.44 53.57
N LYS F 329 13.24 -70.96 53.06
CA LYS F 329 13.92 -69.84 53.71
C LYS F 329 13.05 -68.61 53.72
N TYR F 330 12.14 -68.49 52.75
CA TYR F 330 11.24 -67.34 52.71
C TYR F 330 10.32 -67.33 53.92
N ALA F 331 9.83 -68.50 54.35
CA ALA F 331 9.06 -68.55 55.58
C ALA F 331 9.90 -68.18 56.79
N GLU F 332 11.19 -68.49 56.76
CA GLU F 332 12.09 -68.06 57.83
C GLU F 332 12.22 -66.54 57.86
N ALA F 333 12.30 -65.90 56.70
CA ALA F 333 12.32 -64.43 56.65
C ALA F 333 10.96 -63.82 56.99
N ILE F 334 9.88 -64.58 56.82
CA ILE F 334 8.54 -64.08 57.15
C ILE F 334 8.43 -63.79 58.64
N GLU F 335 9.16 -64.56 59.47
CA GLU F 335 9.02 -64.43 60.92
C GLU F 335 9.31 -63.02 61.40
N ARG F 336 10.13 -62.26 60.67
CA ARG F 336 10.32 -60.86 61.02
C ARG F 336 9.09 -60.00 60.73
N LEU F 337 8.23 -60.46 59.82
CA LEU F 337 7.05 -59.70 59.41
C LEU F 337 5.76 -60.29 59.95
N ARG F 338 5.83 -61.18 60.95
CA ARG F 338 4.61 -61.72 61.53
C ARG F 338 3.77 -60.63 62.19
N ASP F 339 4.43 -59.73 62.93
CA ASP F 339 3.70 -58.78 63.78
C ASP F 339 2.83 -57.85 62.94
N ASP F 340 3.39 -57.19 61.94
CA ASP F 340 2.65 -56.20 61.17
C ASP F 340 1.51 -56.86 60.38
N ILE F 341 1.80 -57.99 59.74
CA ILE F 341 0.77 -58.70 58.99
C ILE F 341 -0.37 -59.13 59.90
N LEU F 342 -0.02 -59.65 61.09
CA LEU F 342 -1.05 -60.15 62.00
C LEU F 342 -1.88 -59.00 62.58
N ARG F 343 -1.25 -57.84 62.85
CA ARG F 343 -2.04 -56.74 63.38
C ARG F 343 -2.90 -56.10 62.30
N ASN F 344 -2.46 -56.13 61.04
CA ASN F 344 -3.33 -55.68 59.95
C ASN F 344 -4.50 -56.63 59.76
N GLN F 345 -4.25 -57.93 59.87
CA GLN F 345 -5.34 -58.90 59.79
C GLN F 345 -6.27 -58.80 60.99
N GLN F 346 -5.76 -58.33 62.14
CA GLN F 346 -6.65 -58.04 63.26
C GLN F 346 -7.59 -56.89 62.92
N LYS F 347 -7.09 -55.86 62.24
CA LYS F 347 -7.98 -54.79 61.77
C LYS F 347 -8.98 -55.30 60.76
N LEU F 348 -8.55 -56.20 59.87
CA LEU F 348 -9.49 -56.80 58.93
C LEU F 348 -10.56 -57.61 59.65
N ALA F 349 -10.17 -58.35 60.69
CA ALA F 349 -11.14 -59.10 61.48
C ALA F 349 -12.09 -58.17 62.20
N ALA F 350 -11.59 -57.03 62.68
CA ALA F 350 -12.47 -56.03 63.29
C ALA F 350 -13.47 -55.50 62.27
N LEU F 351 -13.02 -55.24 61.05
CA LEU F 351 -13.92 -54.79 59.99
C LEU F 351 -14.98 -55.85 59.70
N GLU F 352 -14.57 -57.11 59.67
CA GLU F 352 -15.52 -58.21 59.43
C GLU F 352 -16.53 -58.30 60.56
N SER F 353 -16.08 -58.20 61.81
CA SER F 353 -16.99 -58.25 62.94
C SER F 353 -17.93 -57.04 62.96
N GLU F 354 -17.50 -55.92 62.37
CA GLU F 354 -18.43 -54.80 62.19
C GLU F 354 -19.54 -55.17 61.24
N VAL F 355 -19.21 -55.90 60.16
CA VAL F 355 -20.19 -56.22 59.12
C VAL F 355 -20.79 -57.61 59.31
N GLU F 356 -20.35 -58.36 60.32
CA GLU F 356 -20.80 -59.70 60.66
C GLU F 356 -20.56 -60.73 59.55
N LEU F 357 -19.91 -60.35 58.45
CA LEU F 357 -19.76 -61.23 57.31
C LEU F 357 -18.29 -61.55 57.05
N THR F 358 -18.07 -62.58 56.22
CA THR F 358 -16.73 -63.01 55.85
C THR F 358 -16.29 -62.34 54.55
N VAL F 359 -15.03 -62.61 54.17
CA VAL F 359 -14.48 -62.02 52.95
C VAL F 359 -15.20 -62.56 51.72
N ALA F 360 -15.40 -63.87 51.66
CA ALA F 360 -16.04 -64.48 50.50
C ALA F 360 -17.46 -63.97 50.32
N GLU F 361 -18.21 -63.86 51.43
CA GLU F 361 -19.57 -63.36 51.34
C GLU F 361 -19.60 -61.94 50.81
N ILE F 362 -18.77 -61.06 51.37
CA ILE F 362 -18.74 -59.66 50.93
C ILE F 362 -18.36 -59.58 49.46
N LYS F 363 -17.40 -60.42 49.04
CA LYS F 363 -17.02 -60.46 47.64
C LYS F 363 -18.20 -60.86 46.76
N GLU F 364 -18.97 -61.86 47.21
CA GLU F 364 -20.14 -62.27 46.42
C GLU F 364 -21.15 -61.13 46.29
N ILE F 365 -21.45 -60.45 47.40
CA ILE F 365 -22.45 -59.38 47.35
C ILE F 365 -21.98 -58.23 46.48
N ASN F 366 -20.71 -57.82 46.63
CA ASN F 366 -20.23 -56.70 45.85
C ASN F 366 -20.12 -57.07 44.37
N ARG F 367 -19.78 -58.32 44.06
CA ARG F 367 -19.78 -58.77 42.67
C ARG F 367 -21.18 -58.73 42.07
N ALA F 368 -22.19 -59.18 42.83
CA ALA F 368 -23.56 -59.13 42.33
C ALA F 368 -24.00 -57.68 42.11
N MET F 369 -23.63 -56.78 43.03
CA MET F 369 -23.94 -55.37 42.87
C MET F 369 -23.28 -54.80 41.63
N SER F 370 -22.03 -55.19 41.38
CA SER F 370 -21.32 -54.71 40.19
C SER F 370 -21.99 -55.22 38.92
N ILE F 371 -22.43 -56.47 38.92
CA ILE F 371 -23.14 -57.01 37.75
C ILE F 371 -24.42 -56.24 37.50
N GLY F 372 -25.17 -55.94 38.57
CA GLY F 372 -26.39 -55.17 38.41
C GLY F 372 -26.12 -53.76 37.88
N GLU F 373 -25.08 -53.12 38.40
CA GLU F 373 -24.72 -51.79 37.91
C GLU F 373 -24.33 -51.84 36.44
N ALA F 374 -23.58 -52.88 36.04
CA ALA F 374 -23.21 -53.02 34.64
C ALA F 374 -24.43 -53.23 33.76
N LYS F 375 -25.40 -54.02 34.21
CA LYS F 375 -26.62 -54.20 33.44
C LYS F 375 -27.37 -52.88 33.26
N ALA F 376 -27.49 -52.11 34.35
CA ALA F 376 -28.16 -50.81 34.26
C ALA F 376 -27.39 -49.88 33.33
N ARG F 377 -26.06 -49.89 33.42
CA ARG F 377 -25.25 -49.04 32.55
C ARG F 377 -25.45 -49.40 31.09
N ARG F 378 -25.50 -50.70 30.79
CA ARG F 378 -25.75 -51.13 29.41
C ARG F 378 -27.11 -50.67 28.92
N ALA F 379 -28.13 -50.78 29.77
CA ALA F 379 -29.46 -50.31 29.38
C ALA F 379 -29.45 -48.81 29.08
N LYS F 380 -28.78 -48.03 29.93
CA LYS F 380 -28.71 -46.59 29.71
C LYS F 380 -27.95 -46.27 28.43
N LYS F 381 -26.88 -47.03 28.14
CA LYS F 381 -26.14 -46.83 26.90
C LYS F 381 -27.04 -47.07 25.69
N GLU F 382 -27.80 -48.16 25.71
CA GLU F 382 -28.71 -48.45 24.61
C GLU F 382 -29.71 -47.31 24.43
N MET F 383 -30.27 -46.82 25.55
CA MET F 383 -31.31 -45.81 25.46
C MET F 383 -30.75 -44.49 24.92
N VAL F 384 -29.56 -44.09 25.39
CA VAL F 384 -28.98 -42.83 24.92
C VAL F 384 -28.56 -42.95 23.45
N GLU F 385 -28.03 -44.11 23.04
CA GLU F 385 -27.72 -44.28 21.63
C GLU F 385 -28.99 -44.26 20.78
N ALA F 386 -30.11 -44.69 21.34
CA ALA F 386 -31.38 -44.55 20.64
C ALA F 386 -31.78 -43.09 20.47
N ASN F 387 -31.61 -42.28 21.52
CA ASN F 387 -32.08 -40.89 21.50
C ASN F 387 -31.05 -39.89 20.95
N LEU F 388 -29.89 -40.36 20.51
CA LEU F 388 -28.95 -39.48 19.82
C LEU F 388 -29.60 -38.79 18.63
N ARG F 389 -30.47 -39.49 17.90
CA ARG F 389 -31.16 -38.86 16.77
C ARG F 389 -32.04 -37.71 17.26
N LEU F 390 -32.75 -37.91 18.37
CA LEU F 390 -33.59 -36.86 18.91
C LEU F 390 -32.73 -35.66 19.28
N VAL F 391 -31.57 -35.90 19.90
CA VAL F 391 -30.78 -34.78 20.38
C VAL F 391 -30.20 -33.98 19.22
N ILE F 392 -29.78 -34.65 18.14
CA ILE F 392 -29.28 -33.87 17.02
C ILE F 392 -30.43 -33.10 16.38
N SER F 393 -31.63 -33.70 16.30
CA SER F 393 -32.75 -33.02 15.66
C SER F 393 -33.12 -31.76 16.44
N ILE F 394 -33.14 -31.84 17.77
CA ILE F 394 -33.51 -30.69 18.57
C ILE F 394 -32.36 -29.67 18.62
N ALA F 395 -31.12 -30.13 18.42
CA ALA F 395 -29.99 -29.21 18.53
C ALA F 395 -29.88 -28.27 17.34
N LYS F 396 -30.68 -28.50 16.29
CA LYS F 396 -30.65 -27.65 15.11
C LYS F 396 -31.08 -26.22 15.39
N LYS F 397 -31.80 -25.98 16.49
CA LYS F 397 -32.51 -24.71 16.65
C LYS F 397 -31.55 -23.57 16.93
N TYR F 398 -30.45 -23.84 17.64
CA TYR F 398 -29.60 -22.81 18.21
C TYR F 398 -28.22 -22.74 17.58
N THR F 399 -28.09 -23.01 16.28
CA THR F 399 -26.77 -23.06 15.66
C THR F 399 -26.03 -21.73 15.79
N ASN F 400 -26.59 -20.67 15.22
CA ASN F 400 -25.94 -19.36 15.25
C ASN F 400 -26.30 -18.59 16.51
N ARG F 401 -26.05 -19.24 17.65
CA ARG F 401 -26.27 -18.65 18.96
C ARG F 401 -24.96 -18.30 19.66
N GLY F 402 -23.87 -18.16 18.89
CA GLY F 402 -22.57 -17.90 19.47
C GLY F 402 -21.93 -19.12 20.09
N LEU F 403 -22.23 -20.29 19.55
CA LEU F 403 -21.66 -21.54 20.04
C LEU F 403 -21.63 -22.54 18.90
N GLN F 404 -20.70 -23.48 18.99
CA GLN F 404 -20.52 -24.46 17.93
C GLN F 404 -21.64 -25.50 17.94
N PHE F 405 -21.79 -26.19 16.81
CA PHE F 405 -22.82 -27.22 16.70
C PHE F 405 -22.52 -28.42 17.59
N LEU F 406 -21.27 -28.90 17.55
CA LEU F 406 -20.89 -30.05 18.36
C LEU F 406 -21.00 -29.78 19.85
N ASP F 407 -20.64 -28.58 20.30
CA ASP F 407 -20.84 -28.24 21.71
C ASP F 407 -22.32 -28.32 22.09
N LEU F 408 -23.18 -27.82 21.21
CA LEU F 408 -24.62 -27.89 21.46
C LEU F 408 -25.10 -29.32 21.57
N ILE F 409 -24.70 -30.17 20.62
CA ILE F 409 -25.21 -31.54 20.65
C ILE F 409 -24.62 -32.31 21.84
N GLN F 410 -23.40 -31.98 22.26
CA GLN F 410 -22.84 -32.66 23.42
C GLN F 410 -23.54 -32.25 24.71
N GLU F 411 -23.86 -30.96 24.83
CA GLU F 411 -24.63 -30.51 25.99
C GLU F 411 -26.02 -31.14 26.00
N GLY F 412 -26.66 -31.22 24.83
CA GLY F 412 -27.94 -31.90 24.75
C GLY F 412 -27.84 -33.36 25.10
N ASN F 413 -26.73 -34.01 24.72
CA ASN F 413 -26.51 -35.39 25.13
C ASN F 413 -26.43 -35.51 26.63
N ILE F 414 -25.68 -34.60 27.28
CA ILE F 414 -25.60 -34.63 28.74
C ILE F 414 -27.00 -34.48 29.33
N GLY F 415 -27.79 -33.56 28.79
CA GLY F 415 -29.16 -33.41 29.25
C GLY F 415 -29.99 -34.67 29.07
N LEU F 416 -29.80 -35.38 27.97
CA LEU F 416 -30.63 -36.57 27.73
C LEU F 416 -30.19 -37.73 28.61
N MET F 417 -28.90 -37.84 28.93
CA MET F 417 -28.49 -38.82 29.93
C MET F 417 -29.10 -38.49 31.29
N LYS F 418 -29.13 -37.20 31.63
CA LYS F 418 -29.83 -36.79 32.85
C LYS F 418 -31.30 -37.20 32.81
N ALA F 419 -31.94 -37.03 31.64
CA ALA F 419 -33.33 -37.42 31.48
C ALA F 419 -33.51 -38.92 31.66
N VAL F 420 -32.62 -39.72 31.09
CA VAL F 420 -32.67 -41.17 31.26
C VAL F 420 -32.54 -41.53 32.73
N ASP F 421 -31.67 -40.81 33.45
CA ASP F 421 -31.49 -41.07 34.87
C ASP F 421 -32.76 -40.79 35.65
N LYS F 422 -33.67 -39.98 35.11
CA LYS F 422 -34.88 -39.56 35.80
C LYS F 422 -36.14 -39.89 35.01
N PHE F 423 -36.14 -41.03 34.33
CA PHE F 423 -37.29 -41.44 33.53
C PHE F 423 -37.87 -42.73 34.07
N GLU F 424 -39.20 -42.79 34.15
CA GLU F 424 -39.91 -43.97 34.62
C GLU F 424 -40.98 -44.36 33.60
N TYR F 425 -41.22 -45.66 33.50
CA TYR F 425 -42.14 -46.18 32.49
C TYR F 425 -43.59 -46.15 32.94
N ARG F 426 -43.84 -46.18 34.25
CA ARG F 426 -45.21 -46.14 34.75
C ARG F 426 -45.91 -44.83 34.46
N ARG F 427 -45.17 -43.79 34.07
CA ARG F 427 -45.79 -42.54 33.66
C ARG F 427 -46.68 -42.72 32.45
N GLY F 428 -46.48 -43.79 31.68
CA GLY F 428 -47.31 -44.07 30.51
C GLY F 428 -47.17 -43.04 29.41
N TYR F 429 -45.97 -42.57 29.16
CA TYR F 429 -45.72 -41.48 28.22
C TYR F 429 -44.61 -41.86 27.26
N LYS F 430 -44.54 -41.15 26.13
CA LYS F 430 -43.42 -41.30 25.23
C LYS F 430 -42.19 -40.64 25.82
N PHE F 431 -41.01 -41.19 25.48
CA PHE F 431 -39.77 -40.64 26.01
C PHE F 431 -39.55 -39.21 25.53
N SER F 432 -39.78 -38.97 24.23
CA SER F 432 -39.39 -37.70 23.62
C SER F 432 -39.97 -36.51 24.37
N THR F 433 -41.19 -36.64 24.92
CA THR F 433 -41.80 -35.54 25.66
C THR F 433 -40.95 -35.13 26.85
N TYR F 434 -40.44 -36.11 27.61
CA TYR F 434 -39.62 -35.81 28.77
C TYR F 434 -38.18 -35.48 28.40
N ALA F 435 -37.66 -36.10 27.33
CA ALA F 435 -36.28 -35.83 26.93
C ALA F 435 -36.12 -34.43 26.36
N THR F 436 -37.15 -33.91 25.69
CA THR F 436 -37.08 -32.58 25.11
C THR F 436 -36.84 -31.52 26.18
N TRP F 437 -37.52 -31.66 27.32
CA TRP F 437 -37.38 -30.66 28.38
C TRP F 437 -35.94 -30.61 28.89
N TRP F 438 -35.37 -31.77 29.21
CA TRP F 438 -33.99 -31.79 29.71
C TRP F 438 -32.99 -31.33 28.67
N ILE F 439 -33.17 -31.74 27.41
CA ILE F 439 -32.23 -31.34 26.38
C ILE F 439 -32.28 -29.83 26.17
N ARG F 440 -33.50 -29.27 26.14
CA ARG F 440 -33.65 -27.82 26.05
C ARG F 440 -32.99 -27.12 27.23
N GLN F 441 -33.19 -27.65 28.44
CA GLN F 441 -32.57 -27.05 29.62
C GLN F 441 -31.05 -27.03 29.47
N ALA F 442 -30.46 -28.17 29.10
CA ALA F 442 -29.01 -28.25 28.99
C ALA F 442 -28.48 -27.29 27.94
N ILE F 443 -29.07 -27.31 26.74
CA ILE F 443 -28.58 -26.48 25.65
C ILE F 443 -28.75 -25.00 25.98
N THR F 444 -29.93 -24.62 26.48
CA THR F 444 -30.20 -23.23 26.80
C THR F 444 -29.27 -22.72 27.90
N ARG F 445 -29.03 -23.55 28.93
CA ARG F 445 -28.10 -23.16 29.98
C ARG F 445 -26.69 -23.00 29.43
N SER F 446 -26.28 -23.89 28.53
CA SER F 446 -24.96 -23.80 27.94
C SER F 446 -24.78 -22.51 27.16
N ILE F 447 -25.78 -22.14 26.35
CA ILE F 447 -25.70 -20.89 25.60
C ILE F 447 -25.78 -19.68 26.52
N ALA F 448 -26.60 -19.73 27.56
CA ALA F 448 -26.71 -18.60 28.48
C ALA F 448 -25.42 -18.38 29.24
N ASP F 449 -24.70 -19.47 29.56
CA ASP F 449 -23.41 -19.34 30.23
C ASP F 449 -22.38 -18.65 29.36
N GLN F 450 -22.55 -18.65 28.04
CA GLN F 450 -21.61 -18.03 27.11
C GLN F 450 -22.07 -16.65 26.65
N ALA F 451 -22.76 -15.91 27.51
CA ALA F 451 -23.22 -14.56 27.17
C ALA F 451 -22.46 -13.53 28.00
N SER J 4 1.44 21.38 46.34
CA SER J 4 2.13 21.24 47.61
C SER J 4 3.56 20.77 47.40
N THR J 5 4.49 21.33 48.18
CA THR J 5 5.90 20.93 48.07
C THR J 5 6.10 19.46 48.46
N GLU J 6 5.45 19.01 49.53
CA GLU J 6 5.59 17.62 49.94
C GLU J 6 5.03 16.67 48.89
N GLN J 7 3.86 16.99 48.36
CA GLN J 7 3.27 16.16 47.31
C GLN J 7 4.14 16.13 46.06
N ALA J 8 4.67 17.28 45.66
CA ALA J 8 5.53 17.35 44.48
C ALA J 8 6.79 16.53 44.68
N LEU J 9 7.41 16.65 45.86
CA LEU J 9 8.62 15.88 46.13
C LEU J 9 8.33 14.38 46.16
N ALA J 10 7.22 13.98 46.76
CA ALA J 10 6.87 12.57 46.81
C ALA J 10 6.62 12.01 45.42
N VAL J 11 5.88 12.76 44.59
CA VAL J 11 5.61 12.32 43.23
C VAL J 11 6.89 12.24 42.41
N ALA J 12 7.79 13.22 42.58
CA ALA J 12 9.05 13.21 41.85
C ALA J 12 9.89 12.00 42.25
N TYR J 13 9.96 11.71 43.55
CA TYR J 13 10.73 10.55 44.00
C TYR J 13 10.13 9.26 43.47
N TRP J 14 8.80 9.13 43.52
CA TRP J 14 8.16 7.92 43.03
C TRP J 14 8.39 7.73 41.54
N MET J 15 8.26 8.81 40.77
CA MET J 15 8.46 8.71 39.33
C MET J 15 9.92 8.47 38.96
N PHE J 16 10.87 8.96 39.76
CA PHE J 16 12.27 8.67 39.51
C PHE J 16 12.61 7.22 39.86
N GLU J 17 12.00 6.69 40.92
CA GLU J 17 12.26 5.31 41.32
C GLU J 17 11.60 4.30 40.40
N GLN J 18 10.39 4.58 39.93
CA GLN J 18 9.62 3.63 39.12
C GLN J 18 9.53 4.17 37.69
N GLN J 19 9.91 3.33 36.73
CA GLN J 19 9.79 3.71 35.34
C GLN J 19 8.32 3.82 34.93
N PRO J 20 8.05 4.25 33.70
CA PRO J 20 6.65 4.43 33.28
C PRO J 20 5.80 3.18 33.44
N GLY J 21 6.36 2.03 33.11
CA GLY J 21 5.63 0.78 33.18
C GLY J 21 5.44 0.21 31.79
N PRO J 22 5.34 -1.12 31.69
CA PRO J 22 5.25 -1.76 30.37
C PRO J 22 4.14 -1.19 29.52
N ARG J 23 2.97 -0.97 30.13
CA ARG J 23 1.82 -0.38 29.46
C ARG J 23 0.73 -0.23 30.51
N SER J 24 -0.32 0.50 30.15
CA SER J 24 -1.56 0.48 30.91
C SER J 24 -2.11 -0.93 30.80
N SER J 25 -2.14 -1.64 31.93
CA SER J 25 -2.47 -3.07 31.94
C SER J 25 -3.80 -3.33 31.26
N THR J 26 -3.81 -4.33 30.37
CA THR J 26 -5.00 -4.62 29.59
C THR J 26 -6.17 -5.02 30.49
N ALA J 27 -5.91 -5.85 31.49
CA ALA J 27 -6.96 -6.20 32.45
C ALA J 27 -7.41 -4.96 33.22
N MET J 28 -6.46 -4.14 33.65
CA MET J 28 -6.80 -2.90 34.34
C MET J 28 -7.57 -1.96 33.42
N VAL J 29 -7.13 -1.85 32.17
CA VAL J 29 -7.81 -1.01 31.18
C VAL J 29 -9.21 -1.57 30.94
N ILE J 30 -9.32 -2.89 30.80
CA ILE J 30 -10.62 -3.50 30.55
C ILE J 30 -11.54 -3.29 31.75
N ASP J 31 -11.02 -3.52 32.96
CA ASP J 31 -11.84 -3.36 34.15
C ASP J 31 -12.31 -1.92 34.31
N SER J 32 -11.42 -0.96 34.05
CA SER J 32 -11.78 0.45 34.17
C SER J 32 -12.81 0.85 33.13
N LEU J 33 -12.59 0.46 31.86
CA LEU J 33 -13.49 0.86 30.79
C LEU J 33 -14.81 0.13 30.83
N ARG J 34 -14.90 -1.00 31.52
CA ARG J 34 -16.16 -1.74 31.64
C ARG J 34 -16.85 -1.53 32.98
N GLU J 35 -16.17 -0.93 33.96
CA GLU J 35 -16.79 -0.64 35.25
C GLU J 35 -17.69 0.58 35.21
N ARG J 36 -17.69 1.32 34.10
CA ARG J 36 -18.55 2.49 33.95
C ARG J 36 -19.31 2.41 32.64
N SER J 47 -3.83 14.44 32.78
CA SER J 47 -2.70 15.27 33.18
C SER J 47 -2.25 16.16 32.03
N GLY J 48 -1.71 17.33 32.37
CA GLY J 48 -1.24 18.25 31.34
C GLY J 48 -0.06 17.73 30.56
N LEU J 49 0.83 17.00 31.21
CA LEU J 49 2.04 16.47 30.58
C LEU J 49 1.93 14.97 30.41
N SER J 50 2.54 14.45 29.34
CA SER J 50 2.52 13.04 29.01
C SER J 50 3.36 12.24 29.98
N PRO J 51 3.41 10.91 29.82
CA PRO J 51 4.19 10.08 30.75
C PRO J 51 5.67 10.44 30.76
N HIS J 52 6.30 10.45 29.58
CA HIS J 52 7.72 10.81 29.50
C HIS J 52 7.95 12.25 29.95
N GLU J 53 7.03 13.15 29.59
CA GLU J 53 7.14 14.53 30.04
C GLU J 53 7.04 14.62 31.56
N TRP J 54 6.12 13.85 32.16
CA TRP J 54 5.99 13.86 33.61
C TRP J 54 7.25 13.29 34.28
N GLN J 55 7.84 12.25 33.69
CA GLN J 55 9.06 11.70 34.25
C GLN J 55 10.22 12.71 34.16
N ALA J 56 10.31 13.42 33.04
CA ALA J 56 11.33 14.46 32.92
C ALA J 56 11.10 15.58 33.94
N GLN J 57 9.83 15.93 34.16
CA GLN J 57 9.52 16.92 35.18
C GLN J 57 9.93 16.43 36.56
N ALA J 58 9.72 15.15 36.85
CA ALA J 58 10.13 14.59 38.13
C ALA J 58 11.64 14.65 38.30
N VAL J 59 12.38 14.33 37.23
CA VAL J 59 13.83 14.42 37.30
C VAL J 59 14.28 15.85 37.53
N MET J 60 13.67 16.81 36.82
CA MET J 60 14.04 18.21 37.00
C MET J 60 13.73 18.69 38.41
N THR J 61 12.58 18.27 38.95
CA THR J 61 12.22 18.66 40.31
C THR J 61 13.18 18.07 41.33
N VAL J 62 13.58 16.81 41.14
CA VAL J 62 14.54 16.19 42.04
C VAL J 62 15.87 16.93 41.99
N ARG J 63 16.32 17.27 40.78
CA ARG J 63 17.57 18.00 40.64
C ARG J 63 17.49 19.37 41.31
N PHE J 64 16.37 20.07 41.13
CA PHE J 64 16.20 21.38 41.75
C PHE J 64 16.18 21.28 43.27
N ALA J 65 15.49 20.27 43.81
CA ALA J 65 15.46 20.09 45.26
C ALA J 65 16.85 19.77 45.79
N GLN J 66 17.59 18.92 45.09
CA GLN J 66 18.95 18.60 45.53
C GLN J 66 19.84 19.83 45.51
N ARG J 67 19.72 20.66 44.46
CA ARG J 67 20.55 21.85 44.37
C ARG J 67 20.19 22.87 45.44
N GLN J 68 18.90 23.09 45.68
CA GLN J 68 18.48 24.08 46.67
C GLN J 68 18.89 23.68 48.08
N LEU J 69 18.73 22.40 48.41
CA LEU J 69 19.04 21.90 49.74
C LEU J 69 20.49 21.45 49.88
N ALA J 70 21.36 21.83 48.94
CA ALA J 70 22.76 21.43 49.03
C ALA J 70 23.47 22.10 50.20
N ALA J 71 22.93 23.21 50.69
CA ALA J 71 23.51 23.92 51.82
C ALA J 71 23.35 23.18 53.13
N HIS J 72 22.48 22.17 53.19
CA HIS J 72 22.25 21.40 54.41
C HIS J 72 22.25 19.92 54.05
N PRO J 73 23.41 19.25 54.17
CA PRO J 73 23.44 17.82 53.82
C PRO J 73 22.46 16.97 54.63
N LEU J 74 22.27 17.31 55.90
CA LEU J 74 21.31 16.57 56.72
C LEU J 74 19.90 16.70 56.19
N GLU J 75 19.51 17.91 55.76
CA GLU J 75 18.16 18.10 55.23
C GLU J 75 17.96 17.31 53.94
N LEU J 76 18.96 17.31 53.06
CA LEU J 76 18.86 16.53 51.84
C LEU J 76 18.78 15.04 52.13
N ALA J 77 19.57 14.57 53.11
CA ALA J 77 19.51 13.16 53.49
C ALA J 77 18.14 12.80 54.04
N VAL J 78 17.57 13.69 54.87
CA VAL J 78 16.23 13.44 55.41
C VAL J 78 15.19 13.39 54.31
N VAL J 79 15.27 14.30 53.35
CA VAL J 79 14.32 14.29 52.23
C VAL J 79 14.47 13.00 51.43
N ARG J 80 15.70 12.58 51.17
CA ARG J 80 15.92 11.35 50.41
C ARG J 80 15.38 10.14 51.15
N ALA J 81 15.59 10.08 52.47
CA ALA J 81 15.06 8.98 53.26
C ALA J 81 13.54 8.98 53.31
N GLU J 82 12.92 10.16 53.42
CA GLU J 82 11.46 10.23 53.54
C GLU J 82 10.78 9.89 52.22
N PHE J 83 11.33 10.38 51.09
CA PHE J 83 10.64 10.27 49.82
C PHE J 83 11.32 9.35 48.81
N ALA J 84 12.64 9.40 48.69
CA ALA J 84 13.33 8.65 47.64
C ALA J 84 13.47 7.19 48.01
N ARG J 85 13.93 6.40 47.04
CA ARG J 85 14.10 4.96 47.20
C ARG J 85 15.40 4.52 46.56
N GLY J 86 15.79 3.27 46.84
CA GLY J 86 16.97 2.71 46.21
C GLY J 86 18.24 3.31 46.77
N ARG J 87 19.13 3.71 45.86
CA ARG J 87 20.43 4.24 46.27
C ARG J 87 20.29 5.50 47.09
N ASP J 88 19.37 6.39 46.71
CA ASP J 88 19.13 7.60 47.49
C ASP J 88 18.61 7.28 48.88
N PHE J 89 17.70 6.31 49.00
CA PHE J 89 17.21 5.91 50.31
C PHE J 89 18.33 5.34 51.16
N VAL J 90 19.20 4.52 50.56
CA VAL J 90 20.31 3.95 51.30
C VAL J 90 21.26 5.05 51.77
N LEU J 91 21.56 6.02 50.91
CA LEU J 91 22.43 7.13 51.31
C LEU J 91 21.80 7.96 52.42
N GLY J 92 20.50 8.22 52.33
CA GLY J 92 19.83 8.96 53.38
C GLY J 92 19.83 8.22 54.70
N LEU J 93 19.59 6.91 54.67
CA LEU J 93 19.64 6.12 55.89
C LEU J 93 21.04 6.12 56.49
N ALA J 94 22.07 5.99 55.65
CA ALA J 94 23.44 6.01 56.16
C ALA J 94 23.79 7.35 56.78
N ALA J 95 23.38 8.44 56.13
CA ALA J 95 23.66 9.77 56.69
C ALA J 95 22.90 9.99 58.00
N LEU J 96 21.66 9.52 58.07
CA LEU J 96 20.89 9.64 59.31
C LEU J 96 21.55 8.85 60.43
N ARG J 97 22.04 7.63 60.12
CA ARG J 97 22.74 6.85 61.13
C ARG J 97 24.02 7.54 61.58
N ASP J 98 24.75 8.14 60.64
CA ASP J 98 25.98 8.85 60.99
C ASP J 98 25.70 10.06 61.87
N TRP J 99 24.59 10.75 61.60
CA TRP J 99 24.26 11.96 62.35
C TRP J 99 23.71 11.63 63.74
N LEU J 100 22.61 10.88 63.79
CA LEU J 100 21.96 10.60 65.06
C LEU J 100 22.84 9.78 66.00
N LYS J 101 23.49 8.75 65.47
CA LYS J 101 24.29 7.83 66.30
C LYS J 101 25.69 7.74 65.72
N PRO J 102 26.56 8.70 66.06
CA PRO J 102 27.91 8.70 65.47
C PRO J 102 28.76 7.52 65.93
N ALA J 103 28.79 7.25 67.23
CA ALA J 103 29.68 6.25 67.81
C ALA J 103 28.97 4.93 68.10
N ALA J 104 28.00 4.56 67.27
CA ALA J 104 27.30 3.29 67.47
C ALA J 104 28.17 2.13 67.03
N GLY J 105 28.14 1.04 67.81
CA GLY J 105 28.86 -0.16 67.47
C GLY J 105 28.18 -0.89 66.33
N PRO J 106 28.85 -1.91 65.78
CA PRO J 106 28.26 -2.63 64.63
C PRO J 106 26.88 -3.21 64.93
N ILE J 107 26.71 -3.79 66.12
CA ILE J 107 25.37 -4.25 66.53
C ILE J 107 24.46 -3.05 66.72
N GLU J 108 24.96 -2.01 67.37
CA GLU J 108 24.17 -0.79 67.57
C GLU J 108 23.87 -0.12 66.23
N GLN J 109 24.84 -0.10 65.32
CA GLN J 109 24.60 0.49 64.01
C GLN J 109 23.54 -0.29 63.24
N ARG J 110 23.60 -1.62 63.29
CA ARG J 110 22.60 -2.43 62.60
C ARG J 110 21.21 -2.20 63.21
N ALA J 111 21.13 -2.14 64.55
CA ALA J 111 19.85 -1.90 65.19
C ALA J 111 19.30 -0.53 64.83
N ALA J 112 20.15 0.48 64.81
CA ALA J 112 19.71 1.83 64.44
C ALA J 112 19.24 1.88 62.99
N LEU J 113 19.95 1.20 62.08
CA LEU J 113 19.53 1.16 60.69
C LEU J 113 18.18 0.45 60.55
N ALA J 114 17.99 -0.65 61.27
CA ALA J 114 16.71 -1.35 61.23
C ALA J 114 15.58 -0.48 61.76
N LEU J 115 15.84 0.24 62.86
CA LEU J 115 14.82 1.14 63.40
C LEU J 115 14.50 2.27 62.44
N LEU J 116 15.52 2.84 61.80
CA LEU J 116 15.29 3.90 60.82
C LEU J 116 14.48 3.39 59.64
N MET J 117 14.77 2.18 59.16
CA MET J 117 13.98 1.59 58.09
C MET J 117 12.54 1.38 58.55
N ARG J 118 12.35 0.92 59.78
CA ARG J 118 11.00 0.74 60.31
C ARG J 118 10.26 2.07 60.38
N MET J 119 10.99 3.17 60.61
CA MET J 119 10.37 4.48 60.62
C MET J 119 9.78 4.81 59.25
N PHE J 120 10.48 4.44 58.18
CA PHE J 120 10.02 4.67 56.81
C PHE J 120 9.17 3.53 56.29
N ARG J 121 8.53 2.77 57.18
CA ARG J 121 7.63 1.67 56.83
C ARG J 121 8.36 0.53 56.11
N ARG J 122 9.68 0.51 56.18
CA ARG J 122 10.44 -0.58 55.58
C ARG J 122 10.56 -1.74 56.57
N PRO J 123 10.79 -2.96 56.08
CA PRO J 123 10.87 -4.10 56.97
C PRO J 123 12.17 -4.07 57.77
N PRO J 124 12.16 -4.60 59.01
CA PRO J 124 11.02 -5.21 59.72
C PRO J 124 10.03 -4.16 60.24
N SER J 125 8.78 -4.54 60.45
CA SER J 125 7.74 -3.60 60.86
C SER J 125 7.44 -3.65 62.35
N SER J 126 8.16 -4.45 63.13
CA SER J 126 7.92 -4.56 64.56
C SER J 126 9.23 -4.40 65.32
N ILE J 127 9.16 -3.68 66.45
CA ILE J 127 10.34 -3.52 67.29
C ILE J 127 10.77 -4.85 67.89
N ARG J 128 9.82 -5.78 68.03
CA ARG J 128 10.18 -7.13 68.50
C ARG J 128 11.09 -7.82 67.49
N GLU J 129 10.82 -7.66 66.20
CA GLU J 129 11.70 -8.22 65.18
C GLU J 129 13.07 -7.55 65.23
N ILE J 130 13.10 -6.25 65.49
CA ILE J 130 14.37 -5.54 65.62
C ILE J 130 15.16 -6.07 66.81
N GLU J 131 14.48 -6.33 67.93
CA GLU J 131 15.16 -6.90 69.09
C GLU J 131 15.67 -8.30 68.79
N ARG J 132 14.89 -9.10 68.06
CA ARG J 132 15.33 -10.44 67.67
C ARG J 132 16.56 -10.38 66.77
N LEU J 133 16.60 -9.41 65.86
CA LEU J 133 17.74 -9.29 64.95
C LEU J 133 18.92 -8.55 65.57
N SER J 134 18.74 -7.93 66.72
CA SER J 134 19.83 -7.18 67.35
C SER J 134 20.13 -7.59 68.77
N GLY J 135 19.11 -7.97 69.56
CA GLY J 135 19.31 -8.32 70.94
C GLY J 135 19.23 -7.17 71.92
N LEU J 136 18.64 -6.05 71.51
CA LEU J 136 18.55 -4.86 72.35
C LEU J 136 17.29 -4.90 73.20
N SER J 137 17.36 -4.24 74.35
CA SER J 137 16.21 -4.14 75.24
C SER J 137 15.13 -3.26 74.61
N LYS J 138 13.87 -3.63 74.89
CA LYS J 138 12.75 -2.87 74.35
C LYS J 138 12.70 -1.45 74.90
N SER J 139 13.18 -1.25 76.14
CA SER J 139 13.17 0.09 76.72
C SER J 139 14.11 1.03 75.98
N THR J 140 15.36 0.59 75.75
CA THR J 140 16.32 1.43 75.05
C THR J 140 15.88 1.68 73.61
N LEU J 141 15.37 0.65 72.94
CA LEU J 141 14.89 0.82 71.57
C LEU J 141 13.73 1.79 71.51
N HIS J 142 12.78 1.68 72.45
CA HIS J 142 11.65 2.59 72.47
C HIS J 142 12.08 4.02 72.73
N ARG J 143 13.00 4.23 73.68
CA ARG J 143 13.47 5.58 73.97
C ARG J 143 14.21 6.16 72.78
N TRP J 144 15.07 5.36 72.13
CA TRP J 144 15.80 5.84 70.96
C TRP J 144 14.84 6.20 69.83
N ASP J 145 13.82 5.36 69.62
CA ASP J 145 12.84 5.65 68.58
C ASP J 145 12.06 6.92 68.90
N LYS J 146 11.69 7.11 70.16
CA LYS J 146 10.93 8.30 70.54
C LYS J 146 11.76 9.57 70.31
N GLU J 147 13.04 9.53 70.67
CA GLU J 147 13.90 10.69 70.46
C GLU J 147 14.14 10.94 68.98
N TRP J 148 14.44 9.87 68.23
CA TRP J 148 14.76 10.00 66.82
C TRP J 148 13.56 10.46 66.00
N ARG J 149 12.35 10.03 66.37
CA ARG J 149 11.17 10.46 65.65
C ARG J 149 10.99 11.98 65.76
N GLU J 150 11.14 12.52 66.96
CA GLU J 150 11.04 13.97 67.13
C GLU J 150 12.17 14.70 66.40
N ARG J 151 13.40 14.19 66.49
CA ARG J 151 14.51 14.84 65.81
C ARG J 151 14.30 14.87 64.30
N VAL J 152 13.89 13.73 63.73
CA VAL J 152 13.67 13.64 62.29
C VAL J 152 12.47 14.49 61.88
N ALA J 153 11.44 14.56 62.71
CA ALA J 153 10.30 15.42 62.39
C ALA J 153 10.71 16.88 62.35
N ALA J 154 11.53 17.31 63.32
CA ALA J 154 12.02 18.69 63.30
C ALA J 154 12.87 18.96 62.08
N LEU J 155 13.77 18.03 61.74
CA LEU J 155 14.64 18.22 60.58
C LEU J 155 13.83 18.27 59.29
N LEU J 156 12.84 17.39 59.16
CA LEU J 156 12.01 17.37 57.95
C LEU J 156 11.16 18.63 57.84
N ARG J 157 10.63 19.11 58.97
CA ARG J 157 9.86 20.35 58.95
C ARG J 157 10.74 21.52 58.54
N GLN J 158 11.97 21.58 59.06
CA GLN J 158 12.88 22.64 58.68
C GLN J 158 13.22 22.57 57.20
N ALA J 159 13.48 21.37 56.68
CA ALA J 159 13.80 21.21 55.26
C ALA J 159 12.63 21.62 54.38
N LEU J 160 11.41 21.22 54.77
CA LEU J 160 10.23 21.59 54.00
C LEU J 160 10.00 23.09 54.02
N LEU J 161 10.20 23.73 55.18
CA LEU J 161 10.05 25.17 55.28
C LEU J 161 11.08 25.88 54.40
N ARG J 162 12.31 25.36 54.37
CA ARG J 162 13.34 25.98 53.54
C ARG J 162 13.05 25.80 52.06
N LEU J 163 12.50 24.65 51.67
CA LEU J 163 12.28 24.37 50.26
C LEU J 163 10.95 24.88 49.74
N GLU J 164 10.03 25.28 50.63
CA GLU J 164 8.71 25.74 50.19
C GLU J 164 8.82 26.99 49.34
N GLU J 165 9.65 27.94 49.77
CA GLU J 165 9.82 29.17 48.99
C GLU J 165 10.41 28.91 47.61
N PRO J 166 11.51 28.16 47.46
CA PRO J 166 12.03 27.89 46.11
C PRO J 166 11.05 27.14 45.23
N MET J 167 10.24 26.24 45.81
CA MET J 167 9.28 25.48 45.01
C MET J 167 8.24 26.40 44.41
N ALA J 168 7.72 27.35 45.19
CA ALA J 168 6.77 28.31 44.65
C ALA J 168 7.43 29.28 43.69
N GLN J 169 8.70 29.64 43.95
CA GLN J 169 9.41 30.54 43.06
C GLN J 169 9.60 29.92 41.68
N VAL J 170 9.89 28.63 41.62
CA VAL J 170 10.14 27.95 40.37
C VAL J 170 8.86 27.30 39.86
N GLY J 171 7.77 27.49 40.59
CA GLY J 171 6.49 26.93 40.21
C GLY J 171 6.44 25.42 40.31
#